data_8J5P
#
_entry.id   8J5P
#
_cell.length_a   1.00
_cell.length_b   1.00
_cell.length_c   1.00
_cell.angle_alpha   90.00
_cell.angle_beta   90.00
_cell.angle_gamma   90.00
#
_symmetry.space_group_name_H-M   'P 1'
#
loop_
_entity.id
_entity.type
_entity.pdbx_description
1 polymer 'Beta subunit of light-harvesting 1'
2 polymer 'Alpha subunit of light-harvesting 1'
3 polymer 'MULTIHEME_CYTC DOMAIN-CONTAINING PROTEIN'
4 polymer 'Reaction center protein L chain'
5 polymer 'Reaction center protein M chain'
6 polymer 'Subunit X'
7 polymer 'Subunit Y'
8 polymer 'Subunit Z'
9 non-polymer 'BACTERIOCHLOROPHYLL A'
10 non-polymer beta,psi-caroten-4-one
11 non-polymer 'PROTOPORPHYRIN IX CONTAINING FE'
12 non-polymer 'BACTERIOPHEOPHYTIN B'
13 non-polymer '2-methyl-3-[(2E,6E,10E,14E,18E,22E,26E,30E,34E,38E)-3,7,11,15,19,23,27,31,35,39,43-undecamethyltetratetraconta-2,6,10,1 4,18,22,26,30,34,38,42-undecaen-1-yl]naphthalene-1,4-dione'
14 non-polymer '(1R)-2-{[{[(2S)-2,3-DIHYDROXYPROPYL]OXY}(HYDROXY)PHOSPHORYL]OXY}-1-[(PALMITOYLOXY)METHYL]ETHYL (11E)-OCTADEC-11-ENOATE'
15 non-polymer 'FE (III) ION'
#
loop_
_entity_poly.entity_id
_entity_poly.type
_entity_poly.pdbx_seq_one_letter_code
_entity_poly.pdbx_strand_id
1 'polypeptide(L)' MTDKPQNDLVPDQWKPLFNNAQWLVHDIVVKTIYGGLIIAVIAHVLCWAWTPWIR 0,2,4,6,8,B,E,G,I,K,O,Q,S,U,W
2 'polypeptide(L)' MKDRPFEFRTSVVVSTLLGLVMALLIHFVVLSSGAFNWLRAP 1,3,5,7,9,A,D,F,H,J,N,P,R,T,V
3 'polypeptide(L)'
;MIQQPPTLFPEITNTVRGRFYIVAGIISVVMAVASIAIFWWIFYTITPAPAPPLQNPIYVNYTQEPTDYISAESLAAMNA
YIQANPQPQAVQVLKGMTTAQISAYMVAQVSGGLKVDCSYCHNIANFAQQDGYPNAAKKVTARKMMLMSADLNQNYTAKL
PASVGGYQITCATCHNGKAAGLEPYPIEIMNTLPNDWRLPLELDYPGGLVVTGRKDVSNHEVEQNQFAMYHMNVSMGQGC
TFCHNARYFPSYEIAQKNHSIIMLQMTKHIQETYVAPGGRIADGIMAGKSPSCWLCHQGANIPPGAAKPGQVPAVLSSTP
;
C
4 'polypeptide(L)'
;MSAVPRALPLPSGETLPAEAISSTGSQAASAEVIPFSIIEEFYKRPGKTLAARFFGVDPFDFWIGRFYVGLFGAISIIGI
ILGVAFYLYEGVVNEGTLNILAMRIEPPPVSQGLNVDPAQPGFFWFLTMVAATIAFVGWLLRQIDISLKLDMGMEVPIAF
GAVVSSWITLQWLRPIAMGAWGHGFPLGITHHLDWVSNIGYQYYNFFYNPFHAIGITLLFASTLFLHMHGSAVLSEAKRN
ISDQNIHVFWRNILGYSIGEIGIHRVAFWTGAASVLFSNLCIFLSGTFVKDWNAFWGFWDKMPIWNGVGQGALVA
;
L
5 'polypeptide(L)'
;PIDLHDEEYRDGLEGTIAKPPGHVGWMQRLLGEGQVGPIYVGLWGVISFITFFASAFIILVDYGRQVGWNPIIYLREFWN
LAVYPPPTEYGLSWNVPWDKGGAWLAATFFLHISVLTWWARLYTRAKATGVGTQLAWGFASALSLYFVIYLFHPLALGNW
SAAPGHGFRAILDWTNYVSIHWGNFYYNPFHMLSIFFLLGSTLLLAMHGATIVATSKWKSEMEFTEMMAEGPGTQRAQLF
WRWVMGWNANSYNIHIWAWWFAAFTAITGAIGLFLSGTLVPDWYAWGETAKIVAPWPNPDWAQYVFR
;
M
6 'polypeptide(L)' MAPFLMAFFTIVLIVATLYFLSMIMSGKPESR X
7 'polypeptide(L)' MNWIVATFMLMFVLVAFLPLVVSLAYTWVTNPETQSTEE Y
8 'polypeptide(L)' MDFLILLQAEPSPWPVWSGYALCFVPLAAVILGFIIAARFTDKQATSAYLRLDPAKANEPEQG Z
#
loop_
_chem_comp.id
_chem_comp.type
_chem_comp.name
_chem_comp.formula
BCL non-polymer 'BACTERIOCHLOROPHYLL A' 'C55 H74 Mg N4 O6'
BPB non-polymer 'BACTERIOPHEOPHYTIN B' 'C55 H74 N4 O6'
FE non-polymer 'FE (III) ION' 'Fe 3'
HEM non-polymer 'PROTOPORPHYRIN IX CONTAINING FE' 'C34 H32 Fe N4 O4'
KGD non-polymer beta,psi-caroten-4-one 'C40 H54 O'
MQE non-polymer '2-methyl-3-[(2E,6E,10E,14E,18E,22E,26E,30E,34E,38E)-3,7,11,15,19,23,27,31,35,39,43-undecamethyltetratetraconta-2,6,10,1 4,18,22,26,30,34,38,42-undecaen-1-yl]naphthalene-1,4-dione' 'C66 H96 O2'
PGV non-polymer '(1R)-2-{[{[(2S)-2,3-DIHYDROXYPROPYL]OXY}(HYDROXY)PHOSPHORYL]OXY}-1-[(PALMITOYLOXY)METHYL]ETHYL (11E)-OCTADEC-11-ENOATE' 'C40 H77 O10 P'
#
# COMPACT_ATOMS: atom_id res chain seq x y z
N ASN A 7 0.06 28.07 -54.68
CA ASN A 7 0.18 26.68 -55.17
C ASN A 7 0.25 26.62 -56.70
N ASP A 8 0.94 27.58 -57.30
CA ASP A 8 1.02 27.65 -58.75
C ASP A 8 2.03 26.69 -59.36
N LEU A 9 2.93 26.12 -58.56
CA LEU A 9 3.88 25.15 -59.07
C LEU A 9 3.34 23.73 -59.05
N VAL A 10 2.32 23.46 -58.25
CA VAL A 10 1.73 22.12 -58.21
C VAL A 10 1.01 21.85 -59.53
N PRO A 11 1.04 20.61 -60.03
CA PRO A 11 0.26 20.29 -61.24
C PRO A 11 -1.22 20.49 -61.00
N ASP A 12 -1.98 20.49 -62.11
CA ASP A 12 -3.42 20.71 -62.03
C ASP A 12 -4.12 19.60 -61.26
N GLN A 13 -3.68 18.35 -61.44
CA GLN A 13 -4.36 17.22 -60.83
C GLN A 13 -4.28 17.27 -59.30
N TRP A 14 -3.10 17.60 -58.77
CA TRP A 14 -2.84 17.50 -57.34
C TRP A 14 -2.99 18.82 -56.60
N LYS A 15 -3.52 19.86 -57.26
CA LYS A 15 -3.77 21.12 -56.57
C LYS A 15 -4.67 21.00 -55.34
N PRO A 16 -5.77 20.24 -55.34
CA PRO A 16 -6.57 20.13 -54.12
C PRO A 16 -5.87 19.50 -52.94
N LEU A 17 -4.71 18.86 -53.13
CA LEU A 17 -4.03 18.13 -52.07
C LEU A 17 -2.73 18.77 -51.61
N PHE A 18 -2.03 19.48 -52.49
CA PHE A 18 -0.68 19.96 -52.19
C PHE A 18 -0.62 21.48 -52.17
N ASN A 19 0.10 22.00 -51.19
CA ASN A 19 0.43 23.42 -51.13
C ASN A 19 1.61 23.69 -52.08
N ASN A 20 2.15 24.90 -52.03
CA ASN A 20 3.30 25.23 -52.87
C ASN A 20 4.62 24.90 -52.19
N ALA A 21 4.68 24.96 -50.86
CA ALA A 21 5.89 24.61 -50.13
C ALA A 21 6.03 23.11 -49.88
N GLN A 22 4.94 22.36 -49.90
CA GLN A 22 5.00 20.92 -49.64
C GLN A 22 5.42 20.12 -50.86
N TRP A 23 5.25 20.67 -52.06
CA TRP A 23 5.64 19.95 -53.27
C TRP A 23 7.15 19.71 -53.31
N LEU A 24 7.94 20.71 -52.92
CA LEU A 24 9.39 20.55 -52.92
C LEU A 24 9.84 19.50 -51.92
N VAL A 25 9.26 19.52 -50.72
CA VAL A 25 9.59 18.52 -49.71
C VAL A 25 9.20 17.14 -50.19
N HIS A 26 8.04 17.03 -50.84
CA HIS A 26 7.61 15.74 -51.39
C HIS A 26 8.62 15.25 -52.43
N ASP A 27 9.09 16.14 -53.30
CA ASP A 27 10.09 15.76 -54.29
C ASP A 27 11.36 15.24 -53.61
N ILE A 28 11.81 15.94 -52.57
CA ILE A 28 13.04 15.55 -51.88
C ILE A 28 12.87 14.16 -51.25
N VAL A 29 11.73 13.92 -50.61
CA VAL A 29 11.48 12.61 -50.01
C VAL A 29 11.43 11.52 -51.07
N VAL A 30 10.83 11.82 -52.23
CA VAL A 30 10.76 10.81 -53.29
C VAL A 30 12.15 10.43 -53.78
N LYS A 31 13.01 11.42 -54.01
CA LYS A 31 14.37 11.12 -54.46
C LYS A 31 15.14 10.33 -53.40
N THR A 32 15.00 10.73 -52.13
CA THR A 32 15.67 10.01 -51.06
C THR A 32 15.21 8.56 -50.99
N ILE A 33 13.90 8.33 -51.13
CA ILE A 33 13.38 6.97 -51.06
C ILE A 33 13.89 6.13 -52.22
N TYR A 34 13.95 6.72 -53.42
CA TYR A 34 14.46 5.97 -54.56
C TYR A 34 15.93 5.59 -54.37
N GLY A 35 16.75 6.54 -53.91
CA GLY A 35 18.14 6.22 -53.64
C GLY A 35 18.29 5.13 -52.59
N GLY A 36 17.50 5.22 -51.52
CA GLY A 36 17.52 4.18 -50.50
C GLY A 36 17.13 2.82 -51.06
N LEU A 37 16.14 2.79 -51.96
CA LEU A 37 15.74 1.53 -52.57
C LEU A 37 16.88 0.92 -53.40
N ILE A 38 17.58 1.75 -54.17
CA ILE A 38 18.70 1.24 -54.96
C ILE A 38 19.78 0.68 -54.04
N ILE A 39 20.11 1.41 -52.97
CA ILE A 39 21.14 0.96 -52.05
C ILE A 39 20.72 -0.35 -51.37
N ALA A 40 19.44 -0.46 -51.00
CA ALA A 40 18.94 -1.67 -50.38
C ALA A 40 19.02 -2.86 -51.32
N VAL A 41 18.71 -2.66 -52.60
CA VAL A 41 18.81 -3.75 -53.58
C VAL A 41 20.25 -4.21 -53.70
N ILE A 42 21.19 -3.25 -53.77
CA ILE A 42 22.61 -3.61 -53.87
C ILE A 42 23.05 -4.38 -52.63
N ALA A 43 22.66 -3.92 -51.44
CA ALA A 43 23.05 -4.61 -50.22
C ALA A 43 22.47 -6.01 -50.16
N HIS A 44 21.21 -6.18 -50.58
CA HIS A 44 20.58 -7.50 -50.54
C HIS A 44 21.26 -8.45 -51.51
N VAL A 45 21.61 -7.99 -52.72
CA VAL A 45 22.27 -8.89 -53.67
C VAL A 45 23.66 -9.26 -53.16
N LEU A 46 24.35 -8.31 -52.53
CA LEU A 46 25.66 -8.63 -51.97
C LEU A 46 25.54 -9.65 -50.84
N CYS A 47 24.54 -9.49 -49.98
CA CYS A 47 24.35 -10.43 -48.88
C CYS A 47 24.02 -11.83 -49.40
N TRP A 48 23.17 -11.91 -50.44
CA TRP A 48 22.86 -13.22 -51.00
C TRP A 48 24.09 -13.85 -51.64
N ALA A 49 24.91 -13.05 -52.34
CA ALA A 49 26.14 -13.58 -52.91
C ALA A 49 27.08 -14.06 -51.81
N TRP A 50 27.06 -13.41 -50.64
CA TRP A 50 27.91 -13.83 -49.54
C TRP A 50 27.43 -15.14 -48.92
N THR A 51 26.18 -15.16 -48.45
CA THR A 51 25.64 -16.34 -47.76
C THR A 51 24.13 -16.39 -47.96
N PRO A 52 23.63 -17.34 -48.72
CA PRO A 52 22.18 -17.48 -48.89
C PRO A 52 21.50 -17.77 -47.56
N TRP A 53 20.34 -17.14 -47.35
CA TRP A 53 19.59 -17.28 -46.11
C TRP A 53 18.34 -18.13 -46.24
N ILE A 54 18.05 -18.66 -47.43
CA ILE A 54 16.88 -19.50 -47.64
C ILE A 54 17.29 -20.96 -47.64
N ARG A 55 18.22 -21.31 -48.53
CA ARG A 55 18.73 -22.67 -48.61
C ARG A 55 17.62 -23.66 -48.96
N ARG B 4 -39.69 9.09 -10.55
CA ARG B 4 -40.18 7.80 -11.03
C ARG B 4 -40.04 6.74 -9.94
N PRO B 5 -41.09 5.92 -9.72
CA PRO B 5 -41.01 4.96 -8.62
C PRO B 5 -39.91 3.89 -8.79
N PHE B 6 -39.14 3.64 -7.74
CA PHE B 6 -38.03 2.65 -7.81
C PHE B 6 -38.37 1.23 -7.41
N GLU B 7 -39.50 1.00 -6.75
CA GLU B 7 -39.79 -0.33 -6.26
C GLU B 7 -39.95 -1.41 -7.30
N PHE B 8 -40.64 -1.19 -8.40
CA PHE B 8 -40.73 -2.29 -9.34
C PHE B 8 -39.40 -2.62 -9.98
N ARG B 9 -38.68 -1.61 -10.41
CA ARG B 9 -37.41 -1.83 -11.05
C ARG B 9 -36.35 -2.42 -10.18
N THR B 10 -36.21 -1.94 -8.96
CA THR B 10 -35.12 -2.42 -8.10
C THR B 10 -35.35 -3.84 -7.75
N SER B 11 -36.55 -4.31 -7.97
CA SER B 11 -36.96 -5.67 -7.60
C SER B 11 -36.67 -6.65 -8.74
N VAL B 12 -36.98 -6.24 -9.97
CA VAL B 12 -36.72 -7.10 -11.12
C VAL B 12 -35.23 -7.40 -11.24
N VAL B 13 -34.40 -6.37 -11.11
CA VAL B 13 -32.96 -6.55 -11.26
C VAL B 13 -32.42 -7.46 -10.18
N VAL B 14 -32.81 -7.23 -8.92
CA VAL B 14 -32.29 -8.03 -7.82
C VAL B 14 -32.72 -9.48 -7.95
N SER B 15 -33.99 -9.70 -8.31
CA SER B 15 -34.49 -11.07 -8.44
C SER B 15 -33.79 -11.81 -9.57
N THR B 16 -33.63 -11.16 -10.73
CA THR B 16 -32.97 -11.82 -11.85
C THR B 16 -31.52 -12.12 -11.53
N LEU B 17 -30.81 -11.18 -10.91
CA LEU B 17 -29.41 -11.42 -10.56
C LEU B 17 -29.27 -12.57 -9.57
N LEU B 18 -30.12 -12.59 -8.55
CA LEU B 18 -30.08 -13.67 -7.57
C LEU B 18 -30.35 -15.02 -8.22
N GLY B 19 -31.37 -15.08 -9.09
CA GLY B 19 -31.68 -16.33 -9.75
C GLY B 19 -30.54 -16.83 -10.63
N LEU B 20 -29.95 -15.94 -11.42
CA LEU B 20 -28.85 -16.35 -12.30
C LEU B 20 -27.66 -16.84 -11.50
N VAL B 21 -27.26 -16.08 -10.47
CA VAL B 21 -26.10 -16.46 -9.68
C VAL B 21 -26.33 -17.78 -8.97
N MET B 22 -27.53 -17.97 -8.41
CA MET B 22 -27.81 -19.21 -7.69
C MET B 22 -27.85 -20.41 -8.63
N ALA B 23 -28.42 -20.24 -9.84
CA ALA B 23 -28.44 -21.32 -10.81
C ALA B 23 -27.02 -21.72 -11.23
N LEU B 24 -26.17 -20.73 -11.53
CA LEU B 24 -24.80 -21.04 -11.93
C LEU B 24 -24.05 -21.75 -10.82
N LEU B 25 -24.17 -21.23 -9.60
CA LEU B 25 -23.48 -21.82 -8.46
C LEU B 25 -23.96 -23.25 -8.21
N ILE B 26 -25.26 -23.50 -8.33
CA ILE B 26 -25.80 -24.82 -8.05
C ILE B 26 -25.37 -25.83 -9.10
N HIS B 27 -25.42 -25.47 -10.39
CA HIS B 27 -24.86 -26.37 -11.41
C HIS B 27 -23.39 -26.66 -11.18
N PHE B 28 -22.59 -25.66 -10.80
CA PHE B 28 -21.17 -25.93 -10.55
C PHE B 28 -20.97 -26.86 -9.35
N VAL B 29 -21.75 -26.66 -8.29
CA VAL B 29 -21.65 -27.53 -7.11
C VAL B 29 -22.07 -28.96 -7.44
N VAL B 30 -23.13 -29.14 -8.21
CA VAL B 30 -23.54 -30.49 -8.57
C VAL B 30 -22.53 -31.13 -9.51
N LEU B 31 -21.96 -30.37 -10.44
CA LEU B 31 -20.99 -30.94 -11.37
C LEU B 31 -19.72 -31.37 -10.66
N SER B 32 -19.23 -30.56 -9.72
CA SER B 32 -17.97 -30.89 -9.06
C SER B 32 -18.12 -31.94 -7.97
N SER B 33 -19.34 -32.33 -7.61
CA SER B 33 -19.54 -33.34 -6.58
C SER B 33 -19.26 -34.76 -7.08
N GLY B 34 -19.42 -35.00 -8.38
CA GLY B 34 -19.13 -36.33 -8.93
C GLY B 34 -20.01 -37.42 -8.38
N ALA B 35 -21.30 -37.16 -8.23
CA ALA B 35 -22.25 -38.14 -7.71
C ALA B 35 -23.39 -38.45 -8.67
N PHE B 36 -23.30 -38.04 -9.93
CA PHE B 36 -24.39 -38.25 -10.87
C PHE B 36 -23.99 -38.96 -12.16
N ASN B 37 -22.70 -39.12 -12.43
CA ASN B 37 -22.24 -39.72 -13.69
C ASN B 37 -22.71 -38.89 -14.88
N TRP B 38 -22.33 -37.61 -14.85
CA TRP B 38 -22.66 -36.66 -15.90
C TRP B 38 -21.36 -36.04 -16.39
N LEU B 39 -21.18 -35.99 -17.72
CA LEU B 39 -19.98 -35.44 -18.34
C LEU B 39 -18.75 -36.24 -17.92
N ARG B 40 -18.72 -37.49 -18.40
CA ARG B 40 -17.67 -38.44 -18.09
C ARG B 40 -17.60 -38.69 -16.58
N ALA B 41 -18.66 -39.31 -16.08
CA ALA B 41 -18.75 -39.70 -14.68
C ALA B 41 -18.69 -38.50 -13.74
N ASN C 7 -52.78 5.54 -16.44
CA ASN C 7 -52.82 4.22 -15.83
C ASN C 7 -54.24 3.68 -15.71
N ASP C 8 -55.01 3.81 -16.80
CA ASP C 8 -56.40 3.39 -16.79
C ASP C 8 -56.58 1.88 -16.92
N LEU C 9 -55.58 1.17 -17.43
CA LEU C 9 -55.68 -0.28 -17.55
C LEU C 9 -55.44 -1.00 -16.23
N VAL C 10 -54.77 -0.36 -15.29
CA VAL C 10 -54.50 -1.00 -14.00
C VAL C 10 -55.81 -1.15 -13.23
N PRO C 11 -56.04 -2.27 -12.56
CA PRO C 11 -57.28 -2.44 -11.79
C PRO C 11 -57.38 -1.42 -10.66
N ASP C 12 -58.57 -1.36 -10.06
CA ASP C 12 -58.84 -0.37 -9.03
C ASP C 12 -57.97 -0.59 -7.79
N GLN C 13 -57.77 -1.86 -7.40
CA GLN C 13 -57.00 -2.15 -6.19
C GLN C 13 -55.55 -1.70 -6.33
N TRP C 14 -54.94 -1.94 -7.49
CA TRP C 14 -53.50 -1.76 -7.66
C TRP C 14 -53.13 -0.45 -8.34
N LYS C 15 -54.09 0.46 -8.51
CA LYS C 15 -53.79 1.75 -9.11
C LYS C 15 -52.74 2.57 -8.37
N PRO C 16 -52.74 2.68 -7.03
CA PRO C 16 -51.71 3.49 -6.37
C PRO C 16 -50.30 2.95 -6.50
N LEU C 17 -50.12 1.70 -6.93
CA LEU C 17 -48.80 1.08 -7.00
C LEU C 17 -48.26 0.97 -8.41
N PHE C 18 -49.11 0.79 -9.42
CA PHE C 18 -48.68 0.49 -10.77
C PHE C 18 -48.98 1.65 -11.72
N ASN C 19 -48.04 1.89 -12.64
CA ASN C 19 -48.28 2.75 -13.78
C ASN C 19 -48.98 1.89 -14.85
N ASN C 20 -49.30 2.48 -16.00
CA ASN C 20 -49.95 1.72 -17.07
C ASN C 20 -48.95 0.90 -17.88
N ALA C 21 -47.67 1.28 -17.88
CA ALA C 21 -46.66 0.57 -18.66
C ALA C 21 -46.04 -0.59 -17.91
N GLN C 22 -46.02 -0.57 -16.58
CA GLN C 22 -45.41 -1.65 -15.81
C GLN C 22 -46.36 -2.82 -15.60
N TRP C 23 -47.67 -2.62 -15.82
CA TRP C 23 -48.61 -3.73 -15.69
C TRP C 23 -48.33 -4.83 -16.69
N LEU C 24 -48.07 -4.45 -17.94
CA LEU C 24 -47.78 -5.43 -18.98
C LEU C 24 -46.48 -6.18 -18.71
N VAL C 25 -45.44 -5.45 -18.27
CA VAL C 25 -44.18 -6.08 -17.93
C VAL C 25 -44.34 -7.05 -16.76
N HIS C 26 -45.15 -6.64 -15.77
CA HIS C 26 -45.44 -7.54 -14.65
C HIS C 26 -46.15 -8.80 -15.12
N ASP C 27 -47.11 -8.66 -16.04
CA ASP C 27 -47.80 -9.82 -16.57
C ASP C 27 -46.84 -10.76 -17.28
N ILE C 28 -45.93 -10.20 -18.09
CA ILE C 28 -44.94 -11.00 -18.79
C ILE C 28 -44.05 -11.74 -17.80
N VAL C 29 -43.61 -11.04 -16.75
CA VAL C 29 -42.75 -11.66 -15.73
C VAL C 29 -43.48 -12.80 -15.03
N VAL C 30 -44.76 -12.59 -14.71
CA VAL C 30 -45.53 -13.64 -14.04
C VAL C 30 -45.65 -14.88 -14.91
N LYS C 31 -45.96 -14.68 -16.20
CA LYS C 31 -46.06 -15.83 -17.10
C LYS C 31 -44.72 -16.57 -17.21
N THR C 32 -43.62 -15.82 -17.32
CA THR C 32 -42.30 -16.45 -17.40
C THR C 32 -41.99 -17.24 -16.13
N ILE C 33 -42.35 -16.69 -14.96
CA ILE C 33 -42.10 -17.38 -13.70
C ILE C 33 -42.89 -18.68 -13.63
N TYR C 34 -44.15 -18.65 -14.06
CA TYR C 34 -44.95 -19.88 -14.02
C TYR C 34 -44.39 -20.95 -14.96
N GLY C 35 -43.99 -20.55 -16.18
CA GLY C 35 -43.38 -21.50 -17.09
C GLY C 35 -42.09 -22.09 -16.54
N GLY C 36 -41.25 -21.24 -15.96
CA GLY C 36 -40.02 -21.74 -15.36
C GLY C 36 -40.26 -22.70 -14.23
N LEU C 37 -41.28 -22.41 -13.40
CA LEU C 37 -41.62 -23.33 -12.31
C LEU C 37 -42.07 -24.68 -12.85
N ILE C 38 -42.89 -24.68 -13.89
CA ILE C 38 -43.34 -25.95 -14.47
C ILE C 38 -42.14 -26.75 -15.00
N ILE C 39 -41.25 -26.07 -15.72
CA ILE C 39 -40.09 -26.77 -16.28
C ILE C 39 -39.18 -27.31 -15.17
N ALA C 40 -39.00 -26.53 -14.11
CA ALA C 40 -38.17 -26.97 -12.99
C ALA C 40 -38.77 -28.19 -12.31
N VAL C 41 -40.10 -28.21 -12.13
CA VAL C 41 -40.74 -29.37 -11.52
C VAL C 41 -40.52 -30.60 -12.38
N ILE C 42 -40.69 -30.46 -13.70
CA ILE C 42 -40.48 -31.60 -14.59
C ILE C 42 -39.04 -32.09 -14.51
N ALA C 43 -38.07 -31.17 -14.53
CA ALA C 43 -36.67 -31.55 -14.48
C ALA C 43 -36.33 -32.26 -13.17
N HIS C 44 -36.85 -31.76 -12.05
CA HIS C 44 -36.58 -32.40 -10.77
C HIS C 44 -37.20 -33.80 -10.71
N VAL C 45 -38.41 -33.95 -11.25
CA VAL C 45 -39.03 -35.28 -11.26
C VAL C 45 -38.21 -36.26 -12.08
N LEU C 46 -37.73 -35.81 -13.25
CA LEU C 46 -36.90 -36.68 -14.09
C LEU C 46 -35.59 -37.04 -13.38
N CYS C 47 -34.97 -36.06 -12.73
CA CYS C 47 -33.71 -36.32 -12.05
C CYS C 47 -33.90 -37.30 -10.89
N TRP C 48 -35.00 -37.17 -10.14
CA TRP C 48 -35.28 -38.11 -9.05
C TRP C 48 -35.54 -39.51 -9.60
N ALA C 49 -36.30 -39.60 -10.70
CA ALA C 49 -36.52 -40.91 -11.31
C ALA C 49 -35.22 -41.54 -11.79
N TRP C 50 -34.27 -40.71 -12.21
CA TRP C 50 -32.97 -41.22 -12.66
C TRP C 50 -32.12 -41.70 -11.49
N THR C 51 -31.85 -40.82 -10.53
CA THR C 51 -30.97 -41.14 -9.40
C THR C 51 -31.46 -40.42 -8.16
N PRO C 52 -32.09 -41.12 -7.22
CA PRO C 52 -32.51 -40.48 -5.96
C PRO C 52 -31.31 -39.93 -5.20
N TRP C 53 -31.49 -38.75 -4.60
CA TRP C 53 -30.41 -38.06 -3.92
C TRP C 53 -30.53 -38.07 -2.40
N ILE C 54 -31.71 -38.42 -1.86
CA ILE C 54 -31.90 -38.42 -0.41
C ILE C 54 -31.49 -39.78 0.15
N ARG C 55 -32.10 -40.85 -0.36
CA ARG C 55 -31.76 -42.20 0.06
C ARG C 55 -32.03 -42.42 1.54
N ARG D 4 -41.63 3.75 -18.33
CA ARG D 4 -41.07 2.46 -18.69
C ARG D 4 -39.91 2.11 -17.76
N PRO D 5 -40.03 0.96 -17.08
CA PRO D 5 -39.00 0.60 -16.08
C PRO D 5 -37.62 0.39 -16.67
N PHE D 6 -37.51 -0.13 -17.89
CA PHE D 6 -36.23 -0.48 -18.47
C PHE D 6 -36.18 -0.07 -19.93
N GLU D 7 -35.04 0.48 -20.35
CA GLU D 7 -34.83 0.80 -21.75
C GLU D 7 -34.70 -0.48 -22.58
N PHE D 8 -35.07 -0.38 -23.85
CA PHE D 8 -34.88 -1.49 -24.78
C PHE D 8 -33.39 -1.78 -24.99
N ARG D 9 -32.58 -0.71 -25.06
CA ARG D 9 -31.15 -0.85 -25.31
C ARG D 9 -30.46 -1.64 -24.20
N THR D 10 -30.83 -1.37 -22.94
CA THR D 10 -30.23 -2.08 -21.82
C THR D 10 -30.58 -3.56 -21.88
N SER D 11 -31.83 -3.88 -22.20
CA SER D 11 -32.25 -5.27 -22.34
C SER D 11 -31.45 -5.97 -23.42
N VAL D 12 -31.30 -5.33 -24.58
CA VAL D 12 -30.56 -5.94 -25.68
C VAL D 12 -29.11 -6.18 -25.28
N VAL D 13 -28.47 -5.17 -24.68
CA VAL D 13 -27.06 -5.30 -24.32
C VAL D 13 -26.86 -6.40 -23.30
N VAL D 14 -27.69 -6.40 -22.24
CA VAL D 14 -27.54 -7.40 -21.17
C VAL D 14 -27.76 -8.80 -21.73
N SER D 15 -28.81 -8.98 -22.53
CA SER D 15 -29.10 -10.30 -23.06
C SER D 15 -27.99 -10.80 -23.98
N THR D 16 -27.48 -9.94 -24.86
CA THR D 16 -26.43 -10.37 -25.78
C THR D 16 -25.15 -10.71 -25.02
N LEU D 17 -24.78 -9.87 -24.03
CA LEU D 17 -23.57 -10.15 -23.26
C LEU D 17 -23.70 -11.46 -22.50
N LEU D 18 -24.84 -11.68 -21.84
CA LEU D 18 -25.03 -12.92 -21.09
C LEU D 18 -25.01 -14.13 -22.02
N GLY D 19 -25.64 -14.03 -23.18
CA GLY D 19 -25.64 -15.15 -24.11
C GLY D 19 -24.25 -15.50 -24.60
N LEU D 20 -23.47 -14.49 -24.98
CA LEU D 20 -22.11 -14.76 -25.47
C LEU D 20 -21.24 -15.36 -24.36
N VAL D 21 -21.33 -14.80 -23.15
CA VAL D 21 -20.54 -15.32 -22.04
C VAL D 21 -20.92 -16.77 -21.75
N MET D 22 -22.22 -17.07 -21.73
CA MET D 22 -22.66 -18.43 -21.46
C MET D 22 -22.22 -19.40 -22.54
N ALA D 23 -22.27 -18.98 -23.81
CA ALA D 23 -21.83 -19.85 -24.89
C ALA D 23 -20.34 -20.16 -24.76
N LEU D 24 -19.53 -19.14 -24.48
CA LEU D 24 -18.10 -19.37 -24.32
C LEU D 24 -17.81 -20.29 -23.14
N LEU D 25 -18.51 -20.06 -22.02
CA LEU D 25 -18.30 -20.89 -20.84
C LEU D 25 -18.69 -22.33 -21.10
N ILE D 26 -19.81 -22.55 -21.78
CA ILE D 26 -20.26 -23.92 -22.04
C ILE D 26 -19.30 -24.64 -22.98
N HIS D 27 -18.85 -23.95 -24.03
CA HIS D 27 -17.88 -24.58 -24.94
C HIS D 27 -16.59 -24.92 -24.21
N PHE D 28 -16.08 -24.02 -23.38
CA PHE D 28 -14.83 -24.30 -22.67
C PHE D 28 -15.00 -25.44 -21.68
N VAL D 29 -16.13 -25.48 -20.96
CA VAL D 29 -16.34 -26.55 -19.99
C VAL D 29 -16.50 -27.89 -20.68
N VAL D 30 -17.20 -27.93 -21.81
CA VAL D 30 -17.34 -29.19 -22.53
C VAL D 30 -16.00 -29.63 -23.13
N LEU D 31 -15.18 -28.69 -23.60
CA LEU D 31 -13.89 -29.05 -24.17
C LEU D 31 -12.95 -29.59 -23.10
N SER D 32 -12.92 -28.94 -21.93
CA SER D 32 -11.97 -29.33 -20.89
C SER D 32 -12.38 -30.59 -20.13
N SER D 33 -13.61 -31.07 -20.32
CA SER D 33 -14.06 -32.27 -19.62
C SER D 33 -13.47 -33.55 -20.18
N GLY D 34 -13.10 -33.57 -21.46
CA GLY D 34 -12.57 -34.79 -22.06
C GLY D 34 -13.56 -35.92 -22.09
N ALA D 35 -14.80 -35.65 -22.50
CA ALA D 35 -15.86 -36.64 -22.50
C ALA D 35 -16.46 -36.90 -23.89
N PHE D 36 -15.95 -36.25 -24.93
CA PHE D 36 -16.57 -36.33 -26.25
C PHE D 36 -15.63 -36.77 -27.37
N ASN D 37 -14.32 -36.75 -27.16
CA ASN D 37 -13.35 -37.07 -28.21
C ASN D 37 -13.52 -36.06 -29.36
N TRP D 38 -13.30 -34.80 -29.02
CA TRP D 38 -13.35 -33.70 -29.98
C TRP D 38 -12.04 -32.93 -29.86
N LEU D 39 -11.42 -32.67 -31.01
CA LEU D 39 -10.10 -32.03 -31.06
C LEU D 39 -9.05 -32.88 -30.35
N ARG D 40 -8.82 -34.06 -30.93
CA ARG D 40 -7.84 -35.03 -30.42
C ARG D 40 -8.22 -35.48 -29.00
N ALA D 41 -9.39 -36.11 -28.93
CA ALA D 41 -9.88 -36.69 -27.68
C ALA D 41 -10.06 -35.64 -26.59
N ASN E 7 -45.57 6.41 -33.50
CA ASN E 7 -45.76 4.99 -33.23
C ASN E 7 -47.13 4.50 -33.70
N ASP E 8 -47.34 4.55 -35.01
CA ASP E 8 -48.62 4.11 -35.57
C ASP E 8 -48.60 2.73 -36.16
N LEU E 9 -47.45 2.07 -36.12
CA LEU E 9 -47.37 0.68 -36.56
C LEU E 9 -47.48 -0.30 -35.40
N VAL E 10 -47.15 0.13 -34.19
CA VAL E 10 -47.22 -0.76 -33.03
C VAL E 10 -48.68 -1.11 -32.75
N PRO E 11 -49.00 -2.35 -32.39
CA PRO E 11 -50.39 -2.69 -32.04
C PRO E 11 -50.88 -1.88 -30.85
N ASP E 12 -52.19 -1.93 -30.64
CA ASP E 12 -52.83 -1.09 -29.63
C ASP E 12 -52.34 -1.44 -28.23
N GLN E 13 -52.15 -2.73 -27.95
CA GLN E 13 -51.80 -3.16 -26.60
C GLN E 13 -50.44 -2.62 -26.17
N TRP E 14 -49.46 -2.62 -27.08
CA TRP E 14 -48.07 -2.33 -26.73
C TRP E 14 -47.66 -0.90 -27.02
N LYS E 15 -48.61 -0.02 -27.35
CA LYS E 15 -48.26 1.38 -27.57
C LYS E 15 -47.58 2.05 -26.38
N PRO E 16 -47.99 1.86 -25.13
CA PRO E 16 -47.28 2.51 -24.02
C PRO E 16 -45.83 2.08 -23.85
N LEU E 17 -45.41 0.96 -24.45
CA LEU E 17 -44.08 0.41 -24.23
C LEU E 17 -43.14 0.60 -25.41
N PHE E 18 -43.63 0.53 -26.64
CA PHE E 18 -42.78 0.47 -27.82
C PHE E 18 -42.92 1.72 -28.68
N ASN E 19 -41.79 2.16 -29.22
CA ASN E 19 -41.75 3.24 -30.20
C ASN E 19 -42.10 2.66 -31.57
N ASN E 20 -41.94 3.47 -32.62
CA ASN E 20 -42.14 2.99 -33.98
C ASN E 20 -40.86 2.45 -34.60
N ALA E 21 -39.70 2.88 -34.12
CA ALA E 21 -38.43 2.40 -34.62
C ALA E 21 -37.90 1.17 -33.90
N GLN E 22 -38.43 0.88 -32.71
CA GLN E 22 -37.98 -0.27 -31.94
C GLN E 22 -38.79 -1.54 -32.25
N TRP E 23 -40.00 -1.38 -32.80
CA TRP E 23 -40.82 -2.54 -33.14
C TRP E 23 -40.14 -3.42 -34.19
N LEU E 24 -39.56 -2.79 -35.22
CA LEU E 24 -38.89 -3.56 -36.27
C LEU E 24 -37.67 -4.29 -35.73
N VAL E 25 -36.88 -3.62 -34.90
CA VAL E 25 -35.70 -4.26 -34.31
C VAL E 25 -36.11 -5.40 -33.41
N HIS E 26 -37.22 -5.24 -32.67
CA HIS E 26 -37.73 -6.32 -31.84
C HIS E 26 -38.15 -7.51 -32.69
N ASP E 27 -38.80 -7.25 -33.82
CA ASP E 27 -39.18 -8.34 -34.73
C ASP E 27 -37.93 -9.08 -35.23
N ILE E 28 -36.89 -8.32 -35.59
CA ILE E 28 -35.65 -8.92 -36.06
C ILE E 28 -35.05 -9.82 -34.97
N VAL E 29 -35.02 -9.31 -33.74
CA VAL E 29 -34.45 -10.07 -32.63
C VAL E 29 -35.24 -11.34 -32.38
N VAL E 30 -36.57 -11.25 -32.45
CA VAL E 30 -37.42 -12.42 -32.21
C VAL E 30 -37.14 -13.49 -33.27
N LYS E 31 -37.07 -13.08 -34.54
CA LYS E 31 -36.79 -14.05 -35.60
C LYS E 31 -35.41 -14.69 -35.42
N THR E 32 -34.41 -13.88 -35.06
CA THR E 32 -33.07 -14.41 -34.81
C THR E 32 -33.08 -15.43 -33.67
N ILE E 33 -33.78 -15.12 -32.59
CA ILE E 33 -33.82 -16.03 -31.45
C ILE E 33 -34.51 -17.33 -31.82
N TYR E 34 -35.59 -17.26 -32.59
CA TYR E 34 -36.29 -18.48 -33.00
C TYR E 34 -35.41 -19.35 -33.89
N GLY E 35 -34.72 -18.74 -34.85
CA GLY E 35 -33.80 -19.51 -35.69
C GLY E 35 -32.69 -20.16 -34.89
N GLY E 36 -32.11 -19.40 -33.95
CA GLY E 36 -31.09 -19.96 -33.09
C GLY E 36 -31.61 -21.12 -32.25
N LEU E 37 -32.84 -21.02 -31.75
CA LEU E 37 -33.43 -22.09 -30.98
C LEU E 37 -33.58 -23.36 -31.81
N ILE E 38 -34.07 -23.23 -33.05
CA ILE E 38 -34.22 -24.40 -33.91
C ILE E 38 -32.86 -25.05 -34.19
N ILE E 39 -31.85 -24.22 -34.50
CA ILE E 39 -30.53 -24.75 -34.79
C ILE E 39 -29.93 -25.44 -33.57
N ALA E 40 -30.13 -24.85 -32.38
CA ALA E 40 -29.60 -25.45 -31.17
C ALA E 40 -30.28 -26.77 -30.86
N VAL E 41 -31.59 -26.87 -31.10
CA VAL E 41 -32.29 -28.14 -30.89
C VAL E 41 -31.73 -29.20 -31.82
N ILE E 42 -31.50 -28.85 -33.09
CA ILE E 42 -30.93 -29.82 -34.02
C ILE E 42 -29.54 -30.26 -33.56
N ALA E 43 -28.72 -29.31 -33.14
CA ALA E 43 -27.36 -29.63 -32.71
C ALA E 43 -27.37 -30.54 -31.48
N HIS E 44 -28.24 -30.26 -30.51
CA HIS E 44 -28.33 -31.11 -29.32
C HIS E 44 -28.79 -32.52 -29.68
N VAL E 45 -29.76 -32.63 -30.60
CA VAL E 45 -30.21 -33.95 -31.02
C VAL E 45 -29.07 -34.73 -31.66
N LEU E 46 -28.31 -34.08 -32.53
CA LEU E 46 -27.18 -34.75 -33.19
C LEU E 46 -26.13 -35.16 -32.17
N CYS E 47 -25.83 -34.28 -31.20
CA CYS E 47 -24.82 -34.59 -30.20
C CYS E 47 -25.24 -35.77 -29.33
N TRP E 48 -26.52 -35.82 -28.93
CA TRP E 48 -27.00 -36.95 -28.15
C TRP E 48 -26.94 -38.24 -28.98
N ALA E 49 -27.35 -38.18 -30.25
CA ALA E 49 -27.26 -39.36 -31.10
C ALA E 49 -25.82 -39.84 -31.25
N TRP E 50 -24.86 -38.91 -31.21
CA TRP E 50 -23.46 -39.27 -31.32
C TRP E 50 -22.93 -39.90 -30.04
N THR E 51 -23.04 -39.18 -28.92
CA THR E 51 -22.50 -39.65 -27.64
C THR E 51 -23.39 -39.16 -26.51
N PRO E 52 -24.16 -40.05 -25.88
CA PRO E 52 -25.02 -39.62 -24.77
C PRO E 52 -24.19 -39.18 -23.57
N TRP E 53 -24.53 -38.00 -23.03
CA TRP E 53 -23.78 -37.42 -21.93
C TRP E 53 -24.41 -37.67 -20.57
N ILE E 54 -25.55 -38.36 -20.51
CA ILE E 54 -26.21 -38.63 -19.24
C ILE E 54 -25.86 -40.03 -18.76
N ARG E 55 -26.17 -41.03 -19.58
CA ARG E 55 -25.88 -42.43 -19.25
C ARG E 55 -26.60 -42.86 -17.98
N ARG F 4 -34.46 5.69 -32.63
CA ARG F 4 -33.60 4.55 -32.98
C ARG F 4 -32.75 4.12 -31.79
N PRO F 5 -32.80 2.83 -31.47
CA PRO F 5 -32.07 2.35 -30.28
C PRO F 5 -30.57 2.35 -30.44
N PHE F 6 -30.03 1.97 -31.59
CA PHE F 6 -28.60 1.76 -31.72
C PHE F 6 -28.08 2.45 -32.98
N GLU F 7 -27.00 3.20 -32.81
CA GLU F 7 -26.31 3.79 -33.95
C GLU F 7 -25.77 2.70 -34.86
N PHE F 8 -25.73 2.99 -36.16
CA PHE F 8 -25.14 2.05 -37.12
C PHE F 8 -23.65 1.89 -36.84
N ARG F 9 -22.98 2.99 -36.49
CA ARG F 9 -21.54 2.95 -36.20
C ARG F 9 -21.23 2.03 -35.03
N THR F 10 -22.03 2.10 -33.96
CA THR F 10 -21.79 1.27 -32.79
C THR F 10 -21.90 -0.21 -33.13
N SER F 11 -22.96 -0.58 -33.86
CA SER F 11 -23.15 -1.97 -34.23
C SER F 11 -22.02 -2.46 -35.13
N VAL F 12 -21.61 -1.63 -36.09
CA VAL F 12 -20.49 -1.99 -36.97
C VAL F 12 -19.24 -2.25 -36.16
N VAL F 13 -18.90 -1.33 -35.25
CA VAL F 13 -17.66 -1.46 -34.48
C VAL F 13 -17.69 -2.72 -33.63
N VAL F 14 -18.80 -2.95 -32.91
CA VAL F 14 -18.89 -4.10 -32.03
C VAL F 14 -18.79 -5.40 -32.83
N SER F 15 -19.54 -5.48 -33.94
CA SER F 15 -19.56 -6.72 -34.72
C SER F 15 -18.20 -7.01 -35.35
N THR F 16 -17.51 -5.99 -35.85
CA THR F 16 -16.20 -6.21 -36.47
C THR F 16 -15.16 -6.61 -35.43
N LEU F 17 -15.15 -5.93 -34.27
CA LEU F 17 -14.20 -6.29 -33.23
C LEU F 17 -14.43 -7.71 -32.74
N LEU F 18 -15.71 -8.08 -32.56
CA LEU F 18 -16.04 -9.43 -32.13
C LEU F 18 -15.56 -10.46 -33.15
N GLY F 19 -15.77 -10.19 -34.44
CA GLY F 19 -15.32 -11.12 -35.46
C GLY F 19 -13.81 -11.30 -35.46
N LEU F 20 -13.07 -10.20 -35.35
CA LEU F 20 -11.60 -10.30 -35.35
C LEU F 20 -11.11 -11.09 -34.14
N VAL F 21 -11.66 -10.79 -32.96
CA VAL F 21 -11.24 -11.49 -31.74
C VAL F 21 -11.56 -12.97 -31.85
N MET F 22 -12.75 -13.32 -32.32
CA MET F 22 -13.13 -14.72 -32.43
C MET F 22 -12.26 -15.46 -33.45
N ALA F 23 -11.94 -14.82 -34.57
CA ALA F 23 -11.11 -15.47 -35.58
C ALA F 23 -9.71 -15.77 -35.02
N LEU F 24 -9.10 -14.78 -34.35
CA LEU F 24 -7.79 -15.00 -33.77
C LEU F 24 -7.83 -16.10 -32.71
N LEU F 25 -8.84 -16.07 -31.86
CA LEU F 25 -8.99 -17.09 -30.83
C LEU F 25 -9.13 -18.48 -31.43
N ILE F 26 -9.94 -18.60 -32.49
CA ILE F 26 -10.19 -19.91 -33.06
C ILE F 26 -8.96 -20.46 -33.75
N HIS F 27 -8.23 -19.63 -34.51
CA HIS F 27 -6.96 -20.09 -35.07
C HIS F 27 -5.97 -20.50 -33.97
N PHE F 28 -5.89 -19.74 -32.87
CA PHE F 28 -4.93 -20.11 -31.83
C PHE F 28 -5.32 -21.42 -31.13
N VAL F 29 -6.62 -21.62 -30.89
CA VAL F 29 -7.08 -22.86 -30.26
C VAL F 29 -6.87 -24.05 -31.19
N VAL F 30 -7.09 -23.87 -32.49
CA VAL F 30 -6.86 -24.97 -33.42
C VAL F 30 -5.37 -25.27 -33.55
N LEU F 31 -4.52 -24.25 -33.53
CA LEU F 31 -3.10 -24.46 -33.68
C LEU F 31 -2.49 -25.15 -32.45
N SER F 32 -2.95 -24.78 -31.25
CA SER F 32 -2.36 -25.33 -30.04
C SER F 32 -2.86 -26.73 -29.72
N SER F 33 -3.92 -27.21 -30.37
CA SER F 33 -4.47 -28.52 -30.05
C SER F 33 -3.65 -29.67 -30.61
N GLY F 34 -2.85 -29.42 -31.65
CA GLY F 34 -2.03 -30.49 -32.22
C GLY F 34 -2.83 -31.64 -32.80
N ALA F 35 -3.90 -31.33 -33.53
CA ALA F 35 -4.78 -32.36 -34.09
C ALA F 35 -4.82 -32.35 -35.61
N PHE F 36 -4.14 -31.40 -36.27
CA PHE F 36 -4.31 -31.22 -37.70
C PHE F 36 -3.04 -31.44 -38.53
N ASN F 37 -1.87 -31.48 -37.90
CA ASN F 37 -0.60 -31.61 -38.62
C ASN F 37 -0.41 -30.43 -39.57
N TRP F 38 -0.45 -29.24 -38.99
CA TRP F 38 -0.26 -27.99 -39.71
C TRP F 38 0.86 -27.22 -39.02
N LEU F 39 1.82 -26.73 -39.81
CA LEU F 39 2.99 -26.03 -39.29
C LEU F 39 3.82 -26.96 -38.39
N ARG F 40 4.40 -27.97 -39.05
CA ARG F 40 5.24 -28.97 -38.40
C ARG F 40 4.44 -29.75 -37.34
N ALA F 41 3.41 -30.44 -37.82
CA ALA F 41 2.60 -31.32 -36.97
C ALA F 41 1.91 -30.56 -35.86
N ASN G 7 -33.20 10.92 -47.50
CA ASN G 7 -33.31 9.47 -47.43
C ASN G 7 -34.28 8.86 -48.46
N ASP G 8 -34.34 9.47 -49.64
CA ASP G 8 -35.26 9.00 -50.69
C ASP G 8 -34.87 7.73 -51.40
N LEU G 9 -33.71 7.18 -51.11
CA LEU G 9 -33.35 5.87 -51.64
C LEU G 9 -33.69 4.73 -50.70
N VAL G 10 -33.91 5.03 -49.41
CA VAL G 10 -34.30 3.98 -48.47
C VAL G 10 -35.71 3.52 -48.78
N PRO G 11 -35.99 2.21 -48.76
CA PRO G 11 -37.37 1.76 -48.95
C PRO G 11 -38.28 2.29 -47.86
N ASP G 12 -39.59 2.16 -48.10
CA ASP G 12 -40.58 2.74 -47.20
C ASP G 12 -40.52 2.10 -45.82
N GLN G 13 -40.32 0.78 -45.76
CA GLN G 13 -40.35 0.07 -44.49
C GLN G 13 -39.23 0.52 -43.55
N TRP G 14 -38.03 0.74 -44.10
CA TRP G 14 -36.86 1.02 -43.29
C TRP G 14 -36.49 2.50 -43.26
N LYS G 15 -37.38 3.39 -43.69
CA LYS G 15 -37.12 4.82 -43.57
C LYS G 15 -36.87 5.31 -42.15
N PRO G 16 -37.64 4.90 -41.12
CA PRO G 16 -37.39 5.46 -39.78
C PRO G 16 -36.09 5.00 -39.14
N LEU G 17 -35.33 4.11 -39.76
CA LEU G 17 -34.09 3.61 -39.18
C LEU G 17 -32.85 4.04 -39.94
N PHE G 18 -32.90 4.10 -41.27
CA PHE G 18 -31.71 4.27 -42.09
C PHE G 18 -31.67 5.66 -42.71
N ASN G 19 -30.48 6.25 -42.72
CA ASN G 19 -30.22 7.48 -43.45
C ASN G 19 -30.00 7.14 -44.92
N ASN G 20 -29.65 8.12 -45.73
CA ASN G 20 -29.40 7.87 -47.15
C ASN G 20 -27.96 7.46 -47.42
N ALA G 21 -27.02 7.88 -46.58
CA ALA G 21 -25.62 7.49 -46.73
C ALA G 21 -25.32 6.14 -46.10
N GLN G 22 -26.11 5.70 -45.11
CA GLN G 22 -25.83 4.44 -44.42
C GLN G 22 -26.38 3.23 -45.16
N TRP G 23 -27.34 3.42 -46.08
CA TRP G 23 -27.86 2.30 -46.85
C TRP G 23 -26.78 1.69 -47.75
N LEU G 24 -25.95 2.53 -48.38
CA LEU G 24 -24.89 2.02 -49.23
C LEU G 24 -23.86 1.24 -48.42
N VAL G 25 -23.47 1.75 -47.26
CA VAL G 25 -22.52 1.06 -46.40
C VAL G 25 -23.11 -0.25 -45.92
N HIS G 26 -24.40 -0.26 -45.61
CA HIS G 26 -25.07 -1.50 -45.20
C HIS G 26 -25.05 -2.52 -46.33
N ASP G 27 -25.30 -2.07 -47.56
CA ASP G 27 -25.25 -2.98 -48.71
C ASP G 27 -23.87 -3.59 -48.87
N ILE G 28 -22.83 -2.75 -48.73
CA ILE G 28 -21.45 -3.22 -48.85
C ILE G 28 -21.15 -4.25 -47.77
N VAL G 29 -21.58 -3.97 -46.53
CA VAL G 29 -21.34 -4.89 -45.43
C VAL G 29 -22.05 -6.23 -45.67
N VAL G 30 -23.28 -6.17 -46.16
CA VAL G 30 -24.04 -7.41 -46.40
C VAL G 30 -23.35 -8.25 -47.47
N LYS G 31 -22.92 -7.62 -48.56
CA LYS G 31 -22.24 -8.36 -49.61
C LYS G 31 -20.94 -8.97 -49.11
N THR G 32 -20.17 -8.21 -48.32
CA THR G 32 -18.93 -8.74 -47.74
C THR G 32 -19.20 -9.93 -46.85
N ILE G 33 -20.24 -9.85 -46.01
CA ILE G 33 -20.55 -10.95 -45.10
C ILE G 33 -20.97 -12.19 -45.87
N TYR G 34 -21.76 -12.02 -46.93
CA TYR G 34 -22.17 -13.17 -47.73
C TYR G 34 -20.97 -13.84 -48.40
N GLY G 35 -20.08 -13.04 -48.98
CA GLY G 35 -18.87 -13.61 -49.57
C GLY G 35 -18.02 -14.34 -48.56
N GLY G 36 -17.86 -13.75 -47.37
CA GLY G 36 -17.11 -14.42 -46.32
C GLY G 36 -17.75 -15.74 -45.90
N LEU G 37 -19.07 -15.78 -45.83
CA LEU G 37 -19.76 -17.03 -45.49
C LEU G 37 -19.52 -18.10 -46.54
N ILE G 38 -19.57 -17.72 -47.82
CA ILE G 38 -19.30 -18.69 -48.88
C ILE G 38 -17.88 -19.24 -48.76
N ILE G 39 -16.91 -18.35 -48.57
CA ILE G 39 -15.52 -18.79 -48.45
C ILE G 39 -15.35 -19.68 -47.23
N ALA G 40 -16.02 -19.34 -46.13
CA ALA G 40 -15.90 -20.12 -44.91
C ALA G 40 -16.48 -21.52 -45.09
N VAL G 41 -17.62 -21.64 -45.77
CA VAL G 41 -18.20 -22.97 -45.97
C VAL G 41 -17.30 -23.81 -46.85
N ILE G 42 -16.71 -23.21 -47.89
CA ILE G 42 -15.78 -23.95 -48.74
C ILE G 42 -14.57 -24.41 -47.93
N ALA G 43 -14.02 -23.52 -47.10
CA ALA G 43 -12.84 -23.87 -46.30
C ALA G 43 -13.15 -24.99 -45.32
N HIS G 44 -14.31 -24.93 -44.66
CA HIS G 44 -14.68 -25.99 -43.73
C HIS G 44 -14.87 -27.32 -44.43
N VAL G 45 -15.49 -27.32 -45.62
CA VAL G 45 -15.63 -28.56 -46.37
C VAL G 45 -14.27 -29.15 -46.71
N LEU G 46 -13.35 -28.29 -47.17
CA LEU G 46 -12.00 -28.78 -47.51
C LEU G 46 -11.29 -29.33 -46.28
N CYS G 47 -11.41 -28.64 -45.14
CA CYS G 47 -10.75 -29.09 -43.92
C CYS G 47 -11.30 -30.43 -43.45
N TRP G 48 -12.62 -30.62 -43.53
CA TRP G 48 -13.20 -31.91 -43.18
C TRP G 48 -12.73 -33.00 -44.13
N ALA G 49 -12.68 -32.69 -45.43
CA ALA G 49 -12.16 -33.67 -46.38
C ALA G 49 -10.72 -34.04 -46.08
N TRP G 50 -9.93 -33.09 -45.56
CA TRP G 50 -8.55 -33.38 -45.20
C TRP G 50 -8.46 -34.25 -43.95
N THR G 51 -8.98 -33.76 -42.83
CA THR G 51 -8.86 -34.45 -41.55
C THR G 51 -10.10 -34.16 -40.70
N PRO G 52 -10.98 -35.14 -40.53
CA PRO G 52 -12.16 -34.92 -39.69
C PRO G 52 -11.78 -34.67 -38.23
N TRP G 53 -12.41 -33.64 -37.64
CA TRP G 53 -12.12 -33.26 -36.28
C TRP G 53 -13.13 -33.79 -35.27
N ILE G 54 -14.14 -34.53 -35.72
CA ILE G 54 -15.14 -35.10 -34.82
C ILE G 54 -14.74 -36.52 -34.45
N ARG G 55 -14.65 -37.39 -35.45
CA ARG G 55 -14.31 -38.78 -35.25
C ARG G 55 -15.30 -39.48 -34.30
N ARG H 4 -22.73 10.74 -42.86
CA ARG H 4 -21.76 9.67 -43.13
C ARG H 4 -21.36 8.98 -41.84
N PRO H 5 -21.46 7.64 -41.82
CA PRO H 5 -21.20 6.92 -40.56
C PRO H 5 -19.74 6.92 -40.13
N PHE H 6 -18.80 6.99 -41.07
CA PHE H 6 -17.38 6.88 -40.74
C PHE H 6 -16.58 7.90 -41.53
N GLU H 7 -15.62 8.53 -40.85
CA GLU H 7 -14.64 9.36 -41.55
C GLU H 7 -13.73 8.48 -42.40
N PHE H 8 -13.22 9.06 -43.49
CA PHE H 8 -12.28 8.34 -44.34
C PHE H 8 -10.95 8.11 -43.61
N ARG H 9 -10.49 9.13 -42.88
CA ARG H 9 -9.21 9.02 -42.18
C ARG H 9 -9.25 7.95 -41.10
N THR H 10 -10.37 7.82 -40.38
CA THR H 10 -10.48 6.79 -39.36
C THR H 10 -10.38 5.41 -39.99
N SER H 11 -11.08 5.20 -41.10
CA SER H 11 -11.03 3.91 -41.78
C SER H 11 -9.63 3.59 -42.28
N VAL H 12 -8.95 4.57 -42.89
CA VAL H 12 -7.62 4.30 -43.42
C VAL H 12 -6.63 4.00 -42.29
N VAL H 13 -6.71 4.77 -41.19
CA VAL H 13 -5.81 4.53 -40.07
C VAL H 13 -6.03 3.15 -39.48
N VAL H 14 -7.30 2.78 -39.26
CA VAL H 14 -7.60 1.48 -38.66
C VAL H 14 -7.12 0.35 -39.56
N SER H 15 -7.40 0.46 -40.86
CA SER H 15 -7.00 -0.60 -41.79
C SER H 15 -5.49 -0.72 -41.87
N THR H 16 -4.77 0.40 -41.93
CA THR H 16 -3.32 0.34 -42.02
C THR H 16 -2.71 -0.26 -40.76
N LEU H 17 -3.18 0.16 -39.59
CA LEU H 17 -2.65 -0.40 -38.34
C LEU H 17 -2.93 -1.89 -38.24
N LEU H 18 -4.14 -2.31 -38.59
CA LEU H 18 -4.48 -3.73 -38.54
C LEU H 18 -3.61 -4.53 -39.51
N GLY H 19 -3.41 -4.01 -40.72
CA GLY H 19 -2.58 -4.72 -41.69
C GLY H 19 -1.14 -4.87 -41.22
N LEU H 20 -0.57 -3.79 -40.68
CA LEU H 20 0.81 -3.86 -40.19
C LEU H 20 0.94 -4.86 -39.05
N VAL H 21 0.01 -4.82 -38.10
CA VAL H 21 0.07 -5.73 -36.96
C VAL H 21 -0.07 -7.18 -37.43
N MET H 22 -1.01 -7.43 -38.34
CA MET H 22 -1.21 -8.79 -38.82
C MET H 22 0.00 -9.31 -39.59
N ALA H 23 0.61 -8.46 -40.43
CA ALA H 23 1.79 -8.91 -41.17
C ALA H 23 2.94 -9.24 -40.23
N LEU H 24 3.17 -8.38 -39.22
CA LEU H 24 4.24 -8.65 -38.26
C LEU H 24 3.97 -9.95 -37.52
N LEU H 25 2.74 -10.13 -37.04
CA LEU H 25 2.40 -11.34 -36.30
C LEU H 25 2.61 -12.58 -37.17
N ILE H 26 2.20 -12.53 -38.44
CA ILE H 26 2.32 -13.69 -39.30
C ILE H 26 3.79 -14.02 -39.57
N HIS H 27 4.63 -13.01 -39.83
CA HIS H 27 6.06 -13.28 -40.00
C HIS H 27 6.71 -13.86 -38.73
N PHE H 28 6.42 -13.34 -37.55
CA PHE H 28 7.01 -13.95 -36.35
C PHE H 28 6.50 -15.38 -36.13
N VAL H 29 5.21 -15.63 -36.39
CA VAL H 29 4.68 -16.98 -36.21
C VAL H 29 5.34 -17.95 -37.19
N VAL H 30 5.51 -17.55 -38.45
CA VAL H 30 6.13 -18.45 -39.42
C VAL H 30 7.60 -18.66 -39.10
N LEU H 31 8.28 -17.61 -38.63
CA LEU H 31 9.69 -17.76 -38.27
C LEU H 31 9.87 -18.70 -37.08
N SER H 32 9.01 -18.60 -36.07
CA SER H 32 9.25 -19.32 -34.83
C SER H 32 8.86 -20.78 -34.88
N SER H 33 8.08 -21.20 -35.89
CA SER H 33 7.64 -22.60 -35.96
C SER H 33 8.74 -23.55 -36.39
N GLY H 34 9.77 -23.05 -37.08
CA GLY H 34 10.85 -23.91 -37.52
C GLY H 34 10.42 -24.99 -38.50
N ALA H 35 9.53 -24.65 -39.42
CA ALA H 35 9.03 -25.60 -40.42
C ALA H 35 9.41 -25.22 -41.84
N PHE H 36 10.22 -24.19 -42.04
CA PHE H 36 10.53 -23.70 -43.38
C PHE H 36 12.02 -23.68 -43.71
N ASN H 37 12.90 -23.77 -42.72
CA ASN H 37 14.35 -23.74 -42.94
C ASN H 37 14.72 -22.37 -43.50
N TRP H 38 14.42 -21.34 -42.71
CA TRP H 38 14.72 -19.96 -43.05
C TRP H 38 15.41 -19.30 -41.86
N LEU H 39 16.47 -18.54 -42.14
CA LEU H 39 17.32 -17.94 -41.12
C LEU H 39 17.89 -19.02 -40.19
N ARG H 40 18.72 -19.87 -40.78
CA ARG H 40 19.34 -21.01 -40.10
C ARG H 40 18.26 -21.95 -39.56
N ALA H 41 17.54 -22.55 -40.50
CA ALA H 41 16.56 -23.60 -40.20
C ALA H 41 15.43 -23.06 -39.32
N ASN I 7 -17.23 18.54 -54.97
CA ASN I 7 -17.31 17.11 -55.21
C ASN I 7 -17.88 16.75 -56.58
N ASP I 8 -17.45 17.49 -57.61
CA ASP I 8 -17.93 17.26 -58.96
C ASP I 8 -17.25 16.09 -59.66
N LEU I 9 -16.09 15.65 -59.17
CA LEU I 9 -15.41 14.49 -59.75
C LEU I 9 -15.99 13.18 -59.26
N VAL I 10 -16.60 13.16 -58.09
CA VAL I 10 -17.19 11.93 -57.56
C VAL I 10 -18.36 11.51 -58.42
N PRO I 11 -18.55 10.22 -58.69
CA PRO I 11 -19.73 9.78 -59.44
C PRO I 11 -21.02 10.13 -58.72
N ASP I 12 -22.13 10.00 -59.46
CA ASP I 12 -23.43 10.34 -58.90
C ASP I 12 -23.80 9.43 -57.74
N GLN I 13 -23.48 8.14 -57.86
CA GLN I 13 -23.88 7.18 -56.84
C GLN I 13 -23.22 7.47 -55.49
N TRP I 14 -21.93 7.79 -55.51
CA TRP I 14 -21.14 7.91 -54.28
C TRP I 14 -20.93 9.35 -53.83
N LYS I 15 -21.68 10.30 -54.41
CA LYS I 15 -21.60 11.68 -53.94
C LYS I 15 -21.95 11.85 -52.45
N PRO I 16 -22.99 11.22 -51.89
CA PRO I 16 -23.29 11.43 -50.46
C PRO I 16 -22.22 10.93 -49.51
N LEU I 17 -21.22 10.19 -49.97
CA LEU I 17 -20.21 9.63 -49.09
C LEU I 17 -18.83 10.27 -49.23
N PHE I 18 -18.41 10.61 -50.44
CA PHE I 18 -17.03 10.96 -50.71
C PHE I 18 -16.88 12.45 -51.00
N ASN I 19 -15.75 13.01 -50.57
CA ASN I 19 -15.37 14.37 -50.91
C ASN I 19 -14.72 14.37 -52.29
N ASN I 20 -14.19 15.51 -52.71
CA ASN I 20 -13.49 15.59 -53.98
C ASN I 20 -12.00 15.27 -53.85
N ALA I 21 -11.43 15.49 -52.68
CA ALA I 21 -10.03 15.17 -52.45
C ALA I 21 -9.82 13.75 -51.92
N GLN I 22 -10.83 13.15 -51.31
CA GLN I 22 -10.71 11.79 -50.80
C GLN I 22 -10.85 10.75 -51.89
N TRP I 23 -11.45 11.10 -53.04
CA TRP I 23 -11.60 10.15 -54.13
C TRP I 23 -10.23 9.73 -54.68
N LEU I 24 -9.31 10.68 -54.82
CA LEU I 24 -7.98 10.36 -55.33
C LEU I 24 -7.22 9.46 -54.36
N VAL I 25 -7.30 9.76 -53.06
CA VAL I 25 -6.65 8.93 -52.06
C VAL I 25 -7.23 7.53 -52.07
N HIS I 26 -8.56 7.43 -52.24
CA HIS I 26 -9.20 6.12 -52.32
C HIS I 26 -8.70 5.35 -53.54
N ASP I 27 -8.55 6.02 -54.68
CA ASP I 27 -8.02 5.36 -55.87
C ASP I 27 -6.60 4.86 -55.64
N ILE I 28 -5.77 5.68 -54.99
CA ILE I 28 -4.40 5.28 -54.69
C ILE I 28 -4.39 4.05 -53.78
N VAL I 29 -5.25 4.06 -52.76
CA VAL I 29 -5.32 2.93 -51.83
C VAL I 29 -5.76 1.66 -52.55
N VAL I 30 -6.74 1.79 -53.45
CA VAL I 30 -7.24 0.62 -54.18
C VAL I 30 -6.14 0.03 -55.06
N LYS I 31 -5.41 0.90 -55.77
CA LYS I 31 -4.34 0.40 -56.63
C LYS I 31 -3.24 -0.28 -55.80
N THR I 32 -2.89 0.32 -54.66
CA THR I 32 -1.89 -0.29 -53.78
C THR I 32 -2.35 -1.64 -53.27
N ILE I 33 -3.62 -1.75 -52.89
CA ILE I 33 -4.15 -3.00 -52.37
C ILE I 33 -4.12 -4.08 -53.46
N TYR I 34 -4.50 -3.72 -54.68
CA TYR I 34 -4.48 -4.71 -55.76
C TYR I 34 -3.06 -5.19 -56.06
N GLY I 35 -2.10 -4.27 -56.11
CA GLY I 35 -0.72 -4.68 -56.31
C GLY I 35 -0.22 -5.58 -55.20
N GLY I 36 -0.52 -5.23 -53.95
CA GLY I 36 -0.14 -6.08 -52.83
C GLY I 36 -0.76 -7.45 -52.91
N LEU I 37 -2.03 -7.53 -53.33
CA LEU I 37 -2.68 -8.83 -53.48
C LEU I 37 -1.98 -9.67 -54.53
N ILE I 38 -1.62 -9.08 -55.67
CA ILE I 38 -0.94 -9.83 -56.72
C ILE I 38 0.40 -10.37 -56.21
N ILE I 39 1.16 -9.49 -55.55
CA ILE I 39 2.48 -9.91 -55.04
C ILE I 39 2.33 -10.98 -53.98
N ALA I 40 1.30 -10.87 -53.14
CA ALA I 40 1.07 -11.89 -52.11
C ALA I 40 0.73 -13.23 -52.72
N VAL I 41 -0.10 -13.25 -53.77
CA VAL I 41 -0.42 -14.50 -54.44
C VAL I 41 0.84 -15.13 -55.03
N ILE I 42 1.68 -14.31 -55.67
CA ILE I 42 2.92 -14.84 -56.24
C ILE I 42 3.82 -15.42 -55.16
N ALA I 43 3.96 -14.70 -54.04
CA ALA I 43 4.80 -15.17 -52.95
C ALA I 43 4.27 -16.48 -52.36
N HIS I 44 2.95 -16.59 -52.19
CA HIS I 44 2.37 -17.81 -51.66
C HIS I 44 2.60 -18.99 -52.61
N VAL I 45 2.45 -18.75 -53.92
CA VAL I 45 2.69 -19.81 -54.88
C VAL I 45 4.14 -20.28 -54.82
N LEU I 46 5.08 -19.33 -54.73
CA LEU I 46 6.49 -19.70 -54.63
C LEU I 46 6.76 -20.49 -53.35
N CYS I 47 6.18 -20.05 -52.24
CA CYS I 47 6.41 -20.74 -50.97
C CYS I 47 5.87 -22.16 -51.00
N TRP I 48 4.68 -22.36 -51.58
CA TRP I 48 4.14 -23.71 -51.70
C TRP I 48 4.99 -24.57 -52.63
N ALA I 49 5.45 -24.00 -53.75
CA ALA I 49 6.33 -24.74 -54.64
C ALA I 49 7.64 -25.11 -53.94
N TRP I 50 8.07 -24.30 -52.98
CA TRP I 50 9.29 -24.61 -52.22
C TRP I 50 9.03 -25.74 -51.22
N THR I 51 8.10 -25.53 -50.28
CA THR I 51 7.80 -26.53 -49.26
C THR I 51 6.33 -26.42 -48.85
N PRO I 52 5.55 -27.47 -49.08
CA PRO I 52 4.15 -27.47 -48.61
C PRO I 52 4.08 -27.36 -47.10
N TRP I 53 3.07 -26.64 -46.61
CA TRP I 53 2.85 -26.49 -45.18
C TRP I 53 1.59 -27.18 -44.68
N ILE I 54 0.78 -27.77 -45.56
CA ILE I 54 -0.40 -28.49 -45.15
C ILE I 54 -0.07 -29.97 -44.99
N ARG I 55 0.40 -30.59 -46.07
CA ARG I 55 0.76 -32.01 -46.06
C ARG I 55 -0.44 -32.88 -45.70
N ARG J 4 -8.80 18.09 -47.33
CA ARG J 4 -7.70 17.12 -47.36
C ARG J 4 -7.75 16.22 -46.14
N PRO J 5 -7.88 14.91 -46.37
CA PRO J 5 -8.05 13.98 -45.25
C PRO J 5 -6.85 13.90 -44.32
N PHE J 6 -5.63 14.16 -44.81
CA PHE J 6 -4.44 14.01 -44.00
C PHE J 6 -3.46 15.14 -44.25
N GLU J 7 -2.87 15.65 -43.18
CA GLU J 7 -1.78 16.61 -43.29
C GLU J 7 -0.53 15.93 -43.87
N PHE J 8 0.32 16.73 -44.50
CA PHE J 8 1.58 16.21 -45.00
C PHE J 8 2.55 15.89 -43.86
N ARG J 9 2.57 16.75 -42.84
CA ARG J 9 3.51 16.56 -41.73
C ARG J 9 3.21 15.28 -40.95
N THR J 10 1.93 14.97 -40.75
CA THR J 10 1.56 13.75 -40.05
C THR J 10 2.01 12.52 -40.82
N SER J 11 1.78 12.53 -42.14
CA SER J 11 2.22 11.42 -42.98
C SER J 11 3.74 11.24 -42.91
N VAL J 12 4.47 12.36 -42.99
CA VAL J 12 5.93 12.29 -42.95
C VAL J 12 6.40 11.71 -41.62
N VAL J 13 5.83 12.19 -40.52
CA VAL J 13 6.23 11.73 -39.19
C VAL J 13 5.95 10.23 -39.03
N VAL J 14 4.75 9.81 -39.40
CA VAL J 14 4.36 8.41 -39.23
C VAL J 14 5.25 7.51 -40.08
N SER J 15 5.47 7.89 -41.33
CA SER J 15 6.29 7.06 -42.23
C SER J 15 7.72 6.96 -41.74
N THR J 16 8.32 8.08 -41.33
CA THR J 16 9.70 8.05 -40.85
C THR J 16 9.84 7.20 -39.60
N LEU J 17 8.91 7.37 -38.65
CA LEU J 17 8.97 6.58 -37.41
C LEU J 17 8.82 5.09 -37.71
N LEU J 18 7.87 4.73 -38.58
CA LEU J 18 7.68 3.33 -38.92
C LEU J 18 8.91 2.74 -39.60
N GLY J 19 9.51 3.48 -40.53
CA GLY J 19 10.70 2.99 -41.21
C GLY J 19 11.86 2.78 -40.25
N LEU J 20 12.10 3.74 -39.37
CA LEU J 20 13.19 3.61 -38.41
C LEU J 20 12.97 2.42 -37.48
N VAL J 21 11.75 2.26 -36.97
CA VAL J 21 11.46 1.16 -36.06
C VAL J 21 11.64 -0.18 -36.77
N MET J 22 11.15 -0.29 -38.01
CA MET J 22 11.28 -1.54 -38.76
C MET J 22 12.74 -1.87 -39.03
N ALA J 23 13.55 -0.87 -39.40
CA ALA J 23 14.97 -1.12 -39.66
C ALA J 23 15.68 -1.59 -38.39
N LEU J 24 15.41 -0.93 -37.27
CA LEU J 24 16.05 -1.33 -36.02
C LEU J 24 15.65 -2.75 -35.62
N LEU J 25 14.36 -3.07 -35.75
CA LEU J 25 13.88 -4.40 -35.39
C LEU J 25 14.52 -5.47 -36.27
N ILE J 26 14.61 -5.20 -37.58
CA ILE J 26 15.19 -6.18 -38.49
C ILE J 26 16.66 -6.40 -38.18
N HIS J 27 17.40 -5.31 -37.90
CA HIS J 27 18.81 -5.48 -37.56
C HIS J 27 18.99 -6.29 -36.29
N PHE J 28 18.20 -6.01 -35.26
CA PHE J 28 18.33 -6.79 -34.02
C PHE J 28 17.96 -8.25 -34.24
N VAL J 29 16.89 -8.52 -34.99
CA VAL J 29 16.47 -9.90 -35.21
C VAL J 29 17.52 -10.66 -36.00
N VAL J 30 18.08 -10.04 -37.04
CA VAL J 30 19.09 -10.73 -37.85
C VAL J 30 20.38 -10.93 -37.06
N LEU J 31 20.76 -9.97 -36.21
CA LEU J 31 21.94 -10.17 -35.39
C LEU J 31 21.75 -11.30 -34.39
N SER J 32 20.60 -11.34 -33.73
CA SER J 32 20.37 -12.33 -32.69
C SER J 32 20.11 -13.74 -33.23
N SER J 33 19.90 -13.88 -34.54
CA SER J 33 19.61 -15.19 -35.11
C SER J 33 20.85 -16.08 -35.19
N GLY J 34 22.04 -15.50 -35.20
CA GLY J 34 23.26 -16.28 -35.24
C GLY J 34 23.40 -17.13 -36.49
N ALA J 35 23.03 -16.59 -37.65
CA ALA J 35 23.06 -17.34 -38.89
C ALA J 35 23.96 -16.72 -39.96
N PHE J 36 24.55 -15.56 -39.70
CA PHE J 36 25.30 -14.85 -40.73
C PHE J 36 26.79 -14.73 -40.45
N ASN J 37 27.25 -14.98 -39.22
CA ASN J 37 28.65 -14.85 -38.86
C ASN J 37 29.07 -13.38 -39.00
N TRP J 38 28.37 -12.54 -38.24
CA TRP J 38 28.66 -11.12 -38.18
C TRP J 38 28.82 -10.74 -36.71
N LEU J 39 29.87 -9.99 -36.39
CA LEU J 39 30.17 -9.59 -35.03
C LEU J 39 30.40 -10.82 -34.15
N ARG J 40 31.49 -11.53 -34.47
CA ARG J 40 31.91 -12.74 -33.76
C ARG J 40 30.83 -13.83 -33.86
N ALA J 41 30.58 -14.26 -35.08
CA ALA J 41 29.66 -15.35 -35.36
C ALA J 41 28.24 -15.00 -34.93
N ARG K 4 4.81 26.19 -44.81
CA ARG K 4 5.87 25.21 -44.64
C ARG K 4 5.42 24.07 -43.72
N PRO K 5 5.78 22.83 -44.09
CA PRO K 5 5.33 21.69 -43.28
C PRO K 5 6.07 21.55 -41.95
N PHE K 6 7.34 21.96 -41.89
CA PHE K 6 8.15 21.70 -40.71
C PHE K 6 9.08 22.88 -40.44
N GLU K 7 9.21 23.26 -39.17
CA GLU K 7 10.17 24.27 -38.77
C GLU K 7 11.59 23.76 -38.92
N PHE K 8 12.55 24.70 -38.97
CA PHE K 8 13.96 24.33 -39.02
C PHE K 8 14.43 23.78 -37.68
N ARG K 9 13.98 24.39 -36.58
CA ARG K 9 14.40 23.97 -35.25
C ARG K 9 13.95 22.54 -34.96
N THR K 10 12.73 22.19 -35.35
CA THR K 10 12.22 20.83 -35.13
C THR K 10 13.10 19.81 -35.84
N SER K 11 13.41 20.07 -37.11
CA SER K 11 14.26 19.16 -37.88
C SER K 11 15.64 19.03 -37.25
N VAL K 12 16.23 20.15 -36.84
CA VAL K 12 17.55 20.12 -36.24
C VAL K 12 17.54 19.29 -34.96
N VAL K 13 16.55 19.54 -34.10
CA VAL K 13 16.47 18.83 -32.83
C VAL K 13 16.29 17.34 -33.06
N VAL K 14 15.36 16.96 -33.93
CA VAL K 14 15.08 15.54 -34.14
C VAL K 14 16.28 14.84 -34.73
N SER K 15 16.93 15.45 -35.73
CA SER K 15 18.08 14.82 -36.37
C SER K 15 19.24 14.67 -35.39
N THR K 16 19.52 15.71 -34.60
CA THR K 16 20.63 15.63 -33.64
C THR K 16 20.36 14.57 -32.58
N LEU K 17 19.13 14.52 -32.05
CA LEU K 17 18.81 13.50 -31.05
C LEU K 17 18.93 12.10 -31.62
N LEU K 18 18.42 11.89 -32.83
CA LEU K 18 18.51 10.56 -33.44
C LEU K 18 19.95 10.17 -33.67
N GLY K 19 20.78 11.11 -34.14
CA GLY K 19 22.19 10.81 -34.35
C GLY K 19 22.90 10.43 -33.06
N LEU K 20 22.68 11.20 -32.00
CA LEU K 20 23.34 10.89 -30.73
C LEU K 20 22.88 9.54 -30.17
N VAL K 21 21.57 9.27 -30.24
CA VAL K 21 21.06 8.00 -29.72
C VAL K 21 21.63 6.83 -30.51
N MET K 22 21.67 6.95 -31.84
CA MET K 22 22.22 5.86 -32.65
C MET K 22 23.69 5.66 -32.39
N ALA K 23 24.45 6.74 -32.21
CA ALA K 23 25.88 6.61 -31.92
C ALA K 23 26.11 5.89 -30.60
N LEU K 24 25.37 6.28 -29.55
CA LEU K 24 25.52 5.63 -28.26
C LEU K 24 25.12 4.16 -28.34
N LEU K 25 24.02 3.87 -29.02
CA LEU K 25 23.57 2.47 -29.14
C LEU K 25 24.58 1.63 -29.89
N ILE K 26 25.15 2.16 -30.97
CA ILE K 26 26.12 1.40 -31.74
C ILE K 26 27.39 1.16 -30.93
N HIS K 27 27.86 2.18 -30.21
CA HIS K 27 29.06 2.00 -29.39
C HIS K 27 28.83 0.94 -28.31
N PHE K 28 27.67 0.99 -27.64
CA PHE K 28 27.39 -0.01 -26.61
C PHE K 28 27.27 -1.41 -27.19
N VAL K 29 26.58 -1.55 -28.34
CA VAL K 29 26.41 -2.85 -28.95
C VAL K 29 27.75 -3.43 -29.41
N VAL K 30 28.63 -2.59 -29.93
CA VAL K 30 29.94 -3.09 -30.35
C VAL K 30 30.82 -3.41 -29.15
N LEU K 31 30.69 -2.66 -28.05
CA LEU K 31 31.47 -2.96 -26.86
C LEU K 31 31.04 -4.27 -26.23
N SER K 32 29.72 -4.52 -26.14
CA SER K 32 29.23 -5.71 -25.48
C SER K 32 29.34 -6.97 -26.33
N SER K 33 29.72 -6.84 -27.60
CA SER K 33 29.86 -8.00 -28.47
C SER K 33 31.14 -8.77 -28.19
N GLY K 34 32.19 -8.10 -27.73
CA GLY K 34 33.45 -8.77 -27.46
C GLY K 34 34.09 -9.40 -28.68
N ALA K 35 34.03 -8.72 -29.82
CA ALA K 35 34.56 -9.23 -31.07
C ALA K 35 35.69 -8.39 -31.64
N PHE K 36 36.11 -7.33 -30.93
CA PHE K 36 37.15 -6.43 -31.44
C PHE K 36 38.40 -6.37 -30.56
N ASN K 37 38.35 -6.92 -29.35
CA ASN K 37 39.50 -6.92 -28.43
C ASN K 37 39.84 -5.46 -28.11
N TRP K 38 38.87 -4.77 -27.53
CA TRP K 38 39.01 -3.37 -27.16
C TRP K 38 38.57 -3.20 -25.72
N LEU K 39 39.36 -2.44 -24.96
CA LEU K 39 39.16 -2.28 -23.51
C LEU K 39 39.20 -3.65 -22.82
N ARG K 40 40.40 -4.24 -22.83
CA ARG K 40 40.66 -5.56 -22.25
C ARG K 40 39.83 -6.63 -22.96
N ALA K 41 40.06 -6.76 -24.26
CA ALA K 41 39.48 -7.83 -25.07
C ALA K 41 37.95 -7.75 -25.08
N ASN L 7 14.47 37.84 -45.85
CA ASN L 7 14.96 36.63 -46.50
C ASN L 7 15.62 36.87 -47.86
N ASP L 8 16.33 38.00 -47.98
CA ASP L 8 16.93 38.40 -49.24
C ASP L 8 18.21 37.63 -49.59
N LEU L 9 18.81 36.93 -48.62
CA LEU L 9 19.99 36.11 -48.91
C LEU L 9 19.61 34.70 -49.33
N VAL L 10 18.43 34.22 -48.97
CA VAL L 10 17.98 32.90 -49.41
C VAL L 10 17.79 32.91 -50.91
N PRO L 11 18.18 31.84 -51.63
CA PRO L 11 17.99 31.81 -53.08
C PRO L 11 16.52 31.87 -53.45
N ASP L 12 16.27 32.06 -54.74
CA ASP L 12 14.90 32.21 -55.24
C ASP L 12 14.08 30.95 -54.99
N GLN L 13 14.66 29.77 -55.21
CA GLN L 13 13.90 28.53 -55.14
C GLN L 13 13.40 28.26 -53.73
N TRP L 14 14.22 28.53 -52.71
CA TRP L 14 13.93 28.14 -51.33
C TRP L 14 13.41 29.28 -50.47
N LYS L 15 13.02 30.40 -51.07
CA LYS L 15 12.38 31.46 -50.31
C LYS L 15 11.11 31.02 -49.57
N PRO L 16 10.21 30.21 -50.13
CA PRO L 16 9.02 29.79 -49.37
C PRO L 16 9.33 28.94 -48.14
N LEU L 17 10.54 28.42 -48.00
CA LEU L 17 10.87 27.50 -46.91
C LEU L 17 11.83 28.07 -45.89
N PHE L 18 12.73 28.97 -46.27
CA PHE L 18 13.82 29.40 -45.40
C PHE L 18 13.69 30.87 -45.03
N ASN L 19 13.96 31.16 -43.77
CA ASN L 19 14.07 32.53 -43.28
C ASN L 19 15.50 33.00 -43.54
N ASN L 20 15.82 34.26 -43.22
CA ASN L 20 17.15 34.78 -43.46
C ASN L 20 18.17 34.29 -42.44
N ALA L 21 17.76 34.13 -41.18
CA ALA L 21 18.68 33.70 -40.14
C ALA L 21 18.86 32.19 -40.08
N GLN L 22 17.94 31.42 -40.68
CA GLN L 22 18.06 29.97 -40.67
C GLN L 22 18.97 29.44 -41.77
N TRP L 23 19.16 30.22 -42.83
CA TRP L 23 20.03 29.79 -43.94
C TRP L 23 21.46 29.57 -43.47
N LEU L 24 21.97 30.49 -42.64
CA LEU L 24 23.33 30.37 -42.14
C LEU L 24 23.49 29.14 -41.26
N VAL L 25 22.50 28.89 -40.38
CA VAL L 25 22.59 27.73 -39.50
C VAL L 25 22.50 26.44 -40.30
N HIS L 26 21.68 26.43 -41.35
CA HIS L 26 21.60 25.26 -42.23
C HIS L 26 22.93 25.01 -42.94
N ASP L 27 23.59 26.08 -43.39
CA ASP L 27 24.91 25.94 -44.00
C ASP L 27 25.90 25.35 -43.01
N ILE L 28 25.88 25.84 -41.76
CA ILE L 28 26.77 25.34 -40.73
C ILE L 28 26.53 23.86 -40.49
N VAL L 29 25.26 23.46 -40.42
CA VAL L 29 24.92 22.06 -40.18
C VAL L 29 25.40 21.19 -41.32
N VAL L 30 25.25 21.67 -42.57
CA VAL L 30 25.68 20.88 -43.72
C VAL L 30 27.19 20.67 -43.69
N LYS L 31 27.94 21.74 -43.39
CA LYS L 31 29.39 21.60 -43.32
C LYS L 31 29.82 20.64 -42.22
N THR L 32 29.18 20.74 -41.06
CA THR L 32 29.50 19.82 -39.96
C THR L 32 29.18 18.38 -40.33
N ILE L 33 28.06 18.16 -41.03
CA ILE L 33 27.69 16.81 -41.44
C ILE L 33 28.72 16.25 -42.42
N TYR L 34 29.15 17.06 -43.40
CA TYR L 34 30.12 16.56 -44.37
C TYR L 34 31.44 16.20 -43.70
N GLY L 35 31.92 17.05 -42.79
CA GLY L 35 33.10 16.69 -42.01
C GLY L 35 32.90 15.40 -41.23
N GLY L 36 31.71 15.23 -40.64
CA GLY L 36 31.43 14.01 -39.90
C GLY L 36 31.48 12.77 -40.76
N LEU L 37 30.89 12.82 -41.95
CA LEU L 37 30.94 11.66 -42.84
C LEU L 37 32.37 11.36 -43.29
N ILE L 38 33.18 12.38 -43.56
CA ILE L 38 34.56 12.12 -43.95
C ILE L 38 35.32 11.42 -42.83
N ILE L 39 35.17 11.93 -41.60
CA ILE L 39 35.85 11.34 -40.45
C ILE L 39 35.36 9.91 -40.22
N ALA L 40 34.05 9.69 -40.38
CA ALA L 40 33.48 8.36 -40.18
C ALA L 40 34.01 7.37 -41.21
N VAL L 41 34.15 7.80 -42.46
CA VAL L 41 34.69 6.93 -43.50
C VAL L 41 36.13 6.54 -43.17
N ILE L 42 36.93 7.51 -42.72
CA ILE L 42 38.31 7.21 -42.35
C ILE L 42 38.35 6.23 -41.18
N ALA L 43 37.51 6.45 -40.18
CA ALA L 43 37.49 5.55 -39.03
C ALA L 43 37.07 4.14 -39.43
N HIS L 44 36.07 4.03 -40.31
CA HIS L 44 35.62 2.71 -40.75
C HIS L 44 36.71 1.97 -41.52
N VAL L 45 37.41 2.67 -42.41
CA VAL L 45 38.46 2.01 -43.18
C VAL L 45 39.59 1.57 -42.25
N LEU L 46 39.92 2.40 -41.26
CA LEU L 46 40.95 1.99 -40.29
C LEU L 46 40.52 0.77 -39.50
N CYS L 47 39.26 0.74 -39.05
CA CYS L 47 38.79 -0.40 -38.27
C CYS L 47 38.79 -1.68 -39.11
N TRP L 48 38.39 -1.58 -40.38
CA TRP L 48 38.41 -2.75 -41.24
C TRP L 48 39.84 -3.22 -41.49
N ALA L 49 40.76 -2.29 -41.71
CA ALA L 49 42.17 -2.67 -41.84
C ALA L 49 42.69 -3.34 -40.57
N TRP L 50 42.15 -2.95 -39.41
CA TRP L 50 42.59 -3.56 -38.16
C TRP L 50 42.06 -4.98 -38.04
N THR L 51 40.73 -5.13 -38.04
CA THR L 51 40.11 -6.45 -37.90
C THR L 51 38.79 -6.49 -38.66
N PRO L 52 38.68 -7.33 -39.69
CA PRO L 52 37.41 -7.45 -40.42
C PRO L 52 36.31 -7.99 -39.51
N TRP L 53 35.12 -7.42 -39.64
CA TRP L 53 33.96 -7.83 -38.85
C TRP L 53 32.99 -8.71 -39.63
N ILE L 54 33.18 -8.89 -40.93
CA ILE L 54 32.27 -9.69 -41.75
C ILE L 54 32.83 -11.09 -41.89
N ARG L 55 34.05 -11.20 -42.42
CA ARG L 55 34.72 -12.49 -42.56
C ARG L 55 33.96 -13.41 -43.50
N PRO M 6 -56.86 2.64 15.72
CA PRO M 6 -55.98 2.86 16.87
C PRO M 6 -54.51 2.64 16.52
N THR M 7 -53.88 3.66 15.93
CA THR M 7 -52.49 3.56 15.50
C THR M 7 -51.76 4.85 15.85
N LEU M 8 -50.44 4.72 16.01
CA LEU M 8 -49.56 5.86 16.13
C LEU M 8 -48.79 6.16 14.85
N PHE M 9 -49.02 5.39 13.79
CA PHE M 9 -48.38 5.60 12.49
C PHE M 9 -49.46 5.63 11.41
N PRO M 10 -50.31 6.68 11.40
CA PRO M 10 -51.31 6.77 10.33
C PRO M 10 -50.70 6.86 8.94
N GLU M 11 -49.51 7.44 8.82
CA GLU M 11 -48.83 7.56 7.53
C GLU M 11 -48.22 6.24 7.06
N ILE M 12 -48.18 5.21 7.92
CA ILE M 12 -47.55 3.95 7.54
C ILE M 12 -48.58 2.83 7.52
N THR M 13 -49.62 2.94 8.36
CA THR M 13 -50.60 1.88 8.51
C THR M 13 -51.91 2.15 7.79
N ASN M 14 -52.12 3.37 7.27
CA ASN M 14 -53.34 3.70 6.54
C ASN M 14 -53.09 3.95 5.06
N THR M 15 -51.98 4.56 4.70
CA THR M 15 -51.67 4.79 3.30
C THR M 15 -51.36 3.47 2.60
N VAL M 16 -51.84 3.34 1.35
CA VAL M 16 -51.62 2.11 0.60
C VAL M 16 -50.14 1.89 0.35
N ARG M 17 -49.42 2.96 -0.02
CA ARG M 17 -47.99 2.84 -0.25
C ARG M 17 -47.25 2.42 1.01
N GLY M 18 -47.56 3.08 2.13
CA GLY M 18 -46.91 2.73 3.38
C GLY M 18 -47.30 1.37 3.89
N ARG M 19 -48.51 0.91 3.56
CA ARG M 19 -48.97 -0.39 4.02
C ARG M 19 -48.25 -1.52 3.29
N PHE M 20 -47.65 -1.23 2.13
CA PHE M 20 -46.96 -2.25 1.35
C PHE M 20 -45.48 -2.38 1.75
N TYR M 21 -44.94 -1.38 2.46
CA TYR M 21 -43.61 -1.47 3.04
C TYR M 21 -43.45 -2.73 3.89
N ILE M 22 -44.40 -2.96 4.81
CA ILE M 22 -44.26 -4.04 5.79
C ILE M 22 -44.25 -5.39 5.08
N VAL M 23 -45.20 -5.59 4.17
CA VAL M 23 -45.31 -6.86 3.48
C VAL M 23 -44.10 -7.10 2.60
N ALA M 24 -43.63 -6.06 1.90
CA ALA M 24 -42.46 -6.21 1.05
C ALA M 24 -41.23 -6.60 1.87
N GLY M 25 -41.03 -5.94 3.03
CA GLY M 25 -39.90 -6.28 3.86
C GLY M 25 -39.98 -7.70 4.39
N ILE M 26 -41.17 -8.12 4.83
CA ILE M 26 -41.35 -9.47 5.34
C ILE M 26 -41.01 -10.49 4.26
N ILE M 27 -41.54 -10.28 3.05
CA ILE M 27 -41.31 -11.24 1.98
C ILE M 27 -39.83 -11.28 1.59
N SER M 28 -39.18 -10.11 1.57
CA SER M 28 -37.76 -10.08 1.22
C SER M 28 -36.92 -10.86 2.24
N VAL M 29 -37.19 -10.65 3.53
CA VAL M 29 -36.44 -11.37 4.57
C VAL M 29 -36.68 -12.88 4.45
N VAL M 30 -37.95 -13.27 4.27
CA VAL M 30 -38.28 -14.69 4.17
C VAL M 30 -37.58 -15.32 2.98
N MET M 31 -37.58 -14.64 1.83
CA MET M 31 -36.98 -15.21 0.63
C MET M 31 -35.46 -15.31 0.76
N ALA M 32 -34.83 -14.33 1.39
CA ALA M 32 -33.39 -14.41 1.62
C ALA M 32 -33.05 -15.62 2.49
N VAL M 33 -33.78 -15.79 3.59
CA VAL M 33 -33.51 -16.91 4.49
C VAL M 33 -33.72 -18.24 3.76
N ALA M 34 -34.82 -18.32 2.98
CA ALA M 34 -35.11 -19.55 2.25
C ALA M 34 -34.02 -19.87 1.23
N SER M 35 -33.53 -18.85 0.52
CA SER M 35 -32.48 -19.06 -0.47
C SER M 35 -31.23 -19.63 0.19
N ILE M 36 -30.79 -19.00 1.29
CA ILE M 36 -29.58 -19.48 1.98
C ILE M 36 -29.77 -20.91 2.45
N ALA M 37 -30.92 -21.18 3.09
CA ALA M 37 -31.17 -22.51 3.64
C ALA M 37 -31.19 -23.57 2.54
N ILE M 38 -31.89 -23.29 1.43
CA ILE M 38 -32.00 -24.29 0.36
C ILE M 38 -30.64 -24.55 -0.26
N PHE M 39 -29.86 -23.50 -0.52
CA PHE M 39 -28.55 -23.71 -1.14
C PHE M 39 -27.64 -24.54 -0.25
N TRP M 40 -27.58 -24.20 1.04
CA TRP M 40 -26.66 -24.94 1.90
C TRP M 40 -27.15 -26.37 2.16
N TRP M 41 -28.47 -26.58 2.21
CA TRP M 41 -28.98 -27.94 2.33
C TRP M 41 -28.60 -28.77 1.12
N ILE M 42 -28.74 -28.21 -0.08
CA ILE M 42 -28.35 -28.95 -1.29
C ILE M 42 -26.87 -29.27 -1.27
N PHE M 43 -26.04 -28.29 -0.90
CA PHE M 43 -24.60 -28.51 -0.89
C PHE M 43 -24.21 -29.60 0.10
N TYR M 44 -24.79 -29.58 1.29
CA TYR M 44 -24.43 -30.57 2.30
C TYR M 44 -25.08 -31.93 2.05
N THR M 45 -26.12 -31.99 1.22
CA THR M 45 -26.75 -33.27 0.94
C THR M 45 -26.14 -33.98 -0.26
N ILE M 46 -25.63 -33.24 -1.26
CA ILE M 46 -25.07 -33.88 -2.44
C ILE M 46 -23.55 -34.00 -2.40
N THR M 47 -22.89 -33.36 -1.44
CA THR M 47 -21.44 -33.43 -1.37
C THR M 47 -20.98 -34.81 -0.93
N PRO M 48 -19.81 -35.24 -1.39
CA PRO M 48 -19.34 -36.59 -1.04
C PRO M 48 -18.84 -36.65 0.40
N ALA M 49 -18.59 -37.88 0.84
CA ALA M 49 -18.09 -38.16 2.17
C ALA M 49 -16.61 -37.80 2.28
N PRO M 50 -16.11 -37.67 3.50
CA PRO M 50 -14.68 -37.35 3.68
C PRO M 50 -13.79 -38.42 3.06
N ALA M 51 -12.67 -37.98 2.50
CA ALA M 51 -11.69 -38.89 1.91
C ALA M 51 -10.86 -39.51 3.02
N PRO M 52 -11.11 -40.77 3.36
CA PRO M 52 -10.46 -41.37 4.55
C PRO M 52 -9.00 -41.67 4.26
N PRO M 53 -8.23 -41.94 5.31
CA PRO M 53 -6.85 -42.41 5.11
C PRO M 53 -6.80 -43.92 4.95
N LEU M 54 -5.61 -44.42 4.68
CA LEU M 54 -5.36 -45.85 4.62
C LEU M 54 -4.65 -46.30 5.90
N GLN M 55 -4.93 -47.55 6.30
CA GLN M 55 -4.46 -48.07 7.58
C GLN M 55 -3.74 -49.39 7.40
N ASN M 56 -2.81 -49.43 6.44
CA ASN M 56 -1.95 -50.59 6.30
C ASN M 56 -1.05 -50.72 7.52
N PRO M 57 -0.87 -51.93 8.06
CA PRO M 57 0.01 -52.10 9.22
C PRO M 57 1.47 -51.77 8.93
N ILE M 58 1.89 -51.78 7.67
CA ILE M 58 3.30 -51.63 7.32
C ILE M 58 3.60 -50.34 6.58
N TYR M 59 2.60 -49.64 6.06
CA TYR M 59 2.81 -48.39 5.33
C TYR M 59 2.11 -47.24 6.04
N VAL M 60 2.45 -46.03 5.61
CA VAL M 60 1.84 -44.82 6.16
C VAL M 60 0.62 -44.40 5.35
N ASN M 61 0.82 -44.08 4.07
CA ASN M 61 -0.28 -43.68 3.19
C ASN M 61 -0.12 -44.34 1.83
N TYR M 62 0.23 -45.63 1.82
CA TYR M 62 0.41 -46.37 0.58
C TYR M 62 -0.19 -47.76 0.76
N THR M 63 -0.75 -48.29 -0.32
CA THR M 63 -1.40 -49.61 -0.29
C THR M 63 -0.84 -50.49 -1.39
N GLN M 64 -0.47 -51.72 -1.02
CA GLN M 64 -0.16 -52.77 -1.98
C GLN M 64 -1.27 -53.82 -2.07
N GLU M 65 -2.32 -53.67 -1.26
CA GLU M 65 -3.37 -54.68 -1.09
C GLU M 65 -4.08 -55.03 -2.39
N PRO M 66 -4.49 -54.05 -3.22
CA PRO M 66 -5.02 -54.41 -4.55
C PRO M 66 -4.02 -55.24 -5.33
N THR M 67 -4.34 -56.51 -5.56
CA THR M 67 -3.36 -57.50 -5.98
C THR M 67 -3.89 -58.25 -7.21
N ASP M 68 -3.52 -57.76 -8.39
CA ASP M 68 -3.71 -58.50 -9.63
C ASP M 68 -2.47 -58.55 -10.50
N TYR M 69 -1.41 -57.81 -10.15
CA TYR M 69 -0.15 -57.93 -10.86
C TYR M 69 0.50 -59.30 -10.61
N ILE M 70 0.28 -59.87 -9.44
CA ILE M 70 0.78 -61.20 -9.14
C ILE M 70 -0.08 -62.24 -9.83
N SER M 71 0.53 -63.11 -10.61
CA SER M 71 -0.21 -64.11 -11.36
C SER M 71 -0.87 -65.11 -10.41
N ALA M 72 -2.06 -65.57 -10.81
CA ALA M 72 -2.75 -66.59 -10.01
C ALA M 72 -1.95 -67.88 -9.96
N GLU M 73 -1.15 -68.17 -10.99
CA GLU M 73 -0.32 -69.36 -10.99
C GLU M 73 1.02 -69.12 -10.30
N SER M 74 1.50 -67.88 -10.28
CA SER M 74 2.78 -67.60 -9.66
C SER M 74 2.74 -67.83 -8.15
N LEU M 75 1.58 -67.61 -7.53
CA LEU M 75 1.45 -67.88 -6.10
C LEU M 75 1.63 -69.36 -5.79
N ALA M 76 1.23 -70.25 -6.71
CA ALA M 76 1.33 -71.68 -6.45
C ALA M 76 2.79 -72.12 -6.34
N ALA M 77 3.63 -71.70 -7.28
CA ALA M 77 5.05 -72.05 -7.23
C ALA M 77 5.72 -71.42 -6.02
N MET M 78 5.19 -70.28 -5.54
CA MET M 78 5.64 -69.72 -4.27
C MET M 78 5.45 -70.71 -3.13
N ASN M 79 4.24 -71.24 -3.00
CA ASN M 79 3.95 -72.19 -1.92
C ASN M 79 4.70 -73.51 -2.15
N ALA M 80 4.84 -73.93 -3.41
CA ALA M 80 5.58 -75.14 -3.71
C ALA M 80 7.04 -75.02 -3.29
N TYR M 81 7.68 -73.89 -3.60
CA TYR M 81 9.05 -73.67 -3.18
C TYR M 81 9.15 -73.56 -1.66
N ILE M 82 8.20 -72.86 -1.04
CA ILE M 82 8.25 -72.67 0.40
C ILE M 82 8.12 -74.00 1.13
N GLN M 83 7.22 -74.86 0.67
CA GLN M 83 7.10 -76.19 1.27
C GLN M 83 8.36 -77.02 1.03
N ALA M 84 9.05 -76.79 -0.09
CA ALA M 84 10.21 -77.62 -0.43
C ALA M 84 11.35 -77.42 0.56
N ASN M 85 11.70 -76.15 0.86
CA ASN M 85 12.82 -75.89 1.75
C ASN M 85 12.57 -74.75 2.75
N PRO M 86 12.67 -75.05 4.05
CA PRO M 86 12.51 -73.98 5.04
C PRO M 86 13.62 -72.94 5.02
N GLN M 87 14.85 -73.33 4.66
CA GLN M 87 15.98 -72.42 4.82
C GLN M 87 16.45 -71.87 3.48
N PRO M 88 16.90 -70.61 3.42
CA PRO M 88 17.28 -70.02 2.15
C PRO M 88 18.61 -70.57 1.65
N GLN M 89 18.63 -71.02 0.40
CA GLN M 89 19.84 -71.58 -0.17
C GLN M 89 20.87 -70.51 -0.51
N ALA M 90 20.43 -69.40 -1.11
CA ALA M 90 21.34 -68.36 -1.60
C ALA M 90 20.82 -66.99 -1.16
N VAL M 91 21.37 -66.47 -0.06
CA VAL M 91 21.06 -65.12 0.42
C VAL M 91 22.38 -64.43 0.74
N GLN M 92 22.57 -63.23 0.17
CA GLN M 92 23.72 -62.39 0.47
C GLN M 92 23.36 -61.25 1.41
N VAL M 93 22.21 -60.62 1.20
CA VAL M 93 21.79 -59.50 2.04
C VAL M 93 20.85 -59.96 3.14
N LEU M 94 19.87 -60.79 2.81
CA LEU M 94 18.91 -61.31 3.80
C LEU M 94 19.49 -62.55 4.49
N LYS M 95 20.59 -62.33 5.21
CA LYS M 95 21.30 -63.40 5.87
C LYS M 95 20.59 -63.95 7.09
N GLY M 96 19.56 -63.28 7.59
CA GLY M 96 18.95 -63.68 8.84
C GLY M 96 17.45 -63.89 8.82
N MET M 97 16.90 -64.41 7.72
CA MET M 97 15.47 -64.65 7.62
C MET M 97 15.19 -66.03 7.03
N THR M 98 14.19 -66.70 7.57
CA THR M 98 13.72 -67.97 7.03
C THR M 98 12.95 -67.73 5.73
N THR M 99 12.93 -68.74 4.86
CA THR M 99 12.27 -68.62 3.56
C THR M 99 10.80 -68.24 3.69
N ALA M 100 10.13 -68.65 4.76
CA ALA M 100 8.75 -68.24 4.95
C ALA M 100 8.65 -66.73 5.12
N GLN M 101 9.44 -66.17 6.03
CA GLN M 101 9.44 -64.73 6.23
C GLN M 101 9.97 -64.00 5.00
N ILE M 102 10.97 -64.57 4.33
CA ILE M 102 11.54 -63.93 3.15
C ILE M 102 10.53 -63.84 2.03
N SER M 103 9.76 -64.92 1.81
CA SER M 103 8.71 -64.90 0.80
C SER M 103 7.59 -63.94 1.18
N ALA M 104 7.18 -63.94 2.46
CA ALA M 104 6.16 -63.00 2.89
C ALA M 104 6.64 -61.56 2.76
N TYR M 105 7.96 -61.34 2.80
CA TYR M 105 8.50 -59.98 2.64
C TYR M 105 8.62 -59.57 1.17
N MET M 106 8.98 -60.50 0.27
CA MET M 106 9.00 -60.12 -1.15
C MET M 106 7.60 -59.94 -1.72
N VAL M 107 6.62 -60.71 -1.25
CA VAL M 107 5.25 -60.54 -1.75
C VAL M 107 4.66 -59.22 -1.22
N ALA M 108 5.01 -58.84 0.00
CA ALA M 108 4.39 -57.70 0.65
C ALA M 108 5.04 -56.38 0.27
N GLN M 109 6.38 -56.30 0.32
CA GLN M 109 7.07 -55.02 0.24
C GLN M 109 7.78 -54.78 -1.09
N VAL M 110 8.68 -55.67 -1.49
CA VAL M 110 9.52 -55.37 -2.65
C VAL M 110 8.70 -55.39 -3.93
N SER M 111 7.80 -56.36 -4.07
CA SER M 111 6.92 -56.40 -5.24
C SER M 111 5.75 -55.44 -5.09
N GLY M 112 5.26 -55.23 -3.87
CA GLY M 112 4.21 -54.26 -3.64
C GLY M 112 4.64 -52.83 -3.90
N GLY M 113 5.88 -52.50 -3.59
CA GLY M 113 6.38 -51.17 -3.87
C GLY M 113 6.68 -50.93 -5.33
N LEU M 114 6.95 -52.01 -6.08
CA LEU M 114 7.18 -51.91 -7.52
C LEU M 114 5.95 -52.30 -8.34
N LYS M 115 5.06 -53.11 -7.79
CA LYS M 115 3.86 -53.56 -8.47
C LYS M 115 4.21 -54.35 -9.73
N VAL M 116 5.02 -55.39 -9.53
CA VAL M 116 5.45 -56.25 -10.62
C VAL M 116 5.31 -57.70 -10.20
N ASP M 117 5.25 -58.58 -11.19
CA ASP M 117 5.14 -60.02 -10.96
C ASP M 117 6.50 -60.60 -10.61
N CYS M 118 6.50 -61.74 -9.91
CA CYS M 118 7.73 -62.39 -9.49
C CYS M 118 8.58 -62.82 -10.70
N SER M 119 7.96 -62.99 -11.86
CA SER M 119 8.72 -63.25 -13.08
C SER M 119 9.57 -62.05 -13.50
N TYR M 120 9.31 -60.87 -12.95
CA TYR M 120 10.10 -59.69 -13.31
C TYR M 120 11.55 -59.80 -12.86
N CYS M 121 11.84 -60.61 -11.84
CA CYS M 121 13.18 -60.71 -11.31
C CYS M 121 13.83 -62.07 -11.55
N HIS M 122 13.20 -63.14 -11.10
CA HIS M 122 13.81 -64.46 -11.07
C HIS M 122 12.78 -65.55 -11.34
N ASN M 123 13.29 -66.72 -11.76
CA ASN M 123 12.51 -67.67 -12.55
C ASN M 123 11.63 -68.55 -11.68
N ILE M 124 10.36 -68.69 -12.09
CA ILE M 124 9.36 -69.36 -11.26
C ILE M 124 9.67 -70.84 -11.11
N ALA M 125 10.29 -71.46 -12.13
CA ALA M 125 10.62 -72.88 -12.00
C ALA M 125 11.61 -73.13 -10.87
N ASN M 126 12.60 -72.25 -10.71
CA ASN M 126 13.57 -72.39 -9.62
C ASN M 126 13.91 -70.98 -9.14
N PHE M 127 13.44 -70.64 -7.94
CA PHE M 127 13.58 -69.28 -7.43
C PHE M 127 15.02 -68.92 -7.12
N ALA M 128 15.84 -69.90 -6.72
CA ALA M 128 17.18 -69.60 -6.22
C ALA M 128 18.26 -69.57 -7.31
N GLN M 129 17.94 -69.93 -8.54
CA GLN M 129 18.94 -69.87 -9.60
C GLN M 129 19.22 -68.42 -9.96
N GLN M 130 20.45 -68.16 -10.40
CA GLN M 130 20.96 -66.81 -10.56
C GLN M 130 21.05 -66.35 -12.01
N ASP M 131 21.76 -67.08 -12.86
CA ASP M 131 22.10 -66.63 -14.20
C ASP M 131 21.58 -67.59 -15.26
N GLY M 132 20.33 -68.03 -15.12
CA GLY M 132 19.73 -68.92 -16.09
C GLY M 132 18.49 -68.38 -16.78
N TYR M 133 18.41 -67.06 -16.91
CA TYR M 133 17.26 -66.42 -17.54
C TYR M 133 17.68 -65.04 -18.00
N PRO M 134 16.92 -64.42 -18.91
CA PRO M 134 17.31 -63.11 -19.44
C PRO M 134 17.02 -61.94 -18.52
N ASN M 135 16.51 -62.17 -17.32
CA ASN M 135 16.14 -61.10 -16.40
C ASN M 135 16.97 -61.13 -15.12
N ALA M 136 18.28 -61.39 -15.24
CA ALA M 136 19.16 -61.44 -14.07
C ALA M 136 19.76 -60.09 -13.72
N ALA M 137 20.02 -59.24 -14.72
CA ALA M 137 20.55 -57.91 -14.45
C ALA M 137 19.61 -57.11 -13.56
N LYS M 138 18.30 -57.28 -13.77
CA LYS M 138 17.34 -56.63 -12.89
C LYS M 138 17.46 -57.13 -11.45
N LYS M 139 17.74 -58.42 -11.27
CA LYS M 139 17.94 -58.96 -9.92
C LYS M 139 19.19 -58.39 -9.27
N VAL M 140 20.28 -58.25 -10.05
CA VAL M 140 21.49 -57.63 -9.52
C VAL M 140 21.23 -56.19 -9.11
N THR M 141 20.51 -55.45 -9.96
CA THR M 141 20.15 -54.08 -9.62
C THR M 141 19.26 -54.05 -8.38
N ALA M 142 18.38 -55.03 -8.22
CA ALA M 142 17.55 -55.09 -7.02
C ALA M 142 18.38 -55.29 -5.78
N ARG M 143 19.39 -56.18 -5.83
CA ARG M 143 20.27 -56.36 -4.68
C ARG M 143 21.03 -55.08 -4.36
N LYS M 144 21.53 -54.38 -5.38
CA LYS M 144 22.23 -53.13 -5.13
C LYS M 144 21.29 -52.08 -4.53
N MET M 145 20.05 -52.06 -5.00
CA MET M 145 19.03 -51.13 -4.45
C MET M 145 18.76 -51.45 -3.00
N MET M 146 18.69 -52.72 -2.67
CA MET M 146 18.45 -53.13 -1.28
C MET M 146 19.61 -52.72 -0.39
N LEU M 147 20.84 -52.94 -0.85
CA LEU M 147 22.01 -52.54 -0.07
C LEU M 147 22.03 -51.02 0.13
N MET M 148 21.66 -50.27 -0.91
CA MET M 148 21.58 -48.82 -0.78
C MET M 148 20.53 -48.42 0.26
N SER M 149 19.38 -49.10 0.26
CA SER M 149 18.35 -48.79 1.24
C SER M 149 18.83 -49.07 2.65
N ALA M 150 19.53 -50.19 2.84
CA ALA M 150 20.09 -50.51 4.16
C ALA M 150 21.09 -49.44 4.61
N ASP M 151 21.97 -49.02 3.69
CA ASP M 151 22.94 -47.99 4.01
C ASP M 151 22.26 -46.67 4.38
N LEU M 152 21.23 -46.29 3.63
CA LEU M 152 20.51 -45.05 3.93
C LEU M 152 19.82 -45.13 5.28
N ASN M 153 19.24 -46.29 5.61
CA ASN M 153 18.60 -46.45 6.91
C ASN M 153 19.61 -46.36 8.05
N GLN M 154 20.77 -46.98 7.89
CA GLN M 154 21.70 -47.12 9.01
C GLN M 154 22.60 -45.91 9.22
N ASN M 155 22.58 -44.91 8.33
CA ASN M 155 23.51 -43.78 8.45
C ASN M 155 22.84 -42.42 8.64
N TYR M 156 21.63 -42.22 8.12
CA TYR M 156 21.05 -40.88 8.20
C TYR M 156 19.71 -40.83 8.92
N THR M 157 18.86 -41.84 8.75
CA THR M 157 17.57 -41.83 9.43
C THR M 157 17.72 -42.10 10.92
N ALA M 158 18.79 -42.78 11.33
CA ALA M 158 19.02 -43.05 12.75
C ALA M 158 19.28 -41.77 13.53
N LYS M 159 19.97 -40.81 12.91
CA LYS M 159 20.33 -39.56 13.59
C LYS M 159 19.12 -38.72 13.95
N LEU M 160 17.97 -38.95 13.31
CA LEU M 160 16.79 -38.15 13.61
C LEU M 160 16.21 -38.54 14.97
N PRO M 161 15.68 -37.58 15.72
CA PRO M 161 15.10 -37.90 17.03
C PRO M 161 13.88 -38.80 16.90
N ALA M 162 13.52 -39.40 18.03
CA ALA M 162 12.38 -40.31 18.07
C ALA M 162 11.04 -39.59 18.00
N SER M 163 11.01 -38.28 18.26
CA SER M 163 9.76 -37.53 18.17
C SER M 163 9.21 -37.53 16.76
N VAL M 164 10.08 -37.55 15.75
CA VAL M 164 9.62 -37.62 14.37
C VAL M 164 8.92 -38.95 14.11
N GLY M 165 9.42 -40.02 14.70
CA GLY M 165 8.87 -41.35 14.51
C GLY M 165 9.94 -42.36 14.16
N GLY M 166 9.51 -43.62 14.12
CA GLY M 166 10.40 -44.71 13.81
C GLY M 166 10.33 -45.14 12.36
N TYR M 167 9.80 -44.26 11.50
CA TYR M 167 9.63 -44.59 10.09
C TYR M 167 10.97 -44.82 9.41
N GLN M 168 10.99 -45.80 8.50
CA GLN M 168 12.22 -46.23 7.85
C GLN M 168 12.02 -46.32 6.35
N ILE M 169 13.11 -46.11 5.61
CA ILE M 169 13.05 -46.13 4.15
C ILE M 169 12.92 -47.56 3.65
N THR M 170 12.14 -47.73 2.59
CA THR M 170 11.93 -49.05 1.99
C THR M 170 11.81 -48.87 0.48
N CYS M 171 11.35 -49.93 -0.21
CA CYS M 171 11.29 -49.89 -1.66
C CYS M 171 10.19 -48.96 -2.16
N ALA M 172 9.04 -48.96 -1.50
CA ALA M 172 7.93 -48.13 -1.92
C ALA M 172 8.14 -46.65 -1.62
N THR M 173 9.18 -46.30 -0.85
CA THR M 173 9.40 -44.90 -0.53
C THR M 173 9.74 -44.08 -1.77
N CYS M 174 10.59 -44.60 -2.64
CA CYS M 174 10.98 -43.89 -3.86
C CYS M 174 10.15 -44.31 -5.06
N HIS M 175 10.03 -45.62 -5.30
CA HIS M 175 9.41 -46.10 -6.53
C HIS M 175 7.91 -45.86 -6.55
N ASN M 176 7.25 -45.93 -5.39
CA ASN M 176 5.84 -45.55 -5.24
C ASN M 176 4.92 -46.34 -6.18
N GLY M 177 5.24 -47.60 -6.41
CA GLY M 177 4.40 -48.44 -7.26
C GLY M 177 4.75 -48.45 -8.73
N LYS M 178 5.89 -47.90 -9.11
CA LYS M 178 6.35 -47.92 -10.50
C LYS M 178 7.72 -48.57 -10.55
N ALA M 179 7.84 -49.60 -11.38
CA ALA M 179 9.11 -50.32 -11.53
C ALA M 179 10.18 -49.40 -12.10
N ALA M 180 9.97 -48.91 -13.32
CA ALA M 180 10.86 -47.97 -13.97
C ALA M 180 10.04 -46.80 -14.51
N GLY M 181 10.74 -45.75 -14.90
CA GLY M 181 10.08 -44.52 -15.29
C GLY M 181 9.87 -43.53 -14.17
N LEU M 182 10.47 -43.77 -13.01
CA LEU M 182 10.41 -42.83 -11.90
C LEU M 182 10.96 -41.48 -12.34
N GLU M 183 10.24 -40.41 -11.97
CA GLU M 183 10.61 -39.06 -12.41
C GLU M 183 10.63 -38.10 -11.23
N PRO M 184 11.80 -37.66 -10.79
CA PRO M 184 11.88 -36.47 -9.95
C PRO M 184 11.77 -35.21 -10.79
N TYR M 185 11.29 -34.14 -10.15
CA TYR M 185 11.02 -32.89 -10.83
C TYR M 185 10.01 -33.06 -11.95
N PRO M 186 8.76 -33.44 -11.64
CA PRO M 186 7.73 -33.46 -12.69
C PRO M 186 7.33 -32.05 -13.10
N ILE M 187 6.43 -31.94 -14.08
CA ILE M 187 5.98 -30.62 -14.51
C ILE M 187 5.09 -29.96 -13.46
N GLU M 188 4.46 -30.74 -12.58
CA GLU M 188 3.56 -30.17 -11.59
C GLU M 188 4.31 -29.28 -10.60
N ILE M 189 5.48 -29.73 -10.13
CA ILE M 189 6.19 -29.03 -9.06
C ILE M 189 7.08 -27.90 -9.57
N MET M 190 7.12 -27.67 -10.88
CA MET M 190 7.96 -26.64 -11.48
C MET M 190 7.17 -25.38 -11.80
N ASN M 191 6.21 -25.02 -10.94
CA ASN M 191 5.24 -23.97 -11.23
C ASN M 191 5.88 -22.61 -11.48
N THR M 192 6.53 -22.04 -10.46
CA THR M 192 7.08 -20.69 -10.56
C THR M 192 8.60 -20.69 -10.68
N LEU M 193 9.19 -21.84 -10.95
CA LEU M 193 10.63 -21.96 -11.16
C LEU M 193 10.94 -22.18 -12.63
N PRO M 194 12.15 -21.85 -13.07
CA PRO M 194 12.58 -22.26 -14.41
C PRO M 194 12.55 -23.77 -14.54
N ASN M 195 12.14 -24.23 -15.72
CA ASN M 195 11.96 -25.66 -15.93
C ASN M 195 13.27 -26.44 -16.03
N ASP M 196 14.40 -25.75 -16.17
CA ASP M 196 15.70 -26.39 -16.16
C ASP M 196 16.32 -26.46 -14.77
N TRP M 197 15.69 -25.87 -13.77
CA TRP M 197 16.29 -25.79 -12.43
C TRP M 197 16.37 -27.18 -11.80
N ARG M 198 17.47 -27.41 -11.07
CA ARG M 198 17.69 -28.63 -10.32
C ARG M 198 18.30 -28.28 -8.97
N LEU M 199 18.13 -29.18 -8.01
CA LEU M 199 18.73 -28.99 -6.70
C LEU M 199 20.25 -28.97 -6.84
N PRO M 200 20.93 -27.97 -6.31
CA PRO M 200 22.39 -27.83 -6.46
C PRO M 200 23.21 -28.72 -5.53
N LEU M 201 23.39 -29.97 -5.94
CA LEU M 201 24.06 -30.97 -5.14
C LEU M 201 25.58 -30.89 -5.21
N GLU M 202 26.13 -29.75 -5.64
CA GLU M 202 27.57 -29.51 -5.69
C GLU M 202 28.13 -28.80 -4.45
N LEU M 203 27.28 -28.33 -3.54
CA LEU M 203 27.72 -27.47 -2.43
C LEU M 203 27.81 -28.22 -1.10
N ASP M 204 28.38 -27.54 -0.11
CA ASP M 204 28.55 -28.09 1.23
C ASP M 204 27.44 -27.53 2.14
N TYR M 205 26.49 -28.40 2.47
CA TYR M 205 25.18 -28.07 3.04
C TYR M 205 25.09 -27.58 4.49
N PRO M 206 26.03 -27.91 5.39
CA PRO M 206 25.99 -27.26 6.70
C PRO M 206 26.09 -25.74 6.62
N GLY M 207 26.67 -25.22 5.54
CA GLY M 207 26.75 -23.79 5.32
C GLY M 207 26.62 -23.38 3.87
N GLY M 208 26.00 -24.23 3.04
CA GLY M 208 25.96 -24.00 1.62
C GLY M 208 25.09 -22.85 1.13
N LEU M 209 23.85 -22.76 1.62
CA LEU M 209 22.89 -21.78 1.12
C LEU M 209 22.74 -20.58 2.05
N VAL M 210 23.78 -20.20 2.77
CA VAL M 210 23.71 -19.05 3.68
C VAL M 210 23.94 -17.77 2.87
N VAL M 211 23.04 -16.81 3.02
CA VAL M 211 23.10 -15.59 2.21
C VAL M 211 22.96 -14.34 3.06
N THR M 212 22.54 -14.48 4.32
CA THR M 212 22.16 -13.33 5.12
C THR M 212 23.40 -12.54 5.55
N GLY M 213 23.41 -11.25 5.19
CA GLY M 213 24.47 -10.35 5.64
C GLY M 213 25.86 -10.75 5.23
N ARG M 214 26.03 -11.26 4.00
CA ARG M 214 27.31 -11.81 3.58
C ARG M 214 28.24 -10.77 3.00
N LYS M 215 27.72 -9.85 2.18
CA LYS M 215 28.44 -8.77 1.52
C LYS M 215 29.32 -9.24 0.38
N ASP M 216 29.42 -10.55 0.14
CA ASP M 216 30.17 -11.08 -0.99
C ASP M 216 29.26 -11.65 -2.08
N VAL M 217 27.94 -11.60 -1.87
CA VAL M 217 26.97 -12.11 -2.83
C VAL M 217 25.96 -11.02 -3.15
N SER M 218 25.06 -11.31 -4.07
CA SER M 218 24.06 -10.35 -4.51
C SER M 218 22.76 -11.10 -4.80
N ASN M 219 21.83 -10.43 -5.48
CA ASN M 219 20.50 -10.97 -5.70
C ASN M 219 20.50 -12.23 -6.56
N HIS M 220 21.58 -12.52 -7.29
CA HIS M 220 21.68 -13.76 -8.04
C HIS M 220 21.70 -14.98 -7.10
N GLU M 221 22.60 -14.93 -6.11
CA GLU M 221 22.69 -16.02 -5.14
C GLU M 221 21.40 -16.13 -4.32
N VAL M 222 20.82 -14.98 -3.97
CA VAL M 222 19.57 -14.98 -3.22
C VAL M 222 18.45 -15.60 -4.06
N GLU M 223 18.46 -15.35 -5.37
CA GLU M 223 17.47 -15.96 -6.25
C GLU M 223 17.61 -17.48 -6.27
N GLN M 224 18.85 -17.97 -6.36
CA GLN M 224 19.07 -19.41 -6.32
C GLN M 224 18.59 -20.00 -4.99
N ASN M 225 18.92 -19.32 -3.89
CA ASN M 225 18.49 -19.77 -2.57
C ASN M 225 16.97 -19.79 -2.47
N GLN M 226 16.31 -18.79 -3.04
CA GLN M 226 14.85 -18.74 -3.00
C GLN M 226 14.24 -19.86 -3.82
N PHE M 227 14.85 -20.20 -4.96
CA PHE M 227 14.39 -21.35 -5.73
C PHE M 227 14.46 -22.63 -4.91
N ALA M 228 15.60 -22.85 -4.23
CA ALA M 228 15.74 -24.04 -3.40
C ALA M 228 14.72 -24.04 -2.27
N MET M 229 14.51 -22.88 -1.64
CA MET M 229 13.59 -22.80 -0.51
C MET M 229 12.16 -23.05 -0.96
N TYR M 230 11.77 -22.56 -2.14
CA TYR M 230 10.42 -22.83 -2.62
C TYR M 230 10.25 -24.30 -2.99
N HIS M 231 11.28 -24.93 -3.52
CA HIS M 231 11.21 -26.37 -3.75
C HIS M 231 10.99 -27.11 -2.43
N MET M 232 11.70 -26.70 -1.38
CA MET M 232 11.48 -27.29 -0.07
C MET M 232 10.06 -27.05 0.43
N ASN M 233 9.51 -25.86 0.18
CA ASN M 233 8.13 -25.57 0.56
C ASN M 233 7.15 -26.49 -0.15
N VAL M 234 7.35 -26.70 -1.46
CA VAL M 234 6.43 -27.52 -2.23
C VAL M 234 6.54 -28.99 -1.83
N SER M 235 7.76 -29.46 -1.53
CA SER M 235 7.94 -30.86 -1.19
C SER M 235 7.23 -31.24 0.10
N MET M 236 7.17 -30.33 1.07
CA MET M 236 6.53 -30.59 2.35
C MET M 236 5.08 -30.14 2.41
N GLY M 237 4.74 -29.05 1.74
CA GLY M 237 3.38 -28.56 1.74
C GLY M 237 2.96 -27.81 2.98
N GLN M 238 3.90 -27.42 3.84
CA GLN M 238 3.60 -26.74 5.08
C GLN M 238 3.89 -25.24 5.02
N GLY M 239 4.32 -24.73 3.87
CA GLY M 239 4.66 -23.33 3.77
C GLY M 239 6.03 -22.99 4.33
N CYS M 240 6.42 -21.74 4.23
CA CYS M 240 7.75 -21.27 4.59
C CYS M 240 7.99 -21.20 6.09
N THR M 241 6.95 -21.31 6.92
CA THR M 241 7.09 -21.14 8.36
C THR M 241 7.32 -22.48 9.07
N PHE M 242 7.42 -23.56 8.29
CA PHE M 242 7.62 -24.89 8.85
C PHE M 242 8.99 -25.07 9.48
N CYS M 243 10.03 -24.47 8.88
CA CYS M 243 11.39 -24.63 9.38
C CYS M 243 12.03 -23.30 9.78
N HIS M 244 11.31 -22.19 9.67
CA HIS M 244 11.89 -20.87 9.87
C HIS M 244 11.01 -20.01 10.77
N ASN M 245 11.65 -19.09 11.47
CA ASN M 245 10.98 -17.98 12.14
C ASN M 245 11.22 -16.77 11.25
N ALA M 246 10.16 -16.25 10.63
CA ALA M 246 10.31 -15.26 9.57
C ALA M 246 10.93 -13.95 10.05
N ARG M 247 10.98 -13.70 11.37
CA ARG M 247 11.66 -12.52 11.87
C ARG M 247 13.18 -12.62 11.75
N TYR M 248 13.73 -13.82 11.70
CA TYR M 248 15.16 -14.00 11.52
C TYR M 248 15.39 -15.38 10.94
N PHE M 249 15.67 -15.44 9.64
CA PHE M 249 15.87 -16.69 8.90
C PHE M 249 17.09 -17.50 9.37
N PRO M 250 18.25 -16.88 9.67
CA PRO M 250 19.39 -17.67 10.13
C PRO M 250 19.21 -18.35 11.49
N SER M 251 18.09 -18.10 12.16
CA SER M 251 17.87 -18.65 13.49
C SER M 251 17.65 -20.16 13.44
N TYR M 252 18.03 -20.82 14.54
CA TYR M 252 17.83 -22.26 14.73
C TYR M 252 16.93 -22.43 15.95
N GLU M 253 15.61 -22.41 15.72
CA GLU M 253 14.63 -22.51 16.79
C GLU M 253 13.64 -23.65 16.59
N ILE M 254 13.07 -23.77 15.39
CA ILE M 254 11.88 -24.59 15.18
C ILE M 254 12.18 -26.09 15.18
N ALA M 255 13.44 -26.48 15.09
CA ALA M 255 13.90 -27.87 15.26
C ALA M 255 13.65 -28.78 14.06
N GLN M 256 12.92 -28.32 13.05
CA GLN M 256 12.93 -29.01 11.76
C GLN M 256 13.96 -28.44 10.79
N LYS M 257 14.69 -27.38 11.17
CA LYS M 257 15.77 -26.88 10.34
C LYS M 257 17.02 -27.75 10.43
N ASN M 258 17.15 -28.57 11.47
CA ASN M 258 18.24 -29.52 11.62
C ASN M 258 17.96 -30.83 10.88
N HIS M 259 16.73 -31.33 11.03
CA HIS M 259 16.31 -32.51 10.26
C HIS M 259 16.46 -32.25 8.76
N SER M 260 16.16 -31.03 8.32
CA SER M 260 16.39 -30.65 6.93
C SER M 260 17.87 -30.70 6.59
N ILE M 261 18.76 -30.38 7.54
CA ILE M 261 20.19 -30.50 7.30
C ILE M 261 20.58 -31.96 7.08
N ILE M 262 20.04 -32.85 7.91
CA ILE M 262 20.34 -34.27 7.74
C ILE M 262 19.81 -34.77 6.40
N MET M 263 18.62 -34.32 6.01
CA MET M 263 18.06 -34.63 4.70
C MET M 263 18.95 -34.13 3.56
N LEU M 264 19.47 -32.90 3.69
CA LEU M 264 20.33 -32.36 2.64
C LEU M 264 21.62 -33.17 2.52
N GLN M 265 22.22 -33.53 3.66
CA GLN M 265 23.42 -34.37 3.62
C GLN M 265 23.14 -35.74 3.03
N MET M 266 22.00 -36.33 3.38
CA MET M 266 21.64 -37.64 2.84
C MET M 266 21.43 -37.58 1.33
N THR M 267 20.75 -36.53 0.85
CA THR M 267 20.53 -36.38 -0.58
C THR M 267 21.85 -36.18 -1.32
N LYS M 268 22.75 -35.37 -0.75
CA LYS M 268 24.07 -35.20 -1.38
C LYS M 268 24.84 -36.52 -1.42
N HIS M 269 24.76 -37.30 -0.33
CA HIS M 269 25.40 -38.61 -0.31
C HIS M 269 24.82 -39.53 -1.38
N ILE M 270 23.50 -39.51 -1.53
CA ILE M 270 22.85 -40.33 -2.55
C ILE M 270 23.34 -39.93 -3.94
N GLN M 271 23.41 -38.63 -4.20
CA GLN M 271 23.87 -38.17 -5.51
C GLN M 271 25.33 -38.51 -5.75
N GLU M 272 26.17 -38.47 -4.73
CA GLU M 272 27.59 -38.69 -4.92
C GLU M 272 27.97 -40.17 -4.96
N THR M 273 27.19 -41.03 -4.31
CA THR M 273 27.57 -42.44 -4.18
C THR M 273 26.90 -43.35 -5.20
N TYR M 274 25.62 -43.13 -5.50
CA TYR M 274 24.86 -44.06 -6.32
C TYR M 274 24.41 -43.50 -7.66
N VAL M 275 24.06 -42.22 -7.73
CA VAL M 275 23.53 -41.68 -8.98
C VAL M 275 24.64 -41.54 -10.02
N ALA M 276 25.77 -40.95 -9.64
CA ALA M 276 26.87 -40.70 -10.57
C ALA M 276 28.20 -40.79 -9.83
N PRO M 277 28.62 -42.01 -9.47
CA PRO M 277 29.95 -42.18 -8.89
C PRO M 277 31.02 -42.21 -9.98
N GLY M 278 31.77 -41.11 -10.11
CA GLY M 278 32.76 -41.01 -11.16
C GLY M 278 32.17 -41.18 -12.55
N GLY M 279 31.01 -40.56 -12.79
CA GLY M 279 30.37 -40.67 -14.08
C GLY M 279 29.08 -41.47 -14.04
N ARG M 280 27.98 -40.86 -14.51
CA ARG M 280 26.69 -41.52 -14.52
C ARG M 280 26.55 -42.55 -15.65
N ILE M 281 27.37 -42.44 -16.68
CA ILE M 281 27.21 -43.30 -17.85
C ILE M 281 27.46 -44.76 -17.49
N ALA M 282 28.43 -45.00 -16.62
CA ALA M 282 28.74 -46.35 -16.17
C ALA M 282 29.06 -46.34 -14.68
N ASP M 283 28.98 -47.52 -14.08
CA ASP M 283 29.24 -47.69 -12.65
C ASP M 283 28.27 -46.82 -11.85
N GLY M 284 27.00 -46.83 -12.25
CA GLY M 284 25.98 -46.12 -11.51
C GLY M 284 24.58 -46.70 -11.65
N ILE M 285 23.96 -47.03 -10.53
CA ILE M 285 22.55 -47.41 -10.50
C ILE M 285 21.73 -46.12 -10.45
N MET M 286 20.42 -46.24 -10.64
CA MET M 286 19.42 -45.17 -10.65
C MET M 286 19.35 -44.47 -12.00
N ALA M 287 20.09 -44.95 -13.01
CA ALA M 287 19.95 -44.49 -14.39
C ALA M 287 20.28 -43.01 -14.53
N GLY M 288 21.12 -42.48 -13.66
CA GLY M 288 21.52 -41.09 -13.75
C GLY M 288 20.44 -40.09 -13.39
N LYS M 289 19.38 -40.53 -12.71
CA LYS M 289 18.28 -39.65 -12.32
C LYS M 289 18.57 -39.11 -10.94
N SER M 290 18.95 -37.83 -10.87
CA SER M 290 19.29 -37.22 -9.59
C SER M 290 18.06 -37.15 -8.69
N PRO M 291 18.26 -37.20 -7.38
CA PRO M 291 17.13 -37.19 -6.44
C PRO M 291 16.66 -35.77 -6.12
N SER M 292 15.53 -35.71 -5.42
CA SER M 292 14.96 -34.45 -4.98
C SER M 292 14.08 -34.72 -3.76
N CYS M 293 13.74 -33.64 -3.05
CA CYS M 293 12.90 -33.78 -1.86
C CYS M 293 11.51 -34.29 -2.22
N TRP M 294 11.03 -33.99 -3.43
CA TRP M 294 9.71 -34.44 -3.84
C TRP M 294 9.68 -35.93 -4.15
N LEU M 295 10.84 -36.55 -4.40
CA LEU M 295 10.87 -37.95 -4.82
C LEU M 295 10.29 -38.86 -3.76
N CYS M 296 10.64 -38.63 -2.50
CA CYS M 296 10.12 -39.44 -1.39
C CYS M 296 8.94 -38.79 -0.69
N HIS M 297 9.00 -37.48 -0.49
CA HIS M 297 8.05 -36.82 0.41
C HIS M 297 6.71 -36.57 -0.29
N GLN M 298 6.74 -36.05 -1.52
CA GLN M 298 5.55 -35.95 -2.36
C GLN M 298 4.46 -35.08 -1.74
N GLY M 299 4.85 -34.04 -1.01
CA GLY M 299 3.90 -33.10 -0.46
C GLY M 299 3.44 -33.38 0.96
N ALA M 300 4.12 -34.26 1.69
CA ALA M 300 3.79 -34.55 3.07
C ALA M 300 5.06 -34.56 3.90
N ASN M 301 4.90 -34.30 5.20
CA ASN M 301 6.05 -34.28 6.09
C ASN M 301 6.72 -35.64 6.16
N ILE M 302 5.94 -36.68 6.43
CA ILE M 302 6.43 -38.05 6.39
C ILE M 302 6.07 -38.64 5.03
N PRO M 303 7.00 -39.29 4.33
CA PRO M 303 6.68 -39.86 3.01
C PRO M 303 5.55 -40.88 3.11
N PRO M 304 4.63 -40.87 2.14
CA PRO M 304 3.54 -41.86 2.18
C PRO M 304 4.01 -43.30 2.13
N GLY M 305 5.09 -43.58 1.41
CA GLY M 305 5.63 -44.91 1.33
C GLY M 305 6.53 -45.34 2.46
N ALA M 306 6.78 -44.45 3.42
CA ALA M 306 7.64 -44.80 4.55
C ALA M 306 6.99 -45.89 5.39
N ALA M 307 7.81 -46.83 5.85
CA ALA M 307 7.33 -47.95 6.64
C ALA M 307 7.30 -47.60 8.12
N LYS M 308 6.31 -48.14 8.83
CA LYS M 308 6.20 -47.92 10.26
C LYS M 308 7.32 -48.65 10.99
N PRO M 309 7.64 -48.22 12.21
CA PRO M 309 8.80 -48.78 12.92
C PRO M 309 8.62 -50.26 13.22
N GLY M 310 9.64 -51.04 12.89
CA GLY M 310 9.66 -52.46 13.20
C GLY M 310 9.09 -53.37 12.14
N GLN M 311 8.90 -52.89 10.92
CA GLN M 311 8.28 -53.69 9.87
C GLN M 311 9.25 -54.22 8.84
N VAL M 312 10.31 -53.48 8.52
CA VAL M 312 11.29 -53.93 7.55
C VAL M 312 12.15 -55.00 8.20
N PRO M 313 12.90 -55.80 7.42
CA PRO M 313 13.76 -56.82 8.02
C PRO M 313 14.85 -56.20 8.88
N ALA M 314 15.30 -56.96 9.87
CA ALA M 314 16.26 -56.45 10.85
C ALA M 314 17.58 -56.05 10.20
N VAL M 315 17.96 -56.73 9.10
CA VAL M 315 19.20 -56.36 8.43
C VAL M 315 19.09 -54.98 7.80
N LEU M 316 17.92 -54.62 7.29
CA LEU M 316 17.72 -53.34 6.62
C LEU M 316 17.18 -52.25 7.53
N SER M 317 16.83 -52.57 8.77
CA SER M 317 16.27 -51.58 9.68
C SER M 317 17.34 -50.57 10.10
N SER M 318 16.87 -49.43 10.63
CA SER M 318 17.79 -48.41 11.09
C SER M 318 18.65 -48.89 12.25
N THR M 319 18.13 -49.81 13.06
CA THR M 319 18.88 -50.43 14.15
C THR M 319 18.95 -51.93 13.89
N PRO M 320 20.06 -52.45 13.34
CA PRO M 320 20.16 -53.87 12.99
C PRO M 320 20.40 -54.75 14.21
N ARG N 4 15.46 33.96 -35.11
CA ARG N 4 16.52 33.07 -34.63
C ARG N 4 15.94 31.74 -34.14
N PRO N 5 16.49 30.63 -34.65
CA PRO N 5 15.91 29.32 -34.32
C PRO N 5 16.15 28.89 -32.88
N PHE N 6 17.27 29.27 -32.27
CA PHE N 6 17.63 28.77 -30.95
C PHE N 6 18.22 29.89 -30.10
N GLU N 7 17.81 29.94 -28.84
CA GLU N 7 18.42 30.87 -27.89
C GLU N 7 19.87 30.48 -27.63
N PHE N 8 20.69 31.49 -27.31
CA PHE N 8 22.06 31.22 -26.91
C PHE N 8 22.11 30.47 -25.59
N ARG N 9 21.22 30.84 -24.66
CA ARG N 9 21.17 30.19 -23.35
C ARG N 9 20.84 28.71 -23.49
N THR N 10 19.89 28.37 -24.35
CA THR N 10 19.52 26.97 -24.54
C THR N 10 20.68 26.16 -25.09
N SER N 11 21.38 26.70 -26.09
CA SER N 11 22.53 26.02 -26.65
C SER N 11 23.61 25.80 -25.60
N VAL N 12 23.90 26.84 -24.81
CA VAL N 12 24.95 26.74 -23.80
C VAL N 12 24.59 25.69 -22.76
N VAL N 13 23.35 25.73 -22.26
CA VAL N 13 22.96 24.78 -21.20
C VAL N 13 22.96 23.35 -21.73
N VAL N 14 22.43 23.14 -22.94
CA VAL N 14 22.38 21.80 -23.50
C VAL N 14 23.79 21.25 -23.71
N SER N 15 24.67 22.07 -24.28
CA SER N 15 26.04 21.62 -24.54
C SER N 15 26.77 21.31 -23.25
N THR N 16 26.63 22.17 -22.23
CA THR N 16 27.33 21.93 -20.97
C THR N 16 26.82 20.65 -20.29
N LEU N 17 25.50 20.45 -20.27
CA LEU N 17 24.95 19.24 -19.66
C LEU N 17 25.42 18.00 -20.40
N LEU N 18 25.40 18.03 -21.73
CA LEU N 18 25.85 16.88 -22.52
C LEU N 18 27.32 16.59 -22.26
N GLY N 19 28.16 17.64 -22.22
CA GLY N 19 29.57 17.42 -21.98
C GLY N 19 29.85 16.83 -20.60
N LEU N 20 29.18 17.35 -19.58
CA LEU N 20 29.39 16.82 -18.23
C LEU N 20 28.94 15.37 -18.12
N VAL N 21 27.77 15.05 -18.69
CA VAL N 21 27.27 13.69 -18.65
C VAL N 21 28.22 12.75 -19.39
N MET N 22 28.71 13.17 -20.56
CA MET N 22 29.60 12.33 -21.34
C MET N 22 30.93 12.12 -20.61
N ALA N 23 31.46 13.15 -19.97
CA ALA N 23 32.71 13.00 -19.22
C ALA N 23 32.54 12.01 -18.09
N LEU N 24 31.45 12.13 -17.32
CA LEU N 24 31.22 11.21 -16.22
C LEU N 24 31.06 9.77 -16.73
N LEU N 25 30.28 9.60 -17.79
CA LEU N 25 30.06 8.26 -18.33
C LEU N 25 31.36 7.64 -18.83
N ILE N 26 32.16 8.42 -19.56
CA ILE N 26 33.40 7.89 -20.11
C ILE N 26 34.37 7.52 -18.99
N HIS N 27 34.49 8.36 -17.97
CA HIS N 27 35.34 8.03 -16.84
C HIS N 27 34.86 6.75 -16.15
N PHE N 28 33.55 6.61 -15.94
CA PHE N 28 33.06 5.44 -15.22
C PHE N 28 33.30 4.17 -16.02
N VAL N 29 33.05 4.22 -17.33
CA VAL N 29 33.28 3.04 -18.17
C VAL N 29 34.76 2.69 -18.23
N VAL N 30 35.64 3.69 -18.32
CA VAL N 30 37.06 3.39 -18.41
C VAL N 30 37.58 2.83 -17.09
N LEU N 31 37.12 3.36 -15.95
CA LEU N 31 37.55 2.82 -14.67
C LEU N 31 37.03 1.41 -14.44
N SER N 32 35.75 1.17 -14.72
CA SER N 32 35.15 -0.12 -14.41
C SER N 32 35.66 -1.25 -15.30
N SER N 33 36.38 -0.94 -16.38
CA SER N 33 36.87 -1.97 -17.28
C SER N 33 38.04 -2.75 -16.71
N GLY N 34 38.81 -2.16 -15.79
CA GLY N 34 39.94 -2.85 -15.21
C GLY N 34 41.02 -3.21 -16.20
N ALA N 35 41.33 -2.30 -17.13
CA ALA N 35 42.34 -2.55 -18.15
C ALA N 35 43.46 -1.53 -18.15
N PHE N 36 43.55 -0.68 -17.12
CA PHE N 36 44.55 0.38 -17.08
C PHE N 36 45.46 0.35 -15.86
N ASN N 37 45.10 -0.38 -14.81
CA ASN N 37 45.87 -0.45 -13.58
C ASN N 37 45.91 0.93 -12.88
N TRP N 38 44.72 1.46 -12.64
CA TRP N 38 44.56 2.75 -11.98
C TRP N 38 43.73 2.57 -10.72
N LEU N 39 44.18 3.17 -9.63
CA LEU N 39 43.52 3.04 -8.32
C LEU N 39 43.45 1.56 -7.91
N ARG N 40 44.64 1.01 -7.67
CA ARG N 40 44.80 -0.39 -7.27
C ARG N 40 44.33 -1.32 -8.39
N ALA N 41 44.92 -1.14 -9.56
CA ALA N 41 44.64 -1.96 -10.73
C ALA N 41 43.16 -1.88 -11.13
N ASN O 7 23.80 46.08 -30.71
CA ASN O 7 24.55 45.01 -31.38
C ASN O 7 25.59 45.53 -32.37
N ASP O 8 26.18 46.68 -32.08
CA ASP O 8 27.13 47.31 -33.00
C ASP O 8 28.48 46.63 -33.03
N LEU O 9 28.82 45.84 -32.00
CA LEU O 9 30.08 45.13 -31.98
C LEU O 9 30.05 43.82 -32.75
N VAL O 10 28.86 43.30 -33.05
CA VAL O 10 28.76 42.05 -33.80
C VAL O 10 29.18 42.30 -35.24
N PRO O 11 29.85 41.35 -35.90
CA PRO O 11 30.16 41.51 -37.32
C PRO O 11 28.90 41.59 -38.16
N ASP O 12 29.06 42.09 -39.39
CA ASP O 12 27.89 42.31 -40.26
C ASP O 12 27.17 41.01 -40.56
N GLN O 13 27.91 39.91 -40.71
CA GLN O 13 27.30 38.66 -41.15
C GLN O 13 26.47 37.99 -40.06
N TRP O 14 26.84 38.15 -38.78
CA TRP O 14 26.10 37.50 -37.70
C TRP O 14 25.20 38.47 -36.92
N LYS O 15 24.93 39.66 -37.46
CA LYS O 15 24.03 40.58 -36.77
C LYS O 15 22.62 40.03 -36.51
N PRO O 16 21.94 39.36 -37.45
CA PRO O 16 20.57 38.90 -37.16
C PRO O 16 20.50 37.75 -36.16
N LEU O 17 21.63 37.24 -35.68
CA LEU O 17 21.65 36.11 -34.76
C LEU O 17 22.18 36.46 -33.37
N PHE O 18 23.10 37.41 -33.26
CA PHE O 18 23.81 37.65 -32.00
C PHE O 18 23.52 39.03 -31.44
N ASN O 19 23.29 39.07 -30.13
CA ASN O 19 23.14 40.32 -29.39
C ASN O 19 24.55 40.82 -29.05
N ASN O 20 24.67 42.06 -28.58
CA ASN O 20 25.97 42.61 -28.23
C ASN O 20 26.57 41.99 -26.99
N ALA O 21 25.74 41.57 -26.03
CA ALA O 21 26.22 40.94 -24.81
C ALA O 21 26.50 39.45 -24.97
N GLN O 22 25.89 38.80 -25.96
CA GLN O 22 26.12 37.38 -26.18
C GLN O 22 27.38 37.09 -26.97
N TRP O 23 27.88 38.07 -27.74
CA TRP O 23 29.11 37.88 -28.51
C TRP O 23 30.31 37.64 -27.59
N LEU O 24 30.40 38.41 -26.50
CA LEU O 24 31.51 38.24 -25.57
C LEU O 24 31.48 36.88 -24.90
N VAL O 25 30.30 36.43 -24.47
CA VAL O 25 30.16 35.12 -23.84
C VAL O 25 30.51 34.02 -24.85
N HIS O 26 30.09 34.21 -26.10
CA HIS O 26 30.43 33.23 -27.13
C HIS O 26 31.95 33.16 -27.34
N ASP O 27 32.62 34.31 -27.33
CA ASP O 27 34.07 34.32 -27.46
C ASP O 27 34.73 33.58 -26.30
N ILE O 28 34.23 33.80 -25.09
CA ILE O 28 34.77 33.12 -23.92
C ILE O 28 34.58 31.61 -24.05
N VAL O 29 33.40 31.19 -24.48
CA VAL O 29 33.12 29.77 -24.65
C VAL O 29 34.03 29.15 -25.70
N VAL O 30 34.25 29.86 -26.81
CA VAL O 30 35.11 29.34 -27.87
C VAL O 30 36.54 29.15 -27.36
N LYS O 31 37.05 30.14 -26.64
CA LYS O 31 38.40 30.04 -26.10
C LYS O 31 38.52 28.88 -25.11
N THR O 32 37.53 28.73 -24.23
CA THR O 32 37.54 27.62 -23.28
C THR O 32 37.52 26.28 -24.00
N ILE O 33 36.69 26.17 -25.05
CA ILE O 33 36.59 24.92 -25.79
C ILE O 33 37.92 24.56 -26.44
N TYR O 34 38.59 25.56 -27.04
CA TYR O 34 39.87 25.26 -27.70
C TYR O 34 40.93 24.86 -26.68
N GLY O 35 40.99 25.54 -25.54
CA GLY O 35 41.92 25.13 -24.50
C GLY O 35 41.66 23.72 -24.00
N GLY O 36 40.38 23.39 -23.79
CA GLY O 36 40.03 22.03 -23.38
C GLY O 36 40.40 21.00 -24.42
N LEU O 37 40.24 21.33 -25.70
CA LEU O 37 40.62 20.41 -26.77
C LEU O 37 42.12 20.15 -26.74
N ILE O 38 42.92 21.20 -26.55
CA ILE O 38 44.38 21.02 -26.48
C ILE O 38 44.74 20.12 -25.30
N ILE O 39 44.14 20.38 -24.13
CA ILE O 39 44.45 19.58 -22.95
C ILE O 39 44.03 18.13 -23.17
N ALA O 40 42.89 17.92 -23.82
CA ALA O 40 42.42 16.57 -24.09
C ALA O 40 43.37 15.83 -25.02
N VAL O 41 43.88 16.50 -26.05
CA VAL O 41 44.83 15.87 -26.95
C VAL O 41 46.09 15.46 -26.19
N ILE O 42 46.60 16.34 -25.33
CA ILE O 42 47.80 16.02 -24.56
C ILE O 42 47.54 14.83 -23.63
N ALA O 43 46.39 14.83 -22.96
CA ALA O 43 46.07 13.73 -22.05
C ALA O 43 45.95 12.41 -22.81
N HIS O 44 45.31 12.44 -23.98
CA HIS O 44 45.16 11.22 -24.76
C HIS O 44 46.51 10.68 -25.23
N VAL O 45 47.40 11.56 -25.69
CA VAL O 45 48.70 11.09 -26.15
C VAL O 45 49.50 10.52 -24.98
N LEU O 46 49.41 11.14 -23.80
CA LEU O 46 50.09 10.60 -22.63
C LEU O 46 49.53 9.23 -22.25
N CYS O 47 48.21 9.09 -22.27
CA CYS O 47 47.60 7.82 -21.92
C CYS O 47 47.99 6.72 -22.90
N TRP O 48 48.07 7.06 -24.19
CA TRP O 48 48.50 6.06 -25.18
C TRP O 48 49.95 5.68 -24.96
N ALA O 49 50.82 6.67 -24.69
CA ALA O 49 52.21 6.36 -24.40
C ALA O 49 52.34 5.49 -23.16
N TRP O 50 51.40 5.60 -22.22
CA TRP O 50 51.43 4.76 -21.02
C TRP O 50 50.96 3.34 -21.32
N THR O 51 49.72 3.20 -21.80
CA THR O 51 49.14 1.87 -22.04
C THR O 51 48.18 1.95 -23.23
N PRO O 52 48.56 1.37 -24.37
CA PRO O 52 47.64 1.34 -25.52
C PRO O 52 46.37 0.58 -25.20
N TRP O 53 45.23 1.12 -25.65
CA TRP O 53 43.94 0.51 -25.38
C TRP O 53 43.36 -0.24 -26.59
N ILE O 54 43.96 -0.10 -27.77
CA ILE O 54 43.43 -0.73 -28.98
C ILE O 54 44.06 -2.11 -29.14
N ARG O 55 45.39 -2.17 -29.00
CA ARG O 55 46.19 -3.41 -29.05
C ARG O 55 45.86 -4.34 -30.22
N ARG P 4 21.70 39.99 -21.16
CA ARG P 4 22.51 39.01 -20.44
C ARG P 4 21.82 37.66 -20.39
N PRO P 5 22.51 36.61 -20.81
CA PRO P 5 21.88 35.28 -20.85
C PRO P 5 21.73 34.64 -19.48
N PHE P 6 22.67 34.85 -18.57
CA PHE P 6 22.66 34.16 -17.28
C PHE P 6 22.84 35.16 -16.15
N GLU P 7 22.11 34.94 -15.06
CA GLU P 7 22.34 35.70 -13.84
C GLU P 7 23.68 35.33 -13.22
N PHE P 8 24.29 36.29 -12.54
CA PHE P 8 25.51 36.01 -11.77
C PHE P 8 25.21 35.07 -10.61
N ARG P 9 24.08 35.27 -9.93
CA ARG P 9 23.71 34.45 -8.80
C ARG P 9 23.51 32.99 -9.20
N THR P 10 22.87 32.77 -10.35
CA THR P 10 22.67 31.40 -10.84
C THR P 10 24.00 30.71 -11.09
N SER P 11 24.92 31.41 -11.74
CA SER P 11 26.25 30.85 -12.01
C SER P 11 26.96 30.51 -10.71
N VAL P 12 26.92 31.41 -9.73
CA VAL P 12 27.60 31.17 -8.46
C VAL P 12 27.02 29.95 -7.76
N VAL P 13 25.69 29.86 -7.72
CA VAL P 13 25.04 28.74 -7.04
C VAL P 13 25.40 27.42 -7.71
N VAL P 14 25.30 27.38 -9.04
CA VAL P 14 25.56 26.14 -9.77
C VAL P 14 27.00 25.70 -9.57
N SER P 15 27.94 26.65 -9.70
CA SER P 15 29.35 26.31 -9.56
C SER P 15 29.67 25.82 -8.15
N THR P 16 29.13 26.50 -7.13
CA THR P 16 29.41 26.07 -5.75
C THR P 16 28.85 24.68 -5.48
N LEU P 17 27.61 24.42 -5.93
CA LEU P 17 27.01 23.10 -5.70
C LEU P 17 27.82 22.01 -6.41
N LEU P 18 28.20 22.25 -7.67
CA LEU P 18 28.96 21.26 -8.40
C LEU P 18 30.32 21.00 -7.74
N GLY P 19 31.00 22.06 -7.30
CA GLY P 19 32.29 21.88 -6.65
C GLY P 19 32.19 21.08 -5.36
N LEU P 20 31.19 21.41 -4.52
CA LEU P 20 31.03 20.68 -3.26
C LEU P 20 30.71 19.22 -3.51
N VAL P 21 29.80 18.94 -4.46
CA VAL P 21 29.43 17.56 -4.74
C VAL P 21 30.62 16.78 -5.27
N MET P 22 31.39 17.39 -6.19
CA MET P 22 32.55 16.70 -6.74
C MET P 22 33.60 16.43 -5.67
N ALA P 23 33.83 17.39 -4.77
CA ALA P 23 34.82 17.18 -3.71
C ALA P 23 34.41 16.03 -2.80
N LEU P 24 33.13 16.01 -2.39
CA LEU P 24 32.65 14.92 -1.54
C LEU P 24 32.77 13.58 -2.23
N LEU P 25 32.36 13.52 -3.50
CA LEU P 25 32.40 12.25 -4.24
C LEU P 25 33.83 11.76 -4.40
N ILE P 26 34.77 12.66 -4.72
CA ILE P 26 36.14 12.25 -4.93
C ILE P 26 36.77 11.78 -3.62
N HIS P 27 36.50 12.48 -2.51
CA HIS P 27 37.03 12.02 -1.24
C HIS P 27 36.49 10.65 -0.86
N PHE P 28 35.19 10.42 -1.05
CA PHE P 28 34.64 9.11 -0.72
C PHE P 28 35.19 8.01 -1.63
N VAL P 29 35.33 8.30 -2.93
CA VAL P 29 35.85 7.29 -3.85
C VAL P 29 37.30 6.95 -3.53
N VAL P 30 38.11 7.95 -3.18
CA VAL P 30 39.49 7.66 -2.83
C VAL P 30 39.58 6.91 -1.51
N LEU P 31 38.74 7.26 -0.53
CA LEU P 31 38.78 6.59 0.76
C LEU P 31 38.37 5.13 0.65
N SER P 32 37.33 4.84 -0.15
CA SER P 32 36.80 3.49 -0.22
C SER P 32 37.66 2.54 -1.04
N SER P 33 38.63 3.05 -1.80
CA SER P 33 39.46 2.18 -2.64
C SER P 33 40.52 1.44 -1.84
N GLY P 34 40.88 1.92 -0.66
CA GLY P 34 41.89 1.24 0.14
C GLY P 34 43.24 1.14 -0.52
N ALA P 35 43.67 2.20 -1.21
CA ALA P 35 44.92 2.19 -1.95
C ALA P 35 45.94 3.20 -1.43
N PHE P 36 45.65 3.90 -0.34
CA PHE P 36 46.55 4.93 0.17
C PHE P 36 47.02 4.70 1.60
N ASN P 37 46.40 3.78 2.34
CA ASN P 37 46.77 3.54 3.74
C ASN P 37 46.53 4.79 4.58
N TRP P 38 45.31 5.31 4.49
CA TRP P 38 44.89 6.48 5.23
C TRP P 38 43.70 6.09 6.10
N LEU P 39 43.75 6.44 7.37
CA LEU P 39 42.72 6.05 8.34
C LEU P 39 42.65 4.52 8.46
N ARG P 40 43.73 3.97 9.01
CA ARG P 40 43.88 2.54 9.22
C ARG P 40 43.87 1.79 7.89
N ALA P 41 44.83 2.13 7.03
CA ALA P 41 45.01 1.45 5.75
C ALA P 41 43.78 1.58 4.86
N ASN Q 7 26.86 51.60 -12.40
CA ASN Q 7 27.91 50.66 -12.76
C ASN Q 7 29.11 51.37 -13.39
N ASP Q 8 29.60 52.40 -12.70
CA ASP Q 8 30.75 53.16 -13.19
C ASP Q 8 32.09 52.51 -12.88
N LEU Q 9 32.12 51.51 -11.99
CA LEU Q 9 33.36 50.84 -11.65
C LEU Q 9 33.71 49.72 -12.62
N VAL Q 10 32.73 49.15 -13.30
CA VAL Q 10 32.98 48.05 -14.23
C VAL Q 10 33.75 48.59 -15.44
N PRO Q 11 34.68 47.84 -16.01
CA PRO Q 11 35.37 48.28 -17.23
C PRO Q 11 34.39 48.48 -18.37
N ASP Q 12 34.90 49.14 -19.43
CA ASP Q 12 34.05 49.46 -20.57
C ASP Q 12 33.54 48.21 -21.28
N GLN Q 13 34.39 47.18 -21.39
CA GLN Q 13 34.01 45.97 -22.12
C GLN Q 13 32.83 45.27 -21.46
N TRP Q 14 32.84 45.18 -20.12
CA TRP Q 14 31.91 44.33 -19.39
C TRP Q 14 30.74 45.11 -18.79
N LYS Q 15 30.52 46.34 -19.23
CA LYS Q 15 29.34 47.08 -18.79
C LYS Q 15 28.02 46.38 -19.12
N PRO Q 16 27.80 45.86 -20.34
CA PRO Q 16 26.52 45.21 -20.63
C PRO Q 16 26.24 43.96 -19.80
N LEU Q 17 27.24 43.37 -19.15
CA LEU Q 17 27.07 42.12 -18.42
C LEU Q 17 27.08 42.27 -16.91
N PHE Q 18 27.83 43.21 -16.37
CA PHE Q 18 28.07 43.31 -14.93
C PHE Q 18 27.44 44.55 -14.34
N ASN Q 19 26.87 44.40 -13.15
CA ASN Q 19 26.40 45.53 -12.36
C ASN Q 19 27.58 46.11 -11.60
N ASN Q 20 27.33 47.07 -10.71
CA ASN Q 20 28.40 47.67 -9.92
C ASN Q 20 28.67 46.91 -8.62
N ALA Q 21 27.67 46.19 -8.10
CA ALA Q 21 27.86 45.42 -6.88
C ALA Q 21 28.32 43.99 -7.15
N GLN Q 22 28.13 43.48 -8.36
CA GLN Q 22 28.54 42.12 -8.69
C GLN Q 22 30.00 42.02 -9.08
N TRP Q 23 30.61 43.13 -9.50
CA TRP Q 23 32.02 43.11 -9.88
C TRP Q 23 32.92 42.75 -8.71
N LEU Q 24 32.63 43.32 -7.53
CA LEU Q 24 33.41 43.02 -6.34
C LEU Q 24 33.26 41.56 -5.94
N VAL Q 25 32.03 41.04 -6.02
CA VAL Q 25 31.80 39.64 -5.68
C VAL Q 25 32.55 38.73 -6.63
N HIS Q 26 32.55 39.05 -7.92
CA HIS Q 26 33.29 38.26 -8.90
C HIS Q 26 34.79 38.31 -8.63
N ASP Q 27 35.30 39.47 -8.22
CA ASP Q 27 36.71 39.58 -7.86
C ASP Q 27 37.04 38.66 -6.68
N ILE Q 28 36.18 38.67 -5.66
CA ILE Q 28 36.39 37.80 -4.50
C ILE Q 28 36.38 36.33 -4.93
N VAL Q 29 35.43 35.98 -5.81
CA VAL Q 29 35.32 34.59 -6.27
C VAL Q 29 36.56 34.17 -7.04
N VAL Q 30 37.07 35.04 -7.92
CA VAL Q 30 38.24 34.66 -8.71
C VAL Q 30 39.47 34.51 -7.83
N LYS Q 31 39.63 35.39 -6.84
CA LYS Q 31 40.75 35.23 -5.91
C LYS Q 31 40.64 33.92 -5.13
N THR Q 32 39.44 33.59 -4.67
CA THR Q 32 39.25 32.33 -3.95
C THR Q 32 39.57 31.14 -4.84
N ILE Q 33 39.14 31.18 -6.11
CA ILE Q 33 39.38 30.09 -7.03
C ILE Q 33 40.88 29.92 -7.27
N TYR Q 34 41.61 31.03 -7.44
CA TYR Q 34 43.04 30.92 -7.66
C TYR Q 34 43.77 30.33 -6.45
N GLY Q 35 43.40 30.78 -5.25
CA GLY Q 35 44.00 30.20 -4.05
C GLY Q 35 43.71 28.71 -3.93
N GLY Q 36 42.46 28.32 -4.19
CA GLY Q 36 42.10 26.91 -4.15
C GLY Q 36 42.88 26.08 -5.16
N LEU Q 37 43.08 26.64 -6.36
CA LEU Q 37 43.84 25.92 -7.38
C LEU Q 37 45.28 25.71 -6.95
N ILE Q 38 45.90 26.75 -6.36
CA ILE Q 38 47.28 26.59 -5.88
C ILE Q 38 47.36 25.52 -4.80
N ILE Q 39 46.42 25.55 -3.85
CA ILE Q 39 46.42 24.58 -2.77
C ILE Q 39 46.21 23.16 -3.33
N ALA Q 40 45.32 23.03 -4.30
CA ALA Q 40 45.06 21.72 -4.90
C ALA Q 40 46.30 21.18 -5.62
N VAL Q 41 47.02 22.06 -6.34
CA VAL Q 41 48.23 21.62 -7.02
C VAL Q 41 49.26 21.13 -6.01
N ILE Q 42 49.44 21.88 -4.92
CA ILE Q 42 50.41 21.47 -3.91
C ILE Q 42 50.00 20.14 -3.27
N ALA Q 43 48.72 19.99 -2.96
CA ALA Q 43 48.25 18.74 -2.34
C ALA Q 43 48.43 17.56 -3.28
N HIS Q 44 48.15 17.74 -4.57
CA HIS Q 44 48.33 16.65 -5.53
C HIS Q 44 49.81 16.28 -5.65
N VAL Q 45 50.71 17.27 -5.66
CA VAL Q 45 52.13 16.97 -5.73
C VAL Q 45 52.57 16.19 -4.51
N LEU Q 46 52.11 16.60 -3.32
CA LEU Q 46 52.48 15.87 -2.10
C LEU Q 46 51.94 14.44 -2.11
N CYS Q 47 50.70 14.27 -2.56
CA CYS Q 47 50.13 12.93 -2.61
C CYS Q 47 50.88 12.04 -3.59
N TRP Q 48 51.28 12.58 -4.74
CA TRP Q 48 52.08 11.80 -5.69
C TRP Q 48 53.42 11.43 -5.09
N ALA Q 49 54.07 12.38 -4.41
CA ALA Q 49 55.34 12.08 -3.75
C ALA Q 49 55.18 11.00 -2.68
N TRP Q 50 54.00 10.95 -2.04
CA TRP Q 50 53.75 9.92 -1.03
C TRP Q 50 53.54 8.55 -1.67
N THR Q 51 52.52 8.43 -2.51
CA THR Q 51 52.17 7.15 -3.12
C THR Q 51 51.56 7.39 -4.50
N PRO Q 52 52.28 7.06 -5.56
CA PRO Q 52 51.74 7.22 -6.92
C PRO Q 52 50.49 6.36 -7.11
N TRP Q 53 49.51 6.91 -7.82
CA TRP Q 53 48.25 6.22 -8.07
C TRP Q 53 48.11 5.71 -9.50
N ILE Q 54 49.07 6.00 -10.38
CA ILE Q 54 49.00 5.56 -11.77
C ILE Q 54 49.71 4.23 -11.94
N ARG Q 55 50.99 4.19 -11.57
CA ARG Q 55 51.83 3.00 -11.72
C ARG Q 55 51.83 2.48 -13.16
N ARG R 4 22.47 43.68 -5.19
CA ARG R 4 23.28 42.65 -4.55
C ARG R 4 22.79 41.26 -4.95
N PRO R 5 23.73 40.35 -5.22
CA PRO R 5 23.34 39.01 -5.67
C PRO R 5 22.86 38.10 -4.54
N PHE R 6 23.44 38.22 -3.34
CA PHE R 6 23.14 37.32 -2.25
C PHE R 6 22.92 38.10 -0.96
N GLU R 7 21.84 37.77 -0.25
CA GLU R 7 21.59 38.38 1.04
C GLU R 7 22.62 37.88 2.07
N PHE R 8 22.86 38.71 3.09
CA PHE R 8 23.79 38.31 4.15
C PHE R 8 23.21 37.16 4.97
N ARG R 9 21.90 37.18 5.21
CA ARG R 9 21.26 36.14 6.02
C ARG R 9 21.39 34.77 5.35
N THR R 10 21.18 34.70 4.04
CA THR R 10 21.30 33.43 3.34
C THR R 10 22.72 32.88 3.42
N SER R 11 23.72 33.75 3.24
CA SER R 11 25.10 33.31 3.33
C SER R 11 25.42 32.79 4.73
N VAL R 12 24.96 33.51 5.76
CA VAL R 12 25.21 33.08 7.13
C VAL R 12 24.58 31.72 7.39
N VAL R 13 23.32 31.55 6.98
CA VAL R 13 22.61 30.29 7.22
C VAL R 13 23.31 29.13 6.51
N VAL R 14 23.65 29.34 5.23
CA VAL R 14 24.28 28.27 4.46
C VAL R 14 25.62 27.89 5.05
N SER R 15 26.43 28.89 5.40
CA SER R 15 27.76 28.60 5.96
C SER R 15 27.64 27.87 7.29
N THR R 16 26.74 28.31 8.16
CA THR R 16 26.61 27.68 9.48
C THR R 16 26.10 26.25 9.35
N LEU R 17 25.10 26.02 8.49
CA LEU R 17 24.58 24.66 8.31
C LEU R 17 25.64 23.74 7.73
N LEU R 18 26.39 24.21 6.72
CA LEU R 18 27.44 23.40 6.13
C LEU R 18 28.51 23.08 7.17
N GLY R 19 28.90 24.07 7.98
CA GLY R 19 29.92 23.83 8.99
C GLY R 19 29.49 22.81 10.03
N LEU R 20 28.25 22.93 10.52
CA LEU R 20 27.77 21.97 11.53
C LEU R 20 27.68 20.56 10.95
N VAL R 21 27.14 20.44 9.74
CA VAL R 21 27.02 19.13 9.11
C VAL R 21 28.40 18.50 8.93
N MET R 22 29.37 19.29 8.46
CA MET R 22 30.72 18.77 8.29
C MET R 22 31.34 18.37 9.63
N ALA R 23 31.15 19.18 10.67
CA ALA R 23 31.74 18.83 11.97
C ALA R 23 31.22 17.49 12.46
N LEU R 24 29.90 17.30 12.39
CA LEU R 24 29.31 16.01 12.77
C LEU R 24 29.85 14.88 11.91
N LEU R 25 29.94 15.10 10.60
CA LEU R 25 30.35 14.04 9.68
C LEU R 25 31.78 13.59 9.95
N ILE R 26 32.72 14.53 10.08
CA ILE R 26 34.10 14.13 10.33
C ILE R 26 34.29 13.54 11.73
N HIS R 27 33.61 14.06 12.78
CA HIS R 27 33.69 13.34 14.06
C HIS R 27 33.16 11.90 13.94
N PHE R 28 32.05 11.69 13.23
CA PHE R 28 31.53 10.33 13.11
C PHE R 28 32.50 9.43 12.34
N VAL R 29 33.05 9.93 11.24
CA VAL R 29 33.95 9.14 10.40
C VAL R 29 35.24 8.83 11.13
N VAL R 30 35.76 9.77 11.93
CA VAL R 30 36.96 9.52 12.70
C VAL R 30 36.69 8.52 13.81
N LEU R 31 35.50 8.60 14.43
CA LEU R 31 35.18 7.63 15.48
C LEU R 31 35.05 6.22 14.91
N SER R 32 34.30 6.05 13.82
CA SER R 32 33.98 4.73 13.32
C SER R 32 35.19 4.00 12.71
N SER R 33 36.28 4.71 12.44
CA SER R 33 37.45 4.07 11.85
C SER R 33 38.24 3.22 12.84
N GLY R 34 38.17 3.55 14.14
CA GLY R 34 38.93 2.81 15.14
C GLY R 34 40.43 2.89 14.93
N ALA R 35 40.92 4.06 14.52
CA ALA R 35 42.34 4.25 14.25
C ALA R 35 43.04 5.15 15.25
N PHE R 36 42.36 5.53 16.34
CA PHE R 36 42.91 6.50 17.29
C PHE R 36 42.96 6.00 18.73
N ASN R 37 42.16 5.01 19.11
CA ASN R 37 42.08 4.55 20.48
C ASN R 37 41.56 5.67 21.40
N TRP R 38 40.35 6.12 21.08
CA TRP R 38 39.64 7.08 21.90
C TRP R 38 38.28 6.49 22.24
N LEU R 39 37.88 6.63 23.50
CA LEU R 39 36.64 6.03 24.01
C LEU R 39 36.69 4.50 23.87
N ARG R 40 37.60 3.91 24.65
CA ARG R 40 37.81 2.47 24.68
C ARG R 40 38.26 1.96 23.29
N ALA R 41 39.39 2.49 22.84
CA ALA R 41 40.01 2.05 21.59
C ALA R 41 39.11 2.32 20.39
N ASN S 7 23.75 53.95 6.41
CA ASN S 7 24.95 53.12 6.28
C ASN S 7 26.24 53.94 6.25
N ASP S 8 26.37 54.86 7.20
CA ASP S 8 27.52 55.75 7.25
C ASP S 8 28.73 55.13 7.93
N LEU S 9 28.56 54.00 8.61
CA LEU S 9 29.70 53.31 9.22
C LEU S 9 30.43 52.40 8.24
N VAL S 10 29.75 51.90 7.22
CA VAL S 10 30.39 51.01 6.26
C VAL S 10 31.38 51.82 5.41
N PRO S 11 32.53 51.24 5.05
CA PRO S 11 33.49 51.98 4.22
C PRO S 11 32.91 52.30 2.84
N ASP S 12 33.68 53.10 2.09
CA ASP S 12 33.22 53.55 0.78
C ASP S 12 33.07 52.38 -0.19
N GLN S 13 34.02 51.43 -0.15
CA GLN S 13 34.02 50.35 -1.14
C GLN S 13 32.78 49.47 -1.01
N TRP S 14 32.40 49.13 0.21
CA TRP S 14 31.37 48.13 0.46
C TRP S 14 30.01 48.73 0.78
N LYS S 15 29.83 50.03 0.55
CA LYS S 15 28.51 50.63 0.71
C LYS S 15 27.43 50.00 -0.16
N PRO S 16 27.66 49.67 -1.43
CA PRO S 16 26.59 49.05 -2.23
C PRO S 16 26.17 47.67 -1.77
N LEU S 17 26.94 47.02 -0.89
CA LEU S 17 26.67 45.65 -0.48
C LEU S 17 26.15 45.53 0.95
N PHE S 18 26.55 46.41 1.85
CA PHE S 18 26.28 46.24 3.27
C PHE S 18 25.37 47.34 3.81
N ASN S 19 24.47 46.94 4.71
CA ASN S 19 23.68 47.88 5.50
C ASN S 19 24.55 48.31 6.68
N ASN S 20 24.05 49.21 7.53
CA ASN S 20 24.81 49.62 8.70
C ASN S 20 24.71 48.63 9.85
N ALA S 21 23.65 47.83 9.90
CA ALA S 21 23.49 46.84 10.96
C ALA S 21 24.21 45.53 10.65
N GLN S 22 24.43 45.21 9.36
CA GLN S 22 25.07 43.96 9.00
C GLN S 22 26.59 44.03 9.07
N TRP S 23 27.16 45.23 9.08
CA TRP S 23 28.62 45.37 9.18
C TRP S 23 29.12 44.84 10.52
N LEU S 24 28.44 45.17 11.61
CA LEU S 24 28.85 44.72 12.94
C LEU S 24 28.72 43.21 13.06
N VAL S 25 27.63 42.64 12.55
CA VAL S 25 27.43 41.20 12.59
C VAL S 25 28.51 40.50 11.78
N HIS S 26 28.85 41.06 10.61
CA HIS S 26 29.92 40.49 9.80
C HIS S 26 31.25 40.53 10.53
N ASP S 27 31.53 41.63 11.25
CA ASP S 27 32.74 41.70 12.05
C ASP S 27 32.77 40.60 13.11
N ILE S 28 31.64 40.40 13.78
CA ILE S 28 31.56 39.36 14.82
C ILE S 28 31.83 37.99 14.21
N VAL S 29 31.20 37.71 13.06
CA VAL S 29 31.38 36.41 12.42
C VAL S 29 32.82 36.20 11.99
N VAL S 30 33.46 37.23 11.46
CA VAL S 30 34.86 37.11 11.03
C VAL S 30 35.75 36.81 12.22
N LYS S 31 35.56 37.53 13.33
CA LYS S 31 36.36 37.28 14.52
C LYS S 31 36.16 35.87 15.04
N THR S 32 34.90 35.40 15.07
CA THR S 32 34.64 34.03 15.53
C THR S 32 35.30 33.01 14.62
N ILE S 33 35.26 33.23 13.30
CA ILE S 33 35.87 32.31 12.36
C ILE S 33 37.38 32.24 12.57
N TYR S 34 38.02 33.39 12.77
CA TYR S 34 39.46 33.39 12.99
C TYR S 34 39.83 32.66 14.28
N GLY S 35 39.08 32.89 15.36
CA GLY S 35 39.33 32.17 16.59
C GLY S 35 39.16 30.66 16.43
N GLY S 36 38.09 30.26 15.74
CA GLY S 36 37.88 28.85 15.48
C GLY S 36 38.99 28.24 14.65
N LEU S 37 39.51 28.99 13.67
CA LEU S 37 40.60 28.49 12.85
C LEU S 37 41.86 28.29 13.68
N ILE S 38 42.17 29.23 14.58
CA ILE S 38 43.34 29.07 15.44
C ILE S 38 43.19 27.84 16.32
N ILE S 39 42.01 27.67 16.92
CA ILE S 39 41.77 26.52 17.78
C ILE S 39 41.89 25.22 16.99
N ALA S 40 41.35 25.20 15.78
CA ALA S 40 41.42 23.98 14.96
C ALA S 40 42.85 23.65 14.57
N VAL S 41 43.67 24.66 14.26
CA VAL S 41 45.07 24.41 13.93
C VAL S 41 45.79 23.81 15.13
N ILE S 42 45.55 24.37 16.32
CA ILE S 42 46.19 23.82 17.52
C ILE S 42 45.75 22.38 17.76
N ALA S 43 44.45 22.11 17.60
CA ALA S 43 43.94 20.76 17.82
C ALA S 43 44.54 19.78 16.83
N HIS S 44 44.65 20.17 15.55
CA HIS S 44 45.27 19.30 14.56
C HIS S 44 46.72 19.02 14.88
N VAL S 45 47.47 20.04 15.32
CA VAL S 45 48.86 19.82 15.70
C VAL S 45 48.95 18.84 16.86
N LEU S 46 48.09 19.00 17.86
CA LEU S 46 48.10 18.09 19.01
C LEU S 46 47.76 16.66 18.57
N CYS S 47 46.75 16.50 17.72
CA CYS S 47 46.36 15.17 17.28
C CYS S 47 47.47 14.51 16.46
N TRP S 48 48.15 15.27 15.62
CA TRP S 48 49.25 14.70 14.84
C TRP S 48 50.41 14.30 15.76
N ALA S 49 50.71 15.14 16.76
CA ALA S 49 51.75 14.76 17.72
C ALA S 49 51.36 13.53 18.52
N TRP S 50 50.06 13.32 18.72
CA TRP S 50 49.59 12.13 19.44
C TRP S 50 49.71 10.88 18.58
N THR S 51 48.97 10.82 17.47
CA THR S 51 49.01 9.68 16.56
C THR S 51 48.90 10.19 15.14
N PRO S 52 49.97 10.08 14.35
CA PRO S 52 49.87 10.45 12.93
C PRO S 52 48.86 9.58 12.20
N TRP S 53 48.07 10.21 11.33
CA TRP S 53 47.00 9.51 10.61
C TRP S 53 47.36 9.17 9.18
N ILE S 54 48.50 9.65 8.67
CA ILE S 54 48.89 9.37 7.30
C ILE S 54 49.81 8.15 7.25
N ARG S 55 50.88 8.20 8.04
CA ARG S 55 51.84 7.10 8.11
C ARG S 55 52.48 6.81 6.76
N ARG T 4 18.00 44.10 10.34
CA ARG T 4 18.64 43.07 11.17
C ARG T 4 18.42 41.69 10.57
N PRO T 5 19.52 40.99 10.26
CA PRO T 5 19.39 39.69 9.60
C PRO T 5 18.68 38.63 10.43
N PHE T 6 18.80 38.67 11.75
CA PHE T 6 18.28 37.60 12.60
C PHE T 6 17.63 38.18 13.84
N GLU T 7 16.45 37.65 14.18
CA GLU T 7 15.80 38.00 15.42
C GLU T 7 16.60 37.48 16.61
N PHE T 8 16.47 38.17 17.75
CA PHE T 8 17.08 37.68 18.98
C PHE T 8 16.43 36.37 19.43
N ARG T 9 15.10 36.30 19.31
CA ARG T 9 14.37 35.13 19.78
C ARG T 9 14.77 33.87 19.03
N THR T 10 14.92 33.96 17.70
CA THR T 10 15.31 32.79 16.92
C THR T 10 16.71 32.31 17.31
N SER T 11 17.62 33.26 17.54
CA SER T 11 18.97 32.89 17.97
C SER T 11 18.94 32.16 19.31
N VAL T 12 18.17 32.69 20.27
CA VAL T 12 18.08 32.05 21.58
C VAL T 12 17.49 30.65 21.46
N VAL T 13 16.41 30.51 20.68
CA VAL T 13 15.75 29.21 20.55
C VAL T 13 16.69 28.19 19.92
N VAL T 14 17.35 28.56 18.81
CA VAL T 14 18.20 27.61 18.11
C VAL T 14 19.38 27.21 18.99
N SER T 15 20.01 28.19 19.64
CA SER T 15 21.17 27.88 20.48
C SER T 15 20.79 26.98 21.65
N THR T 16 19.67 27.29 22.33
CA THR T 16 19.27 26.47 23.47
C THR T 16 18.94 25.05 23.05
N LEU T 17 18.21 24.90 21.94
CA LEU T 17 17.87 23.55 21.47
C LEU T 17 19.12 22.77 21.11
N LEU T 18 20.06 23.40 20.40
CA LEU T 18 21.29 22.71 20.02
C LEU T 18 22.08 22.29 21.26
N GLY T 19 22.19 23.19 22.24
CA GLY T 19 22.93 22.85 23.45
C GLY T 19 22.31 21.71 24.22
N LEU T 20 20.98 21.72 24.37
CA LEU T 20 20.31 20.64 25.10
C LEU T 20 20.49 19.30 24.40
N VAL T 21 20.31 19.28 23.07
CA VAL T 21 20.45 18.03 22.32
C VAL T 21 21.89 17.52 22.42
N MET T 22 22.87 18.41 22.29
CA MET T 22 24.26 17.98 22.36
C MET T 22 24.60 17.45 23.75
N ALA T 23 24.09 18.10 24.80
CA ALA T 23 24.37 17.61 26.17
C ALA T 23 23.79 16.21 26.36
N LEU T 24 22.54 16.00 25.95
CA LEU T 24 21.92 14.69 26.10
C LEU T 24 22.67 13.63 25.31
N LEU T 25 23.03 13.96 24.06
CA LEU T 25 23.73 13.00 23.22
C LEU T 25 25.09 12.62 23.80
N ILE T 26 25.83 13.61 24.29
CA ILE T 26 27.15 13.33 24.84
C ILE T 26 27.03 12.49 26.11
N HIS T 27 26.07 12.81 26.98
CA HIS T 27 25.89 12.00 28.18
C HIS T 27 25.55 10.56 27.84
N PHE T 28 24.65 10.34 26.88
CA PHE T 28 24.28 8.97 26.53
C PHE T 28 25.45 8.23 25.88
N VAL T 29 26.20 8.92 25.00
CA VAL T 29 27.32 8.27 24.33
C VAL T 29 28.42 7.91 25.33
N VAL T 30 28.65 8.74 26.34
CA VAL T 30 29.63 8.38 27.35
C VAL T 30 29.11 7.25 28.23
N LEU T 31 27.81 7.25 28.57
CA LEU T 31 27.28 6.21 29.43
C LEU T 31 27.33 4.84 28.76
N SER T 32 26.99 4.77 27.47
CA SER T 32 26.93 3.47 26.80
C SER T 32 28.30 2.93 26.42
N SER T 33 29.37 3.72 26.58
CA SER T 33 30.69 3.26 26.21
C SER T 33 31.28 2.27 27.21
N GLY T 34 30.90 2.37 28.48
CA GLY T 34 31.48 1.50 29.50
C GLY T 34 32.97 1.69 29.66
N ALA T 35 33.43 2.95 29.64
CA ALA T 35 34.84 3.28 29.74
C ALA T 35 35.19 4.07 30.98
N PHE T 36 34.23 4.26 31.90
CA PHE T 36 34.45 5.11 33.06
C PHE T 36 34.17 4.44 34.39
N ASN T 37 33.40 3.36 34.42
CA ASN T 37 32.92 2.75 35.66
C ASN T 37 32.03 3.75 36.42
N TRP T 38 30.97 4.18 35.73
CA TRP T 38 29.95 5.04 36.30
C TRP T 38 28.63 4.32 36.17
N LEU T 39 27.86 4.28 37.26
CA LEU T 39 26.57 3.60 37.30
C LEU T 39 26.74 2.09 37.03
N ARG T 40 27.42 1.44 37.98
CA ARG T 40 27.70 0.01 37.91
C ARG T 40 28.54 -0.33 36.69
N ALA T 41 29.73 0.26 36.66
CA ALA T 41 30.69 0.03 35.58
C ALA T 41 30.12 0.44 34.22
N ASN U 7 14.98 52.65 23.58
CA ASN U 7 16.27 51.98 23.64
C ASN U 7 17.36 52.91 24.14
N ASP U 8 17.06 53.67 25.18
CA ASP U 8 18.00 54.64 25.74
C ASP U 8 19.07 53.97 26.58
N LEU U 9 18.81 52.76 27.08
CA LEU U 9 19.79 52.04 27.88
C LEU U 9 20.86 51.37 27.02
N VAL U 10 20.53 51.03 25.78
CA VAL U 10 21.50 50.34 24.91
C VAL U 10 22.66 51.28 24.61
N PRO U 11 23.90 50.79 24.63
CA PRO U 11 25.04 51.64 24.26
C PRO U 11 24.92 52.13 22.82
N ASP U 12 25.77 53.10 22.49
CA ASP U 12 25.69 53.75 21.19
C ASP U 12 25.98 52.78 20.05
N GLN U 13 26.95 51.88 20.24
CA GLN U 13 27.33 50.97 19.17
C GLN U 13 26.19 50.03 18.78
N TRP U 14 25.48 49.50 19.77
CA TRP U 14 24.52 48.42 19.53
C TRP U 14 23.08 48.90 19.51
N LYS U 15 22.84 50.21 19.41
CA LYS U 15 21.48 50.71 19.22
C LYS U 15 20.80 50.16 17.96
N PRO U 16 21.44 50.09 16.79
CA PRO U 16 20.74 49.57 15.60
C PRO U 16 20.33 48.11 15.69
N LEU U 17 20.82 47.37 16.68
CA LEU U 17 20.54 45.93 16.78
C LEU U 17 19.68 45.55 17.98
N PHE U 18 19.79 46.26 19.09
CA PHE U 18 19.17 45.84 20.34
C PHE U 18 18.07 46.80 20.78
N ASN U 19 16.96 46.23 21.25
CA ASN U 19 15.89 46.98 21.88
C ASN U 19 16.28 47.23 23.34
N ASN U 20 15.50 48.03 24.07
CA ASN U 20 15.77 48.28 25.48
C ASN U 20 15.49 47.05 26.34
N ALA U 21 14.45 46.28 26.01
CA ALA U 21 14.11 45.11 26.79
C ALA U 21 14.96 43.89 26.47
N GLN U 22 15.50 43.80 25.25
CA GLN U 22 16.33 42.66 24.89
C GLN U 22 17.74 42.75 25.45
N TRP U 23 18.18 43.95 25.81
CA TRP U 23 19.52 44.11 26.39
C TRP U 23 19.65 43.36 27.71
N LEU U 24 18.62 43.45 28.56
CA LEU U 24 18.68 42.79 29.86
C LEU U 24 18.67 41.27 29.71
N VAL U 25 17.82 40.75 28.81
CA VAL U 25 17.78 39.30 28.57
C VAL U 25 19.12 38.83 28.01
N HIS U 26 19.72 39.62 27.13
CA HIS U 26 21.04 39.29 26.61
C HIS U 26 22.08 39.25 27.72
N ASP U 27 22.01 40.21 28.64
CA ASP U 27 22.94 40.24 29.77
C ASP U 27 22.80 38.98 30.62
N ILE U 28 21.55 38.59 30.90
CA ILE U 28 21.30 37.40 31.72
C ILE U 28 21.85 36.16 31.00
N VAL U 29 21.62 36.08 29.69
CA VAL U 29 22.12 34.93 28.92
C VAL U 29 23.63 34.89 28.96
N VAL U 30 24.29 36.04 28.86
CA VAL U 30 25.76 36.07 28.88
C VAL U 30 26.29 35.57 30.21
N LYS U 31 25.71 36.05 31.32
CA LYS U 31 26.15 35.56 32.63
C LYS U 31 25.92 34.06 32.77
N THR U 32 24.76 33.57 32.31
CA THR U 32 24.49 32.14 32.40
C THR U 32 25.51 31.33 31.60
N ILE U 33 25.85 31.80 30.40
CA ILE U 33 26.82 31.10 29.57
C ILE U 33 28.18 31.06 30.24
N TYR U 34 28.60 32.19 30.84
CA TYR U 34 29.90 32.21 31.50
C TYR U 34 29.93 31.25 32.70
N GLY U 35 28.87 31.24 33.50
CA GLY U 35 28.82 30.31 34.61
C GLY U 35 28.85 28.86 34.17
N GLY U 36 28.08 28.55 33.12
CA GLY U 36 28.11 27.20 32.57
C GLY U 36 29.48 26.81 32.07
N LEU U 37 30.18 27.74 31.43
CA LEU U 37 31.53 27.45 30.96
C LEU U 37 32.48 27.15 32.11
N ILE U 38 32.38 27.93 33.20
CA ILE U 38 33.25 27.68 34.36
C ILE U 38 32.96 26.30 34.94
N ILE U 39 31.67 25.97 35.10
CA ILE U 39 31.31 24.67 35.68
C ILE U 39 31.78 23.54 34.77
N ALA U 40 31.64 23.72 33.45
CA ALA U 40 32.08 22.70 32.51
C ALA U 40 33.58 22.49 32.58
N VAL U 41 34.35 23.58 32.71
CA VAL U 41 35.80 23.44 32.82
C VAL U 41 36.17 22.66 34.07
N ILE U 42 35.52 22.98 35.20
CA ILE U 42 35.82 22.25 36.44
C ILE U 42 35.46 20.78 36.30
N ALA U 43 34.30 20.49 35.71
CA ALA U 43 33.87 19.09 35.55
C ALA U 43 34.82 18.33 34.65
N HIS U 44 35.27 18.95 33.56
CA HIS U 44 36.21 18.30 32.65
C HIS U 44 37.54 18.02 33.35
N VAL U 45 38.02 18.97 34.15
CA VAL U 45 39.28 18.76 34.88
C VAL U 45 39.14 17.59 35.84
N LEU U 46 38.05 17.54 36.60
CA LEU U 46 37.85 16.42 37.54
C LEU U 46 37.73 15.10 36.79
N CYS U 47 37.02 15.07 35.67
CA CYS U 47 36.87 13.83 34.92
C CYS U 47 38.21 13.35 34.37
N TRP U 48 39.05 14.26 33.89
CA TRP U 48 40.37 13.88 33.41
C TRP U 48 41.24 13.37 34.55
N ALA U 49 41.19 14.04 35.71
CA ALA U 49 41.96 13.57 36.86
C ALA U 49 41.49 12.21 37.33
N TRP U 50 40.21 11.88 37.13
CA TRP U 50 39.68 10.59 37.55
C TRP U 50 40.09 9.50 36.56
N THR U 51 39.74 9.66 35.30
CA THR U 51 40.05 8.65 34.28
C THR U 51 40.34 9.36 32.95
N PRO U 52 41.59 9.39 32.52
CA PRO U 52 41.90 9.94 31.19
C PRO U 52 41.20 9.17 30.08
N TRP U 53 40.69 9.90 29.10
CA TRP U 53 39.96 9.29 27.99
C TRP U 53 40.77 9.22 26.70
N ILE U 54 41.96 9.82 26.66
CA ILE U 54 42.78 9.81 25.45
C ILE U 54 43.78 8.66 25.53
N ARG U 55 44.61 8.65 26.57
CA ARG U 55 45.61 7.62 26.76
C ARG U 55 46.64 7.64 25.63
N ARG V 6 -5.59 51.38 5.19
CA ARG V 6 -5.93 50.29 6.10
C ARG V 6 -5.40 48.99 5.56
N ALA V 7 -4.90 48.13 6.45
CA ALA V 7 -4.35 46.84 6.03
C ALA V 7 -5.26 45.71 6.40
N LEU V 8 -5.63 44.91 5.42
CA LEU V 8 -6.48 43.78 5.67
C LEU V 8 -5.67 42.45 5.74
N PRO V 9 -5.56 41.76 6.94
CA PRO V 9 -4.84 40.48 6.94
C PRO V 9 -5.64 39.40 6.23
N LEU V 10 -5.06 38.84 5.18
CA LEU V 10 -5.72 37.79 4.42
C LEU V 10 -5.59 36.45 5.14
N PRO V 11 -6.42 35.47 4.77
CA PRO V 11 -6.34 34.15 5.41
C PRO V 11 -4.99 33.48 5.23
N SER V 12 -4.28 33.76 4.13
CA SER V 12 -2.97 33.17 3.90
C SER V 12 -1.89 33.77 4.80
N GLY V 13 -2.20 34.85 5.52
CA GLY V 13 -1.23 35.52 6.35
C GLY V 13 -0.63 36.77 5.74
N GLU V 14 -0.98 37.09 4.50
CA GLU V 14 -0.47 38.27 3.82
C GLU V 14 -1.30 39.50 4.15
N THR V 15 -0.66 40.66 4.15
CA THR V 15 -1.32 41.94 4.36
C THR V 15 -1.21 42.76 3.09
N LEU V 16 -2.34 43.29 2.62
CA LEU V 16 -2.37 44.05 1.39
C LEU V 16 -3.03 45.40 1.61
N PRO V 17 -2.58 46.45 0.93
CA PRO V 17 -3.21 47.76 1.08
C PRO V 17 -4.61 47.78 0.50
N ALA V 18 -5.46 48.62 1.10
CA ALA V 18 -6.84 48.78 0.64
C ALA V 18 -7.61 47.47 0.72
N ALA V 29 -16.90 44.49 -1.03
CA ALA V 29 -16.97 43.06 -0.75
C ALA V 29 -17.13 42.81 0.75
N SER V 30 -17.77 41.70 1.10
CA SER V 30 -17.97 41.36 2.50
C SER V 30 -16.69 40.80 3.10
N ALA V 31 -15.69 41.65 3.28
CA ALA V 31 -14.40 41.26 3.81
C ALA V 31 -14.21 41.71 5.26
N GLU V 32 -15.27 41.63 6.07
CA GLU V 32 -15.18 42.04 7.47
C GLU V 32 -14.15 41.20 8.21
N VAL V 33 -13.14 41.88 8.77
CA VAL V 33 -12.13 41.22 9.57
C VAL V 33 -12.75 40.93 10.93
N ILE V 34 -13.22 39.70 11.11
CA ILE V 34 -14.00 39.34 12.30
C ILE V 34 -13.27 38.26 13.09
N PRO V 35 -13.48 38.18 14.40
CA PRO V 35 -12.80 37.15 15.19
C PRO V 35 -13.38 35.77 14.94
N PHE V 36 -12.78 34.75 15.56
CA PHE V 36 -13.27 33.38 15.43
C PHE V 36 -14.41 33.06 16.39
N SER V 37 -14.61 33.86 17.43
CA SER V 37 -15.66 33.58 18.39
C SER V 37 -17.04 33.71 17.76
N ILE V 38 -17.25 34.73 16.93
CA ILE V 38 -18.55 34.98 16.33
C ILE V 38 -18.97 33.81 15.46
N ILE V 39 -18.03 33.27 14.69
CA ILE V 39 -18.32 32.14 13.80
C ILE V 39 -18.77 30.94 14.62
N GLU V 40 -18.08 30.66 15.73
CA GLU V 40 -18.45 29.53 16.57
C GLU V 40 -19.82 29.74 17.21
N GLU V 41 -20.09 30.95 17.71
CA GLU V 41 -21.36 31.21 18.38
C GLU V 41 -22.54 31.10 17.40
N PHE V 42 -22.35 31.56 16.16
CA PHE V 42 -23.46 31.49 15.20
C PHE V 42 -23.87 30.05 14.91
N TYR V 43 -22.89 29.17 14.71
CA TYR V 43 -23.17 27.81 14.24
C TYR V 43 -23.47 26.82 15.35
N LYS V 44 -23.20 27.16 16.61
CA LYS V 44 -23.40 26.25 17.73
C LYS V 44 -24.86 26.28 18.15
N ARG V 45 -25.62 25.29 17.75
CA ARG V 45 -27.02 25.14 18.15
C ARG V 45 -27.27 23.69 18.54
N PRO V 46 -28.14 23.45 19.54
CA PRO V 46 -28.32 22.10 20.06
C PRO V 46 -29.51 21.37 19.44
N GLY V 47 -29.41 20.04 19.37
CA GLY V 47 -30.56 19.19 19.14
C GLY V 47 -30.75 18.61 17.75
N LYS V 48 -29.67 18.24 17.04
CA LYS V 48 -29.79 17.65 15.71
C LYS V 48 -28.96 16.38 15.56
N THR V 49 -28.56 15.74 16.66
CA THR V 49 -27.72 14.57 16.59
C THR V 49 -28.56 13.31 16.34
N LEU V 50 -27.88 12.15 16.28
CA LEU V 50 -28.57 10.89 16.05
C LEU V 50 -29.44 10.52 17.24
N ALA V 51 -28.88 10.57 18.45
CA ALA V 51 -29.64 10.16 19.63
C ALA V 51 -30.82 11.08 19.90
N ALA V 52 -30.74 12.34 19.47
CA ALA V 52 -31.87 13.25 19.61
C ALA V 52 -33.07 12.79 18.79
N ARG V 53 -32.84 12.03 17.71
CA ARG V 53 -33.93 11.50 16.92
C ARG V 53 -34.48 10.20 17.51
N PHE V 54 -33.63 9.41 18.16
CA PHE V 54 -34.03 8.10 18.66
C PHE V 54 -34.75 8.23 20.00
N PHE V 55 -34.06 8.73 21.02
CA PHE V 55 -34.63 8.87 22.36
C PHE V 55 -35.43 10.14 22.54
N GLY V 56 -35.39 11.05 21.58
CA GLY V 56 -36.01 12.35 21.72
C GLY V 56 -35.15 13.38 22.41
N VAL V 57 -33.98 13.00 22.89
CA VAL V 57 -33.08 13.93 23.56
C VAL V 57 -31.70 13.30 23.62
N ASP V 58 -30.67 14.12 23.42
CA ASP V 58 -29.30 13.67 23.61
C ASP V 58 -28.91 13.84 25.08
N PRO V 59 -28.59 12.77 25.80
CA PRO V 59 -28.30 12.93 27.24
C PRO V 59 -27.13 13.85 27.53
N PHE V 60 -26.11 13.84 26.67
CA PHE V 60 -24.98 14.75 26.79
C PHE V 60 -24.99 15.63 25.54
N ASP V 61 -25.49 16.85 25.68
CA ASP V 61 -25.61 17.79 24.57
C ASP V 61 -24.82 19.07 24.84
N PHE V 62 -23.63 18.94 25.42
CA PHE V 62 -22.83 20.06 25.85
C PHE V 62 -21.42 19.96 25.29
N TRP V 63 -20.65 21.01 25.49
CA TRP V 63 -19.26 21.10 25.04
C TRP V 63 -18.33 21.16 26.25
N ILE V 64 -17.32 20.30 26.26
CA ILE V 64 -16.29 20.34 27.29
C ILE V 64 -15.03 20.95 26.69
N GLY V 65 -14.87 22.25 26.81
CA GLY V 65 -13.77 22.94 26.17
C GLY V 65 -14.05 23.14 24.69
N ARG V 66 -13.22 22.55 23.85
CA ARG V 66 -13.46 22.57 22.41
C ARG V 66 -14.16 21.33 21.90
N PHE V 67 -14.17 20.25 22.67
CA PHE V 67 -14.73 18.99 22.23
C PHE V 67 -16.23 18.94 22.49
N TYR V 68 -16.94 18.27 21.60
CA TYR V 68 -18.37 18.03 21.78
C TYR V 68 -18.57 16.67 22.44
N VAL V 69 -19.34 16.66 23.52
CA VAL V 69 -19.58 15.45 24.30
C VAL V 69 -21.01 15.02 24.03
N GLY V 70 -21.18 14.03 23.16
CA GLY V 70 -22.48 13.45 22.88
C GLY V 70 -22.70 12.16 23.63
N LEU V 71 -23.74 11.44 23.21
CA LEU V 71 -24.02 10.13 23.81
C LEU V 71 -22.92 9.12 23.48
N PHE V 72 -22.25 9.29 22.35
CA PHE V 72 -21.18 8.38 21.94
C PHE V 72 -19.80 8.88 22.33
N GLY V 73 -19.70 10.08 22.89
CA GLY V 73 -18.41 10.54 23.41
C GLY V 73 -18.07 9.90 24.75
N ALA V 74 -19.08 9.70 25.60
CA ALA V 74 -18.83 9.07 26.90
C ALA V 74 -18.43 7.60 26.74
N ILE V 75 -19.13 6.88 25.87
CA ILE V 75 -18.79 5.49 25.60
C ILE V 75 -17.37 5.39 25.04
N SER V 76 -17.04 6.29 24.10
CA SER V 76 -15.71 6.30 23.51
C SER V 76 -14.64 6.60 24.56
N ILE V 77 -14.89 7.57 25.45
CA ILE V 77 -13.88 7.93 26.44
C ILE V 77 -13.69 6.79 27.45
N ILE V 78 -14.79 6.12 27.83
CA ILE V 78 -14.67 4.95 28.70
C ILE V 78 -13.84 3.87 28.03
N GLY V 79 -14.11 3.63 26.74
CA GLY V 79 -13.34 2.64 26.02
C GLY V 79 -11.86 2.97 25.95
N ILE V 80 -11.53 4.24 25.70
CA ILE V 80 -10.13 4.65 25.62
C ILE V 80 -9.44 4.46 26.96
N ILE V 81 -10.09 4.90 28.05
CA ILE V 81 -9.49 4.79 29.36
C ILE V 81 -9.25 3.33 29.73
N LEU V 82 -10.27 2.48 29.53
CA LEU V 82 -10.13 1.08 29.87
C LEU V 82 -9.09 0.39 29.00
N GLY V 83 -9.04 0.71 27.70
CA GLY V 83 -8.03 0.13 26.84
C GLY V 83 -6.64 0.49 27.26
N VAL V 84 -6.40 1.78 27.57
CA VAL V 84 -5.06 2.20 27.98
C VAL V 84 -4.67 1.52 29.30
N ALA V 85 -5.61 1.46 30.26
CA ALA V 85 -5.30 0.83 31.54
C ALA V 85 -4.98 -0.65 31.37
N PHE V 86 -5.80 -1.36 30.61
CA PHE V 86 -5.58 -2.79 30.42
C PHE V 86 -4.30 -3.05 29.61
N TYR V 87 -3.95 -2.16 28.69
CA TYR V 87 -2.71 -2.30 27.94
C TYR V 87 -1.52 -2.12 28.86
N LEU V 88 -1.53 -1.08 29.71
CA LEU V 88 -0.38 -0.83 30.56
C LEU V 88 -0.26 -1.87 31.67
N TYR V 89 -1.38 -2.46 32.11
CA TYR V 89 -1.28 -3.49 33.13
C TYR V 89 -0.58 -4.72 32.59
N GLU V 90 -0.90 -5.14 31.37
CA GLU V 90 -0.23 -6.26 30.71
C GLU V 90 0.93 -5.70 29.88
N GLY V 91 2.13 -5.79 30.43
CA GLY V 91 3.31 -5.21 29.81
C GLY V 91 4.21 -4.60 30.84
N VAL V 92 3.62 -4.05 31.89
CA VAL V 92 4.34 -3.66 33.10
C VAL V 92 4.22 -4.73 34.17
N VAL V 93 2.99 -5.14 34.48
CA VAL V 93 2.74 -6.30 35.30
C VAL V 93 2.50 -7.49 34.38
N ASN V 94 2.84 -8.68 34.87
CA ASN V 94 2.73 -9.96 34.16
C ASN V 94 3.82 -10.12 33.11
N GLU V 95 4.63 -9.07 32.89
CA GLU V 95 5.77 -9.16 32.00
C GLU V 95 7.04 -8.54 32.55
N GLY V 96 6.97 -7.57 33.45
CA GLY V 96 8.15 -6.97 34.05
C GLY V 96 9.08 -6.26 33.08
N THR V 97 8.59 -5.96 31.88
CA THR V 97 9.45 -5.35 30.86
C THR V 97 9.88 -3.95 31.28
N LEU V 98 8.92 -3.11 31.67
CA LEU V 98 9.11 -1.72 32.08
C LEU V 98 9.51 -0.83 30.90
N ASN V 99 9.61 -1.36 29.69
CA ASN V 99 9.82 -0.55 28.49
C ASN V 99 8.78 -0.92 27.44
N ILE V 100 8.26 0.08 26.72
CA ILE V 100 7.17 -0.13 25.78
C ILE V 100 7.63 -0.80 24.49
N LEU V 101 8.92 -0.78 24.19
CA LEU V 101 9.41 -1.31 22.92
C LEU V 101 9.73 -2.80 22.98
N ALA V 102 9.61 -3.44 24.14
CA ALA V 102 9.92 -4.85 24.26
C ALA V 102 8.81 -5.67 24.92
N MET V 103 7.68 -5.05 25.25
CA MET V 103 6.58 -5.82 25.81
C MET V 103 5.85 -6.57 24.70
N ARG V 104 5.07 -7.57 25.11
CA ARG V 104 4.59 -8.59 24.18
C ARG V 104 3.18 -9.01 24.61
N ILE V 105 2.18 -8.34 24.05
CA ILE V 105 0.78 -8.53 24.44
C ILE V 105 0.16 -9.49 23.42
N GLU V 106 0.03 -10.76 23.83
CA GLU V 106 -0.38 -11.81 22.92
C GLU V 106 -1.78 -12.31 23.25
N PRO V 107 -2.51 -12.81 22.25
CA PRO V 107 -3.80 -13.44 22.51
C PRO V 107 -3.63 -14.83 23.09
N PRO V 108 -4.71 -15.52 23.42
CA PRO V 108 -4.59 -16.89 23.94
C PRO V 108 -4.09 -17.85 22.89
N PRO V 109 -3.57 -19.01 23.28
CA PRO V 109 -3.06 -19.97 22.31
C PRO V 109 -4.16 -20.54 21.43
N VAL V 110 -3.74 -21.07 20.28
CA VAL V 110 -4.69 -21.63 19.31
C VAL V 110 -5.39 -22.87 19.86
N SER V 111 -4.76 -23.60 20.79
CA SER V 111 -5.37 -24.81 21.33
C SER V 111 -6.59 -24.50 22.18
N GLN V 112 -6.75 -23.26 22.64
CA GLN V 112 -7.85 -22.92 23.54
C GLN V 112 -9.19 -22.82 22.82
N GLY V 113 -9.20 -22.52 21.53
CA GLY V 113 -10.45 -22.41 20.81
C GLY V 113 -11.04 -21.00 20.90
N LEU V 114 -12.36 -20.93 20.76
CA LEU V 114 -13.07 -19.66 20.73
C LEU V 114 -13.57 -19.21 22.10
N ASN V 115 -13.26 -19.97 23.15
CA ASN V 115 -13.73 -19.64 24.49
C ASN V 115 -12.64 -18.93 25.31
N VAL V 116 -13.06 -18.04 26.18
CA VAL V 116 -12.15 -17.24 27.00
C VAL V 116 -12.22 -17.72 28.43
N ASP V 117 -11.14 -17.47 29.18
CA ASP V 117 -11.03 -17.93 30.56
C ASP V 117 -10.20 -16.91 31.35
N PRO V 118 -10.78 -16.31 32.40
CA PRO V 118 -10.01 -15.34 33.20
C PRO V 118 -8.78 -15.93 33.86
N ALA V 119 -8.82 -17.19 34.28
CA ALA V 119 -7.69 -17.79 34.96
C ALA V 119 -6.49 -17.95 34.03
N GLN V 120 -6.74 -18.40 32.80
CA GLN V 120 -5.68 -18.69 31.86
C GLN V 120 -5.12 -17.41 31.26
N PRO V 121 -3.92 -17.48 30.66
CA PRO V 121 -3.31 -16.29 30.06
C PRO V 121 -4.06 -15.86 28.81
N GLY V 122 -3.76 -14.63 28.38
CA GLY V 122 -4.41 -14.05 27.22
C GLY V 122 -5.76 -13.42 27.49
N PHE V 123 -6.15 -13.28 28.76
CA PHE V 123 -7.45 -12.71 29.08
C PHE V 123 -7.47 -11.20 28.87
N PHE V 124 -6.40 -10.50 29.25
CA PHE V 124 -6.37 -9.05 29.15
C PHE V 124 -6.26 -8.57 27.70
N TRP V 125 -5.70 -9.40 26.81
CA TRP V 125 -5.73 -9.10 25.39
C TRP V 125 -7.17 -9.01 24.89
N PHE V 126 -8.02 -9.92 25.35
CA PHE V 126 -9.43 -9.89 24.98
C PHE V 126 -10.10 -8.59 25.41
N LEU V 127 -9.89 -8.19 26.68
CA LEU V 127 -10.51 -6.97 27.18
C LEU V 127 -10.00 -5.74 26.43
N THR V 128 -8.69 -5.70 26.18
CA THR V 128 -8.12 -4.58 25.43
C THR V 128 -8.71 -4.48 24.04
N MET V 129 -8.83 -5.62 23.34
CA MET V 129 -9.39 -5.62 22.00
C MET V 129 -10.86 -5.18 22.00
N VAL V 130 -11.63 -5.67 22.97
CA VAL V 130 -13.05 -5.31 23.04
C VAL V 130 -13.19 -3.81 23.31
N ALA V 131 -12.40 -3.29 24.25
CA ALA V 131 -12.47 -1.87 24.56
C ALA V 131 -12.06 -1.01 23.36
N ALA V 132 -11.03 -1.46 22.62
CA ALA V 132 -10.61 -0.72 21.43
C ALA V 132 -11.70 -0.71 20.37
N THR V 133 -12.37 -1.85 20.17
CA THR V 133 -13.47 -1.91 19.21
C THR V 133 -14.60 -0.96 19.61
N ILE V 134 -14.95 -0.96 20.90
CA ILE V 134 -16.00 -0.07 21.38
C ILE V 134 -15.61 1.39 21.16
N ALA V 135 -14.36 1.73 21.46
CA ALA V 135 -13.90 3.10 21.29
C ALA V 135 -13.93 3.54 19.84
N PHE V 136 -13.51 2.67 18.93
CA PHE V 136 -13.52 3.02 17.51
C PHE V 136 -14.94 3.22 17.00
N VAL V 137 -15.86 2.32 17.38
CA VAL V 137 -17.24 2.46 16.93
C VAL V 137 -17.86 3.74 17.51
N GLY V 138 -17.55 4.04 18.77
CA GLY V 138 -18.05 5.28 19.36
C GLY V 138 -17.51 6.50 18.66
N TRP V 139 -16.24 6.48 18.27
CA TRP V 139 -15.65 7.60 17.53
C TRP V 139 -16.37 7.79 16.20
N LEU V 140 -16.65 6.70 15.49
CA LEU V 140 -17.37 6.80 14.21
C LEU V 140 -18.75 7.41 14.41
N LEU V 141 -19.49 6.90 15.40
CA LEU V 141 -20.84 7.43 15.64
C LEU V 141 -20.80 8.89 16.07
N ARG V 142 -19.79 9.29 16.84
CA ARG V 142 -19.68 10.68 17.26
C ARG V 142 -19.36 11.60 16.08
N GLN V 143 -18.52 11.12 15.15
CA GLN V 143 -18.30 11.89 13.91
C GLN V 143 -19.60 12.03 13.12
N ILE V 144 -20.40 10.97 13.06
CA ILE V 144 -21.68 11.08 12.36
C ILE V 144 -22.58 12.11 13.04
N ASP V 145 -22.60 12.10 14.38
CA ASP V 145 -23.39 13.08 15.13
C ASP V 145 -22.95 14.51 14.82
N ILE V 146 -21.64 14.75 14.87
CA ILE V 146 -21.13 16.10 14.63
C ILE V 146 -21.38 16.53 13.20
N SER V 147 -21.31 15.60 12.25
CA SER V 147 -21.62 15.94 10.87
C SER V 147 -23.10 16.28 10.71
N LEU V 148 -23.98 15.58 11.43
CA LEU V 148 -25.40 15.90 11.38
C LEU V 148 -25.69 17.27 12.00
N LYS V 149 -24.95 17.65 13.04
CA LYS V 149 -25.20 18.94 13.67
C LYS V 149 -24.85 20.13 12.78
N LEU V 150 -23.98 19.93 11.78
CA LEU V 150 -23.50 21.04 10.95
C LEU V 150 -24.13 21.08 9.57
N ASP V 151 -25.06 20.18 9.26
CA ASP V 151 -25.74 20.14 7.96
C ASP V 151 -24.74 19.82 6.86
N MET V 152 -23.91 18.80 7.06
CA MET V 152 -22.87 18.43 6.12
C MET V 152 -23.20 17.09 5.45
N GLY V 153 -22.28 16.62 4.61
CA GLY V 153 -22.38 15.30 4.03
C GLY V 153 -21.81 14.23 4.94
N MET V 154 -21.91 12.98 4.50
CA MET V 154 -21.53 11.82 5.31
C MET V 154 -20.27 11.13 4.80
N GLU V 155 -19.33 11.85 4.19
CA GLU V 155 -18.18 11.22 3.54
C GLU V 155 -17.07 10.84 4.52
N VAL V 156 -16.76 11.74 5.45
CA VAL V 156 -15.77 11.42 6.49
C VAL V 156 -16.16 10.17 7.27
N PRO V 157 -17.39 10.02 7.74
CA PRO V 157 -17.80 8.73 8.33
C PRO V 157 -17.63 7.56 7.40
N ILE V 158 -17.82 7.73 6.09
CA ILE V 158 -17.63 6.61 5.16
C ILE V 158 -16.16 6.17 5.14
N ALA V 159 -15.24 7.13 5.06
CA ALA V 159 -13.82 6.79 5.06
C ALA V 159 -13.41 6.14 6.38
N PHE V 160 -13.83 6.73 7.51
CA PHE V 160 -13.47 6.15 8.79
C PHE V 160 -14.11 4.79 8.99
N GLY V 161 -15.30 4.57 8.43
CA GLY V 161 -15.90 3.26 8.46
C GLY V 161 -15.15 2.24 7.64
N ALA V 162 -14.59 2.67 6.50
CA ALA V 162 -13.73 1.78 5.73
C ALA V 162 -12.53 1.32 6.57
N VAL V 163 -11.85 2.27 7.22
CA VAL V 163 -10.69 1.86 8.02
C VAL V 163 -11.12 1.05 9.24
N VAL V 164 -12.28 1.36 9.83
CA VAL V 164 -12.76 0.60 10.97
C VAL V 164 -13.13 -0.82 10.56
N SER V 165 -13.69 -1.00 9.37
CA SER V 165 -13.94 -2.34 8.85
C SER V 165 -12.64 -3.08 8.62
N SER V 166 -11.60 -2.36 8.18
CA SER V 166 -10.28 -2.96 8.07
C SER V 166 -9.81 -3.48 9.43
N TRP V 167 -10.03 -2.70 10.49
CA TRP V 167 -9.73 -3.19 11.84
C TRP V 167 -10.56 -4.40 12.21
N ILE V 168 -11.87 -4.36 11.91
CA ILE V 168 -12.78 -5.41 12.36
C ILE V 168 -12.46 -6.73 11.68
N THR V 169 -12.03 -6.68 10.42
CA THR V 169 -11.73 -7.91 9.69
C THR V 169 -10.58 -8.68 10.33
N LEU V 170 -9.54 -7.97 10.80
CA LEU V 170 -8.34 -8.63 11.28
C LEU V 170 -8.52 -9.27 12.65
N GLN V 171 -9.34 -8.67 13.52
CA GLN V 171 -9.44 -9.13 14.90
C GLN V 171 -10.71 -9.88 15.24
N TRP V 172 -11.78 -9.73 14.45
CA TRP V 172 -13.04 -10.42 14.72
C TRP V 172 -13.38 -11.46 13.67
N LEU V 173 -13.49 -11.06 12.40
CA LEU V 173 -14.04 -11.97 11.40
C LEU V 173 -13.08 -13.10 11.07
N ARG V 174 -11.80 -12.78 10.87
CA ARG V 174 -10.83 -13.81 10.49
C ARG V 174 -10.63 -14.83 11.60
N PRO V 175 -10.42 -14.46 12.87
CA PRO V 175 -10.29 -15.49 13.92
C PRO V 175 -11.51 -16.38 14.06
N ILE V 176 -12.72 -15.83 13.92
CA ILE V 176 -13.92 -16.66 14.04
C ILE V 176 -14.04 -17.59 12.85
N ALA V 177 -13.71 -17.09 11.64
CA ALA V 177 -13.74 -17.97 10.46
C ALA V 177 -12.73 -19.10 10.59
N MET V 178 -11.52 -18.79 11.08
CA MET V 178 -10.54 -19.85 11.30
C MET V 178 -10.94 -20.71 12.50
N GLY V 179 -11.50 -20.10 13.54
CA GLY V 179 -12.09 -20.84 14.63
C GLY V 179 -11.19 -21.14 15.81
N ALA V 180 -10.13 -20.38 16.02
CA ALA V 180 -9.21 -20.64 17.12
C ALA V 180 -8.97 -19.46 18.05
N TRP V 181 -9.21 -18.22 17.59
CA TRP V 181 -9.10 -17.03 18.42
C TRP V 181 -7.65 -16.67 18.80
N GLY V 182 -6.70 -17.54 18.44
CA GLY V 182 -5.30 -17.20 18.49
C GLY V 182 -4.80 -16.60 17.21
N HIS V 183 -5.67 -16.42 16.22
CA HIS V 183 -5.33 -15.84 14.93
C HIS V 183 -5.54 -14.32 14.94
N GLY V 184 -4.95 -13.65 15.93
CA GLY V 184 -5.05 -12.21 16.05
C GLY V 184 -3.69 -11.60 16.37
N PHE V 185 -3.35 -10.51 15.71
CA PHE V 185 -2.03 -9.94 15.85
C PHE V 185 -1.84 -9.38 17.27
N PRO V 186 -0.69 -9.60 17.89
CA PRO V 186 -0.46 -9.06 19.23
C PRO V 186 -0.42 -7.54 19.22
N LEU V 187 -0.83 -6.97 20.34
CA LEU V 187 -0.88 -5.51 20.51
C LEU V 187 0.40 -5.00 21.17
N GLY V 188 1.49 -5.12 20.45
CA GLY V 188 2.78 -4.66 20.94
C GLY V 188 3.54 -3.91 19.88
N ILE V 189 4.16 -2.80 20.28
CA ILE V 189 4.99 -2.03 19.36
C ILE V 189 6.22 -2.84 18.99
N THR V 190 6.52 -2.91 17.69
CA THR V 190 7.60 -3.70 17.10
C THR V 190 7.36 -5.20 17.24
N HIS V 191 6.18 -5.60 17.71
CA HIS V 191 5.81 -7.00 17.76
C HIS V 191 4.64 -7.37 16.86
N HIS V 192 3.73 -6.44 16.56
CA HIS V 192 2.76 -6.74 15.51
C HIS V 192 3.44 -6.81 14.15
N LEU V 193 4.61 -6.18 14.01
CA LEU V 193 5.45 -6.42 12.85
C LEU V 193 5.90 -7.86 12.77
N ASP V 194 6.15 -8.49 13.91
CA ASP V 194 6.54 -9.90 13.91
C ASP V 194 5.42 -10.78 13.40
N TRP V 195 4.19 -10.49 13.82
CA TRP V 195 3.03 -11.21 13.33
C TRP V 195 2.85 -11.00 11.84
N VAL V 196 3.04 -9.77 11.38
CA VAL V 196 2.91 -9.48 9.96
C VAL V 196 3.93 -10.25 9.15
N SER V 197 5.19 -10.26 9.62
CA SER V 197 6.25 -10.97 8.89
C SER V 197 5.99 -12.48 8.87
N ASN V 198 5.52 -13.05 9.99
CA ASN V 198 5.30 -14.49 10.00
C ASN V 198 4.06 -14.90 9.22
N ILE V 199 3.03 -14.05 9.19
CA ILE V 199 1.85 -14.35 8.38
C ILE V 199 2.15 -14.21 6.90
N GLY V 200 2.94 -13.20 6.51
CA GLY V 200 3.25 -13.00 5.10
C GLY V 200 4.04 -14.13 4.49
N TYR V 201 4.87 -14.80 5.28
CA TYR V 201 5.73 -15.87 4.75
C TYR V 201 5.11 -17.25 4.89
N GLN V 202 4.13 -17.43 5.78
CA GLN V 202 3.42 -18.71 5.85
C GLN V 202 2.67 -18.98 4.55
N TYR V 203 2.02 -17.94 4.00
CA TYR V 203 1.40 -18.00 2.69
C TYR V 203 2.35 -17.30 1.73
N TYR V 204 3.31 -18.08 1.21
CA TYR V 204 4.51 -17.52 0.61
C TYR V 204 4.19 -16.70 -0.64
N ASN V 205 4.97 -15.64 -0.85
CA ASN V 205 4.74 -14.65 -1.90
C ASN V 205 3.37 -13.97 -1.72
N PHE V 206 3.31 -13.19 -0.66
CA PHE V 206 2.17 -12.31 -0.44
C PHE V 206 2.15 -11.19 -1.46
N PHE V 207 3.30 -10.92 -2.11
CA PHE V 207 3.31 -10.07 -3.31
C PHE V 207 2.40 -10.60 -4.41
N TYR V 208 2.32 -11.92 -4.57
CA TYR V 208 1.56 -12.50 -5.67
C TYR V 208 0.07 -12.57 -5.40
N ASN V 209 -0.37 -12.14 -4.22
CA ASN V 209 -1.78 -12.01 -3.95
C ASN V 209 -2.32 -10.87 -4.81
N PRO V 210 -3.32 -11.12 -5.67
CA PRO V 210 -3.77 -10.05 -6.56
C PRO V 210 -4.34 -8.84 -5.85
N PHE V 211 -5.00 -9.02 -4.70
CA PHE V 211 -5.64 -7.89 -4.04
C PHE V 211 -4.67 -7.08 -3.19
N HIS V 212 -3.57 -7.69 -2.73
CA HIS V 212 -2.53 -6.93 -2.04
C HIS V 212 -1.83 -5.98 -2.99
N ALA V 213 -1.59 -6.42 -4.23
CA ALA V 213 -0.98 -5.56 -5.23
C ALA V 213 -1.86 -4.36 -5.54
N ILE V 214 -3.17 -4.56 -5.62
CA ILE V 214 -4.08 -3.45 -5.88
C ILE V 214 -4.03 -2.45 -4.73
N GLY V 215 -3.97 -2.93 -3.49
CA GLY V 215 -3.84 -2.04 -2.35
C GLY V 215 -2.55 -1.24 -2.39
N ILE V 216 -1.44 -1.89 -2.75
CA ILE V 216 -0.17 -1.19 -2.84
C ILE V 216 -0.23 -0.13 -3.94
N THR V 217 -0.82 -0.48 -5.09
CA THR V 217 -0.95 0.47 -6.19
C THR V 217 -1.77 1.68 -5.76
N LEU V 218 -2.88 1.45 -5.07
CA LEU V 218 -3.71 2.57 -4.64
C LEU V 218 -3.02 3.40 -3.57
N LEU V 219 -2.21 2.78 -2.70
CA LEU V 219 -1.44 3.54 -1.73
C LEU V 219 -0.45 4.48 -2.42
N PHE V 220 0.29 3.94 -3.39
CA PHE V 220 1.25 4.76 -4.12
C PHE V 220 0.56 5.88 -4.89
N ALA V 221 -0.58 5.57 -5.51
CA ALA V 221 -1.36 6.59 -6.21
C ALA V 221 -1.87 7.65 -5.25
N SER V 222 -2.28 7.25 -4.05
CA SER V 222 -2.74 8.21 -3.06
C SER V 222 -1.63 9.18 -2.68
N THR V 223 -0.42 8.66 -2.44
CA THR V 223 0.69 9.54 -2.10
C THR V 223 1.01 10.50 -3.24
N LEU V 224 1.05 9.97 -4.46
CA LEU V 224 1.36 10.81 -5.62
C LEU V 224 0.30 11.91 -5.81
N PHE V 225 -0.97 11.54 -5.69
CA PHE V 225 -2.05 12.51 -5.88
C PHE V 225 -2.01 13.58 -4.79
N LEU V 226 -1.76 13.19 -3.54
CA LEU V 226 -1.70 14.16 -2.46
C LEU V 226 -0.56 15.14 -2.68
N HIS V 227 0.61 14.63 -3.06
CA HIS V 227 1.75 15.52 -3.25
C HIS V 227 1.52 16.46 -4.43
N MET V 228 0.94 15.95 -5.52
CA MET V 228 0.65 16.81 -6.67
C MET V 228 -0.37 17.88 -6.32
N HIS V 229 -1.42 17.53 -5.57
CA HIS V 229 -2.42 18.53 -5.19
C HIS V 229 -1.83 19.59 -4.28
N GLY V 230 -0.99 19.19 -3.32
CA GLY V 230 -0.32 20.17 -2.49
C GLY V 230 0.56 21.11 -3.30
N SER V 231 1.33 20.55 -4.23
CA SER V 231 2.19 21.38 -5.07
C SER V 231 1.37 22.34 -5.91
N ALA V 232 0.26 21.87 -6.48
CA ALA V 232 -0.59 22.72 -7.31
C ALA V 232 -1.17 23.88 -6.51
N VAL V 233 -1.70 23.59 -5.32
CA VAL V 233 -2.33 24.65 -4.54
C VAL V 233 -1.29 25.64 -4.03
N LEU V 234 -0.13 25.14 -3.58
CA LEU V 234 0.87 26.03 -3.02
C LEU V 234 1.53 26.91 -4.07
N SER V 235 1.50 26.50 -5.34
CA SER V 235 2.19 27.23 -6.39
C SER V 235 1.44 28.49 -6.83
N GLU V 236 0.15 28.60 -6.53
CA GLU V 236 -0.66 29.75 -6.88
C GLU V 236 -1.16 30.50 -5.66
N ALA V 237 -0.38 30.51 -4.58
CA ALA V 237 -0.89 30.95 -3.29
C ALA V 237 -1.03 32.46 -3.22
N LYS V 238 0.04 33.20 -3.49
CA LYS V 238 0.11 34.62 -3.16
C LYS V 238 0.64 35.43 -4.34
N ARG V 239 0.04 35.22 -5.51
CA ARG V 239 0.42 35.92 -6.73
C ARG V 239 -0.83 36.45 -7.42
N ASN V 240 -0.62 37.39 -8.34
CA ASN V 240 -1.69 37.94 -9.16
C ASN V 240 -1.99 36.94 -10.28
N ILE V 241 -3.03 36.13 -10.08
CA ILE V 241 -3.37 35.05 -10.99
C ILE V 241 -4.85 35.17 -11.36
N SER V 242 -5.16 34.76 -12.58
CA SER V 242 -6.51 34.89 -13.13
C SER V 242 -7.37 33.66 -12.88
N ASP V 243 -6.97 32.77 -11.96
CA ASP V 243 -7.69 31.50 -11.67
C ASP V 243 -7.74 30.48 -12.81
N GLN V 244 -7.18 30.82 -13.96
CA GLN V 244 -7.07 29.86 -15.06
C GLN V 244 -5.63 29.45 -15.34
N ASN V 245 -4.65 30.02 -14.64
CA ASN V 245 -3.26 29.69 -14.91
C ASN V 245 -2.93 28.26 -14.53
N ILE V 246 -3.51 27.76 -13.43
CA ILE V 246 -3.22 26.39 -13.00
C ILE V 246 -3.80 25.39 -13.99
N HIS V 247 -4.97 25.67 -14.57
CA HIS V 247 -5.53 24.79 -15.59
C HIS V 247 -4.67 24.77 -16.84
N VAL V 248 -4.16 25.93 -17.26
CA VAL V 248 -3.29 25.98 -18.42
C VAL V 248 -1.98 25.24 -18.14
N PHE V 249 -1.47 25.33 -16.92
CA PHE V 249 -0.28 24.57 -16.55
C PHE V 249 -0.55 23.07 -16.60
N TRP V 250 -1.67 22.63 -16.03
CA TRP V 250 -2.01 21.22 -16.00
C TRP V 250 -2.49 20.68 -17.35
N ARG V 251 -2.72 21.55 -18.33
CA ARG V 251 -3.06 21.07 -19.67
C ARG V 251 -1.86 21.04 -20.60
N ASN V 252 -0.89 21.94 -20.41
CA ASN V 252 0.36 21.83 -21.13
C ASN V 252 1.12 20.58 -20.71
N ILE V 253 1.25 20.37 -19.40
CA ILE V 253 1.81 19.13 -18.88
C ILE V 253 0.68 18.12 -18.72
N LEU V 254 0.86 16.92 -19.25
CA LEU V 254 -0.02 15.77 -19.17
C LEU V 254 -1.25 15.91 -20.07
N GLY V 255 -1.49 17.06 -20.69
CA GLY V 255 -2.60 17.20 -21.62
C GLY V 255 -3.97 16.92 -21.03
N TYR V 256 -4.17 17.28 -19.75
CA TYR V 256 -5.48 17.14 -19.15
C TYR V 256 -5.55 17.81 -17.78
N SER V 257 -6.66 18.50 -17.51
CA SER V 257 -6.92 19.11 -16.20
C SER V 257 -8.22 18.56 -15.67
N ILE V 258 -8.24 18.19 -14.38
CA ILE V 258 -9.38 17.48 -13.81
C ILE V 258 -10.42 18.40 -13.17
N GLY V 259 -10.02 19.59 -12.72
CA GLY V 259 -10.94 20.54 -12.15
C GLY V 259 -10.84 20.63 -10.63
N GLU V 260 -11.53 21.64 -10.08
CA GLU V 260 -11.45 21.92 -8.66
C GLU V 260 -12.17 20.87 -7.82
N ILE V 261 -13.30 20.35 -8.30
CA ILE V 261 -14.07 19.39 -7.53
C ILE V 261 -13.69 17.94 -7.81
N GLY V 262 -13.11 17.67 -8.98
CA GLY V 262 -12.76 16.30 -9.33
C GLY V 262 -11.66 15.70 -8.48
N ILE V 263 -10.66 16.51 -8.10
CA ILE V 263 -9.49 15.98 -7.42
C ILE V 263 -9.85 15.44 -6.03
N HIS V 264 -10.71 16.16 -5.29
CA HIS V 264 -11.06 15.73 -3.94
C HIS V 264 -11.84 14.43 -3.96
N ARG V 265 -12.75 14.27 -4.93
CA ARG V 265 -13.47 13.02 -5.10
C ARG V 265 -12.51 11.87 -5.37
N VAL V 266 -11.53 12.09 -6.22
CA VAL V 266 -10.55 11.06 -6.54
C VAL V 266 -9.78 10.65 -5.29
N ALA V 267 -9.34 11.64 -4.51
CA ALA V 267 -8.59 11.36 -3.29
C ALA V 267 -9.42 10.51 -2.33
N PHE V 268 -10.66 10.93 -2.09
CA PHE V 268 -11.57 10.19 -1.20
C PHE V 268 -11.75 8.75 -1.67
N TRP V 269 -12.08 8.58 -2.95
CA TRP V 269 -12.40 7.26 -3.47
C TRP V 269 -11.20 6.33 -3.41
N THR V 270 -10.03 6.82 -3.81
CA THR V 270 -8.84 5.98 -3.80
C THR V 270 -8.45 5.60 -2.37
N GLY V 271 -8.52 6.57 -1.45
CA GLY V 271 -8.20 6.28 -0.07
C GLY V 271 -9.07 5.21 0.54
N ALA V 272 -10.36 5.21 0.19
CA ALA V 272 -11.23 4.13 0.66
C ALA V 272 -10.90 2.80 -0.02
N ALA V 273 -10.73 2.82 -1.34
CA ALA V 273 -10.61 1.60 -2.11
C ALA V 273 -9.36 0.80 -1.73
N SER V 274 -8.25 1.50 -1.45
CA SER V 274 -7.01 0.79 -1.12
C SER V 274 -7.19 -0.11 0.10
N VAL V 275 -7.71 0.46 1.20
CA VAL V 275 -7.91 -0.32 2.41
C VAL V 275 -8.97 -1.39 2.23
N LEU V 276 -10.02 -1.10 1.44
CA LEU V 276 -11.03 -2.13 1.21
C LEU V 276 -10.44 -3.35 0.51
N PHE V 277 -9.66 -3.13 -0.54
CA PHE V 277 -9.04 -4.25 -1.24
C PHE V 277 -8.04 -4.97 -0.36
N SER V 278 -7.31 -4.23 0.48
CA SER V 278 -6.35 -4.88 1.39
C SER V 278 -7.06 -5.80 2.39
N ASN V 279 -8.18 -5.35 2.96
CA ASN V 279 -8.89 -6.21 3.90
C ASN V 279 -9.44 -7.45 3.19
N LEU V 280 -9.93 -7.28 1.97
CA LEU V 280 -10.38 -8.44 1.20
C LEU V 280 -9.24 -9.44 0.97
N CYS V 281 -8.05 -8.93 0.62
CA CYS V 281 -6.93 -9.83 0.33
C CYS V 281 -6.53 -10.60 1.58
N ILE V 282 -6.44 -9.92 2.72
CA ILE V 282 -6.01 -10.60 3.95
C ILE V 282 -7.03 -11.67 4.34
N PHE V 283 -8.32 -11.34 4.26
CA PHE V 283 -9.33 -12.34 4.61
C PHE V 283 -9.27 -13.55 3.68
N LEU V 284 -9.14 -13.31 2.37
CA LEU V 284 -9.08 -14.44 1.44
C LEU V 284 -7.84 -15.28 1.68
N SER V 285 -6.70 -14.64 1.97
CA SER V 285 -5.49 -15.39 2.29
C SER V 285 -5.67 -16.24 3.54
N GLY V 286 -6.48 -15.77 4.49
CA GLY V 286 -6.65 -16.53 5.72
C GLY V 286 -7.28 -17.89 5.53
N THR V 287 -8.36 -17.96 4.74
CA THR V 287 -9.26 -19.11 4.76
C THR V 287 -9.23 -19.98 3.51
N PHE V 288 -9.32 -19.41 2.32
CA PHE V 288 -9.55 -20.19 1.11
C PHE V 288 -8.28 -20.68 0.43
N VAL V 289 -7.20 -19.91 0.48
CA VAL V 289 -5.95 -20.26 -0.20
C VAL V 289 -4.89 -20.58 0.85
N LYS V 290 -3.99 -21.50 0.49
CA LYS V 290 -2.86 -21.85 1.34
C LYS V 290 -1.51 -21.52 0.72
N ASP V 291 -1.48 -21.18 -0.57
CA ASP V 291 -0.21 -20.92 -1.26
C ASP V 291 -0.53 -20.07 -2.48
N TRP V 292 -0.04 -18.82 -2.49
CA TRP V 292 -0.31 -17.92 -3.60
C TRP V 292 0.51 -18.24 -4.84
N ASN V 293 1.54 -19.09 -4.73
CA ASN V 293 2.25 -19.53 -5.93
C ASN V 293 1.45 -20.56 -6.71
N ALA V 294 0.72 -21.42 -6.02
CA ALA V 294 -0.14 -22.40 -6.68
C ALA V 294 -1.40 -21.77 -7.26
N PHE V 295 -1.75 -20.56 -6.84
CA PHE V 295 -2.93 -19.89 -7.37
C PHE V 295 -2.77 -19.61 -8.86
N TRP V 296 -1.56 -19.26 -9.29
CA TRP V 296 -1.30 -18.89 -10.68
C TRP V 296 -0.94 -20.07 -11.55
N GLY V 297 -1.08 -21.30 -11.06
CA GLY V 297 -0.80 -22.47 -11.87
C GLY V 297 -1.75 -22.69 -13.02
N PHE V 298 -2.89 -22.00 -13.03
CA PHE V 298 -3.86 -22.13 -14.12
C PHE V 298 -3.50 -21.31 -15.35
N TRP V 299 -2.57 -20.36 -15.22
CA TRP V 299 -2.30 -19.44 -16.32
C TRP V 299 -1.69 -20.16 -17.52
N ASP V 300 -0.70 -21.01 -17.27
CA ASP V 300 -0.02 -21.70 -18.36
C ASP V 300 -0.80 -22.91 -18.87
N LYS V 301 -2.00 -23.16 -18.37
CA LYS V 301 -2.78 -24.33 -18.75
C LYS V 301 -4.07 -23.99 -19.49
N MET V 302 -4.38 -22.71 -19.68
CA MET V 302 -5.57 -22.35 -20.43
C MET V 302 -5.42 -22.82 -21.88
N PRO V 303 -6.51 -23.20 -22.55
CA PRO V 303 -6.39 -23.82 -23.88
C PRO V 303 -6.14 -22.82 -25.00
N ILE V 304 -5.18 -21.91 -24.79
CA ILE V 304 -4.71 -21.03 -25.84
C ILE V 304 -3.19 -21.10 -26.01
N TRP V 305 -2.45 -21.57 -25.01
CA TRP V 305 -1.00 -21.63 -25.05
C TRP V 305 -0.43 -23.01 -24.77
N ASN V 306 -1.27 -24.04 -24.63
CA ASN V 306 -0.83 -25.33 -24.13
C ASN V 306 0.25 -25.97 -25.02
N GLY V 307 0.00 -26.21 -26.26
CA GLY V 307 1.03 -26.87 -27.02
C GLY V 307 1.89 -26.04 -27.90
N VAL V 308 2.11 -24.77 -27.57
CA VAL V 308 2.84 -23.90 -28.49
C VAL V 308 4.34 -23.75 -28.29
N GLY V 309 4.95 -24.48 -27.37
CA GLY V 309 6.37 -24.32 -27.11
C GLY V 309 7.18 -25.59 -27.02
N GLN V 310 8.50 -25.48 -26.98
CA GLN V 310 9.39 -26.65 -26.84
C GLN V 310 10.59 -26.48 -25.86
N GLY V 311 11.07 -27.57 -25.24
CA GLY V 311 12.17 -27.51 -24.27
C GLY V 311 11.91 -26.72 -22.99
N ALA V 312 12.83 -25.85 -22.61
CA ALA V 312 12.68 -25.06 -21.38
C ALA V 312 11.59 -24.03 -21.59
N LEU V 313 11.16 -23.83 -22.82
CA LEU V 313 10.12 -22.88 -23.15
C LEU V 313 8.69 -23.43 -23.21
N VAL V 314 8.44 -24.62 -22.69
CA VAL V 314 7.10 -25.19 -22.78
C VAL V 314 6.36 -25.39 -21.48
N ALA V 315 5.16 -24.85 -21.36
CA ALA V 315 4.34 -25.12 -20.20
C ALA V 315 2.86 -24.98 -20.52
N PRO W 1 1.40 40.46 -18.33
CA PRO W 1 2.49 40.17 -19.28
C PRO W 1 2.49 38.71 -19.74
N ILE W 2 1.58 37.90 -19.19
CA ILE W 2 1.44 36.51 -19.57
C ILE W 2 0.05 36.32 -20.18
N ASP W 3 0.02 35.90 -21.45
CA ASP W 3 -1.23 35.67 -22.16
C ASP W 3 -1.53 34.18 -22.08
N LEU W 4 -2.68 33.84 -21.52
CA LEU W 4 -3.05 32.44 -21.39
C LEU W 4 -3.51 31.86 -22.72
N HIS W 5 -4.01 32.70 -23.63
CA HIS W 5 -4.51 32.19 -24.90
C HIS W 5 -3.38 31.74 -25.82
N ASP W 6 -2.28 32.50 -25.88
CA ASP W 6 -1.18 32.09 -26.75
C ASP W 6 -0.43 30.89 -26.17
N GLU W 7 -0.44 30.75 -24.85
CA GLU W 7 0.22 29.60 -24.22
C GLU W 7 -0.45 28.28 -24.57
N GLU W 8 -1.72 28.32 -25.01
CA GLU W 8 -2.45 27.11 -25.31
C GLU W 8 -2.57 26.82 -26.81
N TYR W 9 -2.40 27.83 -27.67
CA TYR W 9 -2.70 27.67 -29.10
C TYR W 9 -1.56 28.12 -30.00
N ARG W 10 -0.32 28.13 -29.53
CA ARG W 10 0.78 28.34 -30.47
C ARG W 10 1.01 27.08 -31.30
N ASP W 11 1.79 27.24 -32.36
CA ASP W 11 2.02 26.18 -33.34
C ASP W 11 3.52 25.93 -33.50
N GLY W 12 3.85 24.68 -33.82
CA GLY W 12 5.23 24.29 -34.03
C GLY W 12 5.94 23.99 -32.73
N LEU W 13 7.27 23.95 -32.82
CA LEU W 13 8.09 23.82 -31.63
C LEU W 13 7.93 25.06 -30.76
N GLU W 14 7.95 24.86 -29.44
CA GLU W 14 7.49 25.87 -28.50
C GLU W 14 6.02 26.18 -28.73
N GLY W 15 5.26 25.14 -29.05
CA GLY W 15 3.83 25.24 -29.28
C GLY W 15 3.14 23.96 -28.88
N THR W 16 1.86 23.82 -29.22
CA THR W 16 1.06 22.67 -28.82
C THR W 16 0.60 21.88 -30.04
N ILE W 17 0.13 20.66 -29.76
CA ILE W 17 -0.44 19.78 -30.77
C ILE W 17 -1.75 19.22 -30.22
N ALA W 18 -2.52 18.60 -31.11
CA ALA W 18 -3.88 18.17 -30.77
C ALA W 18 -4.72 19.36 -30.33
N LYS W 19 -4.51 20.50 -31.00
CA LYS W 19 -5.01 21.81 -30.60
C LYS W 19 -6.53 21.85 -30.49
N PRO W 20 -7.29 21.32 -31.44
CA PRO W 20 -8.74 21.24 -31.27
C PRO W 20 -9.10 20.25 -30.17
N PRO W 21 -9.62 20.73 -29.04
CA PRO W 21 -9.84 19.84 -27.90
C PRO W 21 -10.90 18.78 -28.18
N GLY W 22 -10.78 17.65 -27.48
CA GLY W 22 -11.78 16.62 -27.50
C GLY W 22 -12.52 16.53 -26.17
N HIS W 23 -13.69 15.91 -26.22
CA HIS W 23 -14.56 15.75 -25.05
C HIS W 23 -14.82 14.27 -24.83
N VAL W 24 -14.66 13.82 -23.59
CA VAL W 24 -14.80 12.40 -23.28
C VAL W 24 -16.23 12.05 -22.87
N GLY W 25 -16.96 12.99 -22.29
CA GLY W 25 -18.35 12.76 -21.95
C GLY W 25 -18.57 12.19 -20.56
N TRP W 26 -18.17 10.94 -20.36
CA TRP W 26 -18.39 10.30 -19.06
C TRP W 26 -17.51 10.89 -17.98
N MET W 27 -16.32 11.38 -18.33
CA MET W 27 -15.47 12.05 -17.36
C MET W 27 -16.08 13.35 -16.89
N GLN W 28 -16.82 14.04 -17.76
CA GLN W 28 -17.53 15.25 -17.36
C GLN W 28 -18.59 14.94 -16.31
N ARG W 29 -19.33 13.85 -16.49
CA ARG W 29 -20.42 13.51 -15.57
C ARG W 29 -19.91 13.04 -14.21
N LEU W 30 -18.74 12.41 -14.16
CA LEU W 30 -18.21 11.84 -12.94
C LEU W 30 -17.18 12.72 -12.25
N LEU W 31 -16.34 13.43 -13.01
CA LEU W 31 -15.27 14.23 -12.43
C LEU W 31 -15.48 15.73 -12.51
N GLY W 32 -16.35 16.21 -13.40
CA GLY W 32 -16.63 17.62 -13.54
C GLY W 32 -15.96 18.28 -14.71
N GLU W 33 -14.98 17.64 -15.34
CA GLU W 33 -14.29 18.20 -16.50
C GLU W 33 -13.93 17.07 -17.44
N GLY W 34 -14.17 17.29 -18.74
CA GLY W 34 -13.92 16.25 -19.71
C GLY W 34 -13.11 16.68 -20.92
N GLN W 35 -12.67 17.94 -20.94
CA GLN W 35 -11.88 18.44 -22.07
C GLN W 35 -10.46 17.90 -21.99
N VAL W 36 -9.98 17.35 -23.10
CA VAL W 36 -8.59 16.87 -23.16
C VAL W 36 -7.62 17.96 -23.60
N GLY W 37 -8.05 18.90 -24.44
CA GLY W 37 -7.27 20.07 -24.77
C GLY W 37 -5.97 19.75 -25.48
N PRO W 38 -5.26 20.79 -25.89
CA PRO W 38 -3.95 20.62 -26.52
C PRO W 38 -2.89 20.26 -25.50
N ILE W 39 -1.74 19.81 -26.02
CA ILE W 39 -0.61 19.40 -25.19
C ILE W 39 0.65 20.07 -25.72
N TYR W 40 1.51 20.51 -24.79
CA TYR W 40 2.74 21.20 -25.14
C TYR W 40 3.83 20.20 -25.51
N VAL W 41 4.62 20.55 -26.53
CA VAL W 41 5.65 19.66 -27.06
C VAL W 41 7.00 20.33 -27.22
N GLY W 42 7.07 21.65 -27.10
CA GLY W 42 8.28 22.40 -27.42
C GLY W 42 9.53 22.00 -26.65
N LEU W 43 10.61 21.75 -27.39
CA LEU W 43 11.91 21.35 -26.85
C LEU W 43 11.80 20.22 -25.83
N TRP W 44 11.61 20.58 -24.55
CA TRP W 44 11.44 19.57 -23.52
C TRP W 44 10.18 18.77 -23.79
N GLY W 45 10.27 17.46 -23.56
CA GLY W 45 9.23 16.53 -23.95
C GLY W 45 9.47 15.85 -25.27
N VAL W 46 10.44 16.34 -26.05
CA VAL W 46 10.86 15.67 -27.28
C VAL W 46 12.03 14.75 -26.94
N ILE W 47 13.03 15.29 -26.25
CA ILE W 47 14.18 14.50 -25.83
C ILE W 47 13.74 13.37 -24.91
N SER W 48 12.89 13.71 -23.93
CA SER W 48 12.40 12.69 -23.00
C SER W 48 11.60 11.62 -23.72
N PHE W 49 10.73 12.04 -24.64
CA PHE W 49 9.93 11.07 -25.39
C PHE W 49 10.81 10.13 -26.21
N ILE W 50 11.80 10.69 -26.89
CA ILE W 50 12.69 9.87 -27.72
C ILE W 50 13.49 8.90 -26.88
N THR W 51 14.04 9.37 -25.74
CA THR W 51 14.85 8.50 -24.91
C THR W 51 14.02 7.40 -24.26
N PHE W 52 12.82 7.74 -23.78
CA PHE W 52 11.96 6.72 -23.20
C PHE W 52 11.53 5.70 -24.25
N PHE W 53 11.26 6.16 -25.48
CA PHE W 53 10.93 5.24 -26.56
C PHE W 53 12.09 4.30 -26.85
N ALA W 54 13.32 4.83 -26.87
CA ALA W 54 14.48 3.99 -27.11
C ALA W 54 14.65 2.93 -26.02
N SER W 55 14.49 3.34 -24.76
CA SER W 55 14.64 2.39 -23.65
C SER W 55 13.56 1.31 -23.72
N ALA W 56 12.31 1.71 -23.96
CA ALA W 56 11.23 0.72 -24.05
C ALA W 56 11.43 -0.22 -25.23
N PHE W 57 11.91 0.31 -26.35
CA PHE W 57 12.17 -0.54 -27.52
C PHE W 57 13.26 -1.55 -27.21
N ILE W 58 14.33 -1.13 -26.54
CA ILE W 58 15.40 -2.05 -26.19
C ILE W 58 14.89 -3.16 -25.28
N ILE W 59 14.11 -2.77 -24.26
CA ILE W 59 13.60 -3.76 -23.32
C ILE W 59 12.66 -4.74 -24.02
N LEU W 60 11.79 -4.24 -24.90
CA LEU W 60 10.83 -5.11 -25.57
C LEU W 60 11.53 -6.05 -26.55
N VAL W 61 12.55 -5.57 -27.27
CA VAL W 61 13.28 -6.44 -28.17
C VAL W 61 14.04 -7.51 -27.40
N ASP W 62 14.60 -7.16 -26.24
CA ASP W 62 15.29 -8.18 -25.46
C ASP W 62 14.30 -9.17 -24.86
N TYR W 63 13.08 -8.74 -24.56
CA TYR W 63 12.02 -9.68 -24.21
C TYR W 63 11.76 -10.63 -25.37
N GLY W 64 11.69 -10.10 -26.59
CA GLY W 64 11.42 -10.93 -27.75
C GLY W 64 12.51 -11.96 -28.00
N ARG W 65 13.76 -11.59 -27.71
CA ARG W 65 14.87 -12.52 -27.95
C ARG W 65 14.83 -13.74 -27.03
N GLN W 66 14.17 -13.64 -25.88
CA GLN W 66 14.25 -14.69 -24.86
C GLN W 66 13.30 -15.86 -25.12
N VAL W 67 12.41 -15.76 -26.09
CA VAL W 67 11.41 -16.79 -26.33
C VAL W 67 11.52 -17.39 -27.73
N GLY W 68 12.61 -17.10 -28.45
CA GLY W 68 12.74 -17.59 -29.80
C GLY W 68 11.92 -16.83 -30.81
N TRP W 69 11.47 -15.62 -30.46
CA TRP W 69 10.68 -14.76 -31.35
C TRP W 69 9.30 -15.33 -31.62
N ASN W 70 8.76 -16.11 -30.69
CA ASN W 70 7.43 -16.68 -30.85
C ASN W 70 6.40 -15.76 -30.22
N PRO W 71 5.43 -15.25 -30.97
CA PRO W 71 4.50 -14.27 -30.42
C PRO W 71 3.43 -14.85 -29.50
N ILE W 72 3.25 -16.16 -29.47
CA ILE W 72 2.28 -16.78 -28.56
C ILE W 72 2.90 -17.03 -27.20
N ILE W 73 4.13 -17.57 -27.17
CA ILE W 73 4.87 -17.66 -25.92
C ILE W 73 5.14 -16.27 -25.36
N TYR W 74 5.31 -15.29 -26.24
CA TYR W 74 5.44 -13.90 -25.81
C TYR W 74 4.24 -13.46 -24.99
N LEU W 75 3.03 -13.71 -25.49
CA LEU W 75 1.82 -13.33 -24.76
C LEU W 75 1.66 -14.17 -23.50
N ARG W 76 2.00 -15.46 -23.56
CA ARG W 76 1.88 -16.32 -22.39
C ARG W 76 2.77 -15.85 -21.25
N GLU W 77 4.04 -15.54 -21.55
CA GLU W 77 5.04 -15.28 -20.54
C GLU W 77 5.44 -13.81 -20.48
N PHE W 78 4.58 -12.90 -20.93
CA PHE W 78 4.95 -11.49 -20.99
C PHE W 78 5.08 -10.88 -19.60
N TRP W 79 4.30 -11.35 -18.64
CA TRP W 79 4.27 -10.75 -17.31
C TRP W 79 5.38 -11.26 -16.40
N ASN W 80 6.19 -12.21 -16.86
CA ASN W 80 7.28 -12.75 -16.06
C ASN W 80 8.60 -12.81 -16.85
N LEU W 81 8.70 -12.07 -17.94
CA LEU W 81 9.98 -11.85 -18.59
C LEU W 81 10.67 -10.65 -17.96
N ALA W 82 12.01 -10.65 -18.00
CA ALA W 82 12.78 -9.56 -17.44
C ALA W 82 14.18 -9.58 -18.02
N VAL W 83 14.78 -8.40 -18.11
CA VAL W 83 16.16 -8.23 -18.52
C VAL W 83 16.99 -7.99 -17.27
N TYR W 84 17.84 -8.93 -16.94
CA TYR W 84 18.49 -8.75 -15.65
C TYR W 84 19.85 -8.08 -15.82
N PRO W 85 20.32 -7.42 -14.77
CA PRO W 85 21.63 -6.77 -14.83
C PRO W 85 22.75 -7.80 -14.86
N PRO W 86 23.99 -7.37 -15.01
CA PRO W 86 25.10 -8.32 -15.04
C PRO W 86 25.19 -9.08 -13.72
N PRO W 87 25.65 -10.33 -13.77
CA PRO W 87 25.80 -11.10 -12.52
C PRO W 87 26.86 -10.53 -11.60
N THR W 88 27.07 -11.16 -10.45
CA THR W 88 27.99 -10.63 -9.45
C THR W 88 29.45 -10.69 -9.91
N GLU W 89 29.77 -11.55 -10.86
CA GLU W 89 31.13 -11.65 -11.37
C GLU W 89 31.43 -10.45 -12.25
N TYR W 90 32.55 -9.77 -11.98
CA TYR W 90 32.96 -8.54 -12.65
C TYR W 90 31.78 -7.57 -12.81
N GLY W 91 31.09 -7.34 -11.69
CA GLY W 91 29.78 -6.72 -11.74
C GLY W 91 29.78 -5.33 -12.33
N LEU W 92 30.63 -4.43 -11.82
CA LEU W 92 30.56 -3.04 -12.25
C LEU W 92 31.05 -2.85 -13.69
N SER W 93 31.80 -3.83 -14.21
CA SER W 93 32.34 -3.73 -15.56
C SER W 93 31.23 -3.62 -16.60
N TRP W 94 31.49 -2.82 -17.64
CA TRP W 94 30.57 -2.69 -18.77
C TRP W 94 30.86 -3.67 -19.90
N ASN W 95 31.94 -4.44 -19.81
CA ASN W 95 32.28 -5.39 -20.86
C ASN W 95 31.55 -6.71 -20.64
N VAL W 96 30.22 -6.64 -20.68
CA VAL W 96 29.37 -7.80 -20.44
C VAL W 96 28.69 -8.20 -21.75
N PRO W 97 28.44 -9.50 -21.98
CA PRO W 97 27.69 -9.90 -23.17
C PRO W 97 26.30 -9.29 -23.21
N TRP W 98 25.74 -9.13 -24.41
CA TRP W 98 24.46 -8.46 -24.55
C TRP W 98 23.33 -9.21 -23.87
N ASP W 99 23.44 -10.54 -23.75
CA ASP W 99 22.40 -11.35 -23.13
C ASP W 99 22.69 -11.65 -21.66
N LYS W 100 23.75 -11.11 -21.09
CA LYS W 100 24.09 -11.30 -19.69
C LYS W 100 24.16 -9.97 -18.96
N GLY W 101 23.32 -9.02 -19.37
CA GLY W 101 23.30 -7.70 -18.78
C GLY W 101 23.73 -6.57 -19.68
N GLY W 102 24.09 -6.86 -20.94
CA GLY W 102 24.45 -5.80 -21.86
C GLY W 102 23.29 -4.91 -22.23
N ALA W 103 22.09 -5.50 -22.36
CA ALA W 103 20.90 -4.72 -22.72
C ALA W 103 20.36 -3.91 -21.55
N TRP W 104 20.70 -4.26 -20.32
CA TRP W 104 20.17 -3.57 -19.14
C TRP W 104 20.78 -2.18 -19.01
N LEU W 105 22.09 -2.06 -19.21
CA LEU W 105 22.80 -0.82 -18.94
C LEU W 105 22.33 0.32 -19.85
N ALA W 106 22.20 0.03 -21.15
CA ALA W 106 21.79 1.05 -22.10
C ALA W 106 20.37 1.55 -21.80
N ALA W 107 19.45 0.62 -21.53
CA ALA W 107 18.09 1.00 -21.18
C ALA W 107 18.05 1.84 -19.91
N THR W 108 18.84 1.46 -18.91
CA THR W 108 18.88 2.24 -17.67
C THR W 108 19.41 3.64 -17.91
N PHE W 109 20.46 3.76 -18.72
CA PHE W 109 21.02 5.08 -19.04
C PHE W 109 20.00 5.96 -19.76
N PHE W 110 19.31 5.39 -20.75
CA PHE W 110 18.30 6.15 -21.47
C PHE W 110 17.15 6.57 -20.56
N LEU W 111 16.75 5.68 -19.64
CA LEU W 111 15.72 6.02 -18.68
C LEU W 111 16.15 7.17 -17.77
N HIS W 112 17.42 7.16 -17.34
CA HIS W 112 17.96 8.26 -16.54
C HIS W 112 17.84 9.58 -17.29
N ILE W 113 18.26 9.58 -18.56
CA ILE W 113 18.18 10.80 -19.36
C ILE W 113 16.73 11.26 -19.50
N SER W 114 15.82 10.30 -19.71
CA SER W 114 14.40 10.62 -19.86
C SER W 114 13.85 11.32 -18.62
N VAL W 115 14.16 10.77 -17.45
CA VAL W 115 13.59 11.35 -16.22
C VAL W 115 14.18 12.72 -15.96
N LEU W 116 15.48 12.91 -16.22
CA LEU W 116 16.08 14.22 -16.01
C LEU W 116 15.47 15.27 -16.94
N THR W 117 15.29 14.91 -18.22
CA THR W 117 14.68 15.86 -19.15
C THR W 117 13.23 16.13 -18.80
N TRP W 118 12.51 15.14 -18.25
CA TRP W 118 11.15 15.40 -17.81
C TRP W 118 11.11 16.40 -16.66
N TRP W 119 12.05 16.28 -15.72
CA TRP W 119 12.15 17.27 -14.65
C TRP W 119 12.39 18.67 -15.22
N ALA W 120 13.31 18.75 -16.19
CA ALA W 120 13.58 20.05 -16.83
C ALA W 120 12.32 20.61 -17.49
N ARG W 121 11.57 19.76 -18.17
CA ARG W 121 10.32 20.18 -18.81
C ARG W 121 9.34 20.73 -17.79
N LEU W 122 9.19 20.03 -16.66
CA LEU W 122 8.31 20.51 -15.59
C LEU W 122 8.74 21.88 -15.10
N TYR W 123 10.04 22.06 -14.85
CA TYR W 123 10.54 23.33 -14.34
C TYR W 123 10.24 24.48 -15.32
N THR W 124 10.61 24.29 -16.59
CA THR W 124 10.42 25.36 -17.57
C THR W 124 8.93 25.67 -17.77
N ARG W 125 8.08 24.64 -17.84
CA ARG W 125 6.67 24.92 -18.05
C ARG W 125 6.04 25.59 -16.83
N ALA W 126 6.49 25.25 -15.62
CA ALA W 126 6.00 25.95 -14.44
C ALA W 126 6.42 27.42 -14.47
N LYS W 127 7.65 27.70 -14.90
CA LYS W 127 8.08 29.09 -14.99
C LYS W 127 7.35 29.87 -16.08
N ALA W 128 7.00 29.21 -17.19
CA ALA W 128 6.45 29.94 -18.34
C ALA W 128 5.01 30.39 -18.13
N THR W 129 4.32 29.86 -17.12
CA THR W 129 2.90 30.20 -16.92
C THR W 129 2.69 31.19 -15.77
N GLY W 130 3.68 31.36 -14.89
CA GLY W 130 3.55 32.26 -13.76
C GLY W 130 3.27 31.59 -12.43
N VAL W 131 3.07 30.28 -12.41
CA VAL W 131 2.86 29.54 -11.17
C VAL W 131 4.22 29.17 -10.58
N GLY W 132 4.22 28.74 -9.32
CA GLY W 132 5.45 28.39 -8.63
C GLY W 132 6.02 27.06 -9.09
N THR W 133 7.21 26.76 -8.56
CA THR W 133 7.99 25.60 -8.99
C THR W 133 8.10 24.54 -7.89
N GLN W 134 7.03 24.34 -7.12
CA GLN W 134 7.05 23.34 -6.06
C GLN W 134 7.06 21.92 -6.63
N LEU W 135 6.35 21.70 -7.74
CA LEU W 135 6.27 20.38 -8.34
C LEU W 135 7.64 19.88 -8.78
N ALA W 136 8.48 20.79 -9.29
CA ALA W 136 9.81 20.40 -9.72
C ALA W 136 10.64 19.88 -8.54
N TRP W 137 10.54 20.51 -7.38
CA TRP W 137 11.32 20.06 -6.24
C TRP W 137 10.75 18.78 -5.62
N GLY W 138 9.43 18.62 -5.64
CA GLY W 138 8.87 17.34 -5.24
C GLY W 138 9.34 16.20 -6.13
N PHE W 139 9.31 16.43 -7.45
CA PHE W 139 9.86 15.44 -8.37
C PHE W 139 11.35 15.25 -8.16
N ALA W 140 12.05 16.29 -7.71
CA ALA W 140 13.47 16.14 -7.38
C ALA W 140 13.67 15.18 -6.22
N SER W 141 12.83 15.26 -5.19
CA SER W 141 12.92 14.30 -4.09
C SER W 141 12.62 12.89 -4.56
N ALA W 142 11.57 12.74 -5.38
CA ALA W 142 11.25 11.42 -5.93
C ALA W 142 12.41 10.87 -6.75
N LEU W 143 13.03 11.72 -7.56
CA LEU W 143 14.19 11.32 -8.35
C LEU W 143 15.38 11.00 -7.46
N SER W 144 15.49 11.66 -6.30
CA SER W 144 16.53 11.30 -5.36
C SER W 144 16.38 9.86 -4.91
N LEU W 145 15.15 9.47 -4.53
CA LEU W 145 14.92 8.08 -4.16
C LEU W 145 15.20 7.14 -5.34
N TYR W 146 14.76 7.52 -6.53
CA TYR W 146 14.96 6.69 -7.72
C TYR W 146 16.45 6.49 -8.00
N PHE W 147 17.24 7.55 -7.92
CA PHE W 147 18.66 7.49 -8.21
C PHE W 147 19.43 6.78 -7.12
N VAL W 148 18.95 6.82 -5.88
CA VAL W 148 19.53 5.98 -4.84
C VAL W 148 19.29 4.51 -5.17
N ILE W 149 18.07 4.18 -5.63
CA ILE W 149 17.75 2.78 -5.94
C ILE W 149 18.59 2.28 -7.12
N TYR W 150 18.69 3.07 -8.19
CA TYR W 150 19.23 2.56 -9.44
C TYR W 150 20.71 2.87 -9.67
N LEU W 151 21.25 3.92 -9.08
CA LEU W 151 22.64 4.30 -9.37
C LEU W 151 23.54 4.25 -8.14
N PHE W 152 23.13 4.85 -7.03
CA PHE W 152 24.04 5.08 -5.91
C PHE W 152 24.11 3.91 -4.94
N HIS W 153 23.14 2.99 -4.96
CA HIS W 153 23.24 1.81 -4.12
C HIS W 153 24.11 0.73 -4.77
N PRO W 154 23.93 0.42 -6.07
CA PRO W 154 24.85 -0.51 -6.75
C PRO W 154 26.30 -0.06 -6.66
N LEU W 155 26.57 1.18 -7.05
CA LEU W 155 27.84 1.79 -6.71
C LEU W 155 27.94 1.93 -5.20
N ALA W 156 29.16 1.82 -4.68
CA ALA W 156 29.50 1.74 -3.27
C ALA W 156 29.19 0.36 -2.69
N LEU W 157 28.58 -0.54 -3.47
CA LEU W 157 28.50 -1.94 -3.11
C LEU W 157 29.34 -2.83 -4.01
N GLY W 158 29.70 -2.36 -5.21
CA GLY W 158 30.66 -3.01 -6.06
C GLY W 158 30.10 -3.80 -7.22
N ASN W 159 28.78 -3.91 -7.37
CA ASN W 159 28.22 -4.74 -8.42
C ASN W 159 26.88 -4.19 -8.88
N TRP W 160 26.60 -4.34 -10.17
CA TRP W 160 25.32 -3.94 -10.74
C TRP W 160 24.18 -4.87 -10.34
N SER W 161 24.49 -6.02 -9.75
CA SER W 161 23.45 -7.01 -9.43
C SER W 161 22.51 -6.56 -8.33
N ALA W 162 22.81 -5.45 -7.64
CA ALA W 162 21.99 -4.97 -6.54
C ALA W 162 20.78 -4.16 -7.01
N ALA W 163 20.63 -3.93 -8.31
CA ALA W 163 19.55 -3.14 -8.87
C ALA W 163 18.42 -4.03 -9.38
N PRO W 164 17.24 -3.47 -9.59
CA PRO W 164 16.11 -4.27 -10.09
C PRO W 164 16.36 -4.76 -11.51
N GLY W 165 15.42 -5.57 -11.99
CA GLY W 165 15.62 -6.29 -13.23
C GLY W 165 14.68 -5.99 -14.38
N HIS W 166 14.02 -4.84 -14.36
CA HIS W 166 13.25 -4.33 -15.51
C HIS W 166 12.17 -5.33 -15.93
N GLY W 167 11.21 -5.54 -15.04
CA GLY W 167 10.11 -6.45 -15.33
C GLY W 167 8.96 -6.25 -14.39
N PHE W 168 7.80 -6.74 -14.80
CA PHE W 168 6.61 -6.63 -13.97
C PHE W 168 6.77 -7.43 -12.69
N ARG W 169 7.30 -8.64 -12.78
CA ARG W 169 7.53 -9.49 -11.62
C ARG W 169 8.91 -9.30 -11.00
N ALA W 170 9.83 -8.64 -11.71
CA ALA W 170 11.21 -8.51 -11.25
C ALA W 170 11.41 -7.44 -10.18
N ILE W 171 10.42 -6.58 -9.95
CA ILE W 171 10.55 -5.57 -8.91
C ILE W 171 10.10 -6.12 -7.56
N LEU W 172 9.03 -6.92 -7.54
CA LEU W 172 8.63 -7.60 -6.32
C LEU W 172 9.71 -8.55 -5.85
N ASP W 173 10.31 -9.30 -6.79
CA ASP W 173 11.44 -10.16 -6.45
C ASP W 173 12.60 -9.35 -5.89
N TRP W 174 12.87 -8.18 -6.48
CA TRP W 174 13.93 -7.34 -5.97
C TRP W 174 13.67 -6.91 -4.53
N THR W 175 12.43 -6.50 -4.25
CA THR W 175 12.09 -6.08 -2.89
C THR W 175 12.28 -7.23 -1.91
N ASN W 176 11.79 -8.42 -2.26
CA ASN W 176 11.92 -9.57 -1.37
C ASN W 176 13.38 -9.93 -1.15
N TYR W 177 14.17 -9.95 -2.21
CA TYR W 177 15.58 -10.33 -2.09
C TYR W 177 16.36 -9.31 -1.27
N VAL W 178 16.08 -8.02 -1.47
CA VAL W 178 16.79 -6.99 -0.72
C VAL W 178 16.40 -7.07 0.76
N SER W 179 15.13 -7.36 1.05
CA SER W 179 14.73 -7.54 2.44
C SER W 179 15.44 -8.74 3.07
N ILE W 180 15.54 -9.85 2.34
CA ILE W 180 16.15 -11.05 2.89
C ILE W 180 17.66 -10.91 3.06
N HIS W 181 18.33 -10.19 2.15
CA HIS W 181 19.79 -10.23 2.10
C HIS W 181 20.43 -9.40 3.22
N TRP W 182 19.71 -8.46 3.80
CA TRP W 182 20.25 -7.58 4.83
C TRP W 182 19.53 -7.78 6.16
N GLY W 183 19.32 -9.03 6.54
CA GLY W 183 18.71 -9.35 7.83
C GLY W 183 17.17 -9.31 7.74
N ASN W 184 16.57 -8.40 8.50
CA ASN W 184 15.13 -8.20 8.44
C ASN W 184 14.88 -6.72 8.22
N PHE W 185 14.22 -6.39 7.11
CA PHE W 185 14.08 -5.00 6.73
C PHE W 185 13.05 -4.26 7.59
N TYR W 186 12.23 -5.00 8.35
CA TYR W 186 11.28 -4.36 9.25
C TYR W 186 11.99 -3.56 10.34
N TYR W 187 13.16 -4.03 10.78
CA TYR W 187 13.87 -3.42 11.90
C TYR W 187 14.82 -2.31 11.45
N ASN W 188 14.70 -1.83 10.22
CA ASN W 188 15.42 -0.67 9.75
C ASN W 188 14.62 0.57 10.16
N PRO W 189 15.18 1.46 10.99
CA PRO W 189 14.37 2.57 11.52
C PRO W 189 13.87 3.54 10.46
N PHE W 190 14.66 3.79 9.42
CA PHE W 190 14.20 4.69 8.37
C PHE W 190 13.07 4.08 7.55
N HIS W 191 13.04 2.75 7.42
CA HIS W 191 11.89 2.11 6.81
C HIS W 191 10.63 2.37 7.63
N MET W 192 10.75 2.30 8.96
CA MET W 192 9.63 2.62 9.83
C MET W 192 9.19 4.07 9.68
N LEU W 193 10.15 4.98 9.59
CA LEU W 193 9.82 6.40 9.40
C LEU W 193 9.10 6.62 8.08
N SER W 194 9.57 5.97 7.01
CA SER W 194 8.94 6.11 5.72
C SER W 194 7.53 5.52 5.72
N ILE W 195 7.34 4.39 6.40
CA ILE W 195 6.00 3.81 6.51
C ILE W 195 5.08 4.76 7.27
N PHE W 196 5.58 5.36 8.35
CA PHE W 196 4.84 6.37 9.10
C PHE W 196 4.39 7.50 8.18
N PHE W 197 5.32 8.05 7.41
CA PHE W 197 4.97 9.18 6.54
C PHE W 197 4.03 8.78 5.42
N LEU W 198 4.18 7.57 4.87
CA LEU W 198 3.30 7.12 3.80
C LEU W 198 1.86 6.93 4.30
N LEU W 199 1.71 6.27 5.45
CA LEU W 199 0.38 6.10 6.01
C LEU W 199 -0.23 7.44 6.39
N GLY W 200 0.58 8.36 6.92
CA GLY W 200 0.07 9.69 7.21
C GLY W 200 -0.37 10.42 5.95
N SER W 201 0.37 10.25 4.85
CA SER W 201 -0.02 10.87 3.59
C SER W 201 -1.37 10.36 3.12
N THR W 202 -1.55 9.03 3.16
CA THR W 202 -2.84 8.47 2.72
C THR W 202 -3.97 8.94 3.62
N LEU W 203 -3.74 8.95 4.94
CA LEU W 203 -4.76 9.39 5.88
C LEU W 203 -5.15 10.86 5.65
N LEU W 204 -4.14 11.72 5.46
CA LEU W 204 -4.39 13.13 5.21
C LEU W 204 -5.15 13.33 3.90
N LEU W 205 -4.76 12.60 2.86
CA LEU W 205 -5.46 12.73 1.58
C LEU W 205 -6.93 12.35 1.72
N ALA W 206 -7.20 11.24 2.41
CA ALA W 206 -8.58 10.81 2.60
C ALA W 206 -9.37 11.84 3.41
N MET W 207 -8.79 12.36 4.49
CA MET W 207 -9.50 13.36 5.29
C MET W 207 -9.80 14.63 4.49
N HIS W 208 -8.80 15.14 3.76
CA HIS W 208 -9.00 16.38 3.01
C HIS W 208 -10.05 16.20 1.93
N GLY W 209 -9.98 15.09 1.19
CA GLY W 209 -10.98 14.83 0.18
C GLY W 209 -12.38 14.72 0.76
N ALA W 210 -12.51 13.97 1.85
CA ALA W 210 -13.83 13.80 2.47
C ALA W 210 -14.39 15.12 2.96
N THR W 211 -13.55 15.94 3.60
CA THR W 211 -14.03 17.23 4.12
C THR W 211 -14.45 18.15 3.00
N ILE W 212 -13.62 18.28 1.96
CA ILE W 212 -13.93 19.22 0.89
C ILE W 212 -15.13 18.74 0.08
N VAL W 213 -15.38 17.43 0.03
CA VAL W 213 -16.57 16.96 -0.65
C VAL W 213 -17.81 17.10 0.23
N ALA W 214 -17.67 16.96 1.55
CA ALA W 214 -18.82 17.11 2.44
C ALA W 214 -19.29 18.56 2.48
N THR W 215 -18.36 19.51 2.51
CA THR W 215 -18.71 20.93 2.50
C THR W 215 -18.77 21.50 1.09
N SER W 216 -19.07 20.68 0.09
CA SER W 216 -19.06 21.10 -1.30
C SER W 216 -20.32 21.85 -1.72
N LYS W 217 -21.36 21.87 -0.89
CA LYS W 217 -22.58 22.59 -1.27
C LYS W 217 -22.37 24.09 -1.29
N TRP W 218 -21.43 24.60 -0.48
CA TRP W 218 -21.14 26.02 -0.40
C TRP W 218 -19.88 26.41 -1.17
N LYS W 219 -19.44 25.55 -2.09
CA LYS W 219 -18.35 25.87 -3.01
C LYS W 219 -17.02 26.02 -2.27
N SER W 220 -16.74 25.10 -1.34
CA SER W 220 -15.45 25.10 -0.67
C SER W 220 -14.32 24.60 -1.55
N GLU W 221 -14.64 23.96 -2.68
CA GLU W 221 -13.60 23.39 -3.54
C GLU W 221 -12.82 24.43 -4.32
N MET W 222 -13.35 25.66 -4.41
CA MET W 222 -12.64 26.76 -5.09
C MET W 222 -11.58 27.29 -4.12
N GLU W 223 -10.47 26.56 -4.03
CA GLU W 223 -9.46 26.86 -3.02
C GLU W 223 -8.79 28.21 -3.27
N PHE W 224 -8.67 28.62 -4.53
CA PHE W 224 -8.01 29.89 -4.81
C PHE W 224 -8.82 31.07 -4.29
N THR W 225 -10.15 31.00 -4.40
CA THR W 225 -11.00 32.08 -3.88
C THR W 225 -11.10 32.03 -2.37
N GLU W 226 -11.06 30.83 -1.78
CA GLU W 226 -11.12 30.72 -0.32
C GLU W 226 -9.88 31.30 0.36
N MET W 227 -8.78 31.44 -0.36
CA MET W 227 -7.55 31.99 0.21
C MET W 227 -7.54 33.51 0.23
N MET W 228 -8.64 34.15 -0.12
CA MET W 228 -8.80 35.60 -0.02
C MET W 228 -9.89 36.00 0.97
N ALA W 229 -11.03 35.33 0.92
CA ALA W 229 -12.11 35.53 1.89
C ALA W 229 -12.80 34.19 2.08
N GLU W 230 -12.97 33.78 3.34
CA GLU W 230 -13.45 32.44 3.66
C GLU W 230 -14.98 32.43 3.73
N GLY W 231 -15.59 31.62 2.87
CA GLY W 231 -17.03 31.49 2.85
C GLY W 231 -17.52 30.48 3.86
N PRO W 232 -18.84 30.24 3.87
CA PRO W 232 -19.42 29.35 4.90
C PRO W 232 -18.90 27.93 4.87
N GLY W 233 -18.51 27.40 3.70
CA GLY W 233 -18.06 26.02 3.65
C GLY W 233 -16.78 25.79 4.43
N THR W 234 -15.81 26.67 4.26
CA THR W 234 -14.55 26.55 4.99
C THR W 234 -14.77 26.72 6.49
N GLN W 235 -15.68 27.64 6.87
CA GLN W 235 -16.01 27.81 8.28
C GLN W 235 -16.63 26.55 8.86
N ARG W 236 -17.53 25.91 8.10
CA ARG W 236 -18.13 24.67 8.56
C ARG W 236 -17.10 23.57 8.71
N ALA W 237 -16.17 23.46 7.76
CA ALA W 237 -15.13 22.45 7.86
C ALA W 237 -14.23 22.71 9.07
N GLN W 238 -13.87 23.98 9.31
CA GLN W 238 -13.05 24.33 10.46
C GLN W 238 -13.77 23.98 11.75
N LEU W 239 -15.05 24.29 11.84
CA LEU W 239 -15.81 23.97 13.05
C LEU W 239 -15.94 22.46 13.24
N PHE W 240 -16.14 21.72 12.14
CA PHE W 240 -16.23 20.27 12.22
C PHE W 240 -14.94 19.69 12.80
N TRP W 241 -13.79 20.10 12.26
CA TRP W 241 -12.54 19.53 12.77
C TRP W 241 -12.14 20.11 14.12
N ARG W 242 -12.69 21.27 14.51
CA ARG W 242 -12.45 21.79 15.84
C ARG W 242 -13.22 21.01 16.90
N TRP W 243 -14.48 20.68 16.62
CA TRP W 243 -15.31 19.99 17.60
C TRP W 243 -14.99 18.50 17.70
N VAL W 244 -14.31 17.93 16.71
CA VAL W 244 -14.02 16.49 16.75
C VAL W 244 -12.72 16.22 17.50
N MET W 245 -11.64 16.92 17.15
CA MET W 245 -10.33 16.62 17.72
C MET W 245 -9.69 17.81 18.43
N GLY W 246 -10.40 18.92 18.57
CA GLY W 246 -9.95 20.02 19.40
C GLY W 246 -9.05 21.04 18.72
N TRP W 247 -8.63 20.79 17.48
CA TRP W 247 -7.81 21.76 16.76
C TRP W 247 -8.02 21.56 15.27
N ASN W 248 -7.68 22.60 14.51
CA ASN W 248 -7.99 22.62 13.08
C ASN W 248 -6.97 23.48 12.35
N ALA W 249 -7.06 23.46 11.03
CA ALA W 249 -6.26 24.31 10.15
C ALA W 249 -7.20 25.18 9.33
N ASN W 250 -6.63 25.89 8.35
CA ASN W 250 -7.38 26.72 7.43
C ASN W 250 -7.18 26.19 6.00
N SER W 251 -7.66 26.97 5.03
CA SER W 251 -7.58 26.56 3.63
C SER W 251 -6.19 26.72 3.03
N TYR W 252 -5.16 26.98 3.83
CA TYR W 252 -3.82 27.23 3.32
C TYR W 252 -2.76 26.31 3.89
N ASN W 253 -2.82 25.98 5.18
CA ASN W 253 -1.75 25.22 5.82
C ASN W 253 -1.81 23.73 5.50
N ILE W 254 -3.00 23.19 5.25
CA ILE W 254 -3.17 21.76 5.04
C ILE W 254 -2.38 21.28 3.82
N HIS W 255 -2.27 22.13 2.81
CA HIS W 255 -1.47 21.77 1.64
C HIS W 255 0.01 21.72 1.96
N ILE W 256 0.47 22.60 2.86
CA ILE W 256 1.85 22.52 3.35
C ILE W 256 2.07 21.19 4.06
N TRP W 257 1.11 20.79 4.91
CA TRP W 257 1.21 19.51 5.59
C TRP W 257 1.34 18.36 4.59
N ALA W 258 0.49 18.34 3.57
CA ALA W 258 0.51 17.24 2.60
C ALA W 258 1.83 17.20 1.84
N TRP W 259 2.29 18.37 1.37
CA TRP W 259 3.55 18.46 0.64
C TRP W 259 4.70 17.93 1.48
N TRP W 260 4.78 18.35 2.74
CA TRP W 260 5.92 17.95 3.54
C TRP W 260 5.84 16.49 3.95
N PHE W 261 4.64 15.95 4.13
CA PHE W 261 4.51 14.52 4.39
C PHE W 261 5.06 13.71 3.22
N ALA W 262 4.67 14.07 2.00
CA ALA W 262 5.18 13.33 0.83
C ALA W 262 6.70 13.44 0.72
N ALA W 263 7.22 14.67 0.89
CA ALA W 263 8.66 14.88 0.77
C ALA W 263 9.43 14.09 1.82
N PHE W 264 8.95 14.09 3.06
CA PHE W 264 9.61 13.34 4.12
C PHE W 264 9.57 11.84 3.84
N THR W 265 8.44 11.34 3.32
CA THR W 265 8.36 9.94 2.94
C THR W 265 9.49 9.58 1.98
N ALA W 266 9.61 10.35 0.89
CA ALA W 266 10.63 10.05 -0.12
C ALA W 266 12.04 10.13 0.46
N ILE W 267 12.31 11.19 1.23
CA ILE W 267 13.68 11.41 1.72
C ILE W 267 14.08 10.33 2.71
N THR W 268 13.20 10.01 3.67
CA THR W 268 13.53 8.99 4.66
C THR W 268 13.68 7.63 4.01
N GLY W 269 12.83 7.30 3.03
CA GLY W 269 13.00 6.05 2.31
C GLY W 269 14.36 5.95 1.65
N ALA W 270 14.77 7.02 0.96
CA ALA W 270 16.07 7.01 0.29
C ALA W 270 17.21 6.84 1.29
N ILE W 271 17.15 7.56 2.41
CA ILE W 271 18.24 7.48 3.40
C ILE W 271 18.33 6.07 3.99
N GLY W 272 17.18 5.50 4.34
CA GLY W 272 17.18 4.16 4.91
C GLY W 272 17.72 3.12 3.93
N LEU W 273 17.27 3.20 2.67
CA LEU W 273 17.75 2.23 1.68
C LEU W 273 19.26 2.37 1.47
N PHE W 274 19.78 3.59 1.45
CA PHE W 274 21.22 3.75 1.27
C PHE W 274 21.99 3.19 2.46
N LEU W 275 21.50 3.43 3.69
CA LEU W 275 22.21 2.91 4.85
C LEU W 275 22.08 1.41 5.01
N SER W 276 21.08 0.80 4.36
CA SER W 276 20.80 -0.63 4.54
C SER W 276 22.01 -1.50 4.21
N GLY W 277 22.75 -1.15 3.15
CA GLY W 277 23.81 -2.04 2.68
C GLY W 277 25.22 -1.69 3.12
N THR W 278 25.52 -0.40 3.25
CA THR W 278 26.89 0.05 3.42
C THR W 278 27.35 0.13 4.88
N LEU W 279 26.47 0.54 5.79
CA LEU W 279 26.86 0.71 7.19
C LEU W 279 26.38 -0.41 8.11
N VAL W 280 25.16 -0.93 7.92
CA VAL W 280 24.62 -1.94 8.82
C VAL W 280 24.30 -3.20 8.04
N PRO W 281 25.09 -4.27 8.18
CA PRO W 281 24.85 -5.49 7.39
C PRO W 281 23.69 -6.35 7.85
N ASP W 282 23.17 -6.15 9.05
CA ASP W 282 22.13 -7.01 9.60
C ASP W 282 21.25 -6.17 10.51
N TRP W 283 19.99 -5.93 10.09
CA TRP W 283 19.13 -5.03 10.83
C TRP W 283 18.55 -5.68 12.09
N TYR W 284 18.25 -6.97 12.04
CA TYR W 284 17.78 -7.64 13.24
C TYR W 284 18.89 -7.71 14.28
N ALA W 285 20.10 -8.07 13.85
CA ALA W 285 21.21 -8.17 14.79
C ALA W 285 21.60 -6.82 15.37
N TRP W 286 21.33 -5.73 14.64
CA TRP W 286 21.52 -4.39 15.19
C TRP W 286 20.39 -4.03 16.15
N GLY W 287 19.16 -4.44 15.85
CA GLY W 287 18.05 -4.15 16.74
C GLY W 287 18.15 -4.86 18.07
N GLU W 288 18.78 -6.04 18.08
CA GLU W 288 18.98 -6.76 19.33
C GLU W 288 19.96 -6.02 20.24
N THR W 289 20.99 -5.38 19.65
CA THR W 289 21.93 -4.59 20.43
C THR W 289 21.39 -3.21 20.79
N ALA W 290 20.39 -2.73 20.07
CA ALA W 290 19.77 -1.45 20.36
C ALA W 290 18.57 -1.55 21.29
N LYS W 291 18.21 -2.77 21.71
CA LYS W 291 17.15 -2.99 22.70
C LYS W 291 15.79 -2.58 22.17
N ILE W 292 15.50 -2.93 20.91
CA ILE W 292 14.19 -2.71 20.31
C ILE W 292 13.54 -4.02 19.89
N VAL W 293 14.18 -5.15 20.14
CA VAL W 293 13.66 -6.46 19.79
C VAL W 293 13.12 -7.12 21.05
N ALA W 294 11.87 -7.60 20.99
CA ALA W 294 11.24 -8.20 22.15
C ALA W 294 11.69 -9.66 22.29
N PRO W 295 11.97 -10.11 23.51
CA PRO W 295 12.31 -11.52 23.70
C PRO W 295 11.12 -12.42 23.42
N TRP W 296 11.40 -13.56 22.80
CA TRP W 296 10.37 -14.52 22.40
C TRP W 296 10.83 -15.92 22.80
N PRO W 297 10.84 -16.21 24.10
CA PRO W 297 11.39 -17.49 24.58
C PRO W 297 10.63 -18.72 24.09
N ASN W 298 9.32 -18.76 24.35
CA ASN W 298 8.49 -19.93 24.09
C ASN W 298 7.30 -19.52 23.23
N PRO W 299 7.48 -19.41 21.92
CA PRO W 299 6.35 -19.07 21.04
C PRO W 299 5.40 -20.23 20.85
N ASP W 300 4.12 -19.91 20.70
CA ASP W 300 3.08 -20.88 20.38
C ASP W 300 3.07 -21.05 18.87
N TRP W 301 3.67 -22.15 18.41
CA TRP W 301 3.95 -22.32 16.99
C TRP W 301 2.86 -23.09 16.25
N ALA W 302 1.78 -23.48 16.93
CA ALA W 302 0.71 -24.20 16.26
C ALA W 302 -0.10 -23.30 15.33
N GLN W 303 0.02 -21.98 15.49
CA GLN W 303 -0.72 -21.06 14.63
C GLN W 303 -0.13 -20.98 13.23
N TYR W 304 1.17 -21.23 13.08
CA TYR W 304 1.87 -21.00 11.83
C TYR W 304 2.14 -22.28 11.06
N VAL W 305 1.49 -23.38 11.42
CA VAL W 305 1.70 -24.66 10.76
C VAL W 305 0.35 -25.22 10.34
N PHE W 306 0.28 -25.70 9.10
CA PHE W 306 -0.96 -26.27 8.57
C PHE W 306 -1.23 -27.65 9.16
N ARG X 4 9.28 42.61 24.25
CA ARG X 4 9.71 41.48 25.04
C ARG X 4 9.89 40.24 24.18
N PRO X 5 11.09 39.66 24.19
CA PRO X 5 11.36 38.50 23.32
C PRO X 5 10.47 37.31 23.60
N PHE X 6 10.09 37.05 24.85
CA PHE X 6 9.40 35.82 25.21
C PHE X 6 8.33 36.11 26.25
N GLU X 7 7.17 35.48 26.08
CA GLU X 7 6.12 35.55 27.09
C GLU X 7 6.56 34.84 28.37
N PHE X 8 5.98 35.25 29.49
CA PHE X 8 6.24 34.56 30.74
C PHE X 8 5.62 33.15 30.74
N ARG X 9 4.41 33.03 30.18
CA ARG X 9 3.73 31.74 30.16
C ARG X 9 4.48 30.73 29.32
N THR X 10 5.04 31.15 28.18
CA THR X 10 5.81 30.25 27.34
C THR X 10 7.02 29.70 28.09
N SER X 11 7.76 30.59 28.77
CA SER X 11 8.91 30.17 29.54
C SER X 11 8.51 29.20 30.65
N VAL X 12 7.42 29.52 31.35
CA VAL X 12 6.96 28.66 32.44
C VAL X 12 6.61 27.27 31.91
N VAL X 13 5.87 27.21 30.80
CA VAL X 13 5.46 25.93 30.24
C VAL X 13 6.66 25.11 29.81
N VAL X 14 7.60 25.75 29.10
CA VAL X 14 8.76 25.03 28.59
C VAL X 14 9.60 24.50 29.75
N SER X 15 9.86 25.35 30.74
CA SER X 15 10.69 24.92 31.87
C SER X 15 10.02 23.80 32.67
N THR X 16 8.71 23.91 32.92
CA THR X 16 8.02 22.88 33.68
C THR X 16 8.03 21.54 32.94
N LEU X 17 7.72 21.57 31.64
CA LEU X 17 7.71 20.33 30.87
C LEU X 17 9.10 19.70 30.82
N LEU X 18 10.13 20.52 30.60
CA LEU X 18 11.49 19.99 30.56
C LEU X 18 11.90 19.40 31.89
N GLY X 19 11.57 20.07 32.99
CA GLY X 19 11.91 19.54 34.30
C GLY X 19 11.21 18.22 34.60
N LEU X 20 9.92 18.13 34.29
CA LEU X 20 9.19 16.89 34.54
C LEU X 20 9.75 15.74 33.70
N VAL X 21 10.02 16.01 32.41
CA VAL X 21 10.55 14.97 31.54
C VAL X 21 11.92 14.52 32.02
N MET X 22 12.77 15.47 32.41
CA MET X 22 14.11 15.10 32.90
C MET X 22 14.04 14.30 34.18
N ALA X 23 13.13 14.66 35.09
CA ALA X 23 12.99 13.91 36.34
C ALA X 23 12.56 12.48 36.07
N LEU X 24 11.55 12.30 35.20
CA LEU X 24 11.10 10.95 34.86
C LEU X 24 12.22 10.15 34.20
N LEU X 25 12.93 10.77 33.26
CA LEU X 25 14.01 10.08 32.55
C LEU X 25 15.13 9.67 33.51
N ILE X 26 15.50 10.56 34.43
CA ILE X 26 16.61 10.26 35.32
C ILE X 26 16.22 9.17 36.31
N HIS X 27 14.99 9.23 36.85
CA HIS X 27 14.53 8.15 37.72
C HIS X 27 14.52 6.81 36.99
N PHE X 28 14.02 6.79 35.75
CA PHE X 28 13.97 5.54 34.99
C PHE X 28 15.36 5.00 34.71
N VAL X 29 16.30 5.87 34.33
CA VAL X 29 17.65 5.43 34.02
C VAL X 29 18.36 4.93 35.27
N VAL X 30 18.15 5.59 36.41
CA VAL X 30 18.78 5.11 37.64
C VAL X 30 18.18 3.77 38.08
N LEU X 31 16.86 3.61 37.91
CA LEU X 31 16.23 2.34 38.29
C LEU X 31 16.71 1.20 37.40
N SER X 32 16.79 1.41 36.09
CA SER X 32 17.09 0.33 35.17
C SER X 32 18.55 -0.11 35.20
N SER X 33 19.44 0.65 35.83
CA SER X 33 20.86 0.30 35.84
C SER X 33 21.18 -0.83 36.80
N GLY X 34 20.35 -1.07 37.80
CA GLY X 34 20.61 -2.13 38.76
C GLY X 34 21.88 -1.93 39.55
N ALA X 35 22.16 -0.69 39.97
CA ALA X 35 23.38 -0.35 40.67
C ALA X 35 23.15 0.21 42.07
N PHE X 36 21.92 0.17 42.57
CA PHE X 36 21.60 0.79 43.84
C PHE X 36 20.95 -0.13 44.86
N ASN X 37 20.42 -1.28 44.44
CA ASN X 37 19.67 -2.17 45.33
C ASN X 37 18.44 -1.44 45.88
N TRP X 38 17.61 -0.97 44.95
CA TRP X 38 16.39 -0.25 45.26
C TRP X 38 15.24 -0.92 44.52
N LEU X 39 14.18 -1.26 45.25
CA LEU X 39 13.06 -2.04 44.73
C LEU X 39 13.55 -3.40 44.23
N ARG X 40 13.99 -4.21 45.20
CA ARG X 40 14.48 -5.57 44.95
C ARG X 40 15.72 -5.53 44.05
N ALA X 41 16.77 -4.90 44.56
CA ALA X 41 18.06 -4.83 43.88
C ALA X 41 17.95 -4.09 42.54
N ASN Y 7 1.55 48.20 36.89
CA ASN Y 7 2.87 47.58 37.02
C ASN Y 7 3.73 48.40 37.99
N ASP Y 8 3.05 49.12 38.89
CA ASP Y 8 3.73 49.99 39.84
C ASP Y 8 4.51 49.24 40.91
N LEU Y 9 4.15 47.98 41.20
CA LEU Y 9 4.91 47.18 42.15
C LEU Y 9 6.20 46.63 41.54
N VAL Y 10 6.29 46.56 40.23
CA VAL Y 10 7.51 46.08 39.57
C VAL Y 10 8.63 47.09 39.82
N PRO Y 11 9.85 46.65 40.08
CA PRO Y 11 10.97 47.59 40.25
C PRO Y 11 11.21 48.39 38.98
N ASP Y 12 12.04 49.43 39.12
CA ASP Y 12 12.31 50.32 38.00
C ASP Y 12 13.02 49.60 36.86
N GLN Y 13 13.98 48.73 37.20
CA GLN Y 13 14.76 48.06 36.16
C GLN Y 13 13.91 47.14 35.30
N TRP Y 14 13.01 46.37 35.92
CA TRP Y 14 12.30 45.30 35.23
C TRP Y 14 10.91 45.71 34.78
N LYS Y 15 10.57 47.00 34.88
CA LYS Y 15 9.31 47.47 34.34
C LYS Y 15 9.09 47.17 32.85
N PRO Y 16 10.08 47.34 31.96
CA PRO Y 16 9.84 47.03 30.54
C PRO Y 16 9.55 45.56 30.24
N LEU Y 17 9.71 44.66 31.21
CA LEU Y 17 9.55 43.22 30.97
C LEU Y 17 8.38 42.60 31.71
N PHE Y 18 8.01 43.12 32.88
CA PHE Y 18 7.04 42.47 33.76
C PHE Y 18 5.78 43.30 33.91
N ASN Y 19 4.64 42.61 33.95
CA ASN Y 19 3.37 43.22 34.33
C ASN Y 19 3.29 43.32 35.84
N ASN Y 20 2.13 43.72 36.37
CA ASN Y 20 1.95 43.78 37.82
C ASN Y 20 1.50 42.45 38.39
N ALA Y 21 0.79 41.62 37.61
CA ALA Y 21 0.33 40.32 38.08
C ALA Y 21 1.34 39.20 37.86
N GLN Y 22 2.30 39.40 36.95
CA GLN Y 22 3.29 38.36 36.68
C GLN Y 22 4.45 38.38 37.67
N TRP Y 23 4.69 39.53 38.33
CA TRP Y 23 5.76 39.61 39.32
C TRP Y 23 5.51 38.65 40.48
N LEU Y 24 4.26 38.56 40.94
CA LEU Y 24 3.94 37.67 42.05
C LEU Y 24 4.13 36.21 41.66
N VAL Y 25 3.70 35.83 40.45
CA VAL Y 25 3.87 34.45 40.00
C VAL Y 25 5.35 34.11 39.85
N HIS Y 26 6.14 35.06 39.33
CA HIS Y 26 7.58 34.84 39.23
C HIS Y 26 8.20 34.67 40.61
N ASP Y 27 7.76 35.46 41.59
CA ASP Y 27 8.26 35.33 42.96
C ASP Y 27 7.94 33.96 43.52
N ILE Y 28 6.72 33.48 43.30
CA ILE Y 28 6.32 32.16 43.78
C ILE Y 28 7.19 31.08 43.13
N VAL Y 29 7.42 31.20 41.83
CA VAL Y 29 8.24 30.22 41.12
C VAL Y 29 9.67 30.22 41.65
N VAL Y 30 10.20 31.41 41.95
CA VAL Y 30 11.57 31.50 42.46
C VAL Y 30 11.69 30.80 43.81
N LYS Y 31 10.74 31.06 44.72
CA LYS Y 31 10.79 30.39 46.02
C LYS Y 31 10.66 28.87 45.86
N THR Y 32 9.76 28.42 44.99
CA THR Y 32 9.60 26.99 44.77
C THR Y 32 10.88 26.36 44.26
N ILE Y 33 11.55 27.02 43.31
CA ILE Y 33 12.80 26.48 42.76
C ILE Y 33 13.88 26.43 43.83
N TYR Y 34 13.96 27.46 44.68
CA TYR Y 34 14.97 27.45 45.73
C TYR Y 34 14.73 26.31 46.72
N GLY Y 35 13.48 26.11 47.15
CA GLY Y 35 13.18 24.99 48.04
C GLY Y 35 13.49 23.66 47.40
N GLY Y 36 13.14 23.49 46.12
CA GLY Y 36 13.46 22.26 45.43
C GLY Y 36 14.95 22.00 45.35
N LEU Y 37 15.74 23.06 45.11
CA LEU Y 37 17.19 22.90 45.06
C LEU Y 37 17.74 22.47 46.41
N ILE Y 38 17.23 23.06 47.50
CA ILE Y 38 17.69 22.66 48.83
C ILE Y 38 17.40 21.18 49.08
N ILE Y 39 16.16 20.77 48.77
CA ILE Y 39 15.78 19.38 48.99
C ILE Y 39 16.60 18.43 48.13
N ALA Y 40 16.88 18.84 46.88
CA ALA Y 40 17.68 18.01 45.99
C ALA Y 40 19.10 17.86 46.50
N VAL Y 41 19.69 18.93 47.03
CA VAL Y 41 21.04 18.84 47.60
C VAL Y 41 21.04 17.87 48.77
N ILE Y 42 20.04 17.95 49.64
CA ILE Y 42 19.97 17.04 50.78
C ILE Y 42 19.85 15.60 50.30
N ALA Y 43 18.99 15.35 49.31
CA ALA Y 43 18.80 14.00 48.80
C ALA Y 43 20.07 13.46 48.16
N HIS Y 44 20.78 14.30 47.41
CA HIS Y 44 22.02 13.86 46.79
C HIS Y 44 23.07 13.50 47.83
N VAL Y 45 23.18 14.31 48.89
CA VAL Y 45 24.15 14.02 49.95
C VAL Y 45 23.80 12.69 50.62
N LEU Y 46 22.50 12.48 50.90
CA LEU Y 46 22.08 11.23 51.53
C LEU Y 46 22.39 10.02 50.63
N CYS Y 47 22.10 10.15 49.33
CA CYS Y 47 22.34 9.04 48.41
C CYS Y 47 23.82 8.72 48.30
N TRP Y 48 24.67 9.76 48.27
CA TRP Y 48 26.12 9.51 48.20
C TRP Y 48 26.61 8.85 49.48
N ALA Y 49 26.14 9.32 50.64
CA ALA Y 49 26.53 8.68 51.89
C ALA Y 49 26.06 7.24 51.95
N TRP Y 50 24.94 6.93 51.31
CA TRP Y 50 24.44 5.56 51.27
C TRP Y 50 25.30 4.68 50.36
N THR Y 51 25.46 5.07 49.10
CA THR Y 51 26.26 4.29 48.15
C THR Y 51 26.84 5.22 47.09
N PRO Y 52 28.16 5.40 47.07
CA PRO Y 52 28.79 6.21 46.02
C PRO Y 52 28.55 5.60 44.64
N TRP Y 53 28.20 6.45 43.67
CA TRP Y 53 27.90 6.01 42.32
C TRP Y 53 29.04 6.21 41.34
N ILE Y 54 30.14 6.84 41.75
CA ILE Y 54 31.27 7.05 40.86
C ILE Y 54 32.32 5.98 41.11
N ARG Y 55 32.78 5.87 42.35
CA ARG Y 55 33.76 4.86 42.72
C ARG Y 55 35.08 5.04 41.98
N ARG Z 4 -3.15 38.24 33.97
CA ARG Z 4 -2.87 36.97 34.62
C ARG Z 4 -2.35 35.95 33.62
N PRO Z 5 -1.18 35.38 33.93
CA PRO Z 5 -0.54 34.48 32.95
C PRO Z 5 -1.23 33.14 32.80
N PHE Z 6 -1.81 32.60 33.88
CA PHE Z 6 -2.42 31.27 33.84
C PHE Z 6 -3.76 31.29 34.55
N GLU Z 7 -4.78 30.84 33.84
CA GLU Z 7 -6.11 30.73 34.41
C GLU Z 7 -6.18 29.60 35.44
N PHE Z 8 -7.08 29.76 36.41
CA PHE Z 8 -7.20 28.81 37.51
C PHE Z 8 -7.65 27.44 37.03
N ARG Z 9 -8.58 27.40 36.07
CA ARG Z 9 -9.17 26.15 35.60
C ARG Z 9 -8.12 25.23 34.99
N THR Z 10 -7.28 25.77 34.11
CA THR Z 10 -6.24 24.95 33.48
C THR Z 10 -5.24 24.44 34.51
N SER Z 11 -4.92 25.28 35.51
CA SER Z 11 -4.04 24.84 36.59
C SER Z 11 -4.62 23.65 37.33
N VAL Z 12 -5.91 23.73 37.69
CA VAL Z 12 -6.55 22.63 38.40
C VAL Z 12 -6.57 21.36 37.55
N VAL Z 13 -6.93 21.52 36.26
CA VAL Z 13 -7.05 20.35 35.38
C VAL Z 13 -5.70 19.67 35.22
N VAL Z 14 -4.65 20.46 34.93
CA VAL Z 14 -3.33 19.89 34.70
C VAL Z 14 -2.82 19.20 35.97
N SER Z 15 -2.99 19.85 37.12
CA SER Z 15 -2.51 19.27 38.37
C SER Z 15 -3.21 17.96 38.68
N THR Z 16 -4.55 17.93 38.53
CA THR Z 16 -5.29 16.70 38.83
C THR Z 16 -4.92 15.58 37.85
N LEU Z 17 -4.80 15.89 36.57
CA LEU Z 17 -4.44 14.87 35.59
C LEU Z 17 -3.06 14.30 35.87
N LEU Z 18 -2.09 15.18 36.17
CA LEU Z 18 -0.74 14.71 36.48
C LEU Z 18 -0.73 13.86 37.74
N GLY Z 19 -1.47 14.28 38.77
CA GLY Z 19 -1.52 13.50 39.99
C GLY Z 19 -2.10 12.11 39.78
N LEU Z 20 -3.21 12.03 39.04
CA LEU Z 20 -3.82 10.73 38.78
C LEU Z 20 -2.89 9.83 37.97
N VAL Z 21 -2.25 10.39 36.94
CA VAL Z 21 -1.34 9.62 36.11
C VAL Z 21 -0.17 9.09 36.95
N MET Z 22 0.41 9.96 37.79
CA MET Z 22 1.52 9.53 38.62
C MET Z 22 1.10 8.47 39.62
N ALA Z 23 -0.10 8.60 40.20
CA ALA Z 23 -0.56 7.60 41.16
C ALA Z 23 -0.71 6.23 40.48
N LEU Z 24 -1.36 6.21 39.31
CA LEU Z 24 -1.52 4.94 38.59
C LEU Z 24 -0.17 4.34 38.22
N LEU Z 25 0.75 5.17 37.70
CA LEU Z 25 2.04 4.67 37.28
C LEU Z 25 2.83 4.12 38.47
N ILE Z 26 2.79 4.82 39.61
CA ILE Z 26 3.54 4.36 40.78
C ILE Z 26 2.97 3.06 41.30
N HIS Z 27 1.64 2.94 41.36
CA HIS Z 27 1.06 1.69 41.82
C HIS Z 27 1.42 0.53 40.88
N PHE Z 28 1.36 0.75 39.57
CA PHE Z 28 1.72 -0.32 38.64
C PHE Z 28 3.20 -0.70 38.75
N VAL Z 29 4.08 0.30 38.90
CA VAL Z 29 5.50 0.02 38.98
C VAL Z 29 5.84 -0.72 40.27
N VAL Z 30 5.20 -0.36 41.38
CA VAL Z 30 5.46 -1.05 42.63
C VAL Z 30 4.88 -2.46 42.61
N LEU Z 31 3.71 -2.64 42.00
CA LEU Z 31 3.12 -3.97 41.93
C LEU Z 31 3.92 -4.89 41.04
N SER Z 32 4.46 -4.37 39.93
CA SER Z 32 5.20 -5.20 38.99
C SER Z 32 6.62 -5.50 39.44
N SER Z 33 7.10 -4.88 40.52
CA SER Z 33 8.44 -5.14 41.01
C SER Z 33 8.54 -6.46 41.77
N GLY Z 34 7.45 -6.93 42.36
CA GLY Z 34 7.48 -8.17 43.12
C GLY Z 34 8.44 -8.13 44.29
N ALA Z 35 8.51 -7.00 44.98
CA ALA Z 35 9.41 -6.84 46.12
C ALA Z 35 8.68 -6.59 47.44
N PHE Z 36 7.35 -6.72 47.47
CA PHE Z 36 6.58 -6.42 48.67
C PHE Z 36 5.75 -7.58 49.19
N ASN Z 37 5.52 -8.62 48.38
CA ASN Z 37 4.61 -9.71 48.76
C ASN Z 37 3.20 -9.13 48.99
N TRP Z 38 2.65 -8.58 47.92
CA TRP Z 38 1.33 -7.98 47.92
C TRP Z 38 0.54 -8.58 46.77
N LEU Z 39 -0.69 -9.04 47.06
CA LEU Z 39 -1.54 -9.69 46.08
C LEU Z 39 -0.87 -10.96 45.53
N ARG Z 40 -0.74 -11.93 46.44
CA ARG Z 40 -0.06 -13.19 46.16
C ARG Z 40 1.41 -12.93 45.81
N ALA Z 41 2.12 -12.39 46.80
CA ALA Z 41 3.56 -12.13 46.68
C ALA Z 41 3.88 -11.19 45.53
N ASN AA 7 -14.78 41.18 43.77
CA ASN AA 7 -13.74 40.46 44.48
C ASN AA 7 -13.35 41.12 45.81
N ASP AA 8 -14.34 41.33 46.67
CA ASP AA 8 -14.11 42.02 47.93
C ASP AA 8 -13.65 41.11 49.06
N LEU AA 9 -13.88 39.79 48.96
CA LEU AA 9 -13.34 38.88 49.96
C LEU AA 9 -11.85 38.62 49.78
N VAL AA 10 -11.33 38.81 48.58
CA VAL AA 10 -9.91 38.52 48.31
C VAL AA 10 -9.04 39.51 49.07
N PRO AA 11 -7.97 39.07 49.72
CA PRO AA 11 -7.04 40.01 50.35
C PRO AA 11 -6.42 40.95 49.33
N ASP AA 12 -5.81 42.03 49.85
CA ASP AA 12 -5.26 43.06 48.97
C ASP AA 12 -4.12 42.52 48.12
N GLN AA 13 -3.33 41.59 48.63
CA GLN AA 13 -2.17 41.10 47.90
C GLN AA 13 -2.57 40.36 46.64
N TRP AA 14 -3.60 39.51 46.72
CA TRP AA 14 -3.97 38.63 45.62
C TRP AA 14 -5.18 39.12 44.84
N LYS AA 15 -5.60 40.37 45.06
CA LYS AA 15 -6.70 40.93 44.27
C LYS AA 15 -6.44 40.93 42.75
N PRO AA 16 -5.27 41.30 42.24
CA PRO AA 16 -5.08 41.29 40.78
C PRO AA 16 -5.02 39.89 40.16
N LEU AA 17 -5.04 38.83 40.96
CA LEU AA 17 -4.92 37.47 40.45
C LEU AA 17 -6.18 36.63 40.63
N PHE AA 18 -6.93 36.83 41.71
CA PHE AA 18 -8.03 35.96 42.06
C PHE AA 18 -9.37 36.69 41.95
N ASN AA 19 -10.39 35.96 41.52
CA ASN AA 19 -11.77 36.44 41.55
C ASN AA 19 -12.33 36.23 42.95
N ASN AA 20 -13.63 36.44 43.11
CA ASN AA 20 -14.28 36.22 44.40
C ASN AA 20 -14.78 34.79 44.55
N ALA AA 21 -15.24 34.18 43.46
CA ALA AA 21 -15.72 32.80 43.50
C ALA AA 21 -14.61 31.77 43.37
N GLN AA 22 -13.42 32.18 42.93
CA GLN AA 22 -12.30 31.26 42.83
C GLN AA 22 -11.54 31.11 44.15
N TRP AA 23 -11.67 32.09 45.05
CA TRP AA 23 -11.00 32.00 46.33
C TRP AA 23 -11.49 30.82 47.15
N LEU AA 24 -12.80 30.58 47.15
CA LEU AA 24 -13.35 29.46 47.91
C LEU AA 24 -12.88 28.13 47.35
N VAL AA 25 -12.88 27.99 46.02
CA VAL AA 25 -12.42 26.76 45.39
C VAL AA 25 -10.94 26.54 45.68
N HIS AA 26 -10.15 27.61 45.67
CA HIS AA 26 -8.74 27.50 46.01
C HIS AA 26 -8.57 27.04 47.46
N ASP AA 27 -9.37 27.58 48.38
CA ASP AA 27 -9.28 27.18 49.78
C ASP AA 27 -9.61 25.70 49.93
N ILE AA 28 -10.65 25.24 49.23
CA ILE AA 28 -11.03 23.83 49.29
C ILE AA 28 -9.91 22.95 48.75
N VAL AA 29 -9.30 23.37 47.64
CA VAL AA 29 -8.21 22.60 47.05
C VAL AA 29 -7.03 22.53 48.00
N VAL AA 30 -6.73 23.63 48.68
CA VAL AA 30 -5.60 23.66 49.61
C VAL AA 30 -5.84 22.70 50.77
N LYS AA 31 -7.07 22.72 51.33
CA LYS AA 31 -7.37 21.79 52.42
C LYS AA 31 -7.29 20.33 51.95
N THR AA 32 -7.80 20.05 50.75
CA THR AA 32 -7.73 18.69 50.23
C THR AA 32 -6.28 18.25 50.05
N ILE AA 33 -5.42 19.13 49.54
CA ILE AA 33 -4.01 18.79 49.36
C ILE AA 33 -3.35 18.51 50.70
N TYR AA 34 -3.64 19.33 51.72
CA TYR AA 34 -3.03 19.12 53.03
C TYR AA 34 -3.47 17.79 53.62
N GLY AA 35 -4.76 17.47 53.55
CA GLY AA 35 -5.23 16.19 54.07
C GLY AA 35 -4.62 15.02 53.33
N GLY AA 36 -4.52 15.12 52.00
CA GLY AA 36 -3.89 14.07 51.23
C GLY AA 36 -2.43 13.87 51.60
N LEU AA 37 -1.72 14.96 51.84
CA LEU AA 37 -0.32 14.85 52.25
C LEU AA 37 -0.20 14.17 53.60
N ILE AA 38 -1.08 14.50 54.56
CA ILE AA 38 -1.04 13.85 55.86
C ILE AA 38 -1.27 12.34 55.72
N ILE AA 39 -2.30 11.98 54.94
CA ILE AA 39 -2.61 10.56 54.76
C ILE AA 39 -1.46 9.84 54.06
N ALA AA 40 -0.85 10.49 53.07
CA ALA AA 40 0.27 9.88 52.37
C ALA AA 40 1.47 9.67 53.29
N VAL AA 41 1.74 10.63 54.16
CA VAL AA 41 2.85 10.47 55.12
C VAL AA 41 2.58 9.29 56.04
N ILE AA 42 1.35 9.17 56.54
CA ILE AA 42 1.01 8.05 57.42
C ILE AA 42 1.18 6.72 56.68
N ALA AA 43 0.69 6.67 55.43
CA ALA AA 43 0.78 5.44 54.65
C ALA AA 43 2.24 5.06 54.38
N HIS AA 44 3.08 6.05 54.06
CA HIS AA 44 4.49 5.77 53.82
C HIS AA 44 5.18 5.26 55.08
N VAL AA 45 4.86 5.84 56.24
CA VAL AA 45 5.45 5.37 57.48
C VAL AA 45 5.04 3.93 57.76
N LEU AA 46 3.75 3.62 57.55
CA LEU AA 46 3.28 2.25 57.75
C LEU AA 46 3.97 1.28 56.80
N CYS AA 47 4.11 1.67 55.53
CA CYS AA 47 4.75 0.78 54.56
C CYS AA 47 6.21 0.55 54.91
N TRP AA 48 6.91 1.58 55.38
CA TRP AA 48 8.29 1.38 55.80
C TRP AA 48 8.38 0.47 57.02
N ALA AA 49 7.50 0.68 58.00
CA ALA AA 49 7.48 -0.19 59.17
C ALA AA 49 7.18 -1.63 58.80
N TRP AA 50 6.43 -1.84 57.71
CA TRP AA 50 6.15 -3.20 57.26
C TRP AA 50 7.35 -3.80 56.53
N THR AA 51 7.81 -3.16 55.47
CA THR AA 51 8.90 -3.68 54.64
C THR AA 51 9.71 -2.52 54.09
N PRO AA 52 10.93 -2.32 54.60
CA PRO AA 52 11.82 -1.31 54.00
C PRO AA 52 12.11 -1.62 52.55
N TRP AA 53 12.15 -0.57 51.73
CA TRP AA 53 12.35 -0.71 50.29
C TRP AA 53 13.73 -0.26 49.82
N ILE AA 54 14.52 0.39 50.69
CA ILE AA 54 15.86 0.83 50.31
C ILE AA 54 16.86 -0.26 50.67
N ARG AA 55 16.89 -0.67 51.93
CA ARG AA 55 17.81 -1.69 52.41
C ARG AA 55 19.26 -1.27 52.21
N ARG BA 4 -17.66 31.59 38.34
CA ARG BA 4 -17.45 30.20 38.75
C ARG BA 4 -16.56 29.48 37.74
N PRO BA 5 -15.54 28.78 38.24
CA PRO BA 5 -14.62 28.08 37.32
C PRO BA 5 -15.23 26.86 36.67
N PHE BA 6 -15.91 26.00 37.43
CA PHE BA 6 -16.35 24.70 36.92
C PHE BA 6 -17.83 24.52 37.17
N GLU BA 7 -18.55 24.07 36.13
CA GLU BA 7 -19.97 23.78 36.26
C GLU BA 7 -20.18 22.57 37.16
N PHE BA 8 -21.34 22.53 37.82
CA PHE BA 8 -21.71 21.40 38.65
C PHE BA 8 -21.87 20.13 37.82
N ARG BA 9 -22.47 20.26 36.64
CA ARG BA 9 -22.71 19.11 35.78
C ARG BA 9 -21.41 18.46 35.31
N THR BA 10 -20.42 19.28 34.95
CA THR BA 10 -19.14 18.74 34.52
C THR BA 10 -18.46 17.96 35.63
N SER BA 11 -18.48 18.51 36.85
CA SER BA 11 -17.90 17.82 37.99
C SER BA 11 -18.60 16.49 38.23
N VAL BA 12 -19.93 16.49 38.20
CA VAL BA 12 -20.68 15.26 38.45
C VAL BA 12 -20.34 14.20 37.41
N VAL BA 13 -20.34 14.60 36.13
CA VAL BA 13 -20.08 13.64 35.06
C VAL BA 13 -18.67 13.06 35.19
N VAL BA 14 -17.68 13.93 35.39
CA VAL BA 14 -16.29 13.47 35.46
C VAL BA 14 -16.10 12.54 36.65
N SER BA 15 -16.64 12.92 37.81
CA SER BA 15 -16.49 12.10 39.01
C SER BA 15 -17.15 10.74 38.83
N THR BA 16 -18.37 10.69 38.27
CA THR BA 16 -19.04 9.41 38.10
C THR BA 16 -18.29 8.52 37.12
N LEU BA 17 -17.81 9.08 36.00
CA LEU BA 17 -17.06 8.28 35.04
C LEU BA 17 -15.78 7.73 35.65
N LEU BA 18 -15.05 8.57 36.39
CA LEU BA 18 -13.81 8.12 37.02
C LEU BA 18 -14.09 7.00 38.03
N GLY BA 19 -15.14 7.16 38.84
CA GLY BA 19 -15.47 6.14 39.83
C GLY BA 19 -15.83 4.81 39.19
N LEU BA 20 -16.66 4.85 38.13
CA LEU BA 20 -17.05 3.61 37.47
C LEU BA 20 -15.86 2.92 36.83
N VAL BA 21 -14.99 3.70 36.16
CA VAL BA 21 -13.81 3.12 35.53
C VAL BA 21 -12.90 2.47 36.57
N MET BA 22 -12.68 3.17 37.69
CA MET BA 22 -11.83 2.61 38.74
C MET BA 22 -12.43 1.34 39.32
N ALA BA 23 -13.74 1.31 39.55
CA ALA BA 23 -14.38 0.12 40.11
C ALA BA 23 -14.22 -1.07 39.16
N LEU BA 24 -14.48 -0.86 37.87
CA LEU BA 24 -14.35 -1.96 36.91
C LEU BA 24 -12.90 -2.46 36.84
N LEU BA 25 -11.95 -1.53 36.79
CA LEU BA 25 -10.55 -1.93 36.70
C LEU BA 25 -10.12 -2.70 37.93
N ILE BA 26 -10.53 -2.24 39.12
CA ILE BA 26 -10.11 -2.91 40.35
C ILE BA 26 -10.72 -4.30 40.43
N HIS BA 27 -12.00 -4.44 40.07
CA HIS BA 27 -12.62 -5.76 40.09
C HIS BA 27 -11.92 -6.72 39.13
N PHE BA 28 -11.62 -6.26 37.91
CA PHE BA 28 -10.94 -7.15 36.97
C PHE BA 28 -9.54 -7.52 37.44
N VAL BA 29 -8.80 -6.55 37.98
CA VAL BA 29 -7.43 -6.83 38.43
C VAL BA 29 -7.43 -7.80 39.59
N VAL BA 30 -8.36 -7.64 40.55
CA VAL BA 30 -8.42 -8.58 41.65
C VAL BA 30 -8.89 -9.95 41.19
N LEU BA 31 -9.79 -10.01 40.20
CA LEU BA 31 -10.28 -11.29 39.72
C LEU BA 31 -9.18 -12.07 38.99
N SER BA 32 -8.36 -11.39 38.18
CA SER BA 32 -7.38 -12.10 37.38
C SER BA 32 -6.11 -12.45 38.15
N SER BA 33 -5.94 -11.95 39.38
CA SER BA 33 -4.72 -12.22 40.13
C SER BA 33 -4.69 -13.62 40.72
N GLY BA 34 -5.84 -14.27 40.86
CA GLY BA 34 -5.87 -15.61 41.44
C GLY BA 34 -5.36 -15.67 42.87
N ALA BA 35 -5.62 -14.62 43.65
CA ALA BA 35 -5.10 -14.52 45.01
C ALA BA 35 -6.19 -14.56 46.08
N PHE BA 36 -7.45 -14.82 45.70
CA PHE BA 36 -8.56 -14.78 46.64
C PHE BA 36 -9.40 -16.05 46.66
N ASN BA 37 -9.32 -16.90 45.64
CA ASN BA 37 -10.18 -18.07 45.53
C ASN BA 37 -11.66 -17.64 45.49
N TRP BA 38 -11.96 -16.88 44.44
CA TRP BA 38 -13.32 -16.40 44.18
C TRP BA 38 -13.66 -16.75 42.74
N LEU BA 39 -14.84 -17.33 42.53
CA LEU BA 39 -15.29 -17.78 41.21
C LEU BA 39 -14.32 -18.86 40.67
N ARG BA 40 -14.34 -20.00 41.35
CA ARG BA 40 -13.48 -21.13 41.04
C ARG BA 40 -12.00 -20.73 41.15
N ALA BA 41 -11.60 -20.45 42.39
CA ALA BA 41 -10.21 -20.18 42.72
C ALA BA 41 -9.72 -18.90 42.05
N ASN CA 7 -31.92 31.86 44.55
CA ASN CA 7 -30.96 31.13 45.38
C ASN CA 7 -31.02 31.52 46.85
N ASP CA 8 -32.23 31.61 47.40
CA ASP CA 8 -32.42 32.00 48.79
C ASP CA 8 -32.19 30.87 49.78
N LEU CA 9 -32.16 29.62 49.31
CA LEU CA 9 -31.87 28.50 50.19
C LEU CA 9 -30.38 28.24 50.37
N VAL CA 10 -29.56 28.70 49.43
CA VAL CA 10 -28.11 28.52 49.56
C VAL CA 10 -27.60 29.33 50.75
N PRO CA 11 -26.74 28.77 51.59
CA PRO CA 11 -26.18 29.55 52.71
C PRO CA 11 -25.41 30.78 52.21
N ASP CA 12 -25.10 31.66 53.17
CA ASP CA 12 -24.46 32.93 52.82
C ASP CA 12 -23.08 32.70 52.22
N GLN CA 13 -22.34 31.73 52.73
CA GLN CA 13 -20.97 31.50 52.25
C GLN CA 13 -20.96 31.08 50.78
N TRP CA 14 -21.85 30.18 50.40
CA TRP CA 14 -21.77 29.51 49.10
C TRP CA 14 -22.72 30.09 48.06
N LYS CA 15 -23.32 31.24 48.33
CA LYS CA 15 -24.16 31.88 47.32
C LYS CA 15 -23.46 32.19 46.00
N PRO CA 16 -22.23 32.71 45.95
CA PRO CA 16 -21.61 33.01 44.64
C PRO CA 16 -21.25 31.77 43.83
N LEU CA 17 -21.38 30.57 44.39
CA LEU CA 17 -21.04 29.35 43.68
C LEU CA 17 -22.24 28.48 43.32
N PHE CA 18 -23.29 28.47 44.13
CA PHE CA 18 -24.38 27.51 43.99
C PHE CA 18 -25.68 28.21 43.60
N ASN CA 19 -26.40 27.59 42.67
CA ASN CA 19 -27.76 27.96 42.35
C ASN CA 19 -28.68 27.36 43.42
N ASN CA 20 -29.97 27.71 43.38
CA ASN CA 20 -30.93 27.16 44.33
C ASN CA 20 -31.34 25.73 43.97
N ALA CA 21 -31.30 25.36 42.69
CA ALA CA 21 -31.68 24.02 42.27
C ALA CA 21 -30.55 23.02 42.31
N GLN CA 22 -29.30 23.48 42.36
CA GLN CA 22 -28.16 22.56 42.45
C GLN CA 22 -27.82 22.19 43.88
N TRP CA 23 -28.29 22.96 44.86
CA TRP CA 23 -27.99 22.66 46.26
C TRP CA 23 -28.60 21.34 46.68
N LEU CA 24 -29.84 21.07 46.28
CA LEU CA 24 -30.50 19.82 46.63
C LEU CA 24 -29.79 18.63 46.00
N VAL CA 25 -29.42 18.74 44.73
CA VAL CA 25 -28.72 17.65 44.05
C VAL CA 25 -27.36 17.42 44.69
N HIS CA 26 -26.68 18.49 45.09
CA HIS CA 26 -25.41 18.35 45.79
C HIS CA 26 -25.60 17.62 47.11
N ASP CA 27 -26.66 17.95 47.84
CA ASP CA 27 -26.96 17.26 49.09
C ASP CA 27 -27.18 15.78 48.84
N ILE CA 28 -27.95 15.44 47.81
CA ILE CA 28 -28.23 14.04 47.49
C ILE CA 28 -26.94 13.30 47.17
N VAL CA 29 -26.07 13.94 46.37
CA VAL CA 29 -24.80 13.32 46.01
C VAL CA 29 -23.94 13.09 47.25
N VAL CA 30 -23.95 14.05 48.18
CA VAL CA 30 -23.14 13.93 49.39
C VAL CA 30 -23.61 12.74 50.23
N LYS CA 31 -24.93 12.62 50.42
CA LYS CA 31 -25.45 11.50 51.19
C LYS CA 31 -25.15 10.17 50.52
N THR CA 32 -25.29 10.12 49.19
CA THR CA 32 -24.97 8.88 48.47
C THR CA 32 -23.50 8.50 48.65
N ILE CA 33 -22.61 9.49 48.57
CA ILE CA 33 -21.18 9.22 48.73
C ILE CA 33 -20.88 8.69 50.13
N TYR CA 34 -21.50 9.29 51.15
CA TYR CA 34 -21.24 8.81 52.51
C TYR CA 34 -21.74 7.40 52.72
N GLY CA 35 -22.93 7.08 52.19
CA GLY CA 35 -23.42 5.71 52.28
C GLY CA 35 -22.52 4.72 51.57
N GLY CA 36 -22.05 5.10 50.38
CA GLY CA 36 -21.11 4.24 49.67
C GLY CA 36 -19.83 4.04 50.43
N LEU CA 37 -19.34 5.08 51.11
CA LEU CA 37 -18.12 4.95 51.90
C LEU CA 37 -18.31 3.99 53.06
N ILE CA 38 -19.45 4.07 53.76
CA ILE CA 38 -19.67 3.16 54.88
C ILE CA 38 -19.78 1.72 54.39
N ILE CA 39 -20.45 1.52 53.25
CA ILE CA 39 -20.56 0.18 52.68
C ILE CA 39 -19.20 -0.36 52.28
N ALA CA 40 -18.36 0.52 51.69
CA ALA CA 40 -17.02 0.10 51.30
C ALA CA 40 -16.18 -0.28 52.52
N VAL CA 41 -16.31 0.47 53.61
CA VAL CA 41 -15.59 0.13 54.83
C VAL CA 41 -15.99 -1.25 55.33
N ILE CA 42 -17.30 -1.52 55.36
CA ILE CA 42 -17.77 -2.83 55.81
C ILE CA 42 -17.25 -3.94 54.90
N ALA CA 43 -17.30 -3.72 53.58
CA ALA CA 43 -16.85 -4.73 52.64
C ALA CA 43 -15.36 -5.01 52.80
N HIS CA 44 -14.55 -3.96 52.96
CA HIS CA 44 -13.11 -4.16 53.14
C HIS CA 44 -12.82 -4.91 54.44
N VAL CA 45 -13.54 -4.58 55.51
CA VAL CA 45 -13.32 -5.30 56.77
C VAL CA 45 -13.66 -6.77 56.61
N LEU CA 46 -14.79 -7.08 55.96
CA LEU CA 46 -15.16 -8.48 55.76
C LEU CA 46 -14.14 -9.21 54.90
N CYS CA 47 -13.66 -8.56 53.83
CA CYS CA 47 -12.70 -9.20 52.95
C CYS CA 47 -11.38 -9.47 53.66
N TRP CA 48 -10.93 -8.52 54.50
CA TRP CA 48 -9.72 -8.75 55.27
C TRP CA 48 -9.91 -9.89 56.27
N ALA CA 49 -11.05 -9.92 56.94
CA ALA CA 49 -11.33 -11.02 57.88
C ALA CA 49 -11.36 -12.35 57.16
N TRP CA 50 -11.79 -12.37 55.90
CA TRP CA 50 -11.80 -13.61 55.13
C TRP CA 50 -10.39 -14.03 54.73
N THR CA 51 -9.69 -13.18 53.98
CA THR CA 51 -8.35 -13.51 53.48
C THR CA 51 -7.51 -12.24 53.42
N PRO CA 52 -6.50 -12.13 54.29
CA PRO CA 52 -5.58 -10.99 54.20
C PRO CA 52 -4.85 -10.97 52.86
N TRP CA 53 -4.67 -9.77 52.31
CA TRP CA 53 -4.01 -9.60 51.02
C TRP CA 53 -2.61 -9.01 51.13
N ILE CA 54 -2.20 -8.54 52.31
CA ILE CA 54 -0.86 -7.96 52.47
C ILE CA 54 0.10 -9.03 52.96
N ARG CA 55 -0.27 -9.74 54.02
CA ARG CA 55 0.54 -10.82 54.55
C ARG CA 55 1.93 -10.33 54.99
N ARG DA 4 -32.78 23.67 37.03
CA ARG DA 4 -32.64 22.23 37.15
C ARG DA 4 -31.39 21.75 36.40
N PRO DA 5 -30.49 21.07 37.13
CA PRO DA 5 -29.20 20.71 36.51
C PRO DA 5 -29.31 19.59 35.49
N PHE DA 6 -30.26 18.68 35.63
CA PHE DA 6 -30.35 17.52 34.75
C PHE DA 6 -31.80 17.19 34.44
N GLU DA 7 -32.09 17.00 33.15
CA GLU DA 7 -33.42 16.59 32.73
C GLU DA 7 -33.75 15.19 33.25
N PHE DA 8 -35.04 14.97 33.51
CA PHE DA 8 -35.48 13.64 33.92
C PHE DA 8 -35.25 12.61 32.82
N ARG DA 9 -35.47 13.00 31.57
CA ARG DA 9 -35.25 12.09 30.45
C ARG DA 9 -33.81 11.63 30.35
N THR DA 10 -32.87 12.57 30.54
CA THR DA 10 -31.45 12.21 30.48
C THR DA 10 -31.09 11.23 31.58
N SER DA 11 -31.58 11.47 32.79
CA SER DA 11 -31.31 10.56 33.90
C SER DA 11 -31.87 9.17 33.62
N VAL DA 12 -33.10 9.10 33.11
CA VAL DA 12 -33.71 7.81 32.82
C VAL DA 12 -32.91 7.06 31.75
N VAL DA 13 -32.53 7.77 30.69
CA VAL DA 13 -31.80 7.13 29.59
C VAL DA 13 -30.45 6.60 30.09
N VAL DA 14 -29.71 7.43 30.83
CA VAL DA 14 -28.39 7.03 31.30
C VAL DA 14 -28.51 5.84 32.25
N SER DA 15 -29.47 5.90 33.18
CA SER DA 15 -29.62 4.80 34.13
C SER DA 15 -30.00 3.50 33.44
N THR DA 16 -30.94 3.55 32.49
CA THR DA 16 -31.35 2.33 31.80
C THR DA 16 -30.21 1.76 30.98
N LEU DA 17 -29.46 2.61 30.27
CA LEU DA 17 -28.34 2.11 29.47
C LEU DA 17 -27.29 1.46 30.36
N LEU DA 18 -26.93 2.12 31.47
CA LEU DA 18 -25.94 1.56 32.37
C LEU DA 18 -26.41 0.23 32.96
N GLY DA 19 -27.68 0.15 33.36
CA GLY DA 19 -28.19 -1.08 33.93
C GLY DA 19 -28.17 -2.23 32.95
N LEU DA 20 -28.63 -1.99 31.72
CA LEU DA 20 -28.61 -3.05 30.71
C LEU DA 20 -27.19 -3.50 30.41
N VAL DA 21 -26.27 -2.55 30.23
CA VAL DA 21 -24.90 -2.91 29.91
C VAL DA 21 -24.27 -3.71 31.04
N MET DA 22 -24.49 -3.29 32.28
CA MET DA 22 -23.84 -3.99 33.39
C MET DA 22 -24.45 -5.37 33.62
N ALA DA 23 -25.77 -5.49 33.43
CA ALA DA 23 -26.39 -6.82 33.55
C ALA DA 23 -25.82 -7.77 32.50
N LEU DA 24 -25.68 -7.29 31.26
CA LEU DA 24 -25.06 -8.11 30.22
C LEU DA 24 -23.63 -8.49 30.61
N LEU DA 25 -22.86 -7.51 31.11
CA LEU DA 25 -21.46 -7.77 31.43
C LEU DA 25 -21.34 -8.83 32.53
N ILE DA 26 -22.17 -8.73 33.58
CA ILE DA 26 -22.11 -9.70 34.66
C ILE DA 26 -22.51 -11.09 34.15
N HIS DA 27 -23.56 -11.18 33.32
CA HIS DA 27 -23.94 -12.49 32.79
C HIS DA 27 -22.83 -13.11 31.94
N PHE DA 28 -22.22 -12.35 31.02
CA PHE DA 28 -21.14 -12.93 30.22
C PHE DA 28 -19.94 -13.30 31.08
N VAL DA 29 -19.58 -12.46 32.06
CA VAL DA 29 -18.41 -12.76 32.87
C VAL DA 29 -18.64 -14.00 33.73
N VAL DA 30 -19.85 -14.17 34.27
CA VAL DA 30 -20.13 -15.37 35.05
C VAL DA 30 -20.18 -16.60 34.16
N LEU DA 31 -20.72 -16.47 32.94
CA LEU DA 31 -20.77 -17.62 32.03
C LEU DA 31 -19.37 -18.05 31.61
N SER DA 32 -18.50 -17.10 31.30
CA SER DA 32 -17.17 -17.44 30.79
C SER DA 32 -16.21 -17.90 31.87
N SER DA 33 -16.55 -17.73 33.15
CA SER DA 33 -15.68 -18.17 34.23
C SER DA 33 -15.72 -19.69 34.43
N GLY DA 34 -16.79 -20.35 34.02
CA GLY DA 34 -16.88 -21.79 34.16
C GLY DA 34 -16.82 -22.28 35.59
N ALA DA 35 -17.52 -21.59 36.50
CA ALA DA 35 -17.49 -21.95 37.91
C ALA DA 35 -18.86 -22.31 38.47
N PHE DA 36 -19.89 -22.43 37.63
CA PHE DA 36 -21.24 -22.68 38.10
C PHE DA 36 -21.89 -23.94 37.55
N ASN DA 37 -21.29 -24.59 36.55
CA ASN DA 37 -21.87 -25.76 35.90
C ASN DA 37 -23.21 -25.37 35.27
N TRP DA 38 -23.14 -24.37 34.40
CA TRP DA 38 -24.30 -23.87 33.68
C TRP DA 38 -24.00 -23.88 32.19
N LEU DA 39 -24.97 -24.35 31.40
CA LEU DA 39 -24.85 -24.43 29.94
C LEU DA 39 -23.65 -25.30 29.53
N ARG DA 40 -23.77 -26.58 29.89
CA ARG DA 40 -22.69 -27.56 29.71
C ARG DA 40 -21.45 -27.12 30.50
N ALA DA 41 -21.59 -27.16 31.82
CA ALA DA 41 -20.50 -26.92 32.76
C ALA DA 41 -19.88 -25.54 32.62
N ASN EA 7 -47.96 22.15 38.31
CA ASN EA 7 -47.18 21.23 39.12
C ASN EA 7 -47.59 21.29 40.60
N ASP EA 8 -48.89 21.18 40.85
CA ASP EA 8 -49.42 21.32 42.20
C ASP EA 8 -49.34 20.04 43.02
N LEU EA 9 -49.18 18.87 42.39
CA LEU EA 9 -49.13 17.62 43.13
C LEU EA 9 -47.75 17.29 43.68
N VAL EA 10 -46.70 17.94 43.18
CA VAL EA 10 -45.35 17.71 43.71
C VAL EA 10 -45.28 18.25 45.13
N PRO EA 11 -44.52 17.63 46.04
CA PRO EA 11 -44.39 18.17 47.39
C PRO EA 11 -43.73 19.55 47.38
N ASP EA 12 -43.79 20.20 48.54
CA ASP EA 12 -43.24 21.54 48.66
C ASP EA 12 -41.72 21.54 48.49
N GLN EA 13 -41.05 20.54 49.07
CA GLN EA 13 -39.58 20.53 49.04
C GLN EA 13 -39.06 20.37 47.63
N TRP EA 14 -39.65 19.49 46.83
CA TRP EA 14 -39.13 19.13 45.52
C TRP EA 14 -39.78 19.93 44.40
N LYS EA 15 -40.51 20.99 44.74
CA LYS EA 15 -41.12 21.82 43.71
C LYS EA 15 -40.14 22.40 42.69
N PRO EA 16 -38.97 22.96 43.05
CA PRO EA 16 -38.09 23.54 42.02
C PRO EA 16 -37.46 22.52 41.09
N LEU EA 17 -37.54 21.22 41.38
CA LEU EA 17 -36.89 20.21 40.56
C LEU EA 17 -37.84 19.40 39.69
N PHE EA 18 -39.08 19.19 40.12
CA PHE EA 18 -39.97 18.27 39.44
C PHE EA 18 -41.16 18.99 38.84
N ASN EA 19 -41.54 18.59 37.63
CA ASN EA 19 -42.76 19.05 36.98
C ASN EA 19 -43.91 18.19 37.52
N ASN EA 20 -45.14 18.47 37.11
CA ASN EA 20 -46.28 17.71 37.59
C ASN EA 20 -46.43 16.36 36.89
N ALA EA 21 -45.94 16.26 35.65
CA ALA EA 21 -46.06 15.02 34.88
C ALA EA 21 -44.89 14.06 35.09
N GLN EA 22 -43.75 14.55 35.57
CA GLN EA 22 -42.60 13.67 35.81
C GLN EA 22 -42.64 13.02 37.18
N TRP EA 23 -43.43 13.56 38.11
CA TRP EA 23 -43.54 12.96 39.44
C TRP EA 23 -44.12 11.55 39.36
N LEU EA 24 -45.16 11.36 38.55
CA LEU EA 24 -45.78 10.05 38.42
C LEU EA 24 -44.81 9.04 37.82
N VAL EA 25 -44.07 9.44 36.78
CA VAL EA 25 -43.11 8.54 36.16
C VAL EA 25 -42.00 8.20 37.13
N HIS EA 26 -41.58 9.18 37.95
CA HIS EA 26 -40.56 8.91 38.96
C HIS EA 26 -41.07 7.90 39.98
N ASP EA 27 -42.33 8.03 40.39
CA ASP EA 27 -42.92 7.06 41.32
C ASP EA 27 -42.93 5.66 40.71
N ILE EA 28 -43.31 5.57 39.43
CA ILE EA 28 -43.35 4.28 38.75
C ILE EA 28 -41.95 3.66 38.69
N VAL EA 29 -40.95 4.49 38.38
CA VAL EA 29 -39.58 4.00 38.31
C VAL EA 29 -39.12 3.51 39.68
N VAL EA 30 -39.49 4.22 40.74
CA VAL EA 30 -39.10 3.82 42.09
C VAL EA 30 -39.71 2.45 42.42
N LYS EA 31 -41.00 2.27 42.12
CA LYS EA 31 -41.64 0.99 42.40
C LYS EA 31 -40.99 -0.14 41.61
N THR EA 32 -40.69 0.10 40.33
CA THR EA 32 -40.03 -0.91 39.52
C THR EA 32 -38.66 -1.28 40.08
N ILE EA 33 -37.89 -0.27 40.52
CA ILE EA 33 -36.57 -0.51 41.08
C ILE EA 33 -36.67 -1.34 42.34
N TYR EA 34 -37.64 -1.03 43.21
CA TYR EA 34 -37.79 -1.80 44.45
C TYR EA 34 -38.16 -3.25 44.17
N GLY EA 35 -39.09 -3.48 43.23
CA GLY EA 35 -39.43 -4.84 42.86
C GLY EA 35 -38.24 -5.60 42.29
N GLY EA 36 -37.47 -4.95 41.42
CA GLY EA 36 -36.28 -5.58 40.88
C GLY EA 36 -35.27 -5.93 41.96
N LEU EA 37 -35.10 -5.04 42.95
CA LEU EA 37 -34.19 -5.32 44.04
C LEU EA 37 -34.63 -6.54 44.84
N ILE EA 38 -35.94 -6.64 45.13
CA ILE EA 38 -36.44 -7.80 45.88
C ILE EA 38 -36.20 -9.09 45.09
N ILE EA 39 -36.51 -9.07 43.80
CA ILE EA 39 -36.32 -10.27 42.98
C ILE EA 39 -34.84 -10.64 42.91
N ALA EA 40 -33.97 -9.63 42.80
CA ALA EA 40 -32.53 -9.90 42.76
C ALA EA 40 -32.04 -10.52 44.06
N VAL EA 41 -32.55 -10.04 45.20
CA VAL EA 41 -32.16 -10.63 46.48
C VAL EA 41 -32.58 -12.10 46.55
N ILE EA 42 -33.82 -12.39 46.13
CA ILE EA 42 -34.29 -13.78 46.14
C ILE EA 42 -33.43 -14.64 45.23
N ALA EA 43 -33.12 -14.15 44.02
CA ALA EA 43 -32.32 -14.93 43.09
C ALA EA 43 -30.92 -15.19 43.63
N HIS EA 44 -30.32 -14.18 44.27
CA HIS EA 44 -28.99 -14.35 44.85
C HIS EA 44 -29.02 -15.38 45.97
N VAL EA 45 -30.04 -15.35 46.82
CA VAL EA 45 -30.15 -16.33 47.88
C VAL EA 45 -30.27 -17.74 47.30
N LEU EA 46 -31.09 -17.91 46.26
CA LEU EA 46 -31.25 -19.22 45.64
C LEU EA 46 -29.94 -19.69 45.02
N CYS EA 47 -29.22 -18.79 44.33
CA CYS EA 47 -27.96 -19.17 43.70
C CYS EA 47 -26.92 -19.58 44.74
N TRP EA 48 -26.85 -18.85 45.86
CA TRP EA 48 -25.91 -19.23 46.91
C TRP EA 48 -26.29 -20.58 47.52
N ALA EA 49 -27.58 -20.81 47.75
CA ALA EA 49 -28.01 -22.11 48.25
C ALA EA 49 -27.66 -23.22 47.27
N TRP EA 50 -27.69 -22.94 45.97
CA TRP EA 50 -27.34 -23.95 44.98
C TRP EA 50 -25.83 -24.22 45.00
N THR EA 51 -25.01 -23.21 44.75
CA THR EA 51 -23.56 -23.37 44.70
C THR EA 51 -22.89 -22.10 45.16
N PRO EA 52 -22.23 -22.12 46.32
CA PRO EA 52 -21.48 -20.94 46.78
C PRO EA 52 -20.37 -20.58 45.80
N TRP EA 53 -20.20 -19.28 45.58
CA TRP EA 53 -19.21 -18.78 44.64
C TRP EA 53 -17.94 -18.25 45.31
N ILE EA 54 -17.91 -18.17 46.63
CA ILE EA 54 -16.73 -17.68 47.34
C ILE EA 54 -15.90 -18.87 47.85
N ARG EA 55 -16.54 -19.79 48.56
CA ARG EA 55 -15.88 -20.97 49.09
C ARG EA 55 -14.75 -20.61 50.06
N ARG FA 4 -45.45 16.18 29.74
CA ARG FA 4 -45.16 14.76 29.54
C ARG FA 4 -43.71 14.56 29.10
N PRO FA 5 -42.98 13.71 29.83
CA PRO FA 5 -41.55 13.55 29.52
C PRO FA 5 -41.29 12.70 28.29
N PHE FA 6 -42.03 11.62 28.08
CA PHE FA 6 -41.71 10.68 27.00
C PHE FA 6 -42.92 10.49 26.11
N GLU FA 7 -42.71 10.69 24.81
CA GLU FA 7 -43.73 10.37 23.83
C GLU FA 7 -44.02 8.87 23.84
N PHE FA 8 -45.29 8.51 23.63
CA PHE FA 8 -45.65 7.11 23.57
C PHE FA 8 -44.97 6.40 22.41
N ARG FA 9 -44.82 7.11 21.28
CA ARG FA 9 -44.17 6.53 20.11
C ARG FA 9 -42.72 6.16 20.42
N THR FA 10 -42.00 7.05 21.10
CA THR FA 10 -40.60 6.79 21.44
C THR FA 10 -40.48 5.56 22.35
N SER FA 11 -41.34 5.48 23.36
CA SER FA 11 -41.31 4.34 24.28
C SER FA 11 -41.60 3.04 23.54
N VAL FA 12 -42.61 3.04 22.68
CA VAL FA 12 -42.96 1.84 21.94
C VAL FA 12 -41.82 1.40 21.03
N VAL FA 13 -41.23 2.34 20.30
CA VAL FA 13 -40.15 2.01 19.37
C VAL FA 13 -38.94 1.47 20.13
N VAL FA 14 -38.56 2.14 21.21
CA VAL FA 14 -37.38 1.73 21.96
C VAL FA 14 -37.58 0.35 22.56
N SER FA 15 -38.76 0.12 23.17
CA SER FA 15 -39.02 -1.18 23.78
C SER FA 15 -39.04 -2.29 22.74
N THR FA 16 -39.65 -2.04 21.58
CA THR FA 16 -39.70 -3.07 20.54
C THR FA 16 -38.32 -3.40 20.02
N LEU FA 17 -37.50 -2.37 19.74
CA LEU FA 17 -36.16 -2.62 19.23
C LEU FA 17 -35.30 -3.36 20.27
N LEU FA 18 -35.40 -2.95 21.54
CA LEU FA 18 -34.65 -3.63 22.58
C LEU FA 18 -35.06 -5.09 22.71
N GLY FA 19 -36.38 -5.36 22.68
CA GLY FA 19 -36.84 -6.73 22.77
C GLY FA 19 -36.37 -7.58 21.60
N LEU FA 20 -36.43 -7.04 20.38
CA LEU FA 20 -35.98 -7.80 19.21
C LEU FA 20 -34.50 -8.10 19.29
N VAL FA 21 -33.68 -7.10 19.65
CA VAL FA 21 -32.24 -7.30 19.75
C VAL FA 21 -31.92 -8.32 20.83
N MET FA 22 -32.58 -8.22 21.98
CA MET FA 22 -32.34 -9.17 23.06
C MET FA 22 -32.74 -10.59 22.66
N ALA FA 23 -33.86 -10.74 21.96
CA ALA FA 23 -34.28 -12.07 21.52
C ALA FA 23 -33.26 -12.67 20.56
N LEU FA 24 -32.80 -11.88 19.59
CA LEU FA 24 -31.81 -12.39 18.65
C LEU FA 24 -30.51 -12.77 19.36
N LEU FA 25 -30.05 -11.92 20.28
CA LEU FA 25 -28.81 -12.19 21.01
C LEU FA 25 -28.93 -13.45 21.85
N ILE FA 26 -30.07 -13.63 22.53
CA ILE FA 26 -30.26 -14.79 23.37
C ILE FA 26 -30.30 -16.06 22.52
N HIS FA 27 -31.00 -16.02 21.38
CA HIS FA 27 -31.00 -17.18 20.49
C HIS FA 27 -29.58 -17.52 20.02
N PHE FA 28 -28.82 -16.52 19.59
CA PHE FA 28 -27.47 -16.81 19.09
C PHE FA 28 -26.58 -17.37 20.20
N VAL FA 29 -26.66 -16.80 21.40
CA VAL FA 29 -25.82 -17.28 22.49
C VAL FA 29 -26.20 -18.69 22.90
N VAL FA 30 -27.50 -19.01 22.92
CA VAL FA 30 -27.90 -20.36 23.29
C VAL FA 30 -27.51 -21.38 22.22
N LEU FA 31 -27.55 -20.99 20.93
CA LEU FA 31 -27.03 -21.86 19.89
C LEU FA 31 -25.52 -22.12 20.02
N SER FA 32 -24.73 -21.06 20.20
CA SER FA 32 -23.28 -21.20 20.15
C SER FA 32 -22.70 -21.94 21.36
N SER FA 33 -23.50 -22.18 22.39
CA SER FA 33 -22.97 -22.83 23.59
C SER FA 33 -22.75 -24.32 23.42
N GLY FA 34 -23.44 -24.95 22.48
CA GLY FA 34 -23.25 -26.38 22.26
C GLY FA 34 -23.61 -27.24 23.46
N ALA FA 35 -24.70 -26.91 24.14
CA ALA FA 35 -25.12 -27.64 25.34
C ALA FA 35 -26.53 -28.20 25.25
N PHE FA 36 -27.21 -28.05 24.11
CA PHE FA 36 -28.59 -28.46 23.97
C PHE FA 36 -28.82 -29.61 23.01
N ASN FA 37 -27.96 -29.81 22.02
CA ASN FA 37 -28.20 -30.77 20.94
C ASN FA 37 -29.46 -30.40 20.17
N TRP FA 38 -29.48 -29.18 19.67
CA TRP FA 38 -30.53 -28.73 18.77
C TRP FA 38 -29.86 -28.17 17.53
N LEU FA 39 -30.43 -28.47 16.36
CA LEU FA 39 -29.77 -28.17 15.09
C LEU FA 39 -28.41 -28.85 15.02
N ARG FA 40 -28.49 -30.19 14.91
CA ARG FA 40 -27.34 -31.10 14.77
C ARG FA 40 -26.30 -30.87 15.88
N ALA FA 41 -26.74 -31.09 17.12
CA ALA FA 41 -25.86 -31.02 18.28
C ALA FA 41 -25.26 -29.63 18.46
N ASN GA 7 -59.70 13.67 25.33
CA ASN GA 7 -59.04 12.65 26.15
C ASN GA 7 -59.92 12.25 27.33
N ASP GA 8 -61.22 12.11 27.07
CA ASP GA 8 -62.18 11.82 28.13
C ASP GA 8 -62.30 10.34 28.48
N LEU GA 9 -61.76 9.44 27.67
CA LEU GA 9 -61.75 8.02 28.04
C LEU GA 9 -60.68 7.70 29.08
N VAL GA 10 -59.68 8.56 29.23
CA VAL GA 10 -58.57 8.26 30.14
C VAL GA 10 -59.06 8.36 31.59
N PRO GA 11 -58.59 7.49 32.49
CA PRO GA 11 -58.93 7.64 33.91
C PRO GA 11 -58.39 8.96 34.47
N ASP GA 12 -58.90 9.30 35.66
CA ASP GA 12 -58.52 10.56 36.30
C ASP GA 12 -57.03 10.57 36.67
N GLN GA 13 -56.52 9.45 37.17
CA GLN GA 13 -55.15 9.39 37.66
C GLN GA 13 -54.15 9.67 36.55
N TRP GA 14 -54.37 9.10 35.36
CA TRP GA 14 -53.41 9.15 34.27
C TRP GA 14 -53.76 10.20 33.22
N LYS GA 15 -54.70 11.10 33.52
CA LYS GA 15 -55.05 12.16 32.57
C LYS GA 15 -53.87 13.05 32.17
N PRO GA 16 -53.00 13.51 33.09
CA PRO GA 16 -51.90 14.38 32.67
C PRO GA 16 -50.89 13.71 31.74
N LEU GA 17 -50.90 12.39 31.61
CA LEU GA 17 -49.86 11.68 30.87
C LEU GA 17 -50.34 11.12 29.54
N PHE GA 18 -51.61 10.74 29.42
CA PHE GA 18 -52.08 9.99 28.26
C PHE GA 18 -53.11 10.77 27.47
N ASN GA 19 -53.01 10.69 26.15
CA ASN GA 19 -54.02 11.23 25.24
C ASN GA 19 -55.12 10.17 25.08
N ASN GA 20 -56.21 10.52 24.41
CA ASN GA 20 -57.30 9.59 24.17
C ASN GA 20 -56.92 8.51 23.17
N ALA GA 21 -56.09 8.84 22.18
CA ALA GA 21 -55.72 7.89 21.15
C ALA GA 21 -54.61 6.93 21.56
N GLN GA 22 -53.81 7.28 22.56
CA GLN GA 22 -52.73 6.39 22.98
C GLN GA 22 -53.17 5.37 24.02
N TRP GA 23 -54.30 5.61 24.70
CA TRP GA 23 -54.77 4.67 25.72
C TRP GA 23 -55.11 3.31 25.12
N LEU GA 24 -55.79 3.32 23.96
CA LEU GA 24 -56.16 2.07 23.31
C LEU GA 24 -54.92 1.29 22.86
N VAL GA 25 -53.94 1.99 22.29
CA VAL GA 25 -52.71 1.33 21.85
C VAL GA 25 -51.95 0.78 23.05
N HIS GA 26 -51.97 1.51 24.17
CA HIS GA 26 -51.35 1.00 25.39
C HIS GA 26 -52.03 -0.26 25.87
N ASP GA 27 -53.36 -0.30 25.81
CA ASP GA 27 -54.09 -1.51 26.18
C ASP GA 27 -53.70 -2.68 25.29
N ILE GA 28 -53.60 -2.42 23.98
CA ILE GA 28 -53.21 -3.47 23.04
C ILE GA 28 -51.82 -3.98 23.37
N VAL GA 29 -50.88 -3.07 23.66
CA VAL GA 29 -49.51 -3.45 23.99
C VAL GA 29 -49.48 -4.30 25.26
N VAL GA 30 -50.27 -3.91 26.27
CA VAL GA 30 -50.30 -4.67 27.52
C VAL GA 30 -50.82 -6.09 27.28
N LYS GA 31 -51.90 -6.20 26.50
CA LYS GA 31 -52.46 -7.52 26.21
C LYS GA 31 -51.45 -8.38 25.45
N THR GA 32 -50.76 -7.78 24.47
CA THR GA 32 -49.75 -8.52 23.72
C THR GA 32 -48.61 -8.97 24.63
N ILE GA 33 -48.19 -8.13 25.56
CA ILE GA 33 -47.12 -8.49 26.49
C ILE GA 33 -47.55 -9.66 27.37
N TYR GA 34 -48.79 -9.63 27.86
CA TYR GA 34 -49.25 -10.73 28.71
C TYR GA 34 -49.32 -12.04 27.92
N GLY GA 35 -49.85 -11.99 26.70
CA GLY GA 35 -49.88 -13.20 25.87
C GLY GA 35 -48.48 -13.73 25.57
N GLY GA 36 -47.55 -12.83 25.27
CA GLY GA 36 -46.18 -13.26 25.03
C GLY GA 36 -45.55 -13.87 26.26
N LEU GA 37 -45.85 -13.32 27.44
CA LEU GA 37 -45.33 -13.91 28.68
C LEU GA 37 -45.87 -15.32 28.88
N ILE GA 38 -47.16 -15.52 28.63
CA ILE GA 38 -47.74 -16.86 28.79
C ILE GA 38 -47.08 -17.84 27.83
N ILE GA 39 -46.91 -17.43 26.58
CA ILE GA 39 -46.31 -18.33 25.58
C ILE GA 39 -44.87 -18.64 25.94
N ALA GA 40 -44.12 -17.62 26.42
CA ALA GA 40 -42.74 -17.85 26.80
C ALA GA 40 -42.65 -18.79 28.00
N VAL GA 41 -43.57 -18.67 28.95
CA VAL GA 41 -43.56 -19.57 30.11
C VAL GA 41 -43.78 -21.00 29.66
N ILE GA 42 -44.78 -21.22 28.79
CA ILE GA 42 -45.05 -22.59 28.33
C ILE GA 42 -43.87 -23.13 27.53
N ALA GA 43 -43.24 -22.28 26.71
CA ALA GA 43 -42.08 -22.71 25.93
C ALA GA 43 -40.91 -23.09 26.84
N HIS GA 44 -40.64 -22.28 27.86
CA HIS GA 44 -39.55 -22.60 28.78
C HIS GA 44 -39.83 -23.88 29.55
N VAL GA 45 -41.08 -24.10 29.97
CA VAL GA 45 -41.42 -25.33 30.67
C VAL GA 45 -41.19 -26.54 29.77
N LEU GA 46 -41.61 -26.44 28.50
CA LEU GA 46 -41.41 -27.55 27.57
C LEU GA 46 -39.92 -27.80 27.33
N CYS GA 47 -39.15 -26.72 27.17
CA CYS GA 47 -37.71 -26.88 26.93
C CYS GA 47 -37.01 -27.53 28.11
N TRP GA 48 -37.37 -27.14 29.34
CA TRP GA 48 -36.77 -27.78 30.51
C TRP GA 48 -37.20 -29.24 30.60
N ALA GA 49 -38.47 -29.53 30.30
CA ALA GA 49 -38.92 -30.91 30.30
C ALA GA 49 -38.15 -31.75 29.29
N TRP GA 50 -37.72 -31.15 28.19
CA TRP GA 50 -36.91 -31.88 27.22
C TRP GA 50 -35.46 -32.06 27.69
N THR GA 51 -34.78 -30.96 27.97
CA THR GA 51 -33.35 -31.01 28.29
C THR GA 51 -33.02 -29.92 29.30
N PRO GA 52 -32.78 -30.29 30.56
CA PRO GA 52 -32.42 -29.29 31.58
C PRO GA 52 -31.09 -28.63 31.24
N TRP GA 53 -31.01 -27.32 31.47
CA TRP GA 53 -29.82 -26.55 31.16
C TRP GA 53 -29.02 -26.15 32.39
N ILE GA 54 -29.51 -26.40 33.60
CA ILE GA 54 -28.78 -26.05 34.81
C ILE GA 54 -27.99 -27.26 35.30
N ARG GA 55 -28.69 -28.31 35.71
CA ARG GA 55 -28.06 -29.51 36.27
C ARG GA 55 -27.24 -29.17 37.51
N MET HA 1 -36.28 -34.53 20.05
CA MET HA 1 -37.36 -33.56 19.97
C MET HA 1 -36.93 -32.33 19.20
N ALA HA 2 -35.82 -32.44 18.49
CA ALA HA 2 -35.35 -31.33 17.65
C ALA HA 2 -36.37 -30.93 16.58
N PRO HA 3 -36.93 -31.82 15.77
CA PRO HA 3 -37.91 -31.38 14.77
C PRO HA 3 -39.20 -30.86 15.36
N PHE HA 4 -39.71 -31.51 16.42
CA PHE HA 4 -41.01 -31.14 16.97
C PHE HA 4 -40.98 -29.73 17.56
N LEU HA 5 -39.92 -29.39 18.29
CA LEU HA 5 -39.85 -28.06 18.88
C LEU HA 5 -39.70 -26.99 17.80
N MET HA 6 -38.90 -27.27 16.77
CA MET HA 6 -38.79 -26.34 15.65
C MET HA 6 -40.13 -26.13 14.96
N ALA HA 7 -40.88 -27.21 14.74
CA ALA HA 7 -42.18 -27.09 14.11
C ALA HA 7 -43.13 -26.26 14.97
N PHE HA 8 -43.10 -26.50 16.29
CA PHE HA 8 -43.97 -25.73 17.20
C PHE HA 8 -43.63 -24.24 17.16
N PHE HA 9 -42.33 -23.91 17.24
CA PHE HA 9 -41.93 -22.51 17.21
C PHE HA 9 -42.28 -21.85 15.88
N THR HA 10 -42.04 -22.56 14.77
CA THR HA 10 -42.36 -21.99 13.46
C THR HA 10 -43.86 -21.77 13.29
N ILE HA 11 -44.67 -22.71 13.77
CA ILE HA 11 -46.12 -22.57 13.71
C ILE HA 11 -46.56 -21.37 14.54
N VAL HA 12 -45.99 -21.21 15.74
CA VAL HA 12 -46.33 -20.06 16.57
C VAL HA 12 -45.96 -18.76 15.86
N LEU HA 13 -44.78 -18.72 15.25
CA LEU HA 13 -44.35 -17.52 14.53
C LEU HA 13 -45.30 -17.19 13.39
N ILE HA 14 -45.70 -18.21 12.61
CA ILE HA 14 -46.57 -17.97 11.46
C ILE HA 14 -47.94 -17.48 11.92
N VAL HA 15 -48.51 -18.13 12.95
CA VAL HA 15 -49.83 -17.73 13.42
C VAL HA 15 -49.80 -16.32 13.99
N ALA HA 16 -48.77 -16.00 14.78
CA ALA HA 16 -48.65 -14.67 15.35
C ALA HA 16 -48.48 -13.60 14.28
N THR HA 17 -47.65 -13.87 13.27
CA THR HA 17 -47.47 -12.88 12.21
C THR HA 17 -48.74 -12.70 11.40
N LEU HA 18 -49.48 -13.79 11.16
CA LEU HA 18 -50.77 -13.67 10.50
C LEU HA 18 -51.72 -12.78 11.29
N TYR HA 19 -51.81 -13.02 12.61
CA TYR HA 19 -52.71 -12.26 13.46
C TYR HA 19 -52.35 -10.78 13.48
N PHE HA 20 -51.06 -10.47 13.68
CA PHE HA 20 -50.65 -9.08 13.75
C PHE HA 20 -50.79 -8.38 12.40
N LEU HA 21 -50.46 -9.07 11.31
CA LEU HA 21 -50.62 -8.47 9.98
C LEU HA 21 -52.07 -8.20 9.67
N SER HA 22 -52.97 -9.11 10.06
CA SER HA 22 -54.39 -8.86 9.88
C SER HA 22 -54.85 -7.67 10.72
N MET HA 23 -54.34 -7.55 11.94
CA MET HA 23 -54.68 -6.39 12.77
C MET HA 23 -54.22 -5.09 12.13
N ILE HA 24 -52.99 -5.06 11.60
CA ILE HA 24 -52.45 -3.83 11.05
C ILE HA 24 -53.15 -3.43 9.75
N MET HA 25 -53.33 -4.40 8.85
CA MET HA 25 -53.84 -4.10 7.50
C MET HA 25 -55.34 -4.39 7.44
N SER HA 26 -56.10 -3.53 8.13
CA SER HA 26 -57.55 -3.62 8.11
C SER HA 26 -58.15 -2.30 8.55
N MET IA 1 -20.27 -24.46 11.07
CA MET IA 1 -19.53 -25.39 10.21
C MET IA 1 -18.32 -24.70 9.59
N ASN IA 2 -17.51 -25.45 8.86
CA ASN IA 2 -16.28 -24.90 8.30
C ASN IA 2 -16.57 -23.85 7.23
N TRP IA 3 -17.56 -24.10 6.37
CA TRP IA 3 -17.77 -23.29 5.18
C TRP IA 3 -18.87 -22.25 5.34
N ILE IA 4 -19.93 -22.55 6.11
CA ILE IA 4 -21.04 -21.62 6.25
C ILE IA 4 -20.58 -20.33 6.91
N VAL IA 5 -19.81 -20.44 7.98
CA VAL IA 5 -19.35 -19.25 8.69
C VAL IA 5 -18.38 -18.46 7.81
N ALA IA 6 -17.53 -19.15 7.06
CA ALA IA 6 -16.61 -18.46 6.17
C ALA IA 6 -17.35 -17.68 5.09
N THR IA 7 -18.40 -18.27 4.51
CA THR IA 7 -19.19 -17.55 3.54
C THR IA 7 -19.90 -16.35 4.17
N PHE IA 8 -20.36 -16.50 5.41
CA PHE IA 8 -21.01 -15.37 6.09
C PHE IA 8 -20.02 -14.23 6.33
N MET IA 9 -18.79 -14.55 6.73
CA MET IA 9 -17.78 -13.51 6.89
C MET IA 9 -17.43 -12.87 5.55
N LEU IA 10 -17.46 -13.65 4.47
CA LEU IA 10 -17.26 -13.07 3.14
C LEU IA 10 -18.35 -12.07 2.81
N MET IA 11 -19.57 -12.40 3.19
CA MET IA 11 -20.69 -11.49 2.97
C MET IA 11 -20.45 -10.23 3.77
N PHE IA 12 -20.03 -10.36 5.02
CA PHE IA 12 -19.75 -9.20 5.86
C PHE IA 12 -18.64 -8.33 5.25
N VAL IA 13 -17.62 -8.96 4.67
CA VAL IA 13 -16.52 -8.22 4.07
C VAL IA 13 -16.99 -7.43 2.86
N LEU IA 14 -17.92 -7.99 2.07
CA LEU IA 14 -18.42 -7.25 0.91
C LEU IA 14 -19.40 -6.15 1.32
N VAL IA 15 -20.10 -6.31 2.44
CA VAL IA 15 -20.95 -5.24 2.95
C VAL IA 15 -20.13 -4.00 3.26
N ALA IA 16 -18.84 -4.18 3.60
CA ALA IA 16 -17.96 -3.03 3.73
C ALA IA 16 -17.74 -2.33 2.38
N PHE IA 17 -17.57 -3.11 1.31
CA PHE IA 17 -17.40 -2.54 -0.01
C PHE IA 17 -18.60 -1.71 -0.44
N LEU IA 18 -19.80 -2.13 -0.02
CA LEU IA 18 -21.02 -1.50 -0.53
C LEU IA 18 -21.12 0.02 -0.30
N PRO IA 19 -20.79 0.57 0.89
CA PRO IA 19 -21.02 2.00 1.14
C PRO IA 19 -20.35 2.96 0.16
N LEU IA 20 -19.15 2.62 -0.32
CA LEU IA 20 -18.47 3.48 -1.27
C LEU IA 20 -19.08 3.39 -2.66
N VAL IA 21 -19.59 2.22 -3.02
CA VAL IA 21 -20.39 2.10 -4.25
C VAL IA 21 -21.61 3.00 -4.15
N VAL IA 22 -22.20 3.12 -2.95
CA VAL IA 22 -23.33 4.03 -2.79
C VAL IA 22 -22.92 5.47 -3.10
N SER IA 23 -21.75 5.91 -2.61
CA SER IA 23 -21.29 7.27 -2.89
C SER IA 23 -21.02 7.46 -4.37
N LEU IA 24 -20.42 6.46 -5.02
CA LEU IA 24 -20.19 6.54 -6.46
C LEU IA 24 -21.50 6.69 -7.21
N ALA IA 25 -22.51 5.90 -6.83
CA ALA IA 25 -23.81 5.98 -7.49
C ALA IA 25 -24.45 7.35 -7.29
N TYR IA 26 -24.35 7.88 -6.07
CA TYR IA 26 -24.93 9.21 -5.80
C TYR IA 26 -24.25 10.28 -6.65
N THR IA 27 -22.91 10.24 -6.72
CA THR IA 27 -22.19 11.22 -7.51
C THR IA 27 -22.55 11.10 -8.99
N TRP IA 28 -22.68 9.87 -9.49
CA TRP IA 28 -23.05 9.69 -10.89
C TRP IA 28 -24.46 10.21 -11.17
N VAL IA 29 -25.42 9.87 -10.31
CA VAL IA 29 -26.82 10.16 -10.61
C VAL IA 29 -27.15 11.62 -10.42
N THR IA 30 -26.69 12.22 -9.31
CA THR IA 30 -27.18 13.54 -8.92
C THR IA 30 -26.71 14.66 -9.84
N ASN IA 31 -25.75 14.41 -10.74
CA ASN IA 31 -25.26 15.50 -11.58
C ASN IA 31 -26.34 15.99 -12.55
N PRO IA 32 -26.83 15.19 -13.51
CA PRO IA 32 -28.09 15.65 -14.10
C PRO IA 32 -29.27 15.35 -13.19
N SER JA 12 26.46 -2.79 29.95
CA SER JA 12 25.78 -4.01 29.51
C SER JA 12 24.30 -3.79 29.20
N PRO JA 13 23.52 -3.27 30.15
CA PRO JA 13 22.10 -3.04 29.87
C PRO JA 13 21.83 -1.87 28.94
N TRP JA 14 22.82 -1.04 28.66
CA TRP JA 14 22.60 0.14 27.85
C TRP JA 14 22.63 -0.18 26.36
N PRO JA 15 21.80 0.49 25.56
CA PRO JA 15 21.90 0.34 24.11
C PRO JA 15 23.18 0.98 23.59
N VAL JA 16 23.67 0.46 22.46
CA VAL JA 16 24.84 1.06 21.82
C VAL JA 16 24.51 2.46 21.33
N TRP JA 17 25.56 3.22 21.04
CA TRP JA 17 25.43 4.62 20.63
C TRP JA 17 24.58 4.76 19.36
N SER JA 18 24.74 3.83 18.43
CA SER JA 18 23.91 3.83 17.23
C SER JA 18 22.44 3.69 17.62
N GLY JA 19 22.14 2.76 18.51
CA GLY JA 19 20.78 2.61 19.00
C GLY JA 19 20.24 3.86 19.66
N TYR JA 20 21.09 4.57 20.41
CA TYR JA 20 20.69 5.86 20.97
C TYR JA 20 20.32 6.83 19.86
N ALA JA 21 21.31 7.26 19.09
CA ALA JA 21 21.11 8.34 18.12
C ALA JA 21 20.11 7.98 17.03
N LEU JA 22 20.46 6.97 16.21
CA LEU JA 22 19.72 6.66 14.99
C LEU JA 22 18.26 6.34 15.25
N CYS JA 23 17.92 5.89 16.45
CA CYS JA 23 16.55 5.51 16.77
C CYS JA 23 15.81 6.53 17.61
N PHE JA 24 16.46 7.20 18.55
CA PHE JA 24 15.74 8.05 19.49
C PHE JA 24 15.85 9.54 19.20
N VAL JA 25 16.93 9.99 18.56
CA VAL JA 25 17.00 11.39 18.16
C VAL JA 25 15.89 11.67 17.16
N PRO JA 26 15.75 10.88 16.08
CA PRO JA 26 14.61 11.07 15.19
C PRO JA 26 13.25 10.93 15.86
N LEU JA 27 13.10 10.03 16.83
CA LEU JA 27 11.80 9.83 17.45
C LEU JA 27 11.36 11.07 18.23
N ALA JA 28 12.23 11.56 19.12
CA ALA JA 28 11.92 12.77 19.87
C ALA JA 28 11.77 13.97 18.95
N ALA JA 29 12.59 14.02 17.89
CA ALA JA 29 12.46 15.10 16.92
C ALA JA 29 11.08 15.08 16.25
N VAL JA 30 10.60 13.90 15.86
CA VAL JA 30 9.29 13.80 15.23
C VAL JA 30 8.19 14.24 16.19
N ILE JA 31 8.24 13.76 17.43
CA ILE JA 31 7.18 14.10 18.39
C ILE JA 31 7.16 15.59 18.65
N LEU JA 32 8.33 16.19 18.93
CA LEU JA 32 8.37 17.61 19.24
C LEU JA 32 7.99 18.46 18.03
N GLY JA 33 8.45 18.08 16.83
CA GLY JA 33 8.09 18.84 15.64
C GLY JA 33 6.60 18.78 15.35
N PHE JA 34 6.00 17.60 15.53
CA PHE JA 34 4.55 17.50 15.34
C PHE JA 34 3.81 18.38 16.35
N ILE JA 35 4.22 18.32 17.62
CA ILE JA 35 3.54 19.09 18.65
C ILE JA 35 3.73 20.59 18.47
N ILE JA 36 4.82 21.03 17.86
CA ILE JA 36 5.04 22.45 17.59
C ILE JA 36 4.27 22.90 16.36
N ALA JA 37 4.30 22.08 15.30
CA ALA JA 37 3.58 22.42 14.08
C ALA JA 37 2.08 22.51 14.32
N ALA JA 38 1.54 21.60 15.13
CA ALA JA 38 0.12 21.67 15.45
C ALA JA 38 -0.22 22.98 16.16
N ARG JA 39 0.61 23.37 17.13
CA ARG JA 39 0.38 24.61 17.86
C ARG JA 39 0.40 25.81 16.92
N PHE JA 40 1.39 25.88 16.03
CA PHE JA 40 1.49 27.06 15.17
C PHE JA 40 0.38 27.08 14.12
N THR JA 41 0.02 25.93 13.55
CA THR JA 41 -1.07 25.90 12.60
C THR JA 41 -2.39 26.26 13.25
N ASP JA 42 -2.63 25.80 14.48
CA ASP JA 42 -3.84 26.19 15.18
C ASP JA 42 -3.85 27.69 15.49
N LYS JA 43 -2.70 28.24 15.87
CA LYS JA 43 -2.60 29.68 16.09
C LYS JA 43 -2.99 30.45 14.84
N GLN JA 44 -2.40 30.08 13.69
CA GLN JA 44 -2.71 30.80 12.45
C GLN JA 44 -4.16 30.61 12.05
N ALA JA 45 -4.72 29.42 12.25
CA ALA JA 45 -6.10 29.18 11.86
C ALA JA 45 -7.09 29.91 12.76
N THR JA 46 -6.73 30.13 14.02
CA THR JA 46 -7.60 30.83 14.95
C THR JA 46 -7.38 32.34 14.94
N SER JA 47 -6.33 32.82 14.28
CA SER JA 47 -6.13 34.26 14.15
C SER JA 47 -7.27 34.89 13.37
N ALA JA 48 -7.43 36.20 13.54
CA ALA JA 48 -8.51 36.93 12.91
C ALA JA 48 -8.08 37.47 11.55
N TYR JA 49 -8.97 37.36 10.56
CA TYR JA 49 -8.69 37.83 9.21
C TYR JA 49 -10.00 37.92 8.44
N LEU JA 50 -9.90 38.25 7.15
CA LEU JA 50 -11.08 38.44 6.31
C LEU JA 50 -11.90 37.17 6.19
N ARG JA 51 -13.15 37.23 6.64
CA ARG JA 51 -14.10 36.14 6.48
C ARG JA 51 -15.42 36.70 5.99
N LEU JA 52 -16.15 35.89 5.23
CA LEU JA 52 -17.52 36.25 4.86
C LEU JA 52 -18.41 36.20 6.09
N ASP JA 53 -19.33 37.15 6.16
CA ASP JA 53 -20.15 37.28 7.37
C ASP JA 53 -21.13 36.12 7.46
N PRO JA 54 -21.08 35.31 8.53
CA PRO JA 54 -21.99 34.15 8.61
C PRO JA 54 -23.44 34.53 8.78
N ALA JA 55 -23.75 35.75 9.23
CA ALA JA 55 -25.13 36.13 9.46
C ALA JA 55 -25.90 36.28 8.15
N LYS JA 56 -25.23 36.75 7.09
CA LYS JA 56 -25.87 37.03 5.83
C LYS JA 56 -25.35 36.21 4.66
N ALA JA 57 -24.18 35.58 4.79
CA ALA JA 57 -23.61 34.83 3.66
C ALA JA 57 -24.47 33.62 3.30
N ASN JA 58 -25.01 32.93 4.31
CA ASN JA 58 -25.80 31.74 4.05
C ASN JA 58 -27.27 32.05 4.35
MG BCL KA . 15.86 -7.46 -46.20
CHA BCL KA . 15.58 -4.26 -44.94
CHB BCL KA . 12.90 -6.97 -47.81
CHC BCL KA . 15.67 -10.80 -46.79
CHD BCL KA . 18.41 -8.10 -43.89
NA BCL KA . 14.43 -5.83 -46.29
C1A BCL KA . 14.59 -4.53 -45.84
C2A BCL KA . 13.86 -3.58 -46.72
C3A BCL KA . 12.75 -4.47 -47.28
C4A BCL KA . 13.35 -5.84 -47.17
CMA BCL KA . 11.46 -4.36 -46.49
CAA BCL KA . 14.78 -3.01 -47.80
CBA BCL KA . 14.04 -2.19 -48.85
CGA BCL KA . 13.43 -0.94 -48.32
O1A BCL KA . 12.38 -0.85 -47.80
O2A BCL KA . 14.20 0.10 -48.50
NB BCL KA . 14.49 -8.70 -47.13
C1B BCL KA . 13.33 -8.30 -47.78
C2B BCL KA . 12.70 -9.40 -48.38
C3B BCL KA . 13.47 -10.54 -48.09
C4B BCL KA . 14.59 -10.05 -47.31
CMB BCL KA . 11.42 -9.29 -49.18
CAB BCL KA . 13.25 -11.94 -48.44
OBB BCL KA . 14.18 -12.77 -48.44
CBB BCL KA . 11.89 -12.45 -48.81
NC BCL KA . 16.86 -9.18 -45.42
C1C BCL KA . 16.69 -10.45 -45.89
C2C BCL KA . 17.57 -11.43 -45.21
C3C BCL KA . 18.67 -10.52 -44.69
C4C BCL KA . 17.94 -9.21 -44.57
CMC BCL KA . 16.84 -12.20 -44.11
CAC BCL KA . 19.90 -10.47 -45.62
CBC BCL KA . 21.04 -9.63 -45.09
ND BCL KA . 16.80 -6.45 -44.72
C1D BCL KA . 17.84 -6.79 -43.84
C2D BCL KA . 18.18 -5.70 -43.00
C3D BCL KA . 17.33 -4.67 -43.39
C4D BCL KA . 16.52 -5.15 -44.41
CMD BCL KA . 19.25 -5.72 -41.93
CAD BCL KA . 17.02 -3.29 -43.26
OBD BCL KA . 17.35 -2.44 -42.41
CBD BCL KA . 16.11 -2.90 -44.47
CGD BCL KA . 15.11 -1.91 -44.09
O1D BCL KA . 15.12 -0.73 -44.41
O2D BCL KA . 14.13 -2.38 -43.35
CED BCL KA . 13.09 -1.46 -42.95
C1 BCL KA . 13.64 1.35 -48.02
C2 BCL KA . 14.71 1.95 -47.13
C3 BCL KA . 14.92 3.23 -47.15
C4 BCL KA . 14.17 4.21 -48.03
C5 BCL KA . 15.98 3.87 -46.26
C6 BCL KA . 16.69 5.08 -46.85
C7 BCL KA . 17.72 5.64 -45.88
C8 BCL KA . 18.54 6.84 -46.34
C9 BCL KA . 19.39 6.50 -47.57
C10 BCL KA . 19.43 7.29 -45.18
C11 BCL KA . 20.05 6.10 -44.47
C12 BCL KA . 20.64 6.51 -43.13
C13 BCL KA . 21.84 7.46 -43.27
C14 BCL KA . 23.13 6.72 -43.60
C15 BCL KA . 22.02 8.15 -41.92
C16 BCL KA . 23.16 9.18 -41.86
C17 BCL KA . 23.07 10.53 -42.58
C18 BCL KA . 22.10 11.53 -41.96
C19 BCL KA . 20.71 11.11 -42.48
C20 BCL KA . 22.37 12.99 -42.33
MG BCL LA . 3.52 10.76 -52.34
CHA BCL LA . 4.15 9.52 -55.49
CHB BCL LA . 0.48 11.81 -53.45
CHC BCL LA . 2.72 11.59 -49.18
CHD BCL LA . 6.08 8.71 -51.08
NA BCL LA . 2.46 10.63 -54.23
C1A BCL LA . 2.96 10.19 -55.45
C2A BCL LA . 2.23 10.81 -56.60
C3A BCL LA . 1.10 11.61 -55.91
C4A BCL LA . 1.26 11.28 -54.46
CMA BCL LA . 1.25 13.12 -56.14
CAA BCL LA . 1.71 9.78 -57.60
CBA BCL LA . 0.81 8.71 -56.97
CGA BCL LA . 0.18 7.78 -57.97
O1A BCL LA . -0.09 8.06 -59.09
O2A BCL LA . -0.05 6.59 -57.49
NB BCL LA . 1.84 11.53 -51.44
C1B BCL LA . 0.72 12.02 -52.09
C2B BCL LA . -0.10 12.72 -51.19
C3B BCL LA . 0.51 12.68 -49.93
C4B BCL LA . 1.73 11.92 -50.13
CMB BCL LA . -1.41 13.37 -51.59
CAB BCL LA . -0.01 13.30 -48.72
OBB BCL LA . -0.87 14.20 -48.77
CBB BCL LA . 0.44 12.89 -47.35
NC BCL LA . 4.27 10.19 -50.41
C1C BCL LA . 3.85 10.75 -49.24
C2C BCL LA . 4.55 10.22 -48.04
C3C BCL LA . 5.59 9.26 -48.67
C4C BCL LA . 5.39 9.44 -50.14
CMC BCL LA . 5.18 11.31 -47.19
CAC BCL LA . 5.43 7.79 -48.21
CBC BCL LA . 6.13 7.50 -46.90
ND BCL LA . 4.80 9.35 -53.06
C1D BCL LA . 5.88 8.68 -52.49
C2D BCL LA . 6.65 8.01 -53.47
C3D BCL LA . 6.03 8.29 -54.69
C4D BCL LA . 4.93 9.10 -54.40
CMD BCL LA . 7.89 7.17 -53.20
CAD BCL LA . 6.07 8.15 -56.09
OBD BCL LA . 6.90 7.56 -56.82
CBD BCL LA . 4.85 8.89 -56.70
CGD BCL LA . 5.30 9.84 -57.73
O1D BCL LA . 5.26 11.05 -57.63
O2D BCL LA . 5.75 9.25 -58.82
CED BCL LA . 6.22 10.10 -59.89
C1 BCL LA . -0.67 5.62 -58.40
C2 BCL LA . 0.29 4.44 -58.46
C3 BCL LA . 0.36 3.49 -57.56
C4 BCL LA . -0.50 3.43 -56.29
C5 BCL LA . 1.35 2.34 -57.70
C6 BCL LA . 1.20 1.19 -56.72
C7 BCL LA . 2.21 0.08 -57.02
C8 BCL LA . 2.18 -1.15 -56.10
C9 BCL LA . 2.66 -0.77 -54.68
C10 BCL LA . 3.08 -2.24 -56.69
C11 BCL LA . 4.56 -1.92 -56.72
C12 BCL LA . 5.36 -3.00 -57.45
C13 BCL LA . 6.85 -3.04 -57.06
C14 BCL LA . 7.57 -1.72 -57.29
C15 BCL LA . 7.53 -4.14 -57.89
C16 BCL LA . 8.33 -5.14 -57.06
C17 BCL LA . 9.78 -5.41 -57.45
C18 BCL LA . 10.49 -6.33 -56.46
C19 BCL LA . 11.96 -6.36 -56.92
C20 BCL LA . 9.91 -7.74 -56.38
CAB KGD MA . 20.73 14.69 -48.37
CAC KGD MA . 19.38 15.40 -48.51
CAD KGD MA . 20.60 13.70 -47.28
CAE KGD MA . 18.88 15.96 -47.18
CAF KGD MA . 21.07 13.93 -49.64
CAG KGD MA . 21.85 15.66 -48.07
CAH KGD MA . 19.64 13.73 -46.36
CAI KGD MA . 19.05 15.00 -46.04
CAJ KGD MA . 21.79 12.92 -47.04
CAK KGD MA . 18.77 12.56 -46.11
CAL KGD MA . 21.72 11.59 -47.11
CAM KGD MA . 22.91 10.80 -46.92
CAN KGD MA . 24.17 11.54 -46.73
CAO KGD MA . 22.77 9.46 -46.95
CAP KGD MA . 23.91 8.59 -46.83
CAQ KGD MA . 23.71 7.27 -46.73
CAR KGD MA . 24.79 6.31 -46.67
CAS KGD MA . 30.37 -9.26 -48.63
CAT KGD MA . 31.54 -9.25 -47.66
CAU KGD MA . 26.18 6.81 -46.55
CAV KGD MA . 24.46 5.01 -46.78
CAW KGD MA . 29.21 -8.51 -48.04
CAX KGD MA . 32.28 -10.54 -47.76
CAY KGD MA . 33.62 -10.57 -47.77
CAZ KGD MA . 28.07 -9.28 -47.49
CBA KGD MA . 29.21 -7.17 -48.03
CBB KGD MA . 25.42 3.94 -46.80
CBC KGD MA . 34.40 -9.32 -47.67
CBD KGD MA . 34.35 -11.86 -47.87
CBE KGD MA . 28.09 -6.43 -47.50
CBF KGD MA . 28.05 -5.11 -47.67
CBG KGD MA . 24.95 2.70 -47.04
CBH KGD MA . 26.94 -4.31 -47.19
CBI KGD MA . 25.82 1.57 -47.18
CBJ KGD MA . 27.05 -2.99 -47.42
CBK KGD MA . 25.78 -4.96 -46.54
CBL KGD MA . 25.40 0.32 -46.92
CBM KGD MA . 26.04 -2.04 -47.07
CBN KGD MA . 26.35 -0.74 -47.17
CBO KGD MA . 24.04 -0.04 -46.43
OAA KGD MA . 18.70 15.29 -44.91
MG BCL NA . -29.24 -27.58 -15.79
CHA BCL NA . -32.12 -25.96 -14.79
CHB BCL NA . -29.06 -25.38 -18.40
CHC BCL NA . -26.94 -29.59 -17.25
CHD BCL NA . -30.05 -30.24 -13.64
NA BCL NA . -30.46 -25.91 -16.46
C1A BCL NA . -31.59 -25.38 -15.90
C2A BCL NA . -31.88 -24.01 -16.44
C3A BCL NA . -31.09 -23.99 -17.76
C4A BCL NA . -30.14 -25.13 -17.58
CMA BCL NA . -32.02 -24.18 -18.97
CAA BCL NA . -31.43 -22.90 -15.49
CBA BCL NA . -31.84 -21.54 -16.04
CGA BCL NA . -31.30 -20.36 -15.32
O1A BCL NA . -30.21 -19.95 -15.43
O2A BCL NA . -32.17 -19.80 -14.53
NB BCL NA . -28.22 -27.55 -17.58
C1B BCL NA . -28.15 -26.45 -18.44
C2B BCL NA . -27.08 -26.61 -19.34
C3B BCL NA . -26.44 -27.79 -19.03
C4B BCL NA . -27.19 -28.37 -17.91
CMB BCL NA . -26.76 -25.62 -20.45
CAB BCL NA . -25.26 -28.37 -19.64
OBB BCL NA . -25.14 -29.60 -19.74
CBB BCL NA . -24.14 -27.51 -20.15
NC BCL NA . -28.57 -29.59 -15.46
C1C BCL NA . -27.67 -30.25 -16.25
C2C BCL NA . -27.52 -31.70 -15.93
C3C BCL NA . -28.69 -31.94 -14.98
C4C BCL NA . -29.11 -30.54 -14.61
CMC BCL NA . -27.56 -32.57 -17.17
CAC BCL NA . -28.31 -32.85 -13.76
CBC BCL NA . -27.33 -32.22 -12.79
ND BCL NA . -30.75 -28.05 -14.50
C1D BCL NA . -30.97 -29.14 -13.64
C2D BCL NA . -32.16 -28.97 -12.90
C3D BCL NA . -32.67 -27.73 -13.29
C4D BCL NA . -31.79 -27.21 -14.25
CMD BCL NA . -32.73 -29.98 -11.94
CAD BCL NA . -33.63 -26.74 -13.03
OBD BCL NA . -34.57 -26.69 -12.20
CBD BCL NA . -33.37 -25.55 -14.01
CGD BCL NA . -34.54 -25.28 -14.87
O1D BCL NA . -35.18 -26.12 -15.48
O2D BCL NA . -34.88 -24.00 -14.92
CED BCL NA . -36.02 -23.64 -15.74
C1 BCL NA . -31.70 -18.60 -13.84
C2 BCL NA . -31.87 -17.51 -14.88
C3 BCL NA . -32.29 -16.29 -14.69
C4 BCL NA . -32.73 -15.68 -13.37
C5 BCL NA . -32.38 -15.37 -15.90
C6 BCL NA . -32.61 -16.11 -17.22
C7 BCL NA . -32.62 -15.20 -18.44
C8 BCL NA . -33.69 -14.11 -18.47
C9 BCL NA . -35.08 -14.72 -18.77
C10 BCL NA . -33.34 -13.08 -19.56
C11 BCL NA . -34.06 -11.76 -19.47
C12 BCL NA . -33.38 -10.71 -20.35
C13 BCL NA . -33.91 -9.28 -20.11
C14 BCL NA . -33.13 -8.23 -20.90
C15 BCL NA . -33.70 -9.01 -18.62
C16 BCL NA . -34.32 -7.73 -18.06
C17 BCL NA . -33.72 -7.35 -16.71
C18 BCL NA . -32.27 -6.93 -16.90
C19 BCL NA . -31.70 -6.79 -15.47
C20 BCL NA . -32.11 -5.63 -17.69
MG BCL OA . -33.22 -28.24 -6.91
CHA BCL OA . -32.83 -25.36 -8.77
CHB BCL OA . -35.37 -26.52 -4.88
CHC BCL OA . -33.09 -30.78 -4.68
CHD BCL OA . -30.40 -29.58 -8.50
NA BCL OA . -33.93 -26.19 -6.83
C1A BCL OA . -33.78 -25.20 -7.79
C2A BCL OA . -34.94 -24.27 -7.79
C3A BCL OA . -35.44 -24.43 -6.34
C4A BCL OA . -34.94 -25.78 -5.97
CMA BCL OA . -34.86 -23.34 -5.43
CAA BCL OA . -35.99 -24.69 -8.82
CBA BCL OA . -37.33 -23.95 -8.65
CGA BCL OA . -37.31 -22.51 -8.99
O1A BCL OA . -36.99 -21.62 -8.26
O2A BCL OA . -37.70 -22.28 -10.21
NB BCL OA . -34.04 -28.58 -5.05
C1B BCL OA . -35.02 -27.80 -4.43
C2B BCL OA . -35.56 -28.47 -3.33
C3B BCL OA . -34.91 -29.71 -3.23
C4B BCL OA . -33.98 -29.74 -4.34
CMB BCL OA . -36.65 -27.89 -2.46
CAB BCL OA . -35.08 -30.77 -2.26
OBB BCL OA . -34.82 -31.96 -2.53
CBB BCL OA . -35.58 -30.49 -0.86
NC BCL OA . -31.92 -29.90 -6.62
C1C BCL OA . -32.11 -30.88 -5.68
C2C BCL OA . -31.12 -31.98 -5.78
C3C BCL OA . -30.56 -31.77 -7.19
C4C BCL OA . -30.89 -30.32 -7.43
CMC BCL OA . -30.07 -31.95 -4.69
CAC BCL OA . -31.16 -32.73 -8.23
CBC BCL OA . -30.43 -32.69 -9.57
ND BCL OA . -31.85 -27.62 -8.28
C1D BCL OA . -30.81 -28.28 -8.94
C2D BCL OA . -30.30 -27.51 -10.00
C3D BCL OA . -31.05 -26.34 -9.99
C4D BCL OA . -31.96 -26.44 -8.95
CMD BCL OA . -29.17 -27.91 -10.93
CAD BCL OA . -31.37 -25.14 -10.67
OBD BCL OA . -30.76 -24.50 -11.55
CBD BCL OA . -32.74 -24.65 -10.13
CGD BCL OA . -32.82 -23.18 -10.14
O1D BCL OA . -33.75 -22.54 -10.58
O2D BCL OA . -31.77 -22.58 -9.60
CED BCL OA . -31.80 -21.12 -9.60
C1 BCL OA . -37.72 -20.87 -10.59
C2 BCL OA . -36.81 -20.74 -11.80
C3 BCL OA . -37.16 -19.96 -12.77
C4 BCL OA . -38.43 -19.14 -12.83
C5 BCL OA . -36.27 -19.82 -14.01
C6 BCL OA . -37.00 -19.57 -15.32
C7 BCL OA . -36.00 -19.42 -16.46
C8 BCL OA . -36.55 -19.21 -17.87
C9 BCL OA . -37.37 -20.43 -18.34
C10 BCL OA . -35.37 -18.98 -18.81
C11 BCL OA . -34.26 -19.99 -18.58
C12 BCL OA . -33.01 -19.63 -19.39
C13 BCL OA . -33.25 -19.68 -20.91
C14 BCL OA . -33.32 -21.11 -21.44
C15 BCL OA . -32.07 -18.99 -21.58
C16 BCL OA . -32.11 -18.91 -23.10
C17 BCL OA . -33.12 -18.01 -23.84
C18 BCL OA . -32.87 -16.51 -23.76
C19 BCL OA . -33.34 -16.08 -22.35
C20 BCL OA . -33.62 -15.70 -24.81
MG BCL PA . -45.97 -9.20 -8.58
CHA BCL PA . -48.61 -11.41 -8.35
CHB BCL PA . -47.99 -6.79 -7.25
CHC BCL PA . -43.28 -7.19 -8.23
CHD BCL PA . -43.79 -11.92 -8.93
NA BCL PA . -48.04 -9.15 -7.89
C1A BCL PA . -48.98 -10.16 -7.93
C2A BCL PA . -50.37 -9.63 -7.75
C3A BCL PA . -50.14 -8.15 -7.37
C4A BCL PA . -48.65 -8.00 -7.43
CMA BCL PA . -50.84 -7.20 -8.34
CAA BCL PA . -51.17 -10.40 -6.69
CBA BCL PA . -50.51 -10.37 -5.30
CGA BCL PA . -51.29 -11.09 -4.25
O1A BCL PA . -52.46 -11.16 -4.19
O2A BCL PA . -50.53 -11.70 -3.36
NB BCL PA . -45.67 -7.29 -7.86
C1B BCL PA . -46.63 -6.46 -7.30
C2B BCL PA . -46.04 -5.28 -6.81
C3B BCL PA . -44.67 -5.36 -7.07
C4B BCL PA . -44.48 -6.64 -7.74
CMB BCL PA . -46.81 -4.17 -6.14
CAB BCL PA . -43.69 -4.34 -6.73
OBB BCL PA . -44.00 -3.16 -6.56
CBB BCL PA . -42.22 -4.68 -6.57
NC BCL PA . -43.86 -9.52 -8.54
C1C BCL PA . -42.93 -8.53 -8.49
C2C BCL PA . -41.54 -8.98 -8.75
C3C BCL PA . -41.73 -10.45 -9.10
C4C BCL PA . -43.18 -10.70 -8.81
CMC BCL PA . -40.85 -8.18 -9.85
CAC BCL PA . -40.78 -11.40 -8.31
CBC BCL PA . -39.32 -11.09 -8.56
ND BCL PA . -46.11 -11.23 -8.57
C1D BCL PA . -45.18 -12.24 -8.84
C2D BCL PA . -45.82 -13.49 -9.00
C3D BCL PA . -47.17 -13.24 -8.82
C4D BCL PA . -47.31 -11.88 -8.56
CMD BCL PA . -45.13 -14.80 -9.29
CAD BCL PA . -48.49 -13.77 -8.91
OBD BCL PA . -48.88 -14.91 -9.24
CBD BCL PA . -49.48 -12.66 -8.51
CGD BCL PA . -50.55 -12.55 -9.51
O1D BCL PA . -50.66 -11.67 -10.33
O2D BCL PA . -51.42 -13.55 -9.44
CED BCL PA . -52.51 -13.53 -10.41
C1 BCL PA . -51.24 -12.42 -2.30
C2 BCL PA . -50.79 -13.87 -2.44
C3 BCL PA . -49.79 -14.39 -1.76
C4 BCL PA . -48.93 -13.63 -0.74
C5 BCL PA . -49.39 -15.85 -1.94
C6 BCL PA . -48.21 -16.34 -1.11
C7 BCL PA . -47.96 -17.83 -1.33
C8 BCL PA . -46.86 -18.46 -0.48
C9 BCL PA . -45.46 -18.13 -1.04
C10 BCL PA . -47.07 -19.98 -0.46
C11 BCL PA . -47.21 -20.60 -1.84
C12 BCL PA . -47.50 -22.09 -1.76
C13 BCL PA . -46.57 -22.92 -2.66
C14 BCL PA . -46.84 -22.65 -4.15
C15 BCL PA . -46.79 -24.41 -2.40
C16 BCL PA . -45.59 -25.20 -2.87
C17 BCL PA . -45.83 -26.59 -3.46
C18 BCL PA . -44.50 -27.32 -3.70
C19 BCL PA . -44.84 -28.48 -4.65
C20 BCL PA . -43.86 -27.84 -2.42
CAB KGD QA . -40.75 -15.30 -23.85
CAC KGD QA . -41.14 -13.87 -24.15
CAD KGD QA . -39.28 -15.31 -23.65
CAE KGD QA . -40.67 -12.99 -23.02
CAF KGD QA . -41.06 -16.20 -25.04
CAG KGD QA . -41.45 -15.82 -22.62
CAH KGD QA . -38.55 -14.30 -23.20
CAI KGD QA . -39.19 -13.02 -22.89
CAJ KGD QA . -38.62 -16.50 -24.14
CAK KGD QA . -37.18 -14.48 -22.71
CAL KGD QA . -38.57 -17.56 -23.33
CAM KGD QA . -37.94 -18.78 -23.78
CAN KGD QA . -37.82 -18.95 -25.24
CAO KGD QA . -37.56 -19.68 -22.86
CAP KGD QA . -36.97 -20.94 -23.23
CAQ KGD QA . -36.72 -21.83 -22.27
CAR KGD QA . -36.16 -23.15 -22.55
CAS KGD QA . -32.24 -38.62 -18.30
CAT KGD QA . -32.96 -39.84 -17.76
CAU KGD QA . -35.70 -23.44 -23.92
CAV KGD QA . -36.12 -24.02 -21.52
CAW KGD QA . -32.51 -37.39 -17.50
CAX KGD QA . -31.99 -40.97 -17.63
CAY KGD QA . -31.52 -41.65 -18.68
CAZ KGD QA . -32.49 -37.46 -16.03
CBA KGD QA . -32.75 -36.25 -18.16
CBB KGD QA . -35.64 -25.37 -21.65
CBC KGD QA . -30.54 -42.76 -18.49
CBD KGD QA . -31.96 -41.34 -20.07
CBE KGD QA . -33.02 -34.96 -17.56
CBF KGD QA . -32.94 -33.89 -18.36
CBG KGD QA . -35.43 -26.09 -20.54
CBH KGD QA . -33.21 -32.54 -17.90
CBI KGD QA . -35.02 -27.47 -20.61
CBJ KGD QA . -33.65 -31.69 -18.84
CBK KGD QA . -32.93 -32.18 -16.48
CBL KGD QA . -34.59 -28.12 -19.50
CBM KGD QA . -33.98 -30.30 -18.59
CBN KGD QA . -34.22 -29.52 -19.64
CBO KGD QA . -34.47 -27.49 -18.17
OAA KGD QA . -38.56 -12.04 -22.54
MG BCL RA . -20.37 -25.17 -31.03
CHA BCL RA . -23.55 -23.82 -30.92
CHB BCL RA . -19.38 -22.43 -32.81
CHC BCL RA . -17.56 -26.82 -31.95
CHD BCL RA . -21.68 -28.19 -29.89
NA BCL RA . -21.38 -23.40 -31.79
C1A BCL RA . -22.67 -22.98 -31.54
C2A BCL RA . -22.86 -21.53 -31.86
C3A BCL RA . -21.63 -21.23 -32.74
C4A BCL RA . -20.71 -22.37 -32.41
CMA BCL RA . -21.98 -21.22 -34.22
CAA BCL RA . -22.91 -20.65 -30.61
CBA BCL RA . -23.18 -19.20 -30.99
CGA BCL RA . -22.99 -18.18 -29.92
O1A BCL RA . -21.96 -17.69 -29.62
O2A BCL RA . -24.11 -17.88 -29.31
NB BCL RA . -18.76 -24.74 -32.24
C1B BCL RA . -18.46 -23.49 -32.76
C2B BCL RA . -17.12 -23.44 -33.22
C3B BCL RA . -16.55 -24.70 -32.97
C4B BCL RA . -17.62 -25.49 -32.38
CMB BCL RA . -16.50 -22.21 -33.85
CAB BCL RA . -15.21 -25.19 -33.21
OBB BCL RA . -14.94 -26.40 -33.25
CBB BCL RA . -14.06 -24.23 -33.40
NC BCL RA . -19.72 -27.20 -30.91
C1C BCL RA . -18.53 -27.68 -31.40
C2C BCL RA . -18.39 -29.15 -31.31
C3C BCL RA . -19.74 -29.59 -30.73
C4C BCL RA . -20.44 -28.29 -30.44
CMC BCL RA . -18.05 -29.79 -32.64
CAC BCL RA . -19.61 -30.52 -29.50
CBC BCL RA . -18.92 -29.87 -28.32
ND BCL RA . -22.21 -25.91 -30.54
C1D BCL RA . -22.63 -27.13 -30.02
C2D BCL RA . -24.00 -27.12 -29.71
C3D BCL RA . -24.45 -25.83 -30.04
C4D BCL RA . -23.34 -25.14 -30.53
CMD BCL RA . -24.79 -28.28 -29.14
CAD BCL RA . -25.48 -24.88 -29.87
OBD BCL RA . -26.61 -24.98 -29.36
CBD BCL RA . -25.00 -23.53 -30.49
CGD BCL RA . -25.90 -23.10 -31.56
O1D BCL RA . -26.31 -23.81 -32.46
O2D BCL RA . -26.25 -21.83 -31.48
CED BCL RA . -27.13 -21.32 -32.52
C1 BCL RA . -24.03 -16.88 -28.26
C2 BCL RA . -23.96 -15.58 -29.04
C3 BCL RA . -24.64 -14.48 -28.83
C4 BCL RA . -25.67 -14.26 -27.72
C5 BCL RA . -24.39 -13.28 -29.75
C6 BCL RA . -24.05 -13.67 -31.19
C7 BCL RA . -23.70 -12.47 -32.08
C8 BCL RA . -24.77 -11.40 -32.27
C9 BCL RA . -25.96 -11.93 -33.09
C10 BCL RA . -24.13 -10.20 -33.00
C11 BCL RA . -24.95 -8.93 -33.01
C12 BCL RA . -24.19 -7.74 -33.57
C13 BCL RA . -24.89 -6.41 -33.29
C14 BCL RA . -24.07 -5.20 -33.70
C15 BCL RA . -25.09 -6.39 -31.78
C16 BCL RA . -26.03 -5.35 -31.20
C17 BCL RA . -25.90 -5.25 -29.68
C18 BCL RA . -24.57 -4.62 -29.33
C19 BCL RA . -24.40 -4.82 -27.81
C20 BCL RA . -24.48 -3.14 -29.70
CAB KGD SA . -28.96 -5.57 -35.27
CAC KGD SA . -28.20 -4.26 -35.26
CAD KGD SA . -29.45 -5.79 -33.89
CAE KGD SA . -29.13 -3.17 -34.80
CAF KGD SA . -30.16 -5.49 -36.19
CAG KGD SA . -28.06 -6.72 -35.71
CAH KGD SA . -29.80 -4.83 -33.04
CAI KGD SA . -29.64 -3.43 -33.43
CAJ KGD SA . -29.80 -7.17 -33.57
CAK KGD SA . -30.68 -5.06 -31.88
CAL KGD SA . -29.12 -7.78 -32.60
CAM KGD SA . -29.40 -9.16 -32.26
CAN KGD SA . -29.96 -10.02 -33.33
CAO KGD SA . -29.13 -9.56 -31.01
CAP KGD SA . -29.34 -10.92 -30.60
CAQ KGD SA . -29.30 -11.23 -29.30
CAR KGD SA . -29.44 -12.59 -28.84
CAS KGD SA . -26.64 -23.56 -16.73
CAT KGD SA . -25.13 -23.62 -16.57
CAU KGD SA . -29.52 -13.67 -29.84
CAV KGD SA . -29.45 -12.80 -27.52
CAW KGD SA . -26.98 -22.17 -17.03
CAX KGD SA . -24.58 -24.90 -17.08
CAY KGD SA . -23.33 -25.28 -16.78
CAZ KGD SA . -26.99 -21.18 -15.94
CBA KGD SA . -27.27 -21.83 -18.28
CBB KGD SA . -29.51 -14.14 -26.99
CBC KGD SA . -22.47 -24.43 -15.93
CBD KGD SA . -22.78 -26.55 -17.28
CBE KGD SA . -27.58 -20.48 -18.66
CBF KGD SA . -28.30 -20.20 -19.75
CBG KGD SA . -29.22 -14.31 -25.70
CBH KGD SA . -28.53 -18.82 -20.11
CBI KGD SA . -29.19 -15.60 -25.08
CBJ KGD SA . -28.71 -18.57 -21.41
CBK KGD SA . -28.52 -17.80 -19.06
CBL KGD SA . -29.23 -15.73 -23.76
CBM KGD SA . -28.90 -17.24 -21.91
CBN KGD SA . -29.11 -17.05 -23.21
CBO KGD SA . -29.34 -14.59 -22.81
OAA KGD SA . -29.91 -2.50 -32.67
MG BCL TA . -26.65 -27.52 -24.17
CHA BCL TA . -26.04 -24.34 -25.35
CHB BCL TA . -29.35 -26.26 -22.49
CHC BCL TA . -26.87 -30.41 -22.42
CHD BCL TA . -23.43 -28.46 -25.17
NA BCL TA . -27.51 -25.54 -23.93
C1A BCL TA . -27.21 -24.39 -24.64
C2A BCL TA . -28.41 -23.54 -24.78
C3A BCL TA . -29.23 -23.95 -23.56
C4A BCL TA . -28.72 -25.33 -23.30
CMA BCL TA . -28.95 -23.04 -22.37
CAA BCL TA . -29.13 -23.83 -26.10
CBA BCL TA . -30.50 -23.17 -26.21
CGA BCL TA . -30.47 -21.69 -26.32
O1A BCL TA . -30.49 -20.92 -25.41
O2A BCL TA . -30.43 -21.28 -27.56
NB BCL TA . -27.89 -28.23 -22.67
C1B BCL TA . -28.99 -27.57 -22.13
C2B BCL TA . -29.65 -28.39 -21.22
C3B BCL TA . -28.95 -29.61 -21.16
C4B BCL TA . -27.86 -29.47 -22.10
CMB BCL TA . -30.90 -27.96 -20.47
CAB BCL TA . -29.21 -30.80 -20.36
OBB BCL TA . -28.79 -31.92 -20.68
CBB BCL TA . -30.01 -30.72 -19.08
NC BCL TA . -25.33 -29.16 -23.82
C1C BCL TA . -25.68 -30.30 -23.14
C2C BCL TA . -24.63 -31.35 -23.22
C3C BCL TA . -23.80 -30.87 -24.41
C4C BCL TA . -24.11 -29.40 -24.41
CMC BCL TA . -23.83 -31.51 -21.95
CAC BCL TA . -24.20 -31.59 -25.73
CBC BCL TA . -23.31 -31.23 -26.91
ND BCL TA . -25.04 -26.63 -25.02
C1D BCL TA . -23.81 -27.12 -25.46
C2D BCL TA . -23.08 -26.13 -26.17
C3D BCL TA . -23.90 -25.00 -26.17
C4D BCL TA . -25.06 -25.34 -25.47
CMD BCL TA . -21.71 -26.31 -26.78
CAD BCL TA . -24.10 -23.68 -26.64
OBD BCL TA . -23.32 -22.88 -27.19
CBD BCL TA . -25.59 -23.30 -26.37
CGD BCL TA . -25.70 -21.89 -25.97
O1D BCL TA . -26.35 -21.04 -26.55
O2D BCL TA . -25.05 -21.59 -24.86
CED BCL TA . -25.14 -20.22 -24.40
C1 BCL TA . -30.41 -19.84 -27.71
C2 BCL TA . -29.16 -19.53 -28.51
C3 BCL TA . -29.25 -18.70 -29.50
C4 BCL TA . -30.53 -18.00 -29.93
C5 BCL TA . -28.03 -18.34 -30.35
C6 BCL TA . -28.32 -17.80 -31.74
C7 BCL TA . -27.03 -17.42 -32.47
C8 BCL TA . -27.17 -16.87 -33.88
C9 BCL TA . -27.61 -17.98 -34.86
C10 BCL TA . -25.81 -16.30 -34.31
C11 BCL TA . -24.69 -17.24 -33.90
C12 BCL TA . -23.33 -16.63 -34.21
C13 BCL TA . -23.13 -16.39 -35.70
C14 BCL TA . -22.95 -17.69 -36.48
C15 BCL TA . -21.84 -15.57 -35.86
C16 BCL TA . -21.44 -15.24 -37.30
C17 BCL TA . -22.28 -14.33 -38.22
C18 BCL TA . -22.30 -12.87 -37.81
C19 BCL TA . -23.28 -12.77 -36.62
C20 BCL TA . -22.78 -11.91 -38.92
MG BCL UA . -39.91 -9.05 -26.34
CHA BCL UA . -42.23 -11.43 -27.19
CHB BCL UA . -42.43 -7.21 -24.94
CHC BCL UA . -37.61 -6.92 -25.09
CHD BCL UA . -37.38 -11.43 -26.76
NA BCL UA . -42.04 -9.34 -26.08
C1A BCL UA . -42.83 -10.32 -26.65
C2A BCL UA . -44.24 -9.85 -26.86
C3A BCL UA . -44.27 -8.49 -26.15
C4A BCL UA . -42.89 -8.34 -25.60
CMA BCL UA . -44.59 -7.35 -27.12
CAA BCL UA . -45.29 -10.83 -26.30
CBA BCL UA . -45.14 -11.07 -24.80
CGA BCL UA . -46.17 -11.98 -24.22
O1A BCL UA . -47.33 -11.93 -24.44
O2A BCL UA . -45.66 -12.86 -23.39
NB BCL UA . -39.99 -7.36 -25.14
C1B BCL UA . -41.14 -6.68 -24.79
C2B BCL UA . -40.82 -5.42 -24.25
C3B BCL UA . -39.44 -5.28 -24.29
C4B BCL UA . -38.94 -6.54 -24.85
CMB BCL UA . -41.86 -4.44 -23.74
CAB BCL UA . -38.70 -4.09 -23.87
OBB BCL UA . -39.27 -3.01 -23.64
CBB BCL UA . -37.19 -4.09 -23.71
NC BCL UA . -37.81 -9.18 -25.96
C1C BCL UA . -37.05 -8.14 -25.48
C2C BCL UA . -35.66 -8.56 -25.16
C3C BCL UA . -35.54 -9.90 -25.89
C4C BCL UA . -36.96 -10.22 -26.25
CMC BCL UA . -34.63 -7.53 -25.60
CAC BCL UA . -34.89 -11.02 -25.04
CBC BCL UA . -33.39 -10.91 -24.98
ND BCL UA . -39.78 -11.01 -26.82
C1D BCL UA . -38.70 -11.87 -27.03
C2D BCL UA . -39.14 -13.13 -27.52
C3D BCL UA . -40.52 -13.03 -27.60
C4D BCL UA . -40.87 -11.75 -27.19
CMD BCL UA . -38.24 -14.30 -27.85
CAD BCL UA . -41.70 -13.60 -28.15
OBD BCL UA . -41.88 -14.69 -28.73
CBD BCL UA . -42.87 -12.62 -27.91
CGD BCL UA . -43.54 -12.31 -29.17
O1D BCL UA . -43.50 -11.24 -29.75
O2D BCL UA . -44.23 -13.33 -29.67
CED BCL UA . -44.91 -13.12 -30.94
C1 BCL UA . -46.59 -13.79 -22.77
C2 BCL UA . -45.96 -15.17 -22.93
C3 BCL UA . -44.95 -15.58 -22.23
C4 BCL UA . -44.25 -14.76 -21.14
C5 BCL UA . -44.35 -16.97 -22.44
C6 BCL UA . -43.54 -17.54 -21.29
C7 BCL UA . -43.08 -18.96 -21.61
C8 BCL UA . -42.32 -19.70 -20.51
C9 BCL UA . -40.88 -19.19 -20.41
C10 BCL UA . -42.33 -21.19 -20.83
C11 BCL UA . -41.68 -21.53 -22.16
C12 BCL UA . -41.88 -22.99 -22.54
C13 BCL UA . -40.69 -23.54 -23.34
C14 BCL UA . -40.50 -22.84 -24.67
C15 BCL UA . -40.95 -25.04 -23.61
C16 BCL UA . -39.66 -25.77 -23.87
C17 BCL UA . -39.71 -27.19 -24.44
C18 BCL UA . -38.34 -27.87 -24.35
C19 BCL UA . -38.41 -29.01 -25.37
C20 BCL UA . -37.99 -28.38 -22.95
CAB KGD VA . -29.81 -12.10 -40.65
CAC KGD VA . -30.85 -11.25 -39.95
CAD KGD VA . -28.69 -12.32 -39.71
CAE KGD VA . -30.25 -9.96 -39.42
CAF KGD VA . -30.40 -13.46 -41.02
CAG KGD VA . -29.32 -11.45 -41.89
CAH KGD VA . -28.39 -11.51 -38.69
CAI KGD VA . -28.98 -10.16 -38.65
CAJ KGD VA . -28.20 -13.69 -39.71
CAK KGD VA . -27.17 -11.67 -37.86
CAL KGD VA . -26.96 -13.96 -40.12
CAM KGD VA . -26.59 -15.36 -40.17
CAN KGD VA . -26.99 -16.03 -41.41
CAO KGD VA . -25.95 -15.98 -39.17
CAP KGD VA . -25.71 -17.39 -39.39
CAQ KGD VA . -25.40 -18.23 -38.41
CAR KGD VA . -25.18 -19.63 -38.71
CAS KGD VA . -22.40 -35.79 -35.47
CAT KGD VA . -21.22 -36.07 -36.40
CAU KGD VA . -25.33 -20.06 -40.11
CAV KGD VA . -24.90 -20.48 -37.69
CAW KGD VA . -22.25 -34.44 -34.85
CAX KGD VA . -20.49 -37.28 -35.92
CAY KGD VA . -19.93 -38.13 -36.77
CAZ KGD VA . -21.62 -34.33 -33.50
CBA KGD VA . -22.68 -33.36 -35.49
CBB KGD VA . -24.72 -21.89 -37.95
CBC KGD VA . -19.20 -39.33 -36.28
CBD KGD VA . -20.02 -37.93 -38.25
CBE KGD VA . -22.60 -32.03 -34.94
CBF KGD VA . -23.15 -31.01 -35.59
CBG KGD VA . -24.44 -22.73 -36.95
CBH KGD VA . -23.13 -29.65 -35.08
CBI KGD VA . -24.30 -24.14 -37.19
CBJ KGD VA . -23.56 -28.69 -35.92
CBK KGD VA . -22.66 -29.40 -33.70
CBL KGD VA . -24.07 -25.00 -36.18
CBM KGD VA . -23.61 -27.30 -35.55
CBN KGD VA . -23.97 -26.40 -36.47
CBO KGD VA . -23.93 -24.57 -34.76
OAA KGD VA . -28.47 -9.25 -38.03
MG BCL WA . -7.38 -19.58 -41.39
CHA BCL WA . -10.51 -18.39 -42.25
CHB BCL WA . -6.10 -16.56 -42.34
CHC BCL WA . -4.27 -20.94 -41.47
CHD BCL WA . -8.69 -22.83 -41.33
NA BCL WA . -8.22 -17.75 -42.19
C1A BCL WA . -9.54 -17.44 -42.46
C2A BCL WA . -9.74 -15.98 -42.64
C3A BCL WA . -8.33 -15.50 -42.99
C4A BCL WA . -7.46 -16.62 -42.49
CMA BCL WA . -8.17 -15.26 -44.49
CAA BCL WA . -10.29 -15.33 -41.36
CBA BCL WA . -10.47 -13.83 -41.57
CGA BCL WA . -10.89 -13.11 -40.33
O1A BCL WA . -10.14 -12.78 -39.47
O2A BCL WA . -12.17 -12.91 -40.29
NB BCL WA . -5.49 -18.89 -41.84
C1B BCL WA . -5.15 -17.58 -42.18
C2B BCL WA . -3.75 -17.45 -42.35
C3B BCL WA . -3.19 -18.70 -42.08
C4B BCL WA . -4.31 -19.58 -41.80
CMB BCL WA . -3.07 -16.15 -42.76
CAB BCL WA . -1.79 -19.10 -42.06
OBB BCL WA . -1.45 -20.28 -42.23
CBB BCL WA . -0.68 -18.11 -41.82
NC BCL WA . -6.60 -21.59 -41.36
C1C BCL WA . -5.28 -21.91 -41.47
C2C BCL WA . -5.03 -23.38 -41.58
C3C BCL WA . -6.43 -23.95 -41.72
C4C BCL WA . -7.32 -22.77 -41.42
CMC BCL WA . -4.12 -23.72 -42.75
CAC BCL WA . -6.70 -25.21 -40.84
CBC BCL WA . -6.69 -24.93 -39.34
ND BCL WA . -9.18 -20.46 -41.74
C1D BCL WA . -9.62 -21.79 -41.64
C2D BCL WA . -11.01 -21.88 -41.87
C3D BCL WA . -11.45 -20.58 -42.11
C4D BCL WA . -10.31 -19.75 -42.03
CMD BCL WA . -11.81 -23.16 -41.86
CAD BCL WA . -12.55 -19.71 -42.18
OBD BCL WA . -13.77 -19.95 -42.10
CBD BCL WA . -12.03 -18.26 -42.39
CGD BCL WA . -12.49 -17.69 -43.66
O1D BCL WA . -12.52 -18.28 -44.72
O2D BCL WA . -12.90 -16.43 -43.56
CED BCL WA . -13.38 -15.79 -44.76
C1 BCL WA . -12.68 -12.19 -39.13
C2 BCL WA . -12.27 -10.75 -39.41
C3 BCL WA . -12.96 -9.67 -39.21
C4 BCL WA . -14.37 -9.62 -38.62
C5 BCL WA . -12.37 -8.32 -39.56
C6 BCL WA . -12.61 -7.88 -41.01
C7 BCL WA . -11.98 -6.53 -41.31
C8 BCL WA . -12.42 -5.87 -42.63
C9 BCL WA . -12.38 -6.87 -43.81
C10 BCL WA . -11.55 -4.64 -42.91
C11 BCL WA . -12.29 -3.37 -42.56
C12 BCL WA . -11.41 -2.12 -42.51
C13 BCL WA . -12.24 -0.85 -42.36
C14 BCL WA . -11.39 0.38 -41.99
C15 BCL WA . -13.22 -1.10 -41.21
C16 BCL WA . -14.33 -0.08 -41.04
C17 BCL WA . -15.21 -0.32 -39.82
C18 BCL WA . -14.34 -0.06 -38.60
C19 BCL WA . -15.17 -0.51 -37.38
C20 BCL WA . -13.91 1.40 -38.45
CAB KGD XA . -15.57 -0.08 -45.41
CAC KGD XA . -14.83 1.07 -44.76
CAD KGD XA . -16.59 -0.49 -44.42
CAE KGD XA . -15.78 2.21 -44.55
CAF KGD XA . -14.64 -1.24 -45.69
CAG KGD XA . -16.24 0.36 -46.70
CAH KGD XA . -17.30 0.38 -43.69
CAI KGD XA . -17.03 1.81 -43.82
CAJ KGD XA . -16.92 -1.90 -44.43
CAK KGD XA . -18.10 -0.02 -42.52
CAL KGD XA . -16.51 -2.65 -43.40
CAM KGD XA . -16.77 -4.06 -43.36
CAN KGD XA . -16.73 -4.78 -44.66
CAO KGD XA . -17.01 -4.63 -42.18
CAP KGD XA . -17.21 -6.05 -42.04
CAQ KGD XA . -17.73 -6.55 -40.91
CAR KGD XA . -17.88 -7.97 -40.74
CAS KGD XA . -17.81 -20.85 -30.23
CAT KGD XA . -16.45 -20.90 -29.54
CAU KGD XA . -17.82 -8.87 -41.94
CAV KGD XA . -18.03 -8.41 -39.48
CAW KGD XA . -18.22 -19.42 -30.33
CAX KGD XA . -15.66 -22.08 -29.99
CAY KGD XA . -14.70 -22.60 -29.23
CAZ KGD XA . -18.64 -18.71 -29.10
CBA KGD XA . -18.22 -18.82 -31.52
CBB KGD XA . -18.12 -9.80 -39.12
CBC KGD XA . -14.38 -22.01 -27.92
CBD KGD XA . -13.92 -23.78 -29.68
CBE KGD XA . -18.59 -17.43 -31.71
CBF KGD XA . -18.86 -16.95 -32.93
CBG KGD XA . -18.54 -10.15 -37.90
CBH KGD XA . -19.18 -15.56 -33.12
CBI KGD XA . -18.55 -11.52 -37.50
CBJ KGD XA . -18.83 -15.05 -34.32
CBK KGD XA . -19.82 -14.79 -32.05
CBL KGD XA . -19.07 -11.89 -36.31
CBM KGD XA . -19.02 -13.67 -34.67
CBN KGD XA . -18.96 -13.29 -35.95
CBO KGD XA . -19.68 -10.95 -35.34
OAA KGD XA . -17.78 2.65 -43.35
CAB KGD YA . -0.44 8.10 -48.91
CAC KGD YA . -0.15 9.35 -48.10
CAD KGD YA . -1.60 7.43 -48.27
CAE KGD YA . -1.40 10.20 -48.10
CAF KGD YA . -0.82 8.46 -50.33
CAG KGD YA . 0.78 7.19 -48.92
CAH KGD YA . -2.60 8.06 -47.65
CAI KGD YA . -2.54 9.51 -47.47
CAJ KGD YA . -1.74 6.03 -48.60
CAK KGD YA . -3.94 7.47 -47.45
CAL KGD YA . -1.75 5.12 -47.62
CAM KGD YA . -1.85 3.71 -47.92
CAN KGD YA . -1.50 3.30 -49.30
CAO KGD YA . -2.25 2.89 -46.95
CAP KGD YA . -2.33 1.46 -47.14
CAQ KGD YA . -3.20 0.69 -46.46
CAR KGD YA . -3.20 -0.75 -46.62
CAS KGD YA . -5.36 -15.53 -39.21
CAT KGD YA . -4.25 -15.62 -38.16
CAU KGD YA . -2.36 -1.33 -47.70
CAV KGD YA . -3.92 -1.49 -45.76
CAW KGD YA . -5.84 -14.13 -39.25
CAX KGD YA . -3.28 -16.70 -38.48
CAY KGD YA . -2.43 -17.16 -37.54
CAZ KGD YA . -6.51 -13.58 -38.05
CBA KGD YA . -5.65 -13.40 -40.36
CBB KGD YA . -3.93 -2.93 -45.77
CBC KGD YA . -2.44 -16.61 -36.18
CBD KGD YA . -1.46 -18.25 -37.85
CBE KGD YA . -6.06 -12.01 -40.45
CBF KGD YA . -5.97 -11.33 -41.61
CBG KGD YA . -4.66 -3.59 -44.87
CBH KGD YA . -6.32 -9.93 -41.67
CBI KGD YA . -4.65 -5.04 -44.79
CBJ KGD YA . -5.67 -9.20 -42.59
CBK KGD YA . -7.32 -9.40 -40.73
CBL KGD YA . -5.41 -5.68 -43.89
CBM KGD YA . -5.85 -7.77 -42.74
CBN KGD YA . -5.31 -7.12 -43.78
CBO KGD YA . -6.34 -4.98 -42.97
OAA KGD YA . -3.39 10.13 -46.85
MG BCL ZA . -15.11 -23.32 -37.77
CHA BCL ZA . -14.47 -19.92 -38.08
CHB BCL ZA . -18.32 -22.51 -36.93
CHC BCL ZA . -15.54 -26.47 -36.60
CHD BCL ZA . -11.67 -23.92 -37.91
NA BCL ZA . -16.19 -21.45 -37.49
C1A BCL ZA . -15.79 -20.17 -37.83
C2A BCL ZA . -16.96 -19.34 -38.22
C3A BCL ZA . -18.09 -20.02 -37.44
C4A BCL ZA . -17.57 -21.42 -37.28
CMA BCL ZA . -18.31 -19.36 -36.09
CAA BCL ZA . -17.18 -19.40 -39.74
CBA BCL ZA . -18.51 -18.81 -40.21
CGA BCL ZA . -18.62 -17.33 -40.12
O1A BCL ZA . -19.09 -16.70 -39.24
O2A BCL ZA . -18.13 -16.74 -41.18
NB BCL ZA . -16.66 -24.32 -36.85
C1B BCL ZA . -17.96 -23.85 -36.70
C2B BCL ZA . -18.81 -24.89 -36.30
C3B BCL ZA . -18.05 -26.05 -36.18
C4B BCL ZA . -16.70 -25.66 -36.56
CMB BCL ZA . -20.29 -24.69 -36.05
CAB BCL ZA . -18.42 -27.39 -35.78
OBB BCL ZA . -17.79 -28.40 -36.13
CBB BCL ZA . -19.62 -27.63 -34.90
NC BCL ZA . -13.80 -24.92 -37.30
C1C BCL ZA . -14.21 -26.16 -36.90
C2C BCL ZA . -13.08 -27.11 -36.72
C3C BCL ZA . -11.98 -26.43 -37.54
C4C BCL ZA . -12.44 -25.00 -37.51
CMC BCL ZA . -12.70 -27.32 -35.26
CAC BCL ZA . -11.84 -27.02 -38.96
CBC BCL ZA . -10.67 -26.46 -39.74
ND BCL ZA . -13.41 -22.20 -37.93
C1D BCL ZA . -12.06 -22.55 -38.02
C2D BCL ZA . -11.25 -21.40 -38.22
C3D BCL ZA . -12.14 -20.33 -38.26
C4D BCL ZA . -13.42 -20.85 -38.08
CMD BCL ZA . -9.75 -21.40 -38.36
CAD BCL ZA . -12.33 -18.93 -38.45
OBD BCL ZA . -11.51 -17.99 -38.44
CBD BCL ZA . -13.83 -18.70 -38.72
CGD BCL ZA . -14.26 -17.38 -38.22
O1D BCL ZA . -14.65 -16.46 -38.92
O2D BCL ZA . -14.21 -17.26 -36.91
CED BCL ZA . -14.64 -15.98 -36.37
C1 BCL ZA . -18.22 -15.29 -41.15
C2 BCL ZA . -16.83 -14.78 -41.42
C3 BCL ZA . -16.70 -13.67 -42.09
C4 BCL ZA . -17.87 -12.86 -42.62
C5 BCL ZA . -15.33 -13.08 -42.39
C6 BCL ZA . -15.23 -12.32 -43.71
C7 BCL ZA . -13.82 -11.76 -43.91
C8 BCL ZA . -13.58 -11.06 -45.24
C9 BCL ZA . -13.75 -12.03 -46.43
C10 BCL ZA . -12.17 -10.46 -45.23
C11 BCL ZA . -11.18 -11.42 -44.59
C12 BCL ZA . -9.83 -10.74 -44.37
C13 BCL ZA . -9.10 -10.44 -45.67
C14 BCL ZA . -8.33 -11.65 -46.19
C15 BCL ZA . -8.07 -9.36 -45.37
C16 BCL ZA . -7.29 -8.78 -46.54
C17 BCL ZA . -7.93 -7.72 -47.46
C18 BCL ZA . -8.09 -6.34 -46.84
C19 BCL ZA . -9.32 -6.39 -45.92
C20 BCL ZA . -8.32 -5.22 -47.88
MG BCL AB . -28.67 -5.28 -41.27
CHA BCL AB . -30.32 -7.52 -43.31
CHB BCL AB . -31.68 -3.86 -40.57
CHC BCL AB . -27.18 -3.45 -38.86
CHD BCL AB . -25.89 -7.42 -41.27
NA BCL AB . -30.73 -5.70 -41.84
C1A BCL AB . -31.17 -6.57 -42.82
C2A BCL AB . -32.51 -6.16 -43.36
C3A BCL AB . -32.85 -4.90 -42.57
C4A BCL AB . -31.77 -4.84 -41.52
CMA BCL AB . -32.82 -3.64 -43.43
CAA BCL AB . -33.56 -7.27 -43.21
CBA BCL AB . -33.75 -7.75 -41.77
CGA BCL AB . -34.83 -8.76 -41.61
O1A BCL AB . -35.84 -8.78 -42.22
O2A BCL AB . -34.57 -9.67 -40.69
NB BCL AB . -29.33 -3.91 -39.88
C1B BCL AB . -30.60 -3.34 -39.84
C2B BCL AB . -30.61 -2.24 -38.99
C3B BCL AB . -29.33 -2.08 -38.47
C4B BCL AB . -28.54 -3.15 -39.05
CMB BCL AB . -31.85 -1.41 -38.72
CAB BCL AB . -28.92 -1.01 -37.54
OBB BCL AB . -29.63 -0.01 -37.35
CBB BCL AB . -27.61 -1.07 -36.79
NC BCL AB . -26.81 -5.42 -40.23
C1C BCL AB . -26.40 -4.54 -39.26
C2C BCL AB . -25.01 -4.78 -38.79
C3C BCL AB . -24.63 -6.09 -39.52
C4C BCL AB . -25.83 -6.38 -40.38
CMC BCL AB . -24.08 -3.62 -39.11
CAC BCL AB . -24.29 -7.26 -38.57
CBC BCL AB . -22.85 -7.24 -38.12
ND BCL AB . -28.18 -7.08 -42.06
C1D BCL AB . -27.01 -7.85 -42.03
C2D BCL AB . -27.14 -9.02 -42.84
C3D BCL AB . -28.42 -8.95 -43.37
C4D BCL AB . -29.01 -7.78 -42.89
CMD BCL AB . -26.08 -10.07 -43.03
CAD BCL AB . -29.32 -9.50 -44.32
OBD BCL AB . -29.19 -10.48 -45.10
CBD BCL AB . -30.61 -8.65 -44.30
CGD BCL AB . -30.97 -8.24 -45.66
O1D BCL AB . -30.67 -7.17 -46.17
O2D BCL AB . -31.67 -9.14 -46.32
CED BCL AB . -32.06 -8.82 -47.68
C1 BCL AB . -35.59 -10.68 -40.49
C2 BCL AB . -34.92 -12.01 -40.78
C3 BCL AB . -34.19 -12.66 -39.91
C4 BCL AB . -33.91 -12.18 -38.49
C5 BCL AB . -33.54 -14.00 -40.24
C6 BCL AB . -33.14 -14.84 -39.05
C7 BCL AB . -32.50 -16.16 -39.48
C8 BCL AB . -32.05 -17.06 -38.32
C9 BCL AB . -30.84 -16.43 -37.59
C10 BCL AB . -31.67 -18.45 -38.85
C11 BCL AB . -30.51 -18.52 -39.81
C12 BCL AB . -30.29 -19.94 -40.34
C13 BCL AB . -29.03 -20.07 -41.20
C14 BCL AB . -29.01 -19.10 -42.38
C15 BCL AB . -28.91 -21.50 -41.74
C16 BCL AB . -27.78 -22.32 -41.15
C17 BCL AB . -27.27 -23.38 -42.13
C18 BCL AB . -26.04 -24.11 -41.65
C19 BCL AB . -25.49 -24.86 -42.88
C20 BCL AB . -26.30 -25.09 -40.49
CAB KGD BB . -14.16 -4.91 -51.69
CAC KGD BB . -14.62 -3.47 -51.65
CAD KGD BB . -13.10 -5.05 -50.66
CAE KGD BB . -15.12 -3.16 -50.26
CAF KGD BB . -15.30 -5.85 -51.33
CAG KGD BB . -13.61 -5.27 -53.07
CAH KGD BB . -13.09 -4.40 -49.49
CAI KGD BB . -14.06 -3.35 -49.22
CAJ KGD BB . -12.08 -6.01 -50.96
CAK KGD BB . -11.91 -4.41 -48.59
CAL KGD BB . -12.05 -7.15 -50.28
CAM KGD BB . -11.09 -8.15 -50.58
CAN KGD BB . -10.28 -7.95 -51.82
CAO KGD BB . -11.00 -9.20 -49.77
CAP KGD BB . -10.10 -10.28 -50.05
CAQ KGD BB . -10.37 -11.41 -49.40
CAR KGD BB . -9.64 -12.63 -49.61
CAS KGD BB . -6.43 -28.35 -48.60
CAT KGD BB . -6.62 -29.79 -48.20
CAU KGD BB . -8.80 -12.75 -50.82
CAV KGD BB . -9.81 -13.61 -48.71
CAW KGD BB . -6.83 -27.45 -47.50
CAX KGD BB . -5.28 -30.43 -48.22
CAY KGD BB . -4.99 -31.45 -49.02
CAZ KGD BB . -6.92 -27.95 -46.11
CBA KGD BB . -7.08 -26.18 -47.81
CBB KGD BB . -9.18 -14.88 -48.90
CBC KGD BB . -6.02 -32.01 -49.92
CBD KGD BB . -3.63 -32.05 -49.01
CBE KGD BB . -7.50 -25.16 -46.89
CBF KGD BB . -7.74 -23.98 -47.42
CBG KGD BB . -9.53 -15.87 -48.10
CBH KGD BB . -8.19 -22.84 -46.67
CBI KGD BB . -9.00 -17.19 -48.30
CBJ KGD BB . -8.34 -21.73 -47.40
CBK KGD BB . -8.46 -22.95 -45.22
CBL KGD BB . -9.15 -18.15 -47.38
CBM KGD BB . -8.82 -20.49 -46.92
CBN KGD BB . -8.66 -19.44 -47.71
CBO KGD BB . -9.81 -17.95 -46.06
OAA KGD BB . -14.02 -2.67 -48.22
MG BCL CB . 7.77 -11.46 -45.82
CHA BCL CB . 4.98 -10.24 -47.48
CHB BCL CB . 8.93 -8.25 -45.66
CHC BCL CB . 10.85 -12.62 -45.04
CHD BCL CB . 6.92 -14.69 -46.88
NA BCL CB . 7.02 -9.52 -46.50
C1A BCL CB . 5.83 -9.23 -47.13
C2A BCL CB . 5.56 -7.77 -47.12
C3A BCL CB . 6.95 -7.17 -46.85
C4A BCL CB . 7.69 -8.32 -46.27
CMA BCL CB . 7.59 -6.64 -48.13
CAA BCL CB . 4.54 -7.41 -46.03
CBA BCL CB . 4.22 -5.92 -46.08
CGA BCL CB . 3.48 -5.40 -44.90
O1A BCL CB . 4.00 -5.06 -43.89
O2A BCL CB . 2.20 -5.34 -45.08
NB BCL CB . 9.61 -10.60 -45.46
C1B BCL CB . 9.86 -9.23 -45.34
C2B BCL CB . 11.18 -9.01 -44.89
C3B BCL CB . 11.76 -10.25 -44.69
C4B BCL CB . 10.76 -11.23 -45.07
CMB BCL CB . 11.79 -7.63 -44.73
CAB BCL CB . 13.08 -10.54 -44.18
OBB BCL CB . 13.77 -11.47 -44.61
CBB BCL CB . 13.69 -9.71 -43.07
NC BCL CB . 8.72 -13.39 -45.92
C1C BCL CB . 10.03 -13.62 -45.60
C2C BCL CB . 10.47 -15.02 -45.83
C3C BCL CB . 9.28 -15.63 -46.56
C4C BCL CB . 8.21 -14.55 -46.45
CMC BCL CB . 11.76 -15.10 -46.63
CAC BCL CB . 8.85 -17.03 -45.99
CBC BCL CB . 8.29 -16.99 -44.59
ND BCL CB . 6.29 -12.32 -46.94
C1D BCL CB . 6.02 -13.65 -47.30
C2D BCL CB . 4.86 -13.74 -48.09
C3D BCL CB . 4.38 -12.43 -48.19
C4D BCL CB . 5.26 -11.61 -47.50
CMD BCL CB . 4.31 -15.00 -48.69
CAD BCL CB . 3.29 -11.62 -48.57
OBD BCL CB . 2.18 -11.91 -49.06
CBD BCL CB . 3.66 -10.13 -48.27
CGD BCL CB . 3.75 -9.34 -49.51
O1D BCL CB . 4.34 -9.65 -50.51
O2D BCL CB . 3.10 -8.19 -49.43
CED BCL CB . 3.12 -7.33 -50.60
C1 BCL CB . 1.42 -4.81 -43.98
C2 BCL CB . 1.63 -3.31 -44.08
C3 BCL CB . 0.72 -2.38 -44.11
C4 BCL CB . -0.78 -2.62 -44.05
C5 BCL CB . 1.18 -0.93 -44.23
C6 BCL CB . 2.49 -0.76 -45.00
C7 BCL CB . 3.00 0.68 -45.03
C8 BCL CB . 2.16 1.76 -45.70
C9 BCL CB . 2.07 1.54 -47.22
C10 BCL CB . 2.80 3.13 -45.40
C11 BCL CB . 1.97 4.38 -45.62
C12 BCL CB . 2.63 5.60 -45.00
C13 BCL CB . 1.66 6.78 -44.86
C14 BCL CB . 2.24 7.92 -44.05
C15 BCL CB . 0.49 6.19 -44.11
C16 BCL CB . -0.83 6.95 -44.11
C17 BCL CB . -1.72 6.48 -42.96
C18 BCL CB . -1.11 6.93 -41.66
C19 BCL CB . -1.88 6.18 -40.55
C20 BCL CB . -1.18 8.45 -41.44
MG BCL DB . -0.33 -16.48 -45.86
CHA BCL DB . 0.02 -13.07 -45.50
CHB BCL DB . -3.71 -16.01 -46.01
CHC BCL DB . -0.76 -19.82 -45.51
CHD BCL DB . 3.00 -16.88 -44.84
NA BCL DB . -1.63 -14.75 -45.71
C1A BCL DB . -1.28 -13.41 -45.72
C2A BCL DB . -2.36 -12.59 -46.31
C3A BCL DB . -3.59 -13.46 -46.06
C4A BCL DB . -3.00 -14.83 -45.94
CMA BCL DB . -4.31 -13.05 -44.77
CAA BCL DB . -2.12 -12.31 -47.80
CBA BCL DB . -3.26 -11.59 -48.51
CGA BCL DB . -3.43 -10.16 -48.18
O1A BCL DB . -4.09 -9.71 -47.30
O2A BCL DB . -2.79 -9.36 -49.00
NB BCL DB . -1.96 -17.72 -45.73
C1B BCL DB . -3.29 -17.34 -45.90
C2B BCL DB . -4.12 -18.48 -45.94
C3B BCL DB . -3.29 -19.60 -45.80
C4B BCL DB . -1.95 -19.09 -45.67
CMB BCL DB . -5.62 -18.41 -46.12
CAB BCL DB . -3.64 -21.01 -45.75
OBB BCL DB . -2.84 -21.90 -46.10
CBB BCL DB . -5.00 -21.48 -45.29
NC BCL DB . 0.93 -18.09 -45.24
C1C BCL DB . 0.56 -19.40 -45.25
C2C BCL DB . 1.64 -20.32 -44.81
C3C BCL DB . 2.88 -19.43 -44.98
C4C BCL DB . 2.28 -18.05 -44.95
CMC BCL DB . 1.45 -20.82 -43.39
CAC BCL DB . 3.68 -19.74 -46.28
CBC BCL DB . 5.00 -19.01 -46.34
ND BCL DB . 1.20 -15.29 -45.25
C1D BCL DB . 2.53 -15.54 -44.93
C2D BCL DB . 3.24 -14.32 -44.68
C3D BCL DB . 2.30 -13.31 -44.90
C4D BCL DB . 1.11 -13.93 -45.24
CMD BCL DB . 4.69 -14.23 -44.29
CAD BCL DB . 2.08 -11.91 -44.99
OBD BCL DB . 2.76 -10.95 -44.64
CBD BCL DB . 0.68 -11.71 -45.66
CGD BCL DB . -0.03 -10.56 -45.07
O1D BCL DB . -0.26 -9.51 -45.64
O2D BCL DB . -0.41 -10.75 -43.82
CED BCL DB . -1.12 -9.64 -43.19
C1 BCL DB . -2.96 -7.95 -48.71
C2 BCL DB . -1.56 -7.40 -48.48
C3 BCL DB . -1.24 -6.23 -48.95
C4 BCL DB . -2.18 -5.33 -49.73
C5 BCL DB . 0.15 -5.65 -48.73
C6 BCL DB . 0.48 -4.39 -49.54
C7 BCL DB . 1.85 -3.84 -49.18
C8 BCL DB . 2.37 -2.65 -50.00
C9 BCL DB . 2.81 -3.09 -51.41
C10 BCL DB . 3.56 -2.03 -49.25
C11 BCL DB . 4.42 -3.09 -48.57
C12 BCL DB . 5.52 -2.45 -47.73
C13 BCL DB . 6.60 -1.78 -48.58
C14 BCL DB . 7.56 -2.79 -49.21
C15 BCL DB . 7.40 -0.91 -47.61
C16 BCL DB . 8.58 -0.11 -48.14
C17 BCL DB . 8.39 1.12 -49.05
C18 BCL DB . 7.77 2.34 -48.39
C19 BCL DB . 6.27 2.06 -48.28
C20 BCL DB . 7.97 3.65 -49.17
MG BCL EB . -13.45 1.58 -50.74
CHA BCL EB . -14.08 -0.26 -53.59
CHB BCL EB . -16.64 2.74 -50.89
CHC BCL EB . -13.07 2.90 -47.66
CHD BCL EB . -10.59 -0.36 -50.20
NA BCL EB . -15.15 1.22 -52.06
C1A BCL EB . -15.16 0.53 -53.27
C2A BCL EB . -16.26 1.00 -54.16
C3A BCL EB . -17.01 2.02 -53.30
C4A BCL EB . -16.32 1.94 -51.98
CMA BCL EB . -16.94 3.43 -53.88
CAA BCL EB . -17.15 -0.16 -54.66
CBA BCL EB . -17.83 -0.96 -53.55
CGA BCL EB . -18.75 -2.03 -54.05
O1A BCL EB . -19.36 -1.98 -55.05
O2A BCL EB . -18.85 -3.06 -53.26
NB BCL EB . -14.69 2.59 -49.43
C1B BCL EB . -15.93 3.12 -49.75
C2B BCL EB . -16.32 4.06 -48.79
C3B BCL EB . -15.32 4.16 -47.83
C4B BCL EB . -14.30 3.20 -48.28
CMB BCL EB . -17.65 4.82 -48.87
CAB BCL EB . -15.34 5.03 -46.67
OBB BCL EB . -16.27 5.83 -46.46
CBB BCL EB . -14.25 5.04 -45.63
NC BCL EB . -12.04 1.30 -49.17
C1C BCL EB . -12.07 1.97 -47.97
C2C BCL EB . -10.92 1.65 -47.09
C3C BCL EB . -10.19 0.54 -47.86
C4C BCL EB . -10.94 0.48 -49.17
CMC BCL EB . -10.04 2.87 -46.80
CAC BCL EB . -10.15 -0.83 -47.13
CBC BCL EB . -9.16 -0.85 -45.99
ND BCL EB . -12.52 0.02 -51.64
C1D BCL EB . -11.34 -0.67 -51.37
C2D BCL EB . -11.06 -1.64 -52.37
C3D BCL EB . -12.11 -1.54 -53.28
C4D BCL EB . -12.96 -0.53 -52.81
CMD BCL EB . -9.88 -2.57 -52.38
CAD BCL EB . -12.60 -1.94 -54.54
OBD BCL EB . -12.19 -2.81 -55.34
CBD BCL EB . -13.88 -1.11 -54.85
CGD BCL EB . -13.71 -0.35 -56.09
O1D BCL EB . -13.22 0.76 -56.18
O2D BCL EB . -14.14 -1.00 -57.16
CED BCL EB . -14.01 -0.34 -58.45
C1 BCL EB . -19.74 -4.14 -53.69
C2 BCL EB . -18.85 -5.36 -53.88
C3 BCL EB . -18.43 -6.10 -52.88
C4 BCL EB . -18.77 -5.86 -51.41
C5 BCL EB . -17.55 -7.32 -53.12
C6 BCL EB . -17.38 -8.25 -51.94
C7 BCL EB . -16.53 -9.46 -52.31
C8 BCL EB . -16.36 -10.52 -51.23
C9 BCL EB . -15.36 -10.06 -50.16
C10 BCL EB . -15.87 -11.82 -51.87
C11 BCL EB . -14.48 -11.68 -52.44
C12 BCL EB . -14.02 -12.94 -53.18
C13 BCL EB . -12.50 -13.10 -53.15
C14 BCL EB . -11.77 -11.95 -53.85
C15 BCL EB . -12.17 -14.42 -53.86
C16 BCL EB . -10.80 -14.95 -53.49
C17 BCL EB . -10.50 -16.37 -53.99
C18 BCL EB . -9.31 -16.98 -53.27
C19 BCL EB . -8.16 -16.99 -54.29
C20 BCL EB . -9.57 -18.41 -52.77
CAB KGD FB . 4.09 4.41 -54.61
CAC KGD FB . 3.47 5.80 -54.57
CAD KGD FB . 4.42 4.04 -53.21
CAE KGD FB . 2.32 5.81 -53.60
CAF KGD FB . 3.11 3.39 -55.17
CAG KGD FB . 5.35 4.40 -55.46
CAH KGD FB . 3.81 4.49 -52.11
CAI KGD FB . 2.78 5.51 -52.21
CAJ KGD FB . 5.58 3.20 -53.05
CAK KGD FB . 4.27 4.17 -50.74
CAL KGD FB . 5.40 1.91 -52.85
CAM KGD FB . 6.52 1.04 -52.72
CAN KGD FB . 7.87 1.66 -52.73
CAO KGD FB . 6.28 -0.27 -52.64
CAP KGD FB . 7.33 -1.23 -52.55
CAQ KGD FB . 6.96 -2.51 -52.49
CAR KGD FB . 7.89 -3.61 -52.46
CAS KGD FB . 12.18 -19.16 -53.07
CAT KGD FB . 12.32 -20.58 -52.59
CAU KGD FB . 9.33 -3.36 -52.20
CAV KGD FB . 7.34 -4.80 -52.66
CAW KGD FB . 11.25 -18.41 -52.19
CAX KGD FB . 13.75 -20.95 -52.66
CAY KGD FB . 14.18 -22.07 -53.24
CAZ KGD FB . 10.62 -19.09 -51.04
CBA KGD FB . 11.01 -17.14 -52.48
CBB KGD FB . 8.05 -6.05 -52.72
CBC KGD FB . 13.22 -23.02 -53.85
CBD KGD FB . 15.62 -22.38 -53.28
CBE KGD FB . 10.13 -16.31 -51.73
CBF KGD FB . 10.09 -15.03 -52.05
CBG KGD FB . 7.73 -7.06 -51.92
CBH KGD FB . 9.22 -14.09 -51.40
CBI KGD FB . 8.45 -8.27 -52.14
CBJ KGD FB . 9.30 -12.85 -51.89
CBK KGD FB . 8.33 -14.53 -50.31
CBL KGD FB . 8.16 -9.39 -51.47
CBM KGD FB . 8.53 -11.76 -51.43
CBN KGD FB . 8.91 -10.55 -51.82
CBO KGD FB . 7.11 -9.51 -50.43
OAA KGD FB . 2.33 6.08 -51.24
CAB KGD GB . 13.79 17.37 -44.47
CAC KGD GB . 13.54 18.36 -43.36
CAD KGD GB . 12.60 16.50 -44.51
CAE KGD GB . 12.33 19.18 -43.74
CAF KGD GB . 13.90 18.08 -45.80
CAG KGD GB . 15.05 16.56 -44.21
CAH KGD GB . 11.36 16.93 -44.27
CAI KGD GB . 11.12 18.34 -43.96
CAJ KGD GB . 12.82 15.21 -45.14
CAK KGD GB . 10.15 16.15 -44.60
CAL KGD GB . 12.59 14.09 -44.44
CAM KGD GB . 12.85 12.79 -45.03
CAN KGD GB . 13.94 12.75 -46.03
CAO KGD GB . 12.11 11.74 -44.63
CAP KGD GB . 12.35 10.41 -45.12
CAQ KGD GB . 11.53 9.42 -44.75
CAR KGD GB . 11.72 8.03 -45.13
CAS KGD GB . 8.44 -8.11 -42.23
CAT KGD GB . 9.21 -8.28 -40.93
CAU KGD GB . 12.95 7.67 -45.88
CAV KGD GB . 10.80 7.13 -44.74
CAW KGD GB . 7.83 -6.75 -42.22
CAX KGD GB . 10.00 -9.54 -40.90
CAY KGD GB . 10.63 -9.93 -39.79
CAZ KGD GB . 6.54 -6.57 -41.56
CBA KGD GB . 8.48 -5.73 -42.81
CBB KGD GB . 10.94 5.71 -44.99
CBC KGD GB . 10.58 -9.12 -38.56
CBD KGD GB . 11.42 -11.19 -39.76
CBE KGD GB . 7.99 -4.37 -42.81
CBF KGD GB . 8.46 -3.45 -43.66
CBG KGD GB . 9.96 4.87 -44.63
CBH KGD GB . 7.98 -2.08 -43.59
CBI KGD GB . 10.10 3.45 -44.79
CBJ KGD GB . 8.80 -1.13 -44.06
CBK KGD GB . 6.66 -1.81 -42.99
CBL KGD GB . 9.10 2.61 -44.43
CBM KGD GB . 8.49 0.28 -44.01
CBN KGD GB . 9.33 1.18 -44.54
CBO KGD GB . 7.80 3.07 -43.91
OAA KGD GB . 10.01 18.82 -43.88
MG BCL HB . 22.72 -2.55 -42.02
CHA BCL HB . 20.67 -1.09 -44.39
CHB BCL HB . 23.39 0.58 -40.83
CHC BCL HB . 25.37 -3.80 -40.32
CHD BCL HB . 22.56 -5.53 -43.81
NA BCL HB . 22.11 -0.53 -42.57
C1A BCL HB . 21.21 -0.15 -43.55
C2A BCL HB . 20.82 1.28 -43.40
C3A BCL HB . 21.91 1.83 -42.48
C4A BCL HB . 22.50 0.60 -41.87
CMA BCL HB . 22.98 2.61 -43.24
CAA BCL HB . 19.41 1.44 -42.82
CBA BCL HB . 19.00 2.90 -42.76
CGA BCL HB . 17.80 3.21 -41.96
O1A BCL HB . 17.77 3.30 -40.78
O2A BCL HB . 16.72 3.37 -42.70
NB BCL HB . 24.21 -1.75 -40.82
C1B BCL HB . 24.20 -0.45 -40.31
C2B BCL HB . 25.10 -0.34 -39.23
C3B BCL HB . 25.68 -1.59 -39.05
C4B BCL HB . 25.11 -2.45 -40.08
CMB BCL HB . 25.32 0.95 -38.46
CAB BCL HB . 26.65 -2.05 -38.06
OBB BCL HB . 27.40 -3.02 -38.26
CBB BCL HB . 26.79 -1.36 -36.73
NC BCL HB . 23.79 -4.40 -42.05
C1C BCL HB . 24.88 -4.69 -41.28
C2C BCL HB . 25.45 -6.04 -41.54
C3C BCL HB . 24.70 -6.48 -42.79
C4C BCL HB . 23.57 -5.48 -42.89
CMC BCL HB . 26.96 -6.02 -41.73
CAC BCL HB . 24.21 -7.96 -42.74
CBC BCL HB . 23.28 -8.26 -41.59
ND BCL HB . 21.87 -3.20 -43.75
C1D BCL HB . 21.79 -4.47 -44.34
C2D BCL HB . 20.89 -4.46 -45.44
C3D BCL HB . 20.41 -3.16 -45.51
C4D BCL HB . 21.01 -2.44 -44.49
CMD BCL HB . 20.56 -5.66 -46.30
CAD BCL HB . 19.39 -2.32 -46.05
OBD BCL HB . 18.47 -2.57 -46.85
CBD BCL HB . 19.58 -0.90 -45.45
CGD BCL HB . 19.89 0.07 -46.51
O1D BCL HB . 20.61 -0.15 -47.46
O2D BCL HB . 19.29 1.23 -46.37
CED BCL HB . 19.55 2.24 -47.38
C1 BCL HB . 15.49 3.68 -41.99
C2 BCL HB . 15.63 5.17 -41.69
C3 BCL HB . 14.66 6.04 -41.62
C4 BCL HB . 13.19 5.72 -41.83
C5 BCL HB . 14.99 7.50 -41.30
C6 BCL HB . 16.46 7.87 -41.50
C7 BCL HB . 16.78 9.30 -41.07
C8 BCL HB . 16.14 10.44 -41.83
C9 BCL HB . 16.77 10.58 -43.23
C10 BCL HB . 16.35 11.74 -41.04
C11 BCL HB . 15.55 12.96 -41.43
C12 BCL HB . 15.75 14.10 -40.42
C13 BCL HB . 14.74 15.24 -40.57
C14 BCL HB . 14.89 16.32 -39.51
C15 BCL HB . 13.36 14.60 -40.40
C16 BCL HB . 12.13 15.46 -40.65
C17 BCL HB . 10.87 14.81 -40.09
C18 BCL HB . 10.95 14.79 -38.58
C19 BCL HB . 9.91 13.76 -38.10
C20 BCL HB . 10.71 16.17 -37.94
MG BCL IB . 34.08 5.73 -31.44
CHA BCL IB . 32.81 7.57 -34.08
CHB BCL IB . 33.78 8.51 -29.50
CHC BCL IB . 36.25 4.36 -29.20
CHD BCL IB . 34.87 3.19 -33.67
NA BCL IB . 33.37 7.76 -31.79
C1A BCL IB . 32.91 8.33 -32.95
C2A BCL IB . 32.33 9.68 -32.70
C3A BCL IB . 32.92 10.05 -31.34
C4A BCL IB . 33.37 8.74 -30.79
CMA BCL IB . 34.10 11.02 -31.47
CAA BCL IB . 30.80 9.66 -32.67
CBA BCL IB . 30.27 11.05 -32.43
CGA BCL IB . 28.83 11.13 -32.08
O1A BCL IB . 28.40 11.03 -30.98
O2A BCL IB . 28.07 11.34 -33.11
NB BCL IB . 34.95 6.36 -29.67
C1B BCL IB . 34.56 7.48 -28.95
C2B BCL IB . 35.05 7.42 -27.64
C3B BCL IB . 35.77 6.24 -27.51
C4B BCL IB . 35.68 5.60 -28.82
CMB BCL IB . 34.80 8.49 -26.59
CAB BCL IB . 36.45 5.70 -26.36
OBB BCL IB . 37.53 5.10 -26.44
CBB BCL IB . 35.87 5.87 -24.97
NC BCL IB . 35.38 4.03 -31.46
C1C BCL IB . 36.14 3.63 -30.40
C2C BCL IB . 36.89 2.37 -30.66
C3C BCL IB . 36.57 2.08 -32.13
C4C BCL IB . 35.50 3.09 -32.44
CMC BCL IB . 38.38 2.50 -30.39
CAC BCL IB . 36.14 0.62 -32.40
CBC BCL IB . 34.95 0.18 -31.58
ND BCL IB . 33.92 5.41 -33.44
C1D BCL IB . 34.23 4.32 -34.24
C2D BCL IB . 33.83 4.53 -35.59
C3D BCL IB . 33.26 5.81 -35.60
C4D BCL IB . 33.33 6.30 -34.30
CMD BCL IB . 34.01 3.55 -36.72
CAD BCL IB . 32.46 6.72 -36.33
OBD BCL IB . 31.97 6.64 -37.48
CBD BCL IB . 32.23 7.98 -35.44
CGD BCL IB . 32.86 9.16 -36.05
O1D BCL IB . 34.02 9.25 -36.38
O2D BCL IB . 32.02 10.17 -36.21
CED BCL IB . 32.57 11.38 -36.82
C1 BCL IB . 26.64 11.47 -32.84
C2 BCL IB . 26.51 12.89 -32.34
C3 BCL IB . 25.74 13.83 -32.80
C4 BCL IB . 24.77 13.70 -33.97
C5 BCL IB . 25.77 15.20 -32.12
C6 BCL IB . 27.17 15.64 -31.72
C7 BCL IB . 27.18 16.96 -30.95
C8 BCL IB . 26.57 18.18 -31.62
C9 BCL IB . 27.46 18.65 -32.80
C10 BCL IB . 26.46 19.31 -30.58
C11 BCL IB . 25.63 20.51 -30.99
C12 BCL IB . 25.39 21.44 -29.80
C13 BCL IB . 24.32 22.50 -30.10
C14 BCL IB . 24.00 23.35 -28.88
C15 BCL IB . 23.07 21.72 -30.49
C16 BCL IB . 21.92 22.54 -31.07
C17 BCL IB . 20.63 21.73 -31.18
C18 BCL IB . 20.15 21.36 -29.79
C19 BCL IB . 18.89 20.51 -30.02
C20 BCL IB . 19.82 22.57 -28.90
CAB KGD JB . 24.83 25.49 -33.31
CAC KGD JB . 24.03 26.28 -32.29
CAD KGD JB . 23.88 24.62 -34.03
CAE KGD JB . 22.97 27.08 -33.01
CAF KGD JB . 25.48 26.42 -34.30
CAG KGD JB . 25.89 24.66 -32.62
CAH KGD JB . 22.59 24.94 -34.24
CAI KGD JB . 22.05 26.21 -33.77
CAJ KGD JB . 24.48 23.57 -34.82
CAK KGD JB . 21.69 24.15 -35.11
CAL KGD JB . 24.22 22.30 -34.48
CAM KGD JB . 24.82 21.19 -35.19
CAN KGD JB . 26.21 21.36 -35.66
CAO KGD JB . 24.07 20.09 -35.38
CAP KGD JB . 24.58 18.91 -36.02
CAQ KGD JB . 23.77 17.90 -36.32
CAR KGD JB . 24.25 16.66 -36.89
CAS KGD JB . 21.65 0.18 -37.87
CAT KGD JB . 21.70 -0.35 -36.43
CAU KGD JB . 25.67 16.56 -37.31
CAV KGD JB . 23.37 15.64 -36.98
CAW KGD JB . 20.95 1.49 -37.85
CAX KGD JB . 22.75 -1.39 -36.26
CAY KGD JB . 22.87 -2.09 -35.13
CAZ KGD JB . 19.49 1.51 -37.64
CBA KGD JB . 21.65 2.63 -38.04
CBB KGD JB . 23.72 14.32 -37.45
CBC KGD JB . 21.95 -1.84 -33.99
CBD KGD JB . 23.91 -3.11 -34.96
CBE KGD JB . 21.05 3.95 -38.01
CBF KGD JB . 21.66 5.02 -38.53
CBG KGD JB . 22.75 13.38 -37.46
CBH KGD JB . 21.07 6.33 -38.43
CBI KGD JB . 23.02 12.01 -37.82
CBJ KGD JB . 21.92 7.37 -38.32
CBK KGD JB . 19.59 6.45 -38.43
CBL KGD JB . 22.03 11.12 -37.99
CBM KGD JB . 21.49 8.74 -38.14
CBN KGD JB . 22.39 9.74 -38.25
CBO KGD JB . 20.59 11.46 -37.87
OAA KGD JB . 20.90 26.55 -33.99
MG BCL KB . 29.61 1.71 -38.63
CHA BCL KB . 28.74 4.67 -37.08
CHB BCL KB . 27.25 2.41 -41.01
CHC BCL KB . 29.91 -1.45 -39.80
CHD BCL KB . 31.28 0.73 -35.73
NA BCL KB . 28.17 3.32 -38.94
C1A BCL KB . 28.08 4.52 -38.26
C2A BCL KB . 27.51 5.58 -39.14
C3A BCL KB . 26.71 4.74 -40.15
C4A BCL KB . 27.40 3.42 -40.09
CMA BCL KB . 25.24 4.62 -39.74
CAA BCL KB . 28.60 6.41 -39.81
CBA BCL KB . 28.08 7.36 -40.88
CGA BCL KB . 27.34 8.54 -40.36
O1A BCL KB . 26.16 8.58 -40.14
O2A BCL KB . 28.11 9.58 -40.15
NB BCL KB . 28.69 0.62 -40.13
C1B BCL KB . 27.80 1.12 -41.08
C2B BCL KB . 27.58 0.17 -42.09
C3B BCL KB . 28.34 -0.97 -41.76
C4B BCL KB . 29.03 -0.63 -40.54
CMB BCL KB . 26.67 0.42 -43.28
CAB BCL KB . 28.44 -2.25 -42.45
OBB BCL KB . 29.42 -3.00 -42.31
CBB BCL KB . 27.35 -2.73 -43.36
NC BCL KB . 30.44 -0.09 -37.85
C1C BCL KB . 30.54 -1.25 -38.56
C2C BCL KB . 31.34 -2.29 -37.86
C3C BCL KB . 32.05 -1.47 -36.78
C4C BCL KB . 31.17 -0.25 -36.70
CMC BCL KB . 30.50 -3.43 -37.31
CAC BCL KB . 33.53 -1.15 -37.15
CBC BCL KB . 34.31 -0.51 -36.03
ND BCL KB . 29.96 2.49 -36.79
C1D BCL KB . 30.65 2.00 -35.67
C2D BCL KB . 30.59 2.93 -34.60
C3D BCL KB . 29.85 4.01 -35.09
C4D BCL KB . 29.50 3.70 -36.39
CMD BCL KB . 31.22 2.73 -33.24
CAD BCL KB . 29.48 5.37 -34.88
OBD BCL KB . 29.52 6.08 -33.86
CBD BCL KB . 28.94 5.93 -36.22
CGD BCL KB . 27.76 6.78 -36.02
O1D BCL KB . 27.73 7.98 -36.15
O2D BCL KB . 26.68 6.10 -35.66
CED BCL KB . 25.48 6.88 -35.44
C1 BCL KB . 27.43 10.77 -39.66
C2 BCL KB . 28.14 11.16 -38.39
C3 BCL KB . 28.22 12.42 -38.03
C4 BCL KB . 27.63 13.56 -38.83
C5 BCL KB . 28.94 12.83 -36.75
C6 BCL KB . 29.57 14.21 -36.74
C7 BCL KB . 30.19 14.49 -35.38
C8 BCL KB . 30.82 15.86 -35.12
C9 BCL KB . 32.21 15.97 -35.77
C10 BCL KB . 30.93 16.07 -33.62
C11 BCL KB . 31.29 14.78 -32.90
C12 BCL KB . 31.32 15.00 -31.39
C13 BCL KB . 32.47 15.91 -30.96
C14 BCL KB . 33.81 15.18 -30.95
C15 BCL KB . 32.18 16.35 -29.53
C16 BCL KB . 33.19 17.34 -28.95
C17 BCL KB . 33.22 18.80 -29.43
C18 BCL KB . 32.03 19.64 -29.00
C19 BCL KB . 30.87 19.30 -29.95
C20 BCL KB . 32.28 21.15 -29.04
MG BCL LB . 18.79 20.78 -45.58
CHA BCL LB . 20.58 20.01 -48.42
CHB BCL LB . 16.31 21.97 -47.62
CHC BCL LB . 16.71 20.89 -42.92
CHD BCL LB . 20.92 18.72 -43.74
NA BCL LB . 18.51 20.91 -47.74
C1A BCL LB . 19.43 20.67 -48.74
C2A BCL LB . 19.18 21.51 -49.95
C3A BCL LB . 17.82 22.16 -49.65
C4A BCL LB . 17.44 21.58 -48.31
CMA BCL LB . 17.91 23.68 -49.55
CAA BCL LB . 19.18 20.67 -51.24
CBA BCL LB . 18.19 19.52 -51.21
CGA BCL LB . 18.12 18.76 -52.49
O1A BCL LB . 18.19 19.23 -53.57
O2A BCL LB . 17.96 17.47 -52.33
NB BCL LB . 16.80 21.29 -45.31
C1B BCL LB . 15.98 21.87 -46.26
C2B BCL LB . 14.79 22.31 -45.67
C3B BCL LB . 14.85 22.02 -44.30
C4B BCL LB . 16.15 21.38 -44.12
CMB BCL LB . 13.65 22.98 -46.43
CAB BCL LB . 13.84 22.33 -43.31
OBB BCL LB . 13.10 23.33 -43.40
CBB BCL LB . 13.63 21.44 -42.12
NC BCL LB . 18.81 19.92 -43.63
C1C BCL LB . 17.86 20.14 -42.67
C2C BCL LB . 18.18 19.50 -41.37
C3C BCL LB . 19.39 18.63 -41.71
C4C BCL LB . 19.79 19.13 -43.07
CMC BCL LB . 18.44 20.51 -40.27
CAC BCL LB . 19.09 17.11 -41.69
CBC BCL LB . 20.06 16.34 -40.82
ND BCL LB . 20.39 19.60 -45.95
C1D BCL LB . 21.21 18.82 -45.13
C2D BCL LB . 22.26 18.22 -45.86
C3D BCL LB . 22.07 18.65 -47.18
C4D BCL LB . 20.95 19.47 -47.19
CMD BCL LB . 23.32 17.31 -45.29
CAD BCL LB . 22.67 18.76 -48.46
OBD BCL LB . 23.71 18.25 -48.92
CBD BCL LB . 21.79 19.70 -49.32
CGD BCL LB . 22.56 20.88 -49.74
O1D BCL LB . 22.56 21.95 -49.16
O2D BCL LB . 23.28 20.67 -50.83
CED BCL LB . 24.07 21.80 -51.30
C1 BCL LB . 17.88 16.71 -53.57
C2 BCL LB . 18.93 15.62 -53.45
C3 BCL LB . 18.69 14.46 -52.87
C4 BCL LB . 17.37 14.06 -52.24
C5 BCL LB . 19.78 13.39 -52.78
C6 BCL LB . 19.36 12.06 -52.17
C7 BCL LB . 20.50 11.05 -52.17
C8 BCL LB . 20.17 9.69 -51.54
C9 BCL LB . 20.02 9.82 -50.02
C10 BCL LB . 21.30 8.70 -51.85
C11 BCL LB . 22.62 9.09 -51.24
C12 BCL LB . 23.77 8.17 -51.65
C13 BCL LB . 25.05 8.41 -50.84
C14 BCL LB . 25.51 9.88 -50.88
C15 BCL LB . 26.18 7.53 -51.37
C16 BCL LB . 26.66 6.45 -50.41
C17 BCL LB . 28.04 5.90 -50.76
C18 BCL LB . 28.54 4.86 -49.77
C19 BCL LB . 30.04 4.70 -50.07
C20 BCL LB . 27.81 3.52 -49.85
CAB KGD MB . 33.55 24.39 -35.03
CAC KGD MB . 32.56 25.54 -35.13
CAD KGD MB . 32.96 23.32 -34.16
CAE KGD MB . 31.22 24.99 -35.51
CAF KGD MB . 33.80 23.79 -36.40
CAG KGD MB . 34.87 24.89 -34.45
CAH KGD MB . 31.65 23.19 -33.85
CAI KGD MB . 30.70 24.12 -34.44
CAJ KGD MB . 33.92 22.26 -33.91
CAK KGD MB . 31.19 22.67 -32.54
CAL KGD MB . 33.57 20.99 -33.72
CAM KGD MB . 34.66 20.04 -33.55
CAN KGD MB . 36.02 20.62 -33.47
CAO KGD MB . 34.40 18.73 -33.50
CAP KGD MB . 35.50 17.84 -33.38
CAQ KGD MB . 35.33 16.52 -33.35
CAR KGD MB . 36.45 15.63 -33.29
CAS KGD MB . 44.25 1.50 -35.91
CAT KGD MB . 44.57 0.12 -35.40
CAU KGD MB . 37.76 16.17 -32.85
CAV KGD MB . 36.25 14.37 -33.69
CAW KGD MB . 42.82 1.83 -35.62
CAX KGD MB . 45.66 0.20 -34.40
CAY KGD MB . 46.66 -0.68 -34.38
CAZ KGD MB . 41.83 0.75 -35.53
CBA KGD MB . 42.50 3.11 -35.44
CBB KGD MB . 37.29 13.39 -33.73
CBC KGD MB . 47.73 -0.58 -33.37
CBD KGD MB . 46.73 -1.78 -35.37
CBE KGD MB . 41.16 3.57 -35.17
CBF KGD MB . 40.97 4.87 -35.08
CBG KGD MB . 36.98 12.16 -34.15
CBH KGD MB . 39.69 5.47 -34.84
CBI KGD MB . 37.99 11.15 -34.27
CBJ KGD MB . 39.69 6.81 -34.88
CBK KGD MB . 38.50 4.64 -34.56
CBL KGD MB . 37.66 9.86 -34.37
CBM KGD MB . 38.53 7.62 -34.68
CBN KGD MB . 38.73 8.93 -34.53
CBO KGD MB . 36.27 9.35 -34.33
OAA KGD MB . 29.54 24.20 -34.06
CAB KGD NB . -38.13 -8.43 -20.51
CAC KGD NB . -37.30 -7.29 -21.05
CAD KGD NB . -38.12 -8.27 -19.03
CAE KGD NB . -37.95 -5.99 -20.64
CAF KGD NB . -39.56 -8.34 -21.00
CAG KGD NB . -37.54 -9.77 -20.89
CAH KGD NB . -38.13 -7.09 -18.41
CAI KGD NB . -38.05 -5.85 -19.16
CAJ KGD NB . -38.52 -9.42 -18.28
CAK KGD NB . -38.52 -6.96 -16.98
CAL KGD NB . -37.59 -10.06 -17.58
CAM KGD NB . -37.96 -11.21 -16.82
CAN KGD NB . -39.16 -11.95 -17.25
CAO KGD NB . -37.21 -11.54 -15.77
CAP KGD NB . -37.55 -12.68 -14.97
CAQ KGD NB . -36.73 -13.07 -14.02
CAR KGD NB . -37.06 -14.21 -13.20
CAS KGD NB . -37.92 -24.65 -1.21
CAT KGD NB . -38.17 -25.04 0.23
CAU KGD NB . -38.07 -15.16 -13.69
CAV KGD NB . -36.42 -14.33 -12.04
CAW KGD NB . -37.08 -23.43 -1.27
CAX KGD NB . -38.96 -26.31 0.25
CAY KGD NB . -40.19 -26.35 0.76
CAZ KGD NB . -36.15 -23.11 -0.16
CBA KGD NB . -37.20 -22.66 -2.35
CBB KGD NB . -36.70 -15.44 -11.18
CBC KGD NB . -40.97 -27.61 0.78
CBD KGD NB . -40.81 -25.13 1.34
CBE KGD NB . -36.46 -21.45 -2.57
CBF KGD NB . -36.54 -20.92 -3.79
CBG KGD NB . -35.89 -15.68 -10.15
CBH KGD NB . -35.87 -19.72 -4.18
CBI KGD NB . -36.21 -16.77 -9.29
CBJ KGD NB . -36.14 -19.35 -5.42
CBK KGD NB . -34.95 -19.00 -3.23
CBL KGD NB . -35.61 -16.90 -8.11
CBM KGD NB . -35.62 -18.20 -6.06
CBN KGD NB . -36.01 -18.02 -7.32
CBO KGD NB . -34.59 -15.97 -7.57
OAA KGD NB . -38.07 -4.75 -18.62
CHA HEM OB . 15.67 -64.56 -4.11
CHB HEM OB . 11.03 -65.55 -3.25
CHC HEM OB . 9.88 -62.04 -6.37
CHD HEM OB . 14.31 -60.24 -5.80
C1A HEM OB . 14.54 -65.13 -3.58
C2A HEM OB . 14.48 -66.17 -2.58
C3A HEM OB . 13.21 -66.45 -2.34
C4A HEM OB . 12.40 -65.59 -3.19
CMA HEM OB . 12.67 -67.50 -1.34
CAA HEM OB . 15.73 -66.83 -1.92
CBA HEM OB . 15.74 -68.33 -2.13
CGA HEM OB . 17.19 -68.74 -2.30
O1A HEM OB . 17.56 -69.84 -1.84
O2A HEM OB . 17.95 -67.93 -2.89
C1B HEM OB . 10.31 -64.65 -4.00
C2B HEM OB . 8.87 -64.48 -3.97
C3B HEM OB . 8.53 -63.52 -4.83
C4B HEM OB . 9.76 -63.04 -5.42
CMB HEM OB . 7.94 -65.32 -3.07
CAB HEM OB . 7.12 -62.95 -5.18
CBB HEM OB . 5.99 -63.33 -4.60
C1C HEM OB . 10.97 -61.22 -6.47
C2C HEM OB . 11.04 -59.97 -7.21
C3C HEM OB . 12.27 -59.47 -7.06
C4C HEM OB . 13.00 -60.39 -6.20
CMC HEM OB . 9.86 -59.40 -8.03
CAC HEM OB . 12.88 -58.16 -7.63
CBC HEM OB . 12.73 -57.11 -6.78
C1D HEM OB . 15.07 -61.25 -5.24
C2D HEM OB . 16.44 -61.13 -4.78
C3D HEM OB . 16.82 -62.33 -4.31
C4D HEM OB . 15.71 -63.23 -4.48
CMD HEM OB . 17.30 -59.85 -4.81
CAD HEM OB . 18.21 -62.65 -3.70
CBD HEM OB . 18.32 -61.96 -2.35
CGD HEM OB . 19.73 -62.01 -1.86
O1D HEM OB . 19.94 -61.95 -0.63
O2D HEM OB . 20.67 -62.10 -2.71
NA HEM OB . 13.25 -64.79 -3.93
NB HEM OB . 10.83 -63.75 -4.90
NC HEM OB . 12.19 -61.45 -5.85
ND HEM OB . 14.64 -62.55 -5.03
FE HEM OB . 12.72 -63.08 -4.83
CHA HEM PB . 15.72 -48.26 -10.37
CHB HEM PB . 14.51 -51.93 -7.42
CHC HEM PB . 14.91 -48.96 -3.66
CHD HEM PB . 15.35 -45.18 -6.64
C1A HEM PB . 15.39 -49.51 -9.89
C2A HEM PB . 15.22 -50.69 -10.62
C3A HEM PB . 14.90 -51.67 -9.79
C4A HEM PB . 14.84 -51.18 -8.53
CMA HEM PB . 14.63 -53.08 -10.20
CAA HEM PB . 15.42 -50.87 -12.09
CBA HEM PB . 14.22 -51.29 -12.89
CGA HEM PB . 14.53 -50.76 -14.23
O1A HEM PB . 15.06 -51.46 -15.04
O2A HEM PB . 14.84 -49.48 -14.25
C1B HEM PB . 14.52 -51.43 -6.12
C2B HEM PB . 14.22 -52.21 -5.00
C3B HEM PB . 14.31 -51.42 -3.93
C4B HEM PB . 14.69 -50.09 -4.45
CMB HEM PB . 13.87 -53.64 -4.93
CAB HEM PB . 14.08 -51.82 -2.55
CBB HEM PB . 15.13 -52.17 -1.86
C1C HEM PB . 15.02 -47.72 -4.19
C2C HEM PB . 14.96 -46.58 -3.42
C3C HEM PB . 15.08 -45.49 -4.23
C4C HEM PB . 15.22 -45.99 -5.52
CMC HEM PB . 14.79 -46.60 -1.95
CAC HEM PB . 15.04 -44.08 -3.83
CBC HEM PB . 16.09 -43.49 -3.30
C1D HEM PB . 15.47 -45.71 -7.92
C2D HEM PB . 15.61 -44.91 -9.08
C3D HEM PB . 15.70 -45.73 -10.12
C4D HEM PB . 15.63 -47.10 -9.62
CMD HEM PB . 15.65 -43.42 -9.09
CAD HEM PB . 15.86 -45.32 -11.53
CBD HEM PB . 14.70 -45.93 -12.26
CGD HEM PB . 14.18 -45.08 -13.37
O1D HEM PB . 14.85 -44.21 -13.82
O2D HEM PB . 13.10 -45.39 -14.06
NA HEM PB . 15.14 -49.84 -8.60
NB HEM PB . 14.78 -50.19 -5.75
NC HEM PB . 15.16 -47.35 -5.48
ND HEM PB . 15.49 -46.99 -8.32
FE HEM PB . 15.33 -48.42 -7.25
CHA HEM QB . 18.38 -21.62 4.90
CHB HEM QB . 14.71 -18.69 3.75
CHC HEM QB . 11.83 -22.55 3.47
CHD HEM QB . 15.20 -25.18 5.71
C1A HEM QB . 17.65 -20.49 4.60
C2A HEM QB . 18.17 -19.15 4.52
C3A HEM QB . 17.16 -18.33 4.19
C4A HEM QB . 15.97 -19.15 4.06
CMA HEM QB . 17.22 -16.81 3.98
CAA HEM QB . 19.65 -18.77 4.75
CBA HEM QB . 19.76 -17.67 5.80
CGA HEM QB . 21.08 -17.82 6.52
O1A HEM QB . 21.81 -16.81 6.64
O2A HEM QB . 21.40 -18.95 6.96
C1B HEM QB . 13.63 -19.49 3.50
C2B HEM QB . 12.40 -19.08 2.87
C3B HEM QB . 11.60 -20.16 2.80
C4B HEM QB . 12.32 -21.27 3.37
CMB HEM QB . 12.11 -17.64 2.40
CAB HEM QB . 10.17 -20.30 2.23
CBB HEM QB . 10.02 -20.24 0.88
C1C HEM QB . 12.46 -23.56 4.16
C2C HEM QB . 11.83 -24.78 4.63
C3C HEM QB . 12.76 -25.51 5.26
C4C HEM QB . 14.01 -24.77 5.19
CMC HEM QB . 10.33 -25.10 4.42
CAC HEM QB . 12.64 -26.89 5.95
CBC HEM QB . 12.54 -27.85 4.99
C1D HEM QB . 16.38 -24.48 5.60
C2D HEM QB . 17.70 -24.99 5.89
C3D HEM QB . 18.58 -24.02 5.67
C4D HEM QB . 17.84 -22.84 5.24
CMD HEM QB . 18.04 -26.41 6.38
CAD HEM QB . 20.11 -24.10 5.86
CBD HEM QB . 20.80 -23.82 4.53
CGD HEM QB . 22.29 -23.95 4.70
O1D HEM QB . 23.01 -23.97 3.69
O2D HEM QB . 22.74 -24.02 5.88
NA HEM QB . 16.30 -20.47 4.32
NB HEM QB . 13.56 -20.84 3.79
NC HEM QB . 13.80 -23.59 4.51
ND HEM QB . 16.50 -23.16 5.20
FE HEM QB . 15.04 -22.02 4.44
CHA HEM RB . 11.91 -37.00 7.20
CHB HEM RB . 12.94 -33.01 4.63
CHC HEM RB . 14.93 -35.77 1.20
CHD HEM RB . 12.84 -39.61 3.23
C1A HEM RB . 12.09 -35.68 6.84
C2A HEM RB . 11.82 -34.53 7.65
C3A HEM RB . 12.10 -33.44 6.94
C4A HEM RB . 12.56 -33.86 5.64
CMA HEM RB . 11.96 -31.98 7.42
CAA HEM RB . 11.30 -34.57 9.11
CBA HEM RB . 9.87 -34.04 9.10
CGA HEM RB . 9.27 -34.07 10.49
O1A HEM RB . 8.04 -33.82 10.62
O2A HEM RB . 10.00 -34.35 11.46
C1B HEM RB . 13.59 -33.43 3.50
C2B HEM RB . 14.21 -32.55 2.53
C3B HEM RB . 14.76 -33.31 1.58
C4B HEM RB . 14.52 -34.69 1.93
CMB HEM RB . 14.20 -31.01 2.62
CAB HEM RB . 15.55 -32.88 0.31
CBB HEM RB . 16.89 -32.89 0.50
C1C HEM RB . 14.47 -37.03 1.42
C2C HEM RB . 14.59 -38.14 0.51
C3C HEM RB . 14.01 -39.20 1.07
C4C HEM RB . 13.51 -38.79 2.36
CMC HEM RB . 15.28 -38.06 -0.87
CAC HEM RB . 13.86 -40.65 0.53
CBC HEM RB . 14.97 -41.42 0.70
C1D HEM RB . 12.48 -39.23 4.49
C2D HEM RB . 11.96 -40.13 5.49
C3D HEM RB . 11.70 -39.42 6.59
C4D HEM RB . 12.03 -38.04 6.31
CMD HEM RB . 11.75 -41.65 5.32
CAD HEM RB . 11.15 -39.97 7.91
CBD HEM RB . 12.27 -39.92 8.94
CGD HEM RB . 11.84 -40.58 10.23
O1D HEM RB . 10.64 -40.94 10.34
O2D HEM RB . 12.69 -40.73 11.14
NA HEM RB . 12.55 -35.24 5.59
NB HEM RB . 13.80 -34.74 3.12
NC HEM RB . 13.79 -37.44 2.56
ND HEM RB . 12.51 -37.95 5.02
FE HEM RB . 13.48 -36.38 4.22
CAB KGD SB . -26.11 -16.65 -2.03
CAC KGD SB . -24.97 -17.57 -1.87
CAD KGD SB . -26.31 -15.97 -0.78
CAE KGD SB . -25.01 -18.26 -0.61
CAF KGD SB . -25.81 -15.63 -3.05
CAG KGD SB . -27.35 -17.42 -2.41
CAH KGD SB . -25.53 -16.14 0.26
CAI KGD SB . -24.78 -17.32 0.38
CAJ KGD SB . -26.93 -14.68 -0.84
CAK KGD SB . -25.01 -15.01 1.03
CAL KGD SB . -28.17 -14.58 -0.40
CAM KGD SB . -28.87 -13.32 -0.36
CAN KGD SB . -28.29 -12.34 0.58
CAO KGD SB . -29.98 -13.14 -1.11
CAP KGD SB . -30.73 -11.93 -1.07
CAQ KGD SB . -31.97 -11.98 -1.52
CAR KGD SB . -32.89 -10.86 -1.51
CAS KGD SB . -48.63 -5.98 -2.36
CAT KGD SB . -49.51 -6.08 -1.12
CAU KGD SB . -32.50 -9.61 -0.86
CAV KGD SB . -34.10 -11.07 -2.05
CAW KGD SB . -47.62 -7.06 -2.59
CAX KGD SB . -50.13 -4.72 -0.87
CAY KGD SB . -51.45 -4.42 -0.73
CAZ KGD SB . -48.07 -8.46 -2.67
CBA KGD SB . -46.35 -6.72 -2.76
CBB KGD SB . -35.13 -10.12 -2.08
CBC KGD SB . -51.87 -3.03 -0.50
CBD KGD SB . -52.49 -5.42 -0.78
CBE KGD SB . -45.30 -7.64 -3.01
CBF KGD SB . -44.07 -7.23 -3.30
CBG KGD SB . -36.30 -10.41 -2.67
CBH KGD SB . -43.02 -8.14 -3.54
CBI KGD SB . -37.33 -9.41 -2.63
CBJ KGD SB . -41.79 -7.80 -3.23
CBK KGD SB . -43.32 -9.41 -4.16
CBL KGD SB . -38.50 -9.54 -3.22
CBM KGD SB . -40.75 -8.73 -3.42
CBN KGD SB . -39.48 -8.48 -3.08
CBO KGD SB . -38.87 -10.73 -3.96
OAA KGD SB . -23.97 -17.46 1.25
MG BCL TB . 40.18 12.34 -16.00
CHA BCL TB . 39.83 14.64 -18.56
CHB BCL TB . 39.05 14.71 -13.85
CHC BCL TB . 41.46 10.54 -13.41
CHD BCL TB . 41.91 10.26 -18.19
NA BCL TB . 39.52 14.40 -16.22
C1A BCL TB . 39.46 15.18 -17.35
C2A BCL TB . 38.70 16.43 -17.11
C3A BCL TB . 38.77 16.55 -15.57
C4A BCL TB . 39.09 15.17 -15.15
CMA BCL TB . 39.86 17.53 -15.12
CAA BCL TB . 37.27 16.32 -17.63
CBA BCL TB . 36.52 17.62 -17.44
CGA BCL TB . 35.05 17.53 -17.62
O1A BCL TB . 34.30 17.11 -16.81
O2A BCL TB . 34.67 17.97 -18.79
NB BCL TB . 40.31 12.60 -13.95
C1B BCL TB . 39.63 13.58 -13.24
C2B BCL TB . 39.64 13.27 -11.87
C3B BCL TB . 40.32 12.08 -11.72
C4B BCL TB . 40.74 11.68 -13.04
CMB BCL TB . 38.98 14.13 -10.81
CAB BCL TB . 40.61 11.32 -10.51
OBB BCL TB . 41.72 10.83 -10.28
CBB BCL TB . 39.52 11.10 -9.48
NC BCL TB . 41.48 10.64 -15.84
C1C BCL TB . 41.89 10.07 -14.66
C2C BCL TB . 42.81 8.92 -14.85
C3C BCL TB . 43.13 9.00 -16.34
C4C BCL TB . 42.08 9.94 -16.86
CMC BCL TB . 44.05 8.99 -13.98
CAC BCL TB . 43.10 7.63 -17.06
CBC BCL TB . 41.73 7.04 -17.10
ND BCL TB . 40.80 12.41 -17.94
C1D BCL TB . 41.44 11.48 -18.76
C2D BCL TB . 41.49 11.92 -20.10
C3D BCL TB . 40.87 13.17 -20.10
C4D BCL TB . 40.48 13.43 -18.79
CMD BCL TB . 42.10 11.16 -21.26
CAD BCL TB . 40.30 14.19 -20.90
OBD BCL TB . 40.28 14.33 -22.15
CBD BCL TB . 39.60 15.22 -19.96
CGD BCL TB . 40.14 16.57 -20.18
O1D BCL TB . 41.30 16.84 -20.42
O2D BCL TB . 39.21 17.51 -20.08
CED BCL TB . 39.64 18.88 -20.26
C1 BCL TB . 33.23 17.94 -19.04
C2 BCL TB . 32.74 19.18 -18.31
C3 BCL TB . 32.11 20.20 -18.83
C4 BCL TB . 31.71 20.36 -20.29
C5 BCL TB . 31.72 21.36 -17.91
C6 BCL TB . 32.80 21.75 -16.91
C7 BCL TB . 32.36 22.86 -15.96
C8 BCL TB . 31.95 24.20 -16.57
C9 BCL TB . 33.12 24.87 -17.28
C10 BCL TB . 31.40 25.10 -15.46
C11 BCL TB . 30.69 26.36 -15.88
C12 BCL TB . 29.98 27.02 -14.71
C13 BCL TB . 28.95 28.07 -15.14
C14 BCL TB . 28.02 28.48 -14.01
C15 BCL TB . 28.09 27.38 -16.20
C16 BCL TB . 27.09 28.26 -16.94
C17 BCL TB . 26.02 27.40 -17.63
C18 BCL TB . 25.18 26.74 -16.57
C19 BCL TB . 24.25 25.76 -17.31
C20 BCL TB . 24.37 27.75 -15.74
MG BCL UB . 38.86 9.70 -25.06
CHA BCL UB . 37.10 12.16 -23.41
CHB BCL UB . 37.46 10.80 -27.98
CHC BCL UB . 39.93 6.87 -26.61
CHD BCL UB . 39.55 8.19 -21.99
NA BCL UB . 37.42 11.24 -25.58
C1A BCL UB . 36.96 12.27 -24.77
C2A BCL UB . 36.72 13.51 -25.57
C3A BCL UB . 36.48 12.93 -26.97
C4A BCL UB . 37.14 11.59 -26.90
CMA BCL UB . 35.00 12.78 -27.28
CAA BCL UB . 37.93 14.44 -25.52
CBA BCL UB . 37.84 15.65 -26.46
CGA BCL UB . 36.76 16.62 -26.15
O1A BCL UB . 35.64 16.54 -26.51
O2A BCL UB . 37.14 17.63 -25.42
NB BCL UB . 38.70 8.93 -26.98
C1B BCL UB . 38.11 9.56 -28.07
C2B BCL UB . 38.24 8.77 -29.22
C3B BCL UB . 38.97 7.62 -28.87
C4B BCL UB . 39.24 7.77 -27.45
CMB BCL UB . 37.69 9.18 -30.58
CAB BCL UB . 39.37 6.50 -29.66
OBB BCL UB . 40.36 5.80 -29.38
CBB BCL UB . 38.61 6.09 -30.90
NC BCL UB . 39.59 7.81 -24.39
C1C BCL UB . 40.07 6.83 -25.22
C2C BCL UB . 40.62 5.67 -24.47
C3C BCL UB . 40.83 6.27 -23.08
C4C BCL UB . 39.89 7.43 -23.10
CMC BCL UB . 39.70 4.46 -24.48
CAC BCL UB . 42.30 6.66 -22.79
CBC BCL UB . 42.56 7.01 -21.35
ND BCL UB . 38.41 10.03 -23.12
C1D BCL UB . 38.80 9.40 -21.94
C2D BCL UB . 38.35 10.12 -20.79
C3D BCL UB . 37.67 11.22 -21.31
C4D BCL UB . 37.73 11.13 -22.70
CMD BCL UB . 38.58 9.72 -19.36
CAD BCL UB . 36.97 12.42 -21.02
OBD BCL UB . 36.49 12.86 -19.95
CBD BCL UB . 36.86 13.23 -22.34
CGD BCL UB . 35.58 13.95 -22.42
O1D BCL UB . 35.44 15.15 -22.36
O2D BCL UB . 34.53 13.16 -22.59
CED BCL UB . 33.24 13.80 -22.68
C1 BCL UB . 36.08 18.59 -25.12
C2 BCL UB . 36.09 18.77 -23.62
C3 BCL UB . 36.43 19.92 -23.08
C4 BCL UB . 36.85 21.17 -23.86
C5 BCL UB . 36.44 20.09 -21.57
C6 BCL UB . 36.75 21.51 -21.08
C7 BCL UB . 36.72 21.59 -19.56
C8 BCL UB . 37.24 22.87 -18.94
C9 BCL UB . 38.73 23.10 -19.30
C10 BCL UB . 37.07 22.78 -17.42
C11 BCL UB . 37.52 21.41 -16.93
C12 BCL UB . 37.05 21.19 -15.50
C13 BCL UB . 37.74 22.13 -14.50
C14 BCL UB . 39.14 21.67 -14.14
C15 BCL UB . 36.90 22.13 -13.23
C16 BCL UB . 37.44 23.02 -12.12
C17 BCL UB . 37.44 24.56 -12.24
C18 BCL UB . 36.07 25.22 -12.12
C19 BCL UB . 35.35 24.96 -13.45
C20 BCL UB . 36.12 26.74 -11.87
MG BCL VB . 29.22 29.28 -32.03
CHA BCL VB . 31.98 29.32 -34.09
CHB BCL VB . 27.45 30.73 -34.55
CHC BCL VB . 26.38 28.68 -30.30
CHD BCL VB . 30.89 27.01 -29.96
NA BCL VB . 29.68 29.89 -34.07
C1A BCL VB . 30.92 29.95 -34.68
C2A BCL VB . 30.95 30.96 -35.78
C3A BCL VB . 29.50 31.50 -35.80
C4A BCL VB . 28.78 30.61 -34.85
CMA BCL VB . 29.45 32.95 -35.34
CAA BCL VB . 31.38 30.35 -37.13
CBA BCL VB . 30.58 29.12 -37.58
CGA BCL VB . 30.91 28.66 -38.95
O1A BCL VB . 31.07 29.36 -39.90
O2A BCL VB . 31.03 27.34 -39.07
NB BCL VB . 27.20 29.58 -32.39
C1B BCL VB . 26.69 30.35 -33.43
C2B BCL VB . 25.34 30.65 -33.18
C3B BCL VB . 24.98 30.09 -31.96
C4B BCL VB . 26.20 29.42 -31.49
CMB BCL VB . 24.49 31.48 -34.13
CAB BCL VB . 23.66 30.18 -31.34
OBB BCL VB . 22.71 30.74 -31.90
CBB BCL VB . 23.37 29.61 -29.96
NC BCL VB . 28.73 28.03 -30.37
C1C BCL VB . 27.47 27.93 -29.84
C2C BCL VB . 27.40 27.02 -28.66
C3C BCL VB . 28.82 26.43 -28.61
C4C BCL VB . 29.55 27.17 -29.68
CMC BCL VB . 26.97 27.71 -27.38
CAC BCL VB . 28.90 24.89 -28.80
CBC BCL VB . 28.73 24.13 -27.50
ND BCL VB . 31.02 28.33 -31.99
C1D BCL VB . 31.61 27.45 -31.09
C2D BCL VB . 32.93 27.11 -31.48
C3D BCL VB . 33.15 27.82 -32.67
C4D BCL VB . 31.98 28.53 -32.94
CMD BCL VB . 33.86 26.19 -30.74
CAD BCL VB . 34.11 28.21 -33.63
OBD BCL VB . 35.31 27.90 -33.75
CBD BCL VB . 33.42 29.18 -34.63
CGD BCL VB . 34.17 30.44 -34.72
O1D BCL VB . 33.83 31.50 -34.25
O2D BCL VB . 35.31 30.32 -35.39
CED BCL VB . 36.12 31.52 -35.52
C1 BCL VB . 31.36 26.86 -40.41
C2 BCL VB . 32.43 25.79 -40.23
C3 BCL VB . 32.17 24.57 -39.81
C4 BCL VB . 30.79 24.04 -39.45
C5 BCL VB . 33.29 23.54 -39.66
C6 BCL VB . 32.83 22.11 -39.34
C7 BCL VB . 34.01 21.14 -39.23
C8 BCL VB . 33.57 19.72 -38.84
C9 BCL VB . 33.02 19.72 -37.40
C10 BCL VB . 34.76 18.75 -38.92
C11 BCL VB . 35.83 18.97 -37.87
C12 BCL VB . 37.01 18.01 -38.01
C13 BCL VB . 38.10 18.25 -36.95
C14 BCL VB . 38.41 19.73 -36.75
C15 BCL VB . 39.37 17.52 -37.40
C16 BCL VB . 39.60 16.06 -36.99
C17 BCL VB . 40.79 16.07 -36.02
C18 BCL VB . 41.08 14.78 -35.27
C19 BCL VB . 42.30 15.13 -34.40
C20 BCL VB . 41.38 13.56 -36.15
CAB KGD WB . 30.76 32.08 -18.70
CAC KGD WB . 29.86 33.30 -18.53
CAD KGD WB . 30.17 31.21 -19.76
CAE KGD WB . 28.41 32.88 -18.41
CAF KGD WB . 32.14 32.52 -19.15
CAG KGD WB . 30.88 31.32 -17.39
CAH KGD WB . 28.92 31.26 -20.22
CAI KGD WB . 27.96 32.15 -19.62
CAJ KGD WB . 31.11 30.31 -20.41
CAK KGD WB . 28.52 30.65 -21.52
CAL KGD WB . 30.95 29.00 -20.20
CAM KGD WB . 31.82 28.03 -20.79
CAN KGD WB . 33.26 28.38 -20.94
CAO KGD WB . 31.25 26.87 -21.15
CAP KGD WB . 31.97 25.77 -21.71
CAQ KGD WB . 31.36 24.93 -22.55
CAR KGD WB . 32.06 23.77 -23.07
CAS KGD WB . 31.19 8.08 -28.16
CAT KGD WB . 31.08 7.52 -26.76
CAU KGD WB . 33.52 23.66 -22.85
CAV KGD WB . 31.32 22.85 -23.69
CAW KGD WB . 30.50 9.39 -28.18
CAX KGD WB . 32.00 6.38 -26.59
CAY KGD WB . 31.91 5.55 -25.56
CAZ KGD WB . 29.12 9.46 -28.69
CBA KGD WB . 31.15 10.46 -27.74
CBB KGD WB . 31.90 21.64 -24.18
CBC KGD WB . 30.88 5.74 -24.53
CBD KGD WB . 32.86 4.41 -25.41
CBE KGD WB . 30.55 11.75 -27.70
CBF KGD WB . 31.26 12.87 -27.77
CBG KGD WB . 31.11 20.74 -24.78
CBH KGD WB . 30.59 14.14 -27.67
CBI KGD WB . 31.64 19.47 -25.20
CBJ KGD WB . 31.22 15.07 -26.95
CBK KGD WB . 29.29 14.33 -28.33
CBL KGD WB . 30.88 18.61 -25.89
CBM KGD WB . 30.66 16.37 -26.70
CBN KGD WB . 31.44 17.34 -26.21
CBO KGD WB . 29.48 18.90 -26.29
OAA KGD WB . 26.85 32.30 -20.08
CAB KGD XB . 38.40 30.91 -17.19
CAC KGD XB . 37.22 31.85 -17.05
CAD KGD XB . 38.18 29.79 -16.23
CAE KGD XB . 35.96 31.09 -17.34
CAF KGD XB . 38.45 30.33 -18.59
CAG KGD XB . 39.71 31.63 -16.90
CAH KGD XB . 36.98 29.41 -15.77
CAI KGD XB . 35.77 29.94 -16.39
CAJ KGD XB . 39.34 29.00 -15.91
CAK KGD XB . 36.79 28.88 -14.39
CAL KGD XB . 39.28 27.66 -16.05
CAM KGD XB . 40.44 26.87 -15.76
CAN KGD XB . 41.63 27.59 -15.27
CAO KGD XB . 40.37 25.54 -15.97
CAP KGD XB . 41.51 24.69 -15.73
CAQ KGD XB . 41.38 23.37 -15.84
CAR KGD XB . 42.53 22.50 -15.66
CAS KGD XB . 51.66 9.00 -17.57
CAT KGD XB . 51.97 8.02 -16.47
CAU KGD XB . 43.75 23.05 -15.01
CAV KGD XB . 42.43 21.25 -16.12
CAW KGD XB . 50.21 9.32 -17.59
CAX KGD XB . 53.00 7.05 -16.95
CAY KGD XB . 53.78 6.37 -16.11
CAZ KGD XB . 49.23 8.27 -17.93
CBA KGD XB . 49.82 10.55 -17.29
CBB KGD XB . 43.53 20.32 -16.03
CBC KGD XB . 53.66 6.55 -14.64
CBD KGD XB . 54.78 5.40 -16.62
CBE KGD XB . 48.43 10.95 -17.30
CBF KGD XB . 48.15 12.24 -17.38
CBG KGD XB . 43.40 19.11 -16.58
CBH KGD XB . 46.81 12.76 -17.41
CBI KGD XB . 44.48 18.19 -16.55
CBJ KGD XB . 46.70 14.08 -17.23
CBK KGD XB . 45.67 11.84 -17.64
CBL KGD XB . 44.33 16.91 -16.93
CBM KGD XB . 45.47 14.79 -17.25
CBN KGD XB . 45.49 16.08 -16.91
CBO KGD XB . 43.05 16.33 -17.39
OAA KGD XB . 34.66 29.50 -16.15
MG BCL YB . 41.15 16.35 1.45
CHA BCL YB . 41.32 19.02 -0.75
CHB BCL YB . 39.34 18.34 3.55
CHC BCL YB . 41.76 14.18 3.98
CHD BCL YB . 43.59 14.73 -0.44
NA BCL YB . 40.45 18.41 1.37
C1A BCL YB . 40.60 19.34 0.36
C2A BCL YB . 39.69 20.51 0.56
C3A BCL YB . 39.35 20.40 2.06
C4A BCL YB . 39.68 18.99 2.38
CMA BCL YB . 40.19 21.37 2.90
CAA BCL YB . 38.46 20.43 -0.33
CBA BCL YB . 37.56 21.65 -0.15
CGA BCL YB . 36.23 21.57 -0.83
O1A BCL YB . 35.26 21.05 -0.39
O2A BCL YB . 36.23 22.16 -2.00
NB BCL YB . 40.69 16.29 3.47
C1B BCL YB . 39.80 17.14 4.11
C2B BCL YB . 39.46 16.63 5.38
C3B BCL YB . 40.14 15.41 5.53
C4B BCL YB . 40.91 15.24 4.31
CMB BCL YB . 38.51 17.34 6.33
CAB BCL YB . 40.13 14.47 6.64
OBB BCL YB . 41.01 13.61 6.79
CBB BCL YB . 39.02 14.47 7.66
NC BCL YB . 42.48 14.69 1.72
C1C BCL YB . 42.59 13.96 2.87
C2C BCL YB . 43.71 12.99 2.85
C3C BCL YB . 44.32 13.19 1.46
C4C BCL YB . 43.42 14.22 0.83
CMC BCL YB . 44.71 13.21 3.98
CAC BCL YB . 44.43 11.88 0.64
CBC BCL YB . 43.09 11.22 0.38
ND BCL YB . 42.28 16.77 -0.20
C1D BCL YB . 43.17 15.99 -0.94
C2D BCL YB . 43.53 16.63 -2.16
C3D BCL YB . 42.83 17.84 -2.15
C4D BCL YB . 42.10 17.89 -0.97
CMD BCL YB . 44.46 16.08 -3.20
CAD BCL YB . 42.44 18.97 -2.91
OBD BCL YB . 42.70 19.29 -4.08
CBD BCL YB . 41.53 19.85 -2.02
CGD BCL YB . 42.14 21.18 -1.81
O1D BCL YB . 43.24 21.36 -1.32
O2D BCL YB . 41.38 22.18 -2.19
CED BCL YB . 41.93 23.53 -2.01
C1 BCL YB . 34.96 22.16 -2.71
C2 BCL YB . 34.18 23.27 -2.05
C3 BCL YB . 33.47 24.21 -2.61
C4 BCL YB . 33.28 24.39 -4.11
C5 BCL YB . 32.76 25.24 -1.72
C6 BCL YB . 33.35 25.35 -0.32
C7 BCL YB . 32.60 26.33 0.58
C8 BCL YB . 32.58 27.80 0.18
C9 BCL YB . 34.01 28.39 0.22
C10 BCL YB . 31.66 28.56 1.14
C11 BCL YB . 30.96 29.80 0.63
C12 BCL YB . 29.83 30.23 1.56
C13 BCL YB . 28.85 31.20 0.90
C14 BCL YB . 27.66 31.53 1.78
C15 BCL YB . 28.35 30.49 -0.37
C16 BCL YB . 27.60 31.39 -1.34
C17 BCL YB . 26.77 30.70 -2.41
C18 BCL YB . 25.62 29.98 -1.75
C19 BCL YB . 24.82 29.34 -2.89
C20 BCL YB . 24.73 30.89 -0.90
MG BCL ZB . 42.52 14.96 -7.99
CHA BCL ZB . 40.20 17.10 -6.58
CHB BCL ZB . 41.92 16.46 -11.00
CHC BCL ZB . 44.14 12.42 -9.54
CHD BCL ZB . 42.44 13.03 -5.07
NA BCL ZB . 41.18 16.53 -8.66
C1A BCL ZB . 40.42 17.40 -7.89
C2A BCL ZB . 40.29 18.73 -8.57
C3A BCL ZB . 40.48 18.35 -10.05
C4A BCL ZB . 41.24 17.06 -9.95
CMA BCL ZB . 39.15 18.15 -10.77
CAA BCL ZB . 41.34 19.71 -8.07
CBA BCL ZB . 41.43 21.03 -8.85
CGA BCL ZB . 40.32 22.02 -8.64
O1A BCL ZB . 39.31 22.06 -9.25
O2A BCL ZB . 40.58 22.88 -7.69
NB BCL ZB . 42.94 14.48 -9.96
C1B BCL ZB . 42.64 15.27 -11.07
C2B BCL ZB . 43.18 14.68 -12.23
C3B BCL ZB . 43.82 13.49 -11.85
C4B BCL ZB . 43.66 13.41 -10.41
CMB BCL ZB . 43.04 15.30 -13.61
CAB BCL ZB . 44.51 12.50 -12.65
OBB BCL ZB . 45.32 11.69 -12.16
CBB BCL ZB . 44.29 12.40 -14.15
NC BCL ZB . 43.15 13.00 -7.40
C1C BCL ZB . 43.89 12.17 -8.18
C2C BCL ZB . 44.31 10.93 -7.47
C3C BCL ZB . 44.10 11.33 -6.01
C4C BCL ZB . 43.12 12.46 -6.13
CMC BCL ZB . 43.49 9.72 -7.90
CAC BCL ZB . 45.42 11.72 -5.30
CBC BCL ZB . 45.26 11.88 -3.80
ND BCL ZB . 41.52 14.99 -6.22
C1D BCL ZB . 41.62 14.20 -5.06
C2D BCL ZB . 40.84 14.73 -4.01
C3D BCL ZB . 40.26 15.88 -4.54
C4D BCL ZB . 40.68 15.99 -5.87
CMD BCL ZB . 40.72 14.14 -2.63
CAD BCL ZB . 39.53 17.07 -4.25
OBD BCL ZB . 38.86 17.40 -3.25
CBD BCL ZB . 39.69 18.03 -5.47
CGD BCL ZB . 38.45 18.74 -5.75
O1D BCL ZB . 38.24 19.91 -5.50
O2D BCL ZB . 37.52 18.00 -6.32
CED BCL ZB . 36.25 18.65 -6.64
C1 BCL ZB . 39.53 23.86 -7.47
C2 BCL ZB . 39.09 23.72 -6.03
C3 BCL ZB . 38.73 24.78 -5.36
C4 BCL ZB . 38.74 26.19 -5.93
C5 BCL ZB . 38.28 24.70 -3.91
C6 BCL ZB . 38.47 25.96 -3.08
C7 BCL ZB . 37.95 25.77 -1.67
C8 BCL ZB . 38.13 26.92 -0.68
C9 BCL ZB . 39.62 27.23 -0.46
C10 BCL ZB . 37.46 26.56 0.64
C11 BCL ZB . 37.77 25.14 1.07
C12 BCL ZB . 36.95 24.73 2.29
C13 BCL ZB . 37.36 25.48 3.56
C14 BCL ZB . 38.54 24.82 4.27
C15 BCL ZB . 36.16 25.48 4.52
C16 BCL ZB . 36.35 26.26 5.82
C17 BCL ZB . 36.32 27.79 5.85
C18 BCL ZB . 34.93 28.41 5.86
C19 BCL ZB . 34.34 28.17 4.45
C20 BCL ZB . 34.91 29.91 6.16
MG BCL AC . 33.97 35.26 -14.38
CHA BCL AC . 37.21 35.64 -15.49
CHB BCL AC . 32.97 37.24 -16.98
CHC BCL AC . 30.77 34.38 -13.77
CHD BCL AC . 35.01 32.57 -12.41
NA BCL AC . 34.99 36.27 -16.03
C1A BCL AC . 36.35 36.37 -16.25
C2A BCL AC . 36.67 37.60 -17.06
C3A BCL AC . 35.29 38.04 -17.59
C4A BCL AC . 34.33 37.11 -16.92
CMA BCL AC . 34.98 39.49 -17.21
CAA BCL AC . 37.66 37.31 -18.19
CBA BCL AC . 37.17 36.26 -19.19
CGA BCL AC . 38.09 36.03 -20.34
O1A BCL AC . 38.78 36.84 -20.83
O2A BCL AC . 38.06 34.80 -20.78
NB BCL AC . 32.14 35.70 -15.24
C1B BCL AC . 31.93 36.60 -16.29
C2B BCL AC . 30.55 36.75 -16.53
C3B BCL AC . 29.88 35.94 -15.61
C4B BCL AC . 30.92 35.29 -14.82
CMB BCL AC . 29.97 37.64 -17.60
CAB BCL AC . 28.43 35.82 -15.48
OBB BCL AC . 27.65 36.71 -15.87
CBB BCL AC . 27.78 34.59 -14.89
NC BCL AC . 33.03 33.70 -13.26
C1C BCL AC . 31.69 33.54 -13.14
C2C BCL AC . 31.30 32.41 -12.24
C3C BCL AC . 32.65 31.73 -11.99
C4C BCL AC . 33.64 32.72 -12.52
CMC BCL AC . 30.61 32.89 -10.97
CAC BCL AC . 32.77 30.33 -12.66
CBC BCL AC . 32.76 29.21 -11.66
ND BCL AC . 35.69 34.25 -14.04
C1D BCL AC . 36.03 33.24 -13.13
C2D BCL AC . 37.42 33.03 -13.10
C3D BCL AC . 37.96 33.94 -13.99
C4D BCL AC . 36.89 34.65 -14.54
CMD BCL AC . 38.14 32.00 -12.25
CAD BCL AC . 39.14 34.59 -14.44
OBD BCL AC . 40.33 34.38 -14.14
CBD BCL AC . 38.75 35.68 -15.47
CGD BCL AC . 39.32 36.97 -15.07
O1D BCL AC . 38.73 37.86 -14.50
O2D BCL AC . 40.60 37.09 -15.41
CED BCL AC . 41.25 38.34 -15.04
C1 BCL AC . 38.94 34.50 -21.90
C2 BCL AC . 39.88 33.43 -21.41
C3 BCL AC . 39.56 32.16 -21.37
C4 BCL AC . 38.21 31.59 -21.80
C5 BCL AC . 40.56 31.11 -20.86
C6 BCL AC . 40.12 29.67 -21.03
C7 BCL AC . 41.21 28.69 -20.56
C8 BCL AC . 40.90 27.23 -20.81
C9 BCL AC . 39.86 26.72 -19.80
C10 BCL AC . 42.19 26.41 -20.68
C11 BCL AC . 42.78 26.44 -19.29
C12 BCL AC . 44.16 25.78 -19.24
C13 BCL AC . 44.60 25.45 -17.80
C14 BCL AC . 44.61 26.69 -16.90
C15 BCL AC . 46.01 24.86 -17.86
C16 BCL AC . 46.08 23.55 -17.13
C17 BCL AC . 47.48 23.05 -16.74
C18 BCL AC . 47.40 21.78 -15.91
C19 BCL AC . 48.76 21.70 -15.17
C20 BCL AC . 47.13 20.51 -16.73
CAB KGD BC . 38.58 34.94 2.97
CAC KGD BC . 37.45 35.92 2.73
CAD KGD BC . 37.97 33.58 3.12
CAE KGD BC . 36.56 35.39 1.63
CAF KGD BC . 39.53 34.92 1.79
CAG KGD BC . 39.35 35.30 4.22
CAH KGD BC . 36.70 33.25 2.86
CAI KGD BC . 35.90 34.14 2.03
CAJ KGD BC . 38.86 32.60 3.70
CAK KGD BC . 35.91 32.37 3.76
CAL KGD BC . 38.90 31.36 3.21
CAM KGD BC . 39.84 30.43 3.79
CAN KGD BC . 40.77 30.98 4.81
CAO KGD BC . 39.84 29.15 3.39
CAP KGD BC . 40.82 28.26 3.95
CAQ KGD BC . 40.89 26.99 3.58
CAR KGD BC . 41.92 26.13 4.11
CAS KGD BC . 52.72 13.82 3.30
CAT KGD BC . 53.47 12.76 2.51
CAU KGD BC . 42.56 26.49 5.40
CAV KGD BC . 42.27 25.07 3.37
CAW KGD BC . 51.40 14.09 2.69
CAX KGD BC . 54.58 13.37 1.73
CAY KGD BC . 55.87 13.17 2.02
CAZ KGD BC . 50.68 13.03 1.95
CBA KGD BC . 50.87 15.31 2.82
CBB KGD BC . 43.31 24.18 3.75
CBC KGD BC . 56.94 13.80 1.20
CBD KGD BC . 56.27 12.32 3.17
CBE KGD BC . 49.59 15.69 2.28
CBF KGD BC . 49.04 16.83 2.67
CBG KGD BC . 43.66 23.22 2.88
CBH KGD BC . 47.77 17.30 2.18
CBI KGD BC . 44.74 22.32 3.17
CBJ KGD BC . 47.50 18.57 2.51
CBK KGD BC . 46.89 16.41 1.40
CBL KGD BC . 44.90 21.21 2.44
CBM KGD BC . 46.31 19.27 2.11
CBN KGD BC . 46.04 20.39 2.77
CBO KGD BC . 44.02 20.79 1.34
OAA KGD BC . 34.76 33.88 1.70
CAB KGD CC . 30.64 35.45 -0.48
CAC KGD CC . 29.21 35.63 -0.01
CAD KGD CC . 30.56 34.79 -1.82
CAE KGD CC . 28.46 36.47 -1.01
CAF KGD CC . 31.41 34.55 0.46
CAG KGD CC . 31.34 36.79 -0.59
CAH KGD CC . 29.61 35.03 -2.72
CAI KGD CC . 28.44 35.84 -2.37
CAJ KGD CC . 31.70 33.97 -2.18
CAK KGD CC . 29.84 34.91 -4.19
CAL KGD CC . 31.48 32.72 -2.59
CAM KGD CC . 32.56 31.83 -2.95
CAN KGD CC . 33.84 32.02 -2.24
CAO KGD CC . 32.32 30.92 -3.89
CAP KGD CC . 33.31 29.96 -4.30
CAQ KGD CC . 33.05 29.15 -5.32
CAR KGD CC . 33.98 28.10 -5.73
CAS KGD CC . 36.41 13.52 -12.97
CAT KGD CC . 35.61 12.23 -12.91
CAU KGD CC . 35.29 28.02 -5.04
CAV KGD CC . 33.57 27.26 -6.68
CAW KGD CC . 35.49 14.66 -13.20
CAX KGD CC . 35.65 11.64 -11.54
CAY KGD CC . 36.30 10.50 -11.27
CAZ KGD CC . 34.36 14.51 -14.14
CBA KGD CC . 35.73 15.80 -12.54
CBB KGD CC . 34.35 26.14 -7.14
CBC KGD CC . 37.02 9.76 -12.31
CBD KGD CC . 36.31 9.94 -9.89
CBE KGD CC . 34.92 16.99 -12.64
CBF KGD CC . 35.35 18.11 -12.06
CBG KGD CC . 33.91 25.42 -8.17
CBH KGD CC . 34.59 19.33 -12.04
CBI KGD CC . 34.61 24.24 -8.60
CBJ KGD CC . 34.90 20.16 -11.04
CBK KGD CC . 33.56 19.59 -13.08
CBL KGD CC . 34.18 23.54 -9.66
CBM KGD CC . 34.26 21.41 -10.76
CBN KGD CC . 34.86 22.32 -10.00
CBO KGD CC . 33.01 23.93 -10.49
OAA KGD CC . 27.51 35.99 -3.12
MG BCL DC . 36.19 17.20 18.39
CHA BCL DC . 36.74 20.19 16.73
CHB BCL DC . 33.71 18.75 20.13
CHC BCL DC . 36.25 14.66 20.64
CHD BCL DC . 39.24 16.01 17.11
NA BCL DC . 35.35 19.21 18.39
C1A BCL DC . 35.74 20.32 17.66
C2A BCL DC . 34.73 21.41 17.77
C3A BCL DC . 34.00 21.05 19.08
C4A BCL DC . 34.34 19.60 19.26
CMA BCL DC . 34.45 21.92 20.25
CAA BCL DC . 33.77 21.47 16.58
CBA BCL DC . 32.82 22.66 16.69
CGA BCL DC . 31.78 22.73 15.63
O1A BCL DC . 30.76 22.15 15.64
O2A BCL DC . 32.14 23.51 14.63
NB BCL DC . 35.20 16.79 20.15
C1B BCL DC . 34.11 17.51 20.64
C2B BCL DC . 33.51 16.82 21.71
C3B BCL DC . 34.21 15.62 21.89
C4B BCL DC . 35.26 15.64 20.88
CMB BCL DC . 32.31 17.34 22.48
CAB BCL DC . 33.99 14.60 22.88
OBB BCL DC . 34.92 13.99 23.42
CBB BCL DC . 32.59 14.21 23.31
NC BCL DC . 37.54 15.56 18.78
C1C BCL DC . 37.39 14.67 19.81
C2C BCL DC . 38.50 13.69 19.94
C3C BCL DC . 39.53 14.23 18.93
C4C BCL DC . 38.76 15.30 18.19
CMC BCL DC . 39.05 13.62 21.36
CAC BCL DC . 40.17 13.13 18.04
CBC BCL DC . 39.21 12.48 17.06
ND BCL DC . 37.69 17.91 17.19
C1D BCL DC . 38.88 17.34 16.72
C2D BCL DC . 39.58 18.24 15.90
C3D BCL DC . 38.79 19.39 15.84
C4D BCL DC . 37.67 19.15 16.64
CMD BCL DC . 40.92 17.98 15.26
CAD BCL DC . 38.53 20.60 15.15
OBD BCL DC . 39.12 21.13 14.18
CBD BCL DC . 37.30 21.28 15.82
CGD BCL DC . 37.69 22.52 16.51
O1D BCL DC . 38.60 22.62 17.30
O2D BCL DC . 36.94 23.56 16.17
CED BCL DC . 37.26 24.82 16.80
C1 BCL DC . 31.17 23.65 13.55
C2 BCL DC . 30.12 24.60 14.11
C3 BCL DC . 29.45 25.51 13.45
C4 BCL DC . 29.58 25.79 11.96
C5 BCL DC . 28.45 26.37 14.21
C6 BCL DC . 28.59 26.26 15.73
C7 BCL DC . 27.55 27.07 16.49
C8 BCL DC . 27.58 28.59 16.36
C9 BCL DC . 28.87 29.17 16.96
C10 BCL DC . 26.35 29.16 17.07
C11 BCL DC . 25.66 30.35 16.43
C12 BCL DC . 24.29 30.59 17.06
C13 BCL DC . 23.50 31.69 16.35
C14 BCL DC . 22.09 31.88 16.92
C15 BCL DC . 23.36 31.25 14.89
C16 BCL DC . 22.81 32.28 13.93
C17 BCL DC . 22.51 31.70 12.54
C18 BCL DC . 21.38 30.69 12.65
C19 BCL DC . 21.24 30.09 11.23
C20 BCL DC . 20.06 31.30 13.11
MG BCL EC . 40.64 17.83 10.19
CHA BCL EC . 37.78 19.56 11.01
CHB BCL EC . 40.88 19.80 7.42
CHC BCL EC . 42.91 15.68 8.92
CHD BCL EC . 39.81 15.41 12.59
NA BCL EC . 39.43 19.42 9.34
C1A BCL EC . 38.38 20.09 9.92
C2A BCL EC . 38.32 21.50 9.43
C3A BCL EC . 38.99 21.38 8.07
C4A BCL EC . 39.84 20.17 8.25
CMA BCL EC . 37.97 21.18 6.96
CAA BCL EC . 39.07 22.44 10.38
CBA BCL EC . 39.22 23.87 9.85
CGA BCL EC . 37.98 24.69 9.83
O1A BCL EC . 37.24 24.83 8.90
O2A BCL EC . 37.76 25.30 10.95
NB BCL EC . 41.70 17.71 8.44
C1B BCL EC . 41.73 18.68 7.44
C2B BCL EC . 42.71 18.37 6.48
C3B BCL EC . 43.31 17.16 6.88
C4B BCL EC . 42.66 16.79 8.12
CMB BCL EC . 43.00 19.23 5.27
CAB BCL EC . 44.35 16.37 6.24
OBB BCL EC . 45.05 15.56 6.86
CBB BCL EC . 44.64 16.49 4.76
NC BCL EC . 41.24 15.83 10.68
C1C BCL EC . 42.26 15.18 10.06
C2C BCL EC . 42.51 13.83 10.64
C3C BCL EC . 41.82 13.95 12.00
C4C BCL EC . 40.84 15.06 11.75
CMC BCL EC . 41.96 12.70 9.79
CAC BCL EC . 42.80 14.27 13.15
CBC BCL EC . 42.16 14.19 14.53
ND BCL EC . 39.14 17.52 11.52
C1D BCL EC . 38.89 16.50 12.45
C2D BCL EC . 37.67 16.74 13.15
C3D BCL EC . 37.18 17.93 12.62
C4D BCL EC . 38.08 18.36 11.66
CMD BCL EC . 37.08 15.84 14.22
CAD BCL EC . 36.24 19.00 12.77
OBD BCL EC . 35.19 19.08 13.41
CBD BCL EC . 36.79 20.21 11.97
CGD BCL EC . 35.68 20.99 11.39
O1D BCL EC . 35.42 22.15 11.66
O2D BCL EC . 34.95 20.34 10.51
CED BCL EC . 33.84 21.07 9.93
C1 BCL EC . 36.57 26.14 10.96
C2 BCL EC . 35.79 25.74 12.19
C3 BCL EC . 35.22 26.68 12.89
C4 BCL EC . 35.29 28.17 12.57
C5 BCL EC . 34.41 26.35 14.15
C6 BCL EC . 34.24 27.48 15.14
C7 BCL EC . 33.38 27.05 16.33
C8 BCL EC . 33.22 28.08 17.46
C9 BCL EC . 34.56 28.36 18.15
C10 BCL EC . 32.20 27.53 18.46
C11 BCL EC . 32.40 26.05 18.69
C12 BCL EC . 31.27 25.47 19.53
C13 BCL EC . 31.25 26.07 20.94
C14 BCL EC . 32.32 25.45 21.84
C15 BCL EC . 29.88 25.77 21.56
C16 BCL EC . 29.64 26.38 22.93
C17 BCL EC . 29.36 27.89 23.10
C18 BCL EC . 28.00 28.35 22.59
C19 BCL EC . 28.20 28.70 21.10
C20 BCL EC . 27.45 29.58 23.33
MG BCL FC . 32.58 38.37 4.35
CHA BCL FC . 35.91 39.23 4.47
CHB BCL FC . 32.18 40.66 1.84
CHC BCL FC . 29.44 37.24 3.90
CHD BCL FC . 33.35 35.37 6.00
NA BCL FC . 33.91 39.73 3.30
C1A BCL FC . 35.24 40.00 3.56
C2A BCL FC . 35.65 41.33 3.01
C3A BCL FC . 34.47 41.73 2.12
C4A BCL FC . 33.46 40.64 2.35
CMA BCL FC . 33.89 43.08 2.51
CAA BCL FC . 36.98 41.26 2.24
CBA BCL FC . 36.93 40.29 1.05
CGA BCL FC . 38.13 40.35 0.16
O1A BCL FC . 38.83 41.29 0.00
O2A BCL FC . 38.39 39.21 -0.44
NB BCL FC . 31.05 38.83 3.04
C1B BCL FC . 31.04 39.89 2.14
C2B BCL FC . 29.76 40.07 1.60
C3B BCL FC . 28.92 39.10 2.18
C4B BCL FC . 29.78 38.34 3.07
CMB BCL FC . 29.42 41.14 0.59
CAB BCL FC . 27.49 38.96 1.90
OBB BCL FC . 26.87 39.76 1.18
CBB BCL FC . 26.67 37.82 2.46
NC BCL FC . 31.55 36.57 4.88
C1C BCL FC . 30.25 36.31 4.56
C2C BCL FC . 29.73 35.07 5.18
C3C BCL FC . 30.99 34.44 5.79
C4C BCL FC . 32.05 35.47 5.52
CMC BCL FC . 28.62 35.31 6.19
CAC BCL FC . 31.33 33.05 5.20
CBC BCL FC . 31.14 31.93 6.21
ND BCL FC . 34.24 37.42 5.03
C1D BCL FC . 34.43 36.27 5.80
C2D BCL FC . 35.75 36.18 6.27
C3D BCL FC . 36.40 37.31 5.79
C4D BCL FC . 35.46 38.03 5.06
CMD BCL FC . 36.31 35.05 7.12
CAD BCL FC . 37.61 38.05 5.76
OBD BCL FC . 38.72 37.82 6.28
CBD BCL FC . 37.37 39.34 4.92
CGD BCL FC . 37.71 40.52 5.72
O1D BCL FC . 36.90 41.22 6.32
O2D BCL FC . 38.99 40.80 5.73
CED BCL FC . 39.42 41.95 6.51
C1 BCL FC . 39.55 39.19 -1.32
C2 BCL FC . 40.48 38.14 -0.75
C3 BCL FC . 40.34 36.86 -1.00
C4 BCL FC . 39.26 36.25 -1.87
C5 BCL FC . 41.31 35.82 -0.41
C6 BCL FC . 41.04 34.37 -0.77
C7 BCL FC . 42.13 33.44 -0.23
C8 BCL FC . 41.99 31.98 -0.67
C9 BCL FC . 40.76 31.33 0.01
C10 BCL FC . 43.25 31.20 -0.29
C11 BCL FC . 43.42 31.09 1.21
C12 BCL FC . 44.74 30.43 1.61
C13 BCL FC . 44.78 30.03 3.09
C14 BCL FC . 44.48 31.21 4.03
C15 BCL FC . 46.16 29.48 3.43
C16 BCL FC . 46.09 28.15 4.16
C17 BCL FC . 47.32 27.58 4.88
C18 BCL FC . 47.04 26.20 5.46
C19 BCL FC . 47.86 26.14 6.77
C20 BCL FC . 47.37 25.03 4.52
CAB KGD GC . 25.89 36.23 16.77
CAC KGD GC . 24.40 36.21 17.01
CAD KGD GC . 26.09 35.85 15.36
CAE KGD GC . 23.75 37.23 16.12
CAF KGD GC . 26.45 37.61 16.98
CAG KGD GC . 26.59 35.25 17.69
CAH KGD GC . 25.25 36.19 14.38
CAI KGD GC . 24.08 37.02 14.67
CAJ KGD GC . 27.37 35.25 15.05
CAK KGD GC . 25.56 36.02 12.94
CAL KGD GC . 27.40 33.99 14.60
CAM KGD GC . 28.66 33.35 14.32
CAN KGD GC . 29.78 33.66 15.24
CAO KGD GC . 28.75 32.52 13.28
CAP KGD GC . 29.97 31.80 13.00
CAQ KGD GC . 30.01 30.97 11.95
CAR KGD GC . 31.16 30.16 11.63
CAS KGD GC . 36.55 16.87 3.15
CAT KGD GC . 35.72 15.72 3.72
CAU KGD GC . 32.40 30.32 12.42
CAV KGD GC . 30.99 29.28 10.63
CAW KGD GC . 35.71 18.09 3.05
CAX KGD GC . 36.57 14.79 4.51
CAY KGD GC . 36.29 13.49 4.58
CAZ KGD GC . 34.82 18.23 1.88
CBA KGD GC . 35.76 19.01 4.02
CBB KGD GC . 31.98 28.33 10.19
CBC KGD GC . 37.14 12.56 5.36
CBD KGD GC . 35.12 12.92 3.86
CBE KGD GC . 34.94 20.21 4.01
CBF KGD GC . 35.29 21.30 4.70
CBG KGD GC . 31.92 27.81 8.97
CBH KGD GC . 34.42 22.46 4.71
CBI KGD GC . 32.86 26.77 8.60
CBJ KGD GC . 34.32 23.11 5.88
CBK KGD GC . 33.70 22.84 3.48
CBL KGD GC . 32.78 26.16 7.41
CBM KGD GC . 33.47 24.25 6.10
CBN KGD GC . 33.68 25.08 7.13
CBO KGD GC . 31.77 26.50 6.39
OAA KGD GC . 23.41 37.51 13.79
CAB KGD HC . 31.90 35.23 21.77
CAC KGD HC . 30.78 36.23 21.56
CAD KGD HC . 31.25 33.91 21.81
CAE KGD HC . 30.09 35.91 20.25
CAF KGD HC . 32.60 35.46 23.09
CAG KGD HC . 32.90 35.29 20.65
CAH KGD HC . 30.13 33.58 21.18
CAI KGD HC . 29.58 34.50 20.20
CAJ KGD HC . 31.94 32.91 22.59
CAK KGD HC . 29.15 32.62 21.73
CAL KGD HC . 32.24 31.75 22.03
CAM KGD HC . 32.95 30.78 22.81
CAN KGD HC . 33.23 31.14 24.22
CAO KGD HC . 33.34 29.65 22.22
CAP KGD HC . 34.09 28.72 22.99
CAQ KGD HC . 34.84 27.86 22.31
CAR KGD HC . 35.67 26.91 22.99
CAS KGD HC . 46.47 14.92 23.53
CAT KGD HC . 47.47 13.98 22.91
CAU KGD HC . 35.94 27.09 24.43
CAV KGD HC . 36.18 25.93 22.24
CAW KGD HC . 45.50 15.35 22.51
CAX KGD HC . 48.83 14.59 22.97
CAY KGD HC . 49.85 13.95 23.52
CAZ KGD HC . 45.35 14.55 21.28
CBA KGD HC . 44.79 16.44 22.73
CBB KGD HC . 37.07 24.95 22.77
CBC KGD HC . 49.67 12.59 24.10
CBD KGD HC . 51.20 14.57 23.58
CBE KGD HC . 43.84 16.94 21.79
CBF KGD HC . 42.98 17.86 22.22
CBG KGD HC . 37.60 24.10 21.90
CBH KGD HC . 41.99 18.44 21.38
CBI KGD HC . 38.54 23.13 22.33
CBJ KGD HC . 41.49 19.57 21.87
CBK KGD HC . 41.60 17.82 20.10
CBL KGD HC . 38.95 22.18 21.49
CBM KGD HC . 40.50 20.36 21.23
CBN KGD HC . 39.92 21.28 21.99
CBO KGD HC . 38.48 22.03 20.10
OAA KGD HC . 28.74 34.16 19.40
MG BCL IC . 26.79 15.41 33.74
CHA BCL IC . 27.47 18.62 32.63
CHB BCL IC . 23.72 16.52 34.73
CHC BCL IC . 26.38 12.57 35.53
CHD BCL IC . 30.19 14.66 33.45
NA BCL IC . 25.77 17.33 33.66
C1A BCL IC . 26.24 18.54 33.19
C2A BCL IC . 25.15 19.55 33.12
C3A BCL IC . 24.08 18.95 34.05
C4A BCL IC . 24.49 17.53 34.17
CMA BCL IC . 24.07 19.64 35.42
CAA BCL IC . 24.65 19.73 31.69
CBA BCL IC . 23.55 20.78 31.58
CGA BCL IC . 22.92 20.83 30.24
O1A BCL IC . 22.11 20.08 29.85
O2A BCL IC . 23.37 21.82 29.51
NB BCL IC . 25.33 14.68 34.99
C1B BCL IC . 24.05 15.22 35.13
C2B BCL IC . 23.17 14.28 35.70
C3B BCL IC . 23.91 13.11 35.93
C4B BCL IC . 25.26 13.41 35.50
CMB BCL IC . 21.71 14.57 35.98
CAB BCL IC . 23.49 11.82 36.48
OBB BCL IC . 24.30 11.00 36.94
CBB BCL IC . 22.03 11.42 36.52
NC BCL IC . 28.10 13.85 34.38
C1C BCL IC . 27.70 12.78 35.15
C2C BCL IC . 28.82 11.86 35.49
C3C BCL IC . 30.05 12.59 34.94
C4C BCL IC . 29.45 13.75 34.18
CMC BCL IC . 28.91 11.56 36.98
CAC BCL IC . 30.97 11.69 34.08
CBC BCL IC . 30.31 11.23 32.80
ND BCL IC . 28.51 16.40 33.24
C1D BCL IC . 29.81 15.96 33.02
C2D BCL IC . 30.58 16.95 32.35
C3D BCL IC . 29.72 18.02 32.17
C4D BCL IC . 28.50 17.66 32.71
CMD BCL IC . 32.03 16.79 31.95
CAD BCL IC . 29.54 19.28 31.55
OBD BCL IC . 30.29 19.95 30.82
CBD BCL IC . 28.12 19.80 31.93
CGD BCL IC . 28.22 21.04 32.72
O1D BCL IC . 29.01 21.23 33.62
O2D BCL IC . 27.34 21.96 32.37
CED BCL IC . 27.35 23.21 33.10
C1 BCL IC . 22.81 21.97 28.17
C2 BCL IC . 21.43 22.58 28.39
C3 BCL IC . 21.02 23.74 27.95
C4 BCL IC . 21.87 24.70 27.10
C5 BCL IC . 19.62 24.24 28.24
C6 BCL IC . 19.54 25.28 29.36
C7 BCL IC . 18.12 25.75 29.65
C8 BCL IC . 18.07 26.82 30.74
C9 BCL IC . 18.93 26.43 31.96
C10 BCL IC . 16.61 27.07 31.18
C11 BCL IC . 15.79 27.80 30.13
C12 BCL IC . 14.36 28.09 30.59
C13 BCL IC . 13.73 29.22 29.76
C14 BCL IC . 12.25 29.43 30.10
C15 BCL IC . 13.85 28.84 28.28
C16 BCL IC . 13.49 29.95 27.31
C17 BCL IC . 13.75 29.63 25.82
C18 BCL IC . 12.74 28.65 25.25
C19 BCL IC . 13.27 28.34 23.84
C20 BCL IC . 11.31 29.17 25.19
CAB KGD JC . 15.07 33.66 30.84
CAC KGD JC . 13.61 33.43 30.51
CAD KGD JC . 15.78 33.58 29.55
CAE KGD JC . 13.16 34.54 29.61
CAF KGD JC . 15.60 32.57 31.76
CAG KGD JC . 15.28 35.01 31.49
CAH KGD JC . 15.29 34.02 28.39
CAI KGD JC . 13.97 34.67 28.37
CAJ KGD JC . 17.13 33.06 29.60
CAK KGD JC . 16.10 34.20 27.17
CAL KGD JC . 17.38 31.90 28.99
CAM KGD JC . 18.70 31.32 29.04
CAN KGD JC . 19.54 31.65 30.21
CAO KGD JC . 19.06 30.53 28.02
CAP KGD JC . 20.34 29.87 27.99
CAQ KGD JC . 20.89 29.52 26.84
CAR KGD JC . 22.14 28.80 26.79
CAS KGD JC . 31.15 17.62 18.39
CAT KGD JC . 30.31 16.43 18.87
CAU KGD JC . 22.98 28.75 28.03
CAV KGD JC . 22.46 28.20 25.65
CAW KGD JC . 30.23 18.76 18.24
CAX KGD JC . 31.17 15.25 19.13
CAY KGD JC . 30.63 14.09 19.53
CAZ KGD JC . 29.79 19.18 16.87
CBA KGD JC . 29.80 19.39 19.33
CBB KGD JC . 23.64 27.39 25.49
CBC KGD JC . 31.48 12.91 19.80
CBD KGD JC . 29.17 13.96 19.73
CBE KGD JC . 28.88 20.50 19.31
CBF KGD JC . 28.82 21.36 20.32
CBG KGD JC . 23.86 26.83 24.30
CBH KGD JC . 27.86 22.43 20.31
CBI KGD JC . 24.97 25.96 24.08
CBJ KGD JC . 27.50 22.92 21.50
CBK KGD JC . 27.31 22.91 19.01
CBL KGD JC . 25.42 25.68 22.84
CBM KGD JC . 26.51 23.94 21.66
CBN KGD JC . 26.49 24.73 22.73
CBO KGD JC . 24.86 26.27 21.60
OAA KGD JC . 13.58 35.29 27.40
MG BCL KC . 33.22 17.25 26.89
CHA BCL KC . 30.13 18.75 27.19
CHB BCL KC . 34.05 19.61 24.60
CHC BCL KC . 35.85 15.33 25.93
CHD BCL KC . 32.01 14.52 28.72
NA BCL KC . 32.17 18.92 26.00
C1A BCL KC . 30.96 19.47 26.38
C2A BCL KC . 30.91 20.93 26.05
C3A BCL KC . 31.95 21.03 24.93
C4A BCL KC . 32.81 19.83 25.16
CMA BCL KC . 31.31 21.00 23.55
CAA BCL KC . 31.27 21.77 27.27
CBA BCL KC . 31.44 23.26 26.98
CGA BCL KC . 30.19 24.06 26.82
O1A BCL KC . 29.63 24.27 25.80
O2A BCL KC . 29.76 24.56 27.94
NB BCL KC . 34.70 17.41 25.46
C1B BCL KC . 34.92 18.52 24.65
C2B BCL KC . 36.12 18.37 23.94
C3B BCL KC . 36.67 17.13 24.29
C4B BCL KC . 35.75 16.56 25.27
CMB BCL KC . 36.64 19.42 22.98
CAB BCL KC . 37.90 16.48 23.84
OBB BCL KC . 38.36 15.47 24.40
CBB BCL KC . 38.68 16.99 22.66
NC BCL KC . 33.82 15.22 27.25
C1C BCL KC . 34.99 14.67 26.81
C2C BCL KC . 35.18 13.28 27.30
C3C BCL KC . 34.19 13.21 28.47
C4C BCL KC . 33.23 14.31 28.10
CMC BCL KC . 34.94 12.23 26.23
CAC BCL KC . 34.88 13.42 29.84
CBC BCL KC . 33.96 13.16 31.01
ND BCL KC . 31.48 16.71 27.78
C1D BCL KC . 31.08 15.58 28.50
C2D BCL KC . 29.73 15.68 28.92
C3D BCL KC . 29.28 16.91 28.43
C4D BCL KC . 30.36 17.49 27.76
CMD BCL KC . 28.98 14.64 29.71
CAD BCL KC . 28.25 17.89 28.45
OBD BCL KC . 27.06 17.81 28.80
CBD BCL KC . 28.87 19.23 27.95
CGD BCL KC . 27.90 20.01 27.16
O1D BCL KC . 27.27 20.96 27.57
O2D BCL KC . 27.75 19.58 25.92
CED BCL KC . 26.81 20.31 25.08
C1 BCL KC . 28.56 25.37 27.79
C2 BCL KC . 27.47 24.70 28.61
C3 BCL KC . 26.51 25.44 29.10
C4 BCL KC . 26.41 26.95 28.90
C5 BCL KC . 25.38 24.84 29.92
C6 BCL KC . 24.82 25.75 31.00
C7 BCL KC . 23.67 25.06 31.75
C8 BCL KC . 23.09 25.81 32.94
C9 BCL KC . 24.13 25.96 34.07
C10 BCL KC . 21.87 25.05 33.45
C11 BCL KC . 22.14 23.55 33.50
C12 BCL KC . 20.87 22.79 33.84
C13 BCL KC . 20.37 23.10 35.26
C14 BCL KC . 21.15 22.34 36.32
C15 BCL KC . 18.90 22.66 35.33
C16 BCL KC . 18.19 22.95 36.64
C17 BCL KC . 17.72 24.37 36.99
C18 BCL KC . 16.56 24.89 36.16
C19 BCL KC . 17.18 25.47 34.87
C20 BCL KC . 15.73 25.98 36.84
MG BCL LC . 25.50 38.23 21.98
CHA BCL LC . 28.56 39.18 23.24
CHB BCL LC . 25.64 40.92 19.87
CHC BCL LC . 22.78 37.04 20.37
CHD BCL LC . 25.97 35.06 23.39
NA BCL LC . 26.96 39.80 21.61
C1A BCL LC . 28.10 40.10 22.33
C2A BCL LC . 28.48 41.53 22.20
C3A BCL LC . 27.51 42.08 21.13
C4A BCL LC . 26.69 40.88 20.76
CMA BCL LC . 26.63 43.19 21.69
CAA BCL LC . 29.95 41.72 21.80
CBA BCL LC . 30.31 41.05 20.46
CGA BCL LC . 31.71 41.28 20.02
O1A BCL LC . 32.30 42.30 20.09
O2A BCL LC . 32.27 40.19 19.52
NB BCL LC . 24.42 38.84 20.33
C1B BCL LC . 24.55 40.05 19.67
C2B BCL LC . 23.46 40.26 18.80
C3B BCL LC . 22.61 39.16 18.91
C4B BCL LC . 23.24 38.28 19.89
CMB BCL LC . 23.32 41.48 17.92
CAB BCL LC . 21.36 38.98 18.19
OBB BCL LC . 20.73 39.94 17.74
CBB BCL LC . 20.77 37.61 17.95
NC BCL LC . 24.55 36.32 21.89
C1C BCL LC . 23.40 36.07 21.18
C2C BCL LC . 22.97 34.65 21.23
C3C BCL LC . 23.96 34.03 22.24
C4C BCL LC . 24.88 35.18 22.57
CMC BCL LC . 21.52 34.48 21.64
CAC BCL LC . 24.72 32.81 21.70
CBC BCL LC . 23.90 31.54 21.74
ND BCL LC . 26.95 37.27 23.04
C1D BCL LC . 27.01 36.00 23.62
C2D BCL LC . 28.18 35.85 24.40
C3D BCL LC . 28.85 37.07 24.30
C4D BCL LC . 28.08 37.89 23.48
CMD BCL LC . 28.58 34.61 25.16
CAD BCL LC . 29.86 37.89 24.85
OBD BCL LC . 30.72 37.66 25.72
CBD BCL LC . 29.79 39.28 24.15
CGD BCL LC . 29.74 40.35 25.16
O1D BCL LC . 28.76 40.99 25.45
O2D BCL LC . 30.90 40.55 25.76
CED BCL LC . 30.95 41.58 26.79
C1 BCL LC . 33.64 40.31 19.05
C2 BCL LC . 34.39 39.17 19.74
C3 BCL LC . 34.28 37.92 19.36
C4 BCL LC . 33.39 37.44 18.22
C5 BCL LC . 35.05 36.81 20.07
C6 BCL LC . 35.25 35.53 19.27
C7 BCL LC . 36.09 34.52 20.03
C8 BCL LC . 36.36 33.22 19.28
C9 BCL LC . 35.10 32.32 19.28
C10 BCL LC . 37.51 32.46 19.94
C11 BCL LC . 37.18 31.98 21.34
C12 BCL LC . 38.40 31.39 22.04
C13 BCL LC . 38.05 30.58 23.29
C14 BCL LC . 37.30 31.41 24.34
C15 BCL LC . 39.35 30.07 23.90
C16 BCL LC . 39.21 28.61 24.30
C17 BCL LC . 40.28 28.00 25.21
C18 BCL LC . 39.97 26.54 25.49
C19 BCL LC . 40.48 26.30 26.93
C20 BCL LC . 40.60 25.55 24.50
CAB KGD MC . 19.18 32.02 36.87
CAC KGD MC . 17.78 32.51 36.52
CAD KGD MC . 19.22 30.54 36.60
CAE KGD MC . 17.37 32.04 35.13
CAF KGD MC . 20.22 32.68 36.00
CAG KGD MC . 19.50 32.30 38.33
CAH KGD MC . 18.69 29.98 35.52
CAI KGD MC . 17.46 30.55 35.02
CAJ KGD MC . 20.12 29.78 37.42
CAK KGD MC . 19.54 29.41 34.46
CAL KGD MC . 19.97 28.45 37.49
CAM KGD MC . 20.88 27.67 38.30
CAN KGD MC . 20.91 27.97 39.75
CAO KGD MC . 21.63 26.74 37.70
CAP KGD MC . 22.56 25.94 38.45
CAQ KGD MC . 23.14 24.88 37.86
CAR KGD MC . 24.09 24.05 38.58
CAS KGD MC . 35.93 12.82 41.02
CAT KGD MC . 36.08 11.31 41.09
CAU KGD MC . 24.19 24.22 40.05
CAV KGD MC . 24.83 23.18 37.87
CAW KGD MC . 35.01 13.19 39.91
CAX KGD MC . 35.69 10.84 42.45
CAY KGD MC . 36.26 9.77 43.01
CAZ KGD MC . 35.08 12.44 38.63
CBA KGD MC . 34.16 14.20 40.08
CBB KGD MC . 25.81 22.34 38.53
CBC KGD MC . 35.84 9.31 44.36
CBD KGD MC . 37.32 9.01 42.31
CBE KGD MC . 33.24 14.63 39.05
CBF KGD MC . 32.53 15.74 39.26
CBG KGD MC . 26.43 21.38 37.82
CBH KGD MC . 31.59 16.25 38.29
CBI KGD MC . 27.43 20.57 38.45
CBJ KGD MC . 30.86 17.31 38.69
CBK KGD MC . 31.49 15.63 36.96
CBL KGD MC . 28.17 19.71 37.74
CBM KGD MC . 29.89 17.96 37.88
CBN KGD MC . 29.16 18.94 38.44
CBO KGD MC . 28.03 19.50 36.28
OAA KGD MC . 16.57 29.87 34.55
MG BCL NC . 1.26 -0.88 13.41
CHA BCL NC . 4.04 1.06 12.77
CHB BCL NC . 0.43 1.33 15.87
CHC BCL NC . -1.89 -2.13 13.44
CHD BCL NC . 1.79 -2.54 10.38
NA BCL NC . 2.14 0.94 14.18
C1A BCL NC . 3.31 1.58 13.79
C2A BCL NC . 3.45 2.89 14.50
C3A BCL NC . 2.62 2.63 15.76
C4A BCL NC . 1.62 1.65 15.25
CMA BCL NC . 3.45 2.05 16.89
CAA BCL NC . 2.88 4.06 13.71
CBA BCL NC . 3.30 4.25 12.26
CGA BCL NC . 2.13 4.60 11.41
O1A BCL NC . 1.57 3.85 10.69
O2A BCL NC . 1.74 5.84 11.52
NB BCL NC . -0.46 -0.51 14.50
C1B BCL NC . -0.63 0.53 15.42
C2B BCL NC . -1.98 0.65 15.78
C3B BCL NC . -2.68 -0.36 15.10
C4B BCL NC . -1.69 -1.05 14.30
CMB BCL NC . -2.49 1.70 16.75
CAB BCL NC . -4.08 -0.71 15.15
OBB BCL NC . -4.65 -1.34 14.22
CBB BCL NC . -4.95 -0.36 16.33
NC BCL NC . 0.13 -2.16 12.11
C1C BCL NC . -1.17 -2.54 12.31
C2C BCL NC . -1.60 -3.61 11.39
C3C BCL NC . -0.60 -3.45 10.24
C4C BCL NC . 0.54 -2.72 10.92
CMC BCL NC . -1.59 -4.99 12.02
CAC BCL NC . -1.20 -2.71 9.03
CBC BCL NC . -0.26 -2.66 7.84
ND BCL NC . 2.56 -0.76 11.86
C1D BCL NC . 2.76 -1.57 10.73
C2D BCL NC . 3.98 -1.25 10.09
C3D BCL NC . 4.56 -0.23 10.84
C4D BCL NC . 3.66 0.05 11.88
CMD BCL NC . 4.51 -1.93 8.84
CAD BCL NC . 5.77 0.41 11.19
OBD BCL NC . 6.89 0.39 10.63
CBD BCL NC . 5.54 1.23 12.50
CGD BCL NC . 6.41 0.75 13.58
O1D BCL NC . 6.58 -0.41 13.89
O2D BCL NC . 7.02 1.72 14.24
CED BCL NC . 7.87 1.32 15.35
C1 BCL NC . 0.59 6.23 10.72
C2 BCL NC . -0.38 6.91 11.68
C3 BCL NC . -0.37 8.21 11.89
C4 BCL NC . 0.58 9.19 11.23
C5 BCL NC . -1.35 8.85 12.88
C6 BCL NC . -0.93 8.81 14.35
C7 BCL NC . -0.87 7.39 14.88
C8 BCL NC . -0.04 7.19 16.15
C9 BCL NC . 1.46 7.25 15.83
C10 BCL NC . -0.38 5.83 16.77
C11 BCL NC . 0.36 5.45 18.04
C12 BCL NC . -0.36 4.34 18.79
C13 BCL NC . 0.37 3.90 20.07
C14 BCL NC . 1.54 2.96 19.79
C15 BCL NC . -0.64 3.17 20.96
C16 BCL NC . -0.06 2.61 22.24
C17 BCL NC . -0.88 2.91 23.50
C18 BCL NC . -0.22 2.34 24.73
C19 BCL NC . -1.04 2.90 25.90
C20 BCL NC . 1.26 2.76 24.88
MG BCL OC . 1.42 -5.97 2.85
CHA BCL OC . -1.42 -5.44 4.77
CHB BCL OC . 1.16 -2.74 1.80
CHC BCL OC . 4.60 -6.12 1.71
CHD BCL OC . 2.01 -8.88 4.68
NA BCL OC . 0.03 -4.33 3.26
C1A BCL OC . -1.10 -4.33 4.06
C2A BCL OC . -1.96 -3.13 3.80
C3A BCL OC . -1.15 -2.34 2.75
C4A BCL OC . 0.14 -3.08 2.65
CMA BCL OC . -1.83 -2.30 1.39
CAA BCL OC . -2.26 -2.35 5.08
CBA BCL OC . -3.27 -1.21 4.91
CGA BCL OC . -3.59 -0.45 6.15
O1A BCL OC . -3.03 0.52 6.53
O2A BCL OC . -4.61 -0.92 6.85
NB BCL OC . 2.70 -4.65 1.91
C1B BCL OC . 2.40 -3.34 1.54
C2B BCL OC . 3.51 -2.74 0.93
C3B BCL OC . 4.53 -3.70 0.87
C4B BCL OC . 3.98 -4.89 1.51
CMB BCL OC . 3.50 -1.30 0.43
CAB BCL OC . 5.88 -3.64 0.31
OBB BCL OC . 6.74 -4.50 0.54
CBB BCL OC . 6.31 -2.50 -0.58
NC BCL OC . 3.05 -7.32 3.15
C1C BCL OC . 4.29 -7.18 2.57
C2C BCL OC . 5.23 -8.28 2.91
C3C BCL OC . 4.39 -9.16 3.87
C4C BCL OC . 3.09 -8.43 3.96
CMC BCL OC . 5.75 -9.08 1.70
CAC BCL OC . 5.09 -9.40 5.27
CBC BCL OC . 6.29 -10.30 5.15
ND BCL OC . 0.54 -6.97 4.39
C1D BCL OC . 0.85 -8.18 5.04
C2D BCL OC . -0.12 -8.51 6.01
C3D BCL OC . -1.06 -7.47 5.96
C4D BCL OC . -0.62 -6.58 4.99
CMD BCL OC . -0.09 -9.74 6.89
CAD BCL OC . -2.25 -6.95 6.50
OBD BCL OC . -2.99 -7.40 7.40
CBD BCL OC . -2.55 -5.61 5.79
CGD BCL OC . -3.92 -5.62 5.24
O1D BCL OC . -4.26 -6.17 4.22
O2D BCL OC . -4.79 -4.94 5.98
CED BCL OC . -6.17 -4.92 5.52
C1 BCL OC . -4.95 -0.19 8.07
C2 BCL OC . -5.35 -1.23 9.08
C3 BCL OC . -5.64 -1.04 10.35
C4 BCL OC . -6.04 -2.14 11.33
C5 BCL OC . -5.60 0.35 11.01
C6 BCL OC . -6.65 0.56 12.09
C7 BCL OC . -6.52 1.90 12.81
C8 BCL OC . -7.62 2.01 13.87
C9 BCL OC . -8.79 2.88 13.34
C10 BCL OC . -7.10 2.61 15.18
C11 BCL OC . -7.01 4.11 15.40
C12 BCL OC . -6.72 4.43 16.88
C13 BCL OC . -5.30 4.06 17.31
C14 BCL OC . -5.23 3.58 18.75
C15 BCL OC . -4.45 5.32 17.17
C16 BCL OC . -4.66 6.37 18.25
C17 BCL OC . -3.92 7.70 18.03
C18 BCL OC . -3.91 8.60 19.26
C19 BCL OC . -3.37 9.95 18.76
C20 BCL OC . -3.05 8.05 20.40
C1 BPB PC . -10.35 6.54 19.11
C2 BPB PC . -9.30 5.99 20.02
C3 BPB PC . -8.54 6.71 20.86
C4 BPB PC . -8.66 8.19 21.03
C5 BPB PC . -7.51 6.09 21.74
C6 BPB PC . -7.66 4.60 22.04
C7 BPB PC . -6.33 3.94 22.40
C8 BPB PC . -6.49 2.43 22.61
C9 BPB PC . -7.95 2.05 22.79
NA BPB PC . -6.99 7.38 12.68
NB BPB PC . -4.95 5.65 11.21
NC BPB PC . -6.39 5.87 8.61
ND BPB PC . -8.12 7.78 9.90
C10 BPB PC . -5.66 1.91 23.79
C11 BPB PC . -4.80 0.68 23.52
C12 BPB PC . -5.42 -0.30 22.54
C13 BPB PC . -4.83 -0.25 21.12
C14 BPB PC . -5.75 -0.98 20.15
C15 BPB PC . -3.42 -0.82 21.10
C16 BPB PC . -2.68 -0.66 19.78
C17 BPB PC . -1.19 -0.93 19.93
C18 BPB PC . -0.40 -0.96 18.61
C19 BPB PC . -0.75 -2.17 17.77
C1A BPB PC . -7.88 8.37 13.01
O1A BPB PC . -8.75 8.42 18.10
C1B BPB PC . -4.52 5.64 12.50
C1C BPB PC . -5.50 4.97 8.28
C1D BPB PC . -8.63 7.90 8.63
O1D BPB PC . -8.41 11.79 12.03
C20 BPB PC . 1.10 -0.92 18.90
C2A BPB PC . -7.51 9.02 14.33
O2A BPB PC . -9.90 6.54 17.73
C2B BPB PC . -3.53 4.58 12.61
C2C BPB PC . -5.57 4.59 6.82
C2D BPB PC . -9.73 8.79 8.68
O2D BPB PC . -9.89 11.79 13.69
C3A BPB PC . -6.28 8.21 14.77
C3B BPB PC . -3.42 4.01 11.37
C3C BPB PC . -6.44 5.71 6.25
C3D BPB PC . -9.83 9.16 10.03
C4A BPB PC . -6.06 7.29 13.59
C4B BPB PC . -4.33 4.69 10.48
C4C BPB PC . -7.04 6.32 7.50
C4D BPB PC . -8.83 8.52 10.76
CAA BPB PC . -8.66 8.96 15.34
CAB BPB PC . -2.53 2.89 11.02
CAC BPB PC . -7.52 5.14 5.31
CAD BPB PC . -10.61 9.96 10.95
CBA BPB PC . -8.88 7.56 15.88
CBB BPB PC . -1.14 2.78 11.59
OBB BPB PC . -2.93 2.05 10.23
CBC BPB PC . -7.80 5.98 4.07
CBD BPB PC . -9.86 9.88 12.32
OBD BPB PC . -11.62 10.59 10.78
CED BPB PC . -9.42 13.06 14.13
CGA BPB PC . -9.15 7.57 17.35
CGD BPB PC . -9.29 11.25 12.64
CHA BPB PC . -8.82 8.80 12.13
CHB BPB PC . -4.93 6.46 13.53
CHC BPB PC . -4.54 4.42 9.14
CHD BPB PC . -8.07 7.23 7.51
CMA BPB PC . -5.05 9.09 15.01
CMB BPB PC . -2.83 4.28 13.89
CMC BPB PC . -4.16 4.55 6.22
CMD BPB PC . -10.59 9.22 7.55
CAC MQE QC . -14.80 -1.14 -7.32
CAD MQE QC . -11.90 2.81 -7.51
CAE MQE QC . -17.51 -4.48 -5.54
CAF MQE QC . -11.49 6.23 -10.74
CAG MQE QC . -7.97 9.19 -12.18
CAH MQE QC . -21.73 -5.55 -3.31
CAI MQE QC . -15.11 -1.40 -5.84
CAJ MQE QC . -13.22 2.34 -8.14
CAK MQE QC . -11.87 6.31 -9.26
CAL MQE QC . -18.59 -3.74 -4.75
CAM MQE QC . -9.37 8.86 -12.73
CAN MQE QC . -5.98 13.48 -12.31
CAO MQE QC . -21.00 -6.63 -2.49
CAP MQE QC . -14.70 0.31 -7.68
CAQ MQE QC . -11.40 4.15 -8.00
CAR MQE QC . -16.24 -3.68 -5.77
CAS MQE QC . -5.54 12.15 -12.93
CAT MQE QC . -11.06 7.55 -11.33
CAU MQE QC . -22.89 -10.05 -2.38
CAV MQE QC . -20.83 -4.43 -3.74
CAW MQE QC . -7.32 10.32 -12.92
CAX MQE QC . -4.38 17.84 -11.12
CAY MQE QC . -3.79 16.69 -11.88
CAZ MQE QC . -22.41 -8.69 -1.94
CBA MQE QC . -22.16 -11.21 -1.69
CBB MQE QC . -5.06 14.61 -12.66
CBC MQE QC . -13.51 0.92 -7.79
CBD MQE QC . -16.24 -2.35 -5.66
CBE MQE QC . -12.20 4.96 -8.70
CBF MQE QC . -19.64 -4.70 -4.27
CBG MQE QC . -9.95 7.65 -12.07
CBH MQE QC . -6.31 11.00 -12.36
CBI MQE QC . -21.60 -7.98 -2.73
CBJ MQE QC . -20.93 -14.13 -3.96
CBK MQE QC . -4.16 18.06 -9.82
CBL MQE QC . -4.69 15.49 -11.72
CBM MQE QC . -21.70 -13.40 -2.90
CBN MQE QC . -21.50 -12.10 -2.69
CBO MQE QC . -19.76 -14.98 -3.41
CBP MQE QC . -5.86 19.92 -11.25
CBQ MQE QC . -5.24 18.76 -11.92
CBR MQE QC . -5.63 20.15 -9.89
CBS MQE QC . -4.77 19.22 -9.12
CBT MQE QC . -16.02 0.99 -7.89
CBU MQE QC . -9.99 4.46 -7.64
CBV MQE QC . -15.03 -4.51 -6.12
CBW MQE QC . -11.96 8.71 -11.01
CBX MQE QC . -21.37 -3.04 -3.51
CBY MQE QC . -7.87 10.61 -14.28
CBZ MQE QC . -22.91 -8.23 -0.59
CCA MQE QC . -4.61 14.67 -14.10
CCB MQE QC . -20.24 -16.27 -2.83
CCC MQE QC . -19.52 -17.36 -2.52
CCD MQE QC . -20.18 -18.57 -1.95
CCE MQE QC . -3.30 17.19 -8.95
CCF MQE QC . -22.69 -14.22 -2.12
CCG MQE QC . -6.67 20.79 -11.97
CCH MQE QC . -6.21 21.24 -9.26
CCI MQE QC . -19.74 -19.88 -2.61
CCJ MQE QC . -7.25 21.87 -11.33
CCK MQE QC . -7.02 22.11 -9.98
CCL MQE QC . -18.03 -17.46 -2.70
CCM MQE QC . -19.25 -20.87 -1.59
CCN MQE QC . -18.78 -22.10 -1.79
CCO MQE QC . -18.68 -22.66 -3.18
CCP MQE QC . -18.30 -23.02 -0.71
OAA MQE QC . -5.44 18.55 -13.10
OAB MQE QC . -4.56 19.41 -7.94
C1 BPB RC . 9.37 10.27 -18.77
C2 BPB RC . 9.16 10.55 -20.23
C3 BPB RC . 8.15 10.06 -20.95
C4 BPB RC . 7.08 9.16 -20.39
C5 BPB RC . 7.96 10.36 -22.41
C6 BPB RC . 6.54 10.62 -22.89
C7 BPB RC . 6.09 12.05 -22.64
C8 BPB RC . 4.75 12.37 -23.31
C9 BPB RC . 4.67 13.84 -23.71
NA BPB RC . 5.77 9.91 -11.63
NB BPB RC . 5.58 7.77 -9.58
NC BPB RC . 6.33 9.71 -7.27
ND BPB RC . 5.77 11.77 -9.28
C10 BPB RC . 3.54 12.00 -22.43
C11 BPB RC . 3.40 12.76 -21.12
C12 BPB RC . 2.68 11.99 -20.02
C13 BPB RC . 3.58 11.31 -19.00
C14 BPB RC . 3.90 9.88 -19.44
C15 BPB RC . 2.96 11.34 -17.60
C16 BPB RC . 2.11 10.13 -17.22
C17 BPB RC . 0.85 10.04 -18.06
C18 BPB RC . -0.10 8.90 -17.68
C19 BPB RC . -0.60 9.02 -16.24
C1A BPB RC . 5.67 11.05 -12.36
O1A BPB RC . 9.39 10.64 -16.11
C1B BPB RC . 5.55 7.06 -10.73
C1C BPB RC . 6.02 8.62 -6.62
C1D BPB RC . 5.95 12.60 -8.18
O1D BPB RC . 3.19 13.34 -13.04
C20 BPB RC . 0.58 7.55 -17.88
C2A BPB RC . 5.67 10.74 -13.85
O2A BPB RC . 8.20 10.61 -18.00
C2B BPB RC . 5.66 5.67 -10.37
C2C BPB RC . 5.90 8.85 -5.13
C2D BPB RC . 5.98 13.93 -8.64
O2D BPB RC . 4.40 14.97 -13.97
C3A BPB RC . 5.11 9.31 -13.82
C3B BPB RC . 5.75 5.61 -9.00
C3C BPB RC . 5.63 10.35 -5.09
C3D BPB RC . 5.79 13.84 -10.04
C4A BPB RC . 5.42 8.90 -12.40
C4B BPB RC . 5.70 6.96 -8.48
C4C BPB RC . 6.05 10.80 -6.47
C4D BPB RC . 5.67 12.50 -10.38
CAA BPB RC . 7.06 10.81 -14.48
CAB BPB RC . 5.89 4.35 -8.23
CAC BPB RC . 6.46 11.04 -4.00
CAD BPB RC . 5.69 14.63 -11.23
CBA BPB RC . 6.99 10.72 -15.99
CBB BPB RC . 5.11 4.18 -6.96
OBB BPB RC . 6.60 3.47 -8.64
CBC BPB RC . 6.96 10.10 -2.92
CBD BPB RC . 5.49 13.63 -12.41
OBD BPB RC . 5.76 15.84 -11.37
CED BPB RC . 3.23 15.58 -14.53
CGA BPB RC . 8.33 10.64 -16.67
CGD BPB RC . 4.22 13.95 -13.16
CHA BPB RC . 5.50 12.26 -11.76
CHB BPB RC . 5.43 7.55 -12.01
CHC BPB RC . 5.77 7.35 -7.17
CHD BPB RC . 6.09 12.10 -6.87
CMA BPB RC . 3.61 9.23 -14.10
CMB BPB RC . 5.66 4.56 -11.36
CMC BPB RC . 4.74 8.03 -4.58
CMD BPB RC . 6.15 15.16 -7.84
P PGV SC . 16.80 -2.19 29.34
C01 PGV SC . 17.33 1.42 28.77
C02 PGV SC . 16.00 0.96 28.23
C03 PGV SC . 15.31 -0.07 29.10
C04 PGV SC . 14.94 -3.98 28.93
C05 PGV SC . 15.66 -5.30 29.17
C06 PGV SC . 15.07 -6.38 28.28
O01 PGV SC . 16.24 0.45 26.90
O02 PGV SC . 14.64 -0.65 25.80
O03 PGV SC . 17.81 2.54 28.03
O04 PGV SC . 16.82 4.09 29.32
O05 PGV SC . 15.69 -5.66 30.53
O06 PGV SC . 15.32 -6.05 26.94
O11 PGV SC . 16.21 -0.77 29.92
O12 PGV SC . 15.47 -3.02 29.82
O13 PGV SC . 17.98 -2.60 30.17
O14 PGV SC . 16.93 -2.14 27.85
C1 PGV SC . 15.23 0.37 26.03
C2 PGV SC . 14.93 1.69 25.40
C3 PGV SC . 13.51 2.19 25.62
C4 PGV SC . 13.18 3.30 24.63
C5 PGV SC . 12.19 4.34 25.13
C6 PGV SC . 12.90 5.63 25.52
C7 PGV SC . 11.99 6.65 26.20
C8 PGV SC . 12.76 7.88 26.68
C19 PGV SC . 17.35 3.77 28.28
C20 PGV SC . 17.57 4.67 27.11
C21 PGV SC . 16.84 6.00 27.23
C22 PGV SC . 16.78 6.72 25.89
C23 PGV SC . 16.21 8.13 25.96
C24 PGV SC . 16.18 8.80 24.59
C25 PGV SC . 15.90 10.29 24.65
P PGV TC . 5.60 -19.79 -15.00
C01 PGV TC . 2.12 -16.64 -13.96
C02 PGV TC . 3.58 -17.03 -13.92
C03 PGV TC . 3.83 -18.50 -13.59
C04 PGV TC . 7.91 -18.64 -14.70
C05 PGV TC . 9.39 -18.88 -14.45
C06 PGV TC . 10.05 -17.64 -13.88
O01 PGV TC . 4.29 -16.15 -13.04
O02 PGV TC . 4.41 -16.90 -10.94
O03 PGV TC . 1.98 -15.29 -14.37
O04 PGV TC . -0.23 -15.53 -14.41
O05 PGV TC . 10.04 -19.33 -15.62
O06 PGV TC . 11.37 -17.56 -14.35
O11 PGV TC . 5.18 -18.86 -13.71
O12 PGV TC . 7.18 -19.84 -14.56
O13 PGV TC . 5.44 -18.99 -16.26
O14 PGV TC . 4.97 -21.14 -14.93
C1 PGV TC . 4.03 -16.09 -11.73
C2 PGV TC . 3.23 -14.85 -11.40
C3 PGV TC . 3.90 -13.91 -10.41
C4 PGV TC . 3.42 -12.47 -10.58
C5 PGV TC . 1.91 -12.35 -10.49
C6 PGV TC . 1.42 -10.98 -10.07
C7 PGV TC . -0.10 -10.91 -10.03
C8 PGV TC . -0.66 -9.51 -9.81
C9 PGV TC . -2.17 -9.45 -10.00
C10 PGV TC . -2.64 -8.14 -10.63
C11 PGV TC . -2.44 -6.96 -9.72
C12 PGV TC . -2.22 -5.70 -10.07
C13 PGV TC . -2.13 -5.14 -11.46
C14 PGV TC . -2.52 -3.67 -11.51
C15 PGV TC . -1.37 -2.75 -11.14
C16 PGV TC . -0.41 -2.48 -12.29
C17 PGV TC . -0.93 -1.44 -13.27
C18 PGV TC . 0.05 -1.15 -14.41
C19 PGV TC . 0.74 -14.83 -14.49
C20 PGV TC . 0.69 -13.35 -14.75
C21 PGV TC . -0.73 -12.81 -14.75
C22 PGV TC . -0.81 -11.30 -14.78
C23 PGV TC . -2.23 -10.78 -14.59
C24 PGV TC . -2.60 -9.59 -15.47
C25 PGV TC . -2.20 -8.25 -14.88
C26 PGV TC . -2.58 -7.08 -15.78
C27 PGV TC . -2.56 -5.73 -15.08
C28 PGV TC . -2.56 -4.56 -16.06
CAC MQE UC . -10.31 13.74 23.77
CAD MQE UC . -8.05 13.51 19.46
CAE MQE UC . -14.84 14.88 25.07
CAF MQE UC . -4.74 13.32 16.37
CAG MQE UC . -2.64 14.86 12.41
CAH MQE UC . -14.19 14.20 29.70
CAI MQE UC . -11.60 12.97 24.11
CAJ MQE UC . -8.42 12.53 20.59
CAK MQE UC . -5.54 12.09 16.83
CAL MQE UC . -14.12 15.75 26.12
CAM MQE UC . -3.20 13.48 12.79
CAN MQE UC . -4.22 18.67 10.01
CAO MQE UC . -13.18 14.55 30.80
CAP MQE UC . -9.38 12.95 22.91
CAQ MQE UC . -6.74 13.17 18.81
CAR MQE UC . -13.96 13.89 24.39
CAS MQE UC . -3.45 17.40 9.58
CAT MQE UC . -4.65 13.42 14.87
CAU MQE UC . -10.81 11.98 32.52
CAV MQE UC . -13.71 14.58 28.32
CAW MQE UC . -3.22 15.40 11.15
CAX MQE UC . -8.56 20.02 8.69
CAY MQE UC . -8.03 19.47 9.98
CAZ MQE UC . -11.40 13.29 32.11
CBA MQE UC . -9.29 11.93 32.28
CBB MQE UC . -5.71 18.46 9.99
CBC MQE UC . -9.29 13.21 21.60
CBD MQE UC . -12.64 13.86 24.68
CBE MQE UC . -6.72 12.51 17.65
CBF MQE UC . -14.48 15.31 27.51
CBG MQE UC . -3.47 13.39 14.25
CBH MQE UC . -2.97 16.67 10.80
CBI MQE UC . -12.48 13.34 31.30
CBJ MQE UC . -7.00 8.83 32.92
CBK MQE UC . -8.65 19.32 7.54
CBL MQE UC . -6.54 19.50 10.00
CBM MQE UC . -7.43 10.21 32.49
CBN MQE UC . -8.69 10.61 32.66
CBO MQE UC . -6.37 8.03 31.78
CBP MQE UC . -9.50 22.10 7.53
CBQ MQE UC . -8.97 21.45 8.75
CBR MQE UC . -9.60 21.38 6.34
CBS MQE UC . -9.18 19.96 6.30
CBT MQE UC . -8.58 11.90 23.61
CBU MQE UC . -5.52 13.62 19.55
CBV MQE UC . -14.64 12.97 23.42
CBW MQE UC . -5.97 13.56 14.16
CBX MQE UC . -12.36 14.06 27.97
CBY MQE UC . -4.08 14.45 10.38
CBZ MQE UC . -10.71 14.51 32.66
CCA MQE UC . -6.16 17.03 9.97
CCB MQE UC . -5.45 6.95 32.29
CCC MQE UC . -4.22 6.66 31.88
CCD MQE UC . -3.45 5.54 32.52
CCE MQE UC . -8.25 17.89 7.40
CCF MQE UC . -6.35 11.06 31.89
CCG MQE UC . -9.90 23.43 7.57
CCH MQE UC . -10.10 21.99 5.21
CCI MQE UC . -2.29 6.04 33.41
CCJ MQE UC . -10.39 24.04 6.43
CCK MQE UC . -10.49 23.31 5.24
CCL MQE UC . -3.51 7.37 30.76
CCM MQE UC . -1.37 4.93 33.79
CCN MQE UC . -0.07 4.80 33.47
CCO MQE UC . 0.73 3.62 33.93
CCP MQE UC . 0.70 5.79 32.65
OAA MQE UC . -8.88 22.08 9.79
OAB MQE UC . -9.26 19.31 5.28
FE FE VC . -7.30 21.49 -1.48
MG BCL WC . 8.95 -1.63 2.72
CHA BCL WC . 10.58 0.61 0.68
CHB BCL WC . 6.33 0.55 2.86
CHC BCL WC . 7.07 -4.03 4.18
CHD BCL WC . 11.19 -4.11 1.68
NA BCL WC . 8.55 0.34 1.87
C1A BCL WC . 9.34 1.09 1.02
C2A BCL WC . 8.82 2.47 0.84
C3A BCL WC . 7.42 2.41 1.50
C4A BCL WC . 7.36 1.02 2.07
CMA BCL WC . 7.25 3.45 2.60
CAA BCL WC . 8.75 2.91 -0.63
CBA BCL WC . 8.34 4.38 -0.81
CGA BCL WC . 7.86 4.72 -2.18
O1A BCL WC . 7.19 5.65 -2.45
O2A BCL WC . 8.24 3.87 -3.12
NB BCL WC . 7.00 -1.74 3.40
C1B BCL WC . 6.06 -0.71 3.41
C2B BCL WC . 4.89 -1.12 4.03
C3B BCL WC . 5.05 -2.45 4.44
C4B BCL WC . 6.40 -2.81 4.01
CMB BCL WC . 3.68 -0.20 4.19
CAB BCL WC . 4.14 -3.37 5.12
OBB BCL WC . 4.47 -4.52 5.46
CBB BCL WC . 2.73 -2.97 5.48
NC BCL WC . 9.10 -3.75 2.87
C1C BCL WC . 8.24 -4.54 3.61
C2C BCL WC . 8.85 -5.85 3.94
C3C BCL WC . 9.94 -5.98 2.88
C4C BCL WC . 10.13 -4.55 2.45
CMC BCL WC . 9.38 -5.91 5.36
CAC BCL WC . 9.58 -6.94 1.72
CBC BCL WC . 9.36 -8.36 2.18
ND BCL WC . 10.51 -1.78 1.42
C1D BCL WC . 11.42 -2.81 1.15
C2D BCL WC . 12.48 -2.36 0.34
C3D BCL WC . 12.21 -1.00 0.11
C4D BCL WC . 11.03 -0.70 0.78
CMD BCL WC . 13.64 -3.19 -0.14
CAD BCL WC . 12.67 0.21 -0.45
OBD BCL WC . 13.62 0.44 -1.23
CBD BCL WC . 11.77 1.36 0.07
CGD BCL WC . 12.51 2.22 0.99
O1D BCL WC . 12.67 3.42 0.86
O2D BCL WC . 13.01 1.59 2.03
CED BCL WC . 13.76 2.37 3.00
C1 BCL WC . 7.79 4.16 -4.49
C2 BCL WC . 8.70 5.27 -5.01
C3 BCL WC . 9.60 5.11 -5.95
C4 BCL WC . 9.90 3.81 -6.68
C5 BCL WC . 10.47 6.29 -6.40
C6 BCL WC . 11.13 6.17 -7.77
C7 BCL WC . 10.15 6.26 -8.93
C8 BCL WC . 10.09 7.66 -9.56
C9 BCL WC . 9.53 8.69 -8.56
C10 BCL WC . 9.22 7.64 -10.83
C11 BCL WC . 9.76 6.74 -11.93
C12 BCL WC . 8.82 6.66 -13.13
C13 BCL WC . 9.30 5.63 -14.17
C14 BCL WC . 10.64 6.02 -14.80
C15 BCL WC . 8.25 5.48 -15.30
C16 BCL WC . 7.98 6.69 -16.18
C17 BCL WC . 7.07 6.43 -17.39
C18 BCL WC . 5.63 6.08 -17.07
C19 BCL WC . 5.00 5.69 -18.42
C20 BCL WC . 4.83 7.23 -16.44
C1 BPB XC . 1.81 4.62 -8.90
C2 BPB XC . 2.12 5.32 -10.17
C3 BPB XC . 1.20 5.72 -11.05
C4 BPB XC . -0.27 5.50 -10.87
C5 BPB XC . 1.55 6.43 -12.32
C6 BPB XC . 1.50 5.59 -13.59
C7 BPB XC . 2.61 4.55 -13.60
C8 BPB XC . 2.33 3.38 -14.57
C9 BPB XC . 1.02 2.69 -14.22
NA BPB XC . 5.25 -0.57 -9.79
NB BPB XC . 8.05 0.37 -10.21
NC BPB XC . 8.90 -0.25 -7.28
ND BPB XC . 6.33 -1.65 -7.20
C10 BPB XC . 3.47 2.36 -14.59
C11 BPB XC . 3.90 1.89 -15.98
C12 BPB XC . 5.29 1.27 -16.01
C13 BPB XC . 5.78 0.86 -17.39
C14 BPB XC . 4.82 -0.16 -17.99
C15 BPB XC . 7.21 0.32 -17.32
C16 BPB XC . 8.21 1.01 -18.24
C17 BPB XC . 9.31 1.72 -17.47
C18 BPB XC . 10.67 1.72 -18.14
C19 BPB XC . 10.55 1.65 -19.66
C1A BPB XC . 4.09 -1.18 -9.42
O1A BPB XC . 2.38 2.00 -7.74
C1B BPB XC . 7.45 0.72 -11.38
C1C BPB XC . 10.05 0.01 -7.86
C1D BPB XC . 6.88 -2.17 -6.05
O1D BPB XC . 3.56 -4.66 -9.30
C20 BPB XC . 11.55 0.60 -17.62
C2A BPB XC . 2.99 -0.99 -10.44
O2A BPB XC . 1.27 3.30 -9.17
C2B BPB XC . 8.44 1.45 -12.15
C2C BPB XC . 11.24 -0.32 -6.99
C2D BPB XC . 5.90 -3.00 -5.44
O2D BPB XC . 1.40 -4.27 -8.88
C3A BPB XC . 3.77 -0.40 -11.63
C3B BPB XC . 9.58 1.50 -11.39
C3C BPB XC . 10.59 -1.06 -5.82
C3D BPB XC . 4.79 -2.92 -6.29
C4A BPB XC . 5.15 -0.22 -11.06
C4B BPB XC . 9.34 0.80 -10.15
C4C BPB XC . 9.12 -1.07 -6.20
C4D BPB XC . 5.08 -2.09 -7.36
CAA BPB XC . 1.90 -0.03 -9.95
CAB BPB XC . 10.83 2.16 -11.82
CAC BPB XC . 10.84 -0.33 -4.48
CAD BPB XC . 3.44 -3.41 -6.45
CBA BPB XC . 2.36 1.43 -10.08
CBB BPB XC . 11.46 1.75 -13.13
OBB BPB XC . 11.33 3.00 -11.13
CBC BPB XC . 9.70 0.56 -4.00
CBD BPB XC . 2.94 -2.87 -7.83
OBD BPB XC . 2.76 -4.10 -5.72
CED BPB XC . 1.03 -5.50 -9.50
CGA BPB XC . 2.02 2.26 -8.86
CGD BPB XC . 2.70 -4.03 -8.75
CHA BPB XC . 4.04 -1.92 -8.29
CHB BPB XC . 6.16 0.45 -11.77
CHC BPB XC . 10.23 0.62 -9.12
CHD BPB XC . 8.20 -1.88 -5.62
CMA BPB XC . 3.78 -1.33 -12.84
CMB BPB XC . 8.17 2.01 -13.49
CMC BPB XC . 12.23 -1.19 -7.76
CMD BPB XC . 6.05 -3.77 -4.18
CAG MQE YC . 3.41 2.50 -23.18
CAM MQE YC . 2.70 1.98 -24.43
CAN MQE YC . 6.38 -0.99 -22.29
CAS MQE YC . 6.24 0.35 -21.55
CAW MQE YC . 4.76 1.88 -22.95
CAX MQE YC . 7.37 -3.68 -18.56
CAY MQE YC . 7.48 -3.99 -20.04
CBB MQE YC . 7.30 -1.96 -21.58
CBH MQE YC . 4.98 1.04 -21.92
CBK MQE YC . 6.25 -3.87 -17.83
CBL MQE YC . 6.78 -2.92 -20.83
CBP MQE YC . 8.58 -2.81 -16.47
CBQ MQE YC . 8.61 -3.14 -17.91
CBR MQE YC . 7.43 -3.00 -15.73
CBS MQE YC . 6.22 -3.53 -16.38
CBY MQE YC . 5.82 2.27 -23.94
CCA MQE YC . 8.76 -1.73 -21.79
CCE MQE YC . 4.93 -4.40 -18.32
CCG MQE YC . 9.73 -2.30 -15.86
CCH MQE YC . 7.40 -2.69 -14.37
CCJ MQE YC . 9.70 -1.99 -14.51
CCK MQE YC . 8.54 -2.20 -13.76
OAA MQE YC . 9.63 -2.96 -18.54
OAB MQE YC . 5.20 -3.71 -15.74
MG BCL ZC . 13.20 10.18 43.80
CHA BCL ZC . 13.80 13.58 43.64
CHB BCL ZC . 9.86 10.88 43.92
CHC BCL ZC . 12.59 6.98 44.70
CHD BCL ZC . 16.58 9.68 44.57
NA BCL ZC . 12.02 12.01 43.80
C1A BCL ZC . 12.46 13.32 43.69
C2A BCL ZC . 11.33 14.25 43.42
C3A BCL ZC . 10.11 13.42 43.84
C4A BCL ZC . 10.63 12.02 43.82
CMA BCL ZC . 9.59 13.80 45.22
CAA BCL ZC . 11.28 14.70 41.97
CBA BCL ZC . 10.16 15.69 41.70
CGA BCL ZC . 9.95 16.01 40.25
O1A BCL ZC . 9.27 15.38 39.52
O2A BCL ZC . 10.60 17.07 39.86
NB BCL ZC . 11.51 9.11 44.33
C1B BCL ZC . 10.20 9.54 44.09
C2B BCL ZC . 9.33 8.44 44.05
C3B BCL ZC . 10.09 7.28 44.26
C4B BCL ZC . 11.44 7.75 44.46
CMB BCL ZC . 7.83 8.58 43.82
CAB BCL ZC . 9.69 5.88 44.30
OBB BCL ZC . 10.42 4.99 44.76
CBB BCL ZC . 8.35 5.42 43.76
NC BCL ZC . 14.41 8.58 44.52
C1C BCL ZC . 13.95 7.33 44.85
C2C BCL ZC . 14.99 6.41 45.35
C3C BCL ZC . 16.23 7.31 45.43
C4C BCL ZC . 15.77 8.59 44.77
CMC BCL ZC . 14.62 5.79 46.69
CAC BCL ZC . 17.48 6.69 44.76
CBC BCL ZC . 17.30 6.46 43.28
ND BCL ZC . 14.84 11.34 44.12
C1D BCL ZC . 16.19 11.03 44.31
C2D BCL ZC . 17.01 12.19 44.20
C3D BCL ZC . 16.13 13.23 43.94
C4D BCL ZC . 14.84 12.69 43.90
CMD BCL ZC . 18.51 12.22 44.34
CAD BCL ZC . 16.01 14.59 43.55
OBD BCL ZC . 16.88 15.45 43.29
CBD BCL ZC . 14.50 14.93 43.45
CGD BCL ZC . 14.14 15.95 44.45
O1D BCL ZC . 14.34 15.86 45.64
O2D BCL ZC . 13.57 17.03 43.93
CED BCL ZC . 13.18 18.08 44.85
C1 BCL ZC . 10.44 17.46 38.46
C2 BCL ZC . 9.09 18.15 38.40
C3 BCL ZC . 8.84 19.32 37.89
C4 BCL ZC . 9.86 20.24 37.22
C5 BCL ZC . 7.40 19.86 37.92
C6 BCL ZC . 6.64 19.47 39.19
C7 BCL ZC . 5.17 19.91 39.18
C8 BCL ZC . 4.79 21.35 39.47
C9 BCL ZC . 5.24 21.76 40.89
C10 BCL ZC . 3.26 21.48 39.35
C11 BCL ZC . 2.68 22.83 38.99
C12 BCL ZC . 1.21 22.73 38.59
C13 BCL ZC . 0.70 23.98 37.87
C14 BCL ZC . -0.70 23.80 37.29
C15 BCL ZC . 1.68 24.19 36.72
C16 BCL ZC . 1.57 25.50 35.96
C17 BCL ZC . 2.19 25.34 34.57
C18 BCL ZC . 1.33 24.39 33.77
C19 BCL ZC . 2.13 24.04 32.51
C20 BCL ZC . -0.05 24.97 33.41
MG BCL AD . 21.14 13.81 40.25
CHA BCL AD . 17.98 15.09 39.66
CHB BCL AD . 22.42 16.69 38.96
CHC BCL AD . 24.18 12.31 40.02
CHD BCL AD . 19.72 10.68 40.89
NA BCL AD . 20.28 15.60 39.38
C1A BCL AD . 18.95 16.00 39.38
C2A BCL AD . 18.84 17.48 39.40
C3A BCL AD . 20.18 17.90 38.76
C4A BCL AD . 21.05 16.72 39.05
CMA BCL AD . 20.05 18.12 37.26
CAA BCL AD . 18.69 18.02 40.83
CBA BCL AD . 18.77 19.54 40.93
CGA BCL AD . 17.61 20.27 40.34
O1A BCL AD . 17.45 20.51 39.20
O2A BCL AD . 16.75 20.64 41.26
NB BCL AD . 23.01 14.38 39.57
C1B BCL AD . 23.35 15.66 39.13
C2B BCL AD . 24.73 15.73 38.90
C3B BCL AD . 25.27 14.47 39.18
C4B BCL AD . 24.16 13.66 39.62
CMB BCL AD . 25.42 17.00 38.44
CAB BCL AD . 26.64 13.99 39.07
OBB BCL AD . 27.05 13.01 39.70
CBB BCL AD . 27.64 14.68 38.17
NC BCL AD . 21.82 11.80 40.39
C1C BCL AD . 23.14 11.42 40.37
C2C BCL AD . 23.35 10.00 40.72
C3C BCL AD . 22.00 9.62 41.32
C4C BCL AD . 21.09 10.69 40.76
CMC BCL AD . 23.75 9.15 39.53
CAC BCL AD . 22.03 9.56 42.87
CBC BCL AD . 20.77 8.96 43.48
ND BCL AD . 19.28 13.00 40.24
C1D BCL AD . 18.79 11.74 40.59
C2D BCL AD . 17.38 11.71 40.61
C3D BCL AD . 16.99 13.00 40.24
C4D BCL AD . 18.14 13.74 40.03
CMD BCL AD . 16.53 10.51 40.95
CAD BCL AD . 15.90 13.89 40.04
OBD BCL AD . 14.68 13.69 39.95
CBD BCL AD . 16.49 15.32 39.95
CGD BCL AD . 15.77 16.14 38.97
O1D BCL AD . 14.99 17.04 39.23
O2D BCL AD . 16.02 15.81 37.71
CED BCL AD . 15.34 16.58 36.69
C1 BCL AD . 15.60 21.37 40.76
C2 BCL AD . 14.40 20.52 41.11
C3 BCL AD . 13.27 21.11 41.35
C4 BCL AD . 13.06 22.61 41.30
C5 BCL AD . 12.02 20.31 41.70
C6 BCL AD . 11.03 21.02 42.61
C7 BCL AD . 9.79 20.16 42.85
C8 BCL AD . 8.72 20.77 43.74
C9 BCL AD . 9.21 20.95 45.19
C10 BCL AD . 7.48 19.87 43.70
C11 BCL AD . 7.84 18.40 43.66
C12 BCL AD . 6.62 17.53 43.38
C13 BCL AD . 5.65 17.49 44.56
C14 BCL AD . 6.14 16.57 45.67
C15 BCL AD . 4.30 16.96 44.05
C16 BCL AD . 3.18 16.96 45.08
C17 BCL AD . 2.40 18.26 45.42
C18 BCL AD . 1.58 18.79 44.26
C19 BCL AD . 2.55 19.62 43.41
C20 BCL AD . 0.40 19.69 44.68
MG BCL BD . 13.37 34.87 36.25
CHA BCL BD . 15.69 35.72 38.63
CHB BCL BD . 13.96 37.88 34.73
CHC BCL BD . 11.44 33.89 33.66
CHD BCL BD . 13.70 31.52 37.20
NA BCL BD . 14.70 36.55 36.64
C1A BCL BD . 15.48 36.76 37.76
C2A BCL BD . 15.74 38.22 37.99
C3A BCL BD . 15.09 38.89 36.76
C4A BCL BD . 14.64 37.74 35.93
CMA BCL BD . 13.91 39.77 37.16
CAA BCL BD . 17.24 38.53 38.13
CBA BCL BD . 18.07 38.04 36.95
CGA BCL BD . 19.51 38.39 37.04
O1A BCL BD . 19.95 39.40 37.46
O2A BCL BD . 20.30 37.44 36.55
NB BCL BD . 12.83 35.72 34.44
C1B BCL BD . 13.08 37.02 34.04
C2B BCL BD . 12.35 37.33 32.89
C3B BCL BD . 11.61 36.20 32.55
C4B BCL BD . 11.94 35.20 33.55
CMB BCL BD . 12.41 38.68 32.18
CAB BCL BD . 10.70 36.10 31.41
OBB BCL BD . 10.18 37.10 30.89
CBB BCL BD . 10.34 34.77 30.79
NC BCL BD . 12.70 32.98 35.53
C1C BCL BD . 11.85 32.81 34.47
C2C BCL BD . 11.30 31.44 34.37
C3C BCL BD . 12.12 30.66 35.39
C4C BCL BD . 12.90 31.74 36.11
CMC BCL BD . 9.80 31.37 34.61
CAC BCL BD . 13.02 29.57 34.78
CBC BCL BD . 12.39 28.18 34.87
ND BCL BD . 14.47 33.81 37.57
C1D BCL BD . 14.47 32.46 37.94
C2D BCL BD . 15.29 32.23 39.07
C3D BCL BD . 15.80 33.48 39.40
C4D BCL BD . 15.30 34.39 38.48
CMD BCL BD . 15.52 30.90 39.74
CAD BCL BD . 16.65 34.21 40.28
OBD BCL BD . 17.39 33.84 41.21
CBD BCL BD . 16.52 35.72 39.92
CGD BCL BD . 15.94 36.46 41.04
O1D BCL BD . 14.80 36.88 41.09
O2D BCL BD . 16.79 36.65 42.03
CED BCL BD . 16.29 37.37 43.20
C1 BCL BD . 21.73 37.72 36.59
C2 BCL BD . 22.37 36.53 37.29
C3 BCL BD . 22.75 35.44 36.66
C4 BCL BD . 22.62 35.20 35.17
C5 BCL BD . 23.39 34.28 37.43
C6 BCL BD . 23.90 33.11 36.58
C7 BCL BD . 24.58 32.04 37.42
C8 BCL BD . 25.14 30.86 36.63
C9 BCL BD . 24.00 30.00 36.07
C10 BCL BD . 26.05 29.98 37.52
C11 BCL BD . 25.33 29.26 38.64
C12 BCL BD . 26.28 28.45 39.52
C13 BCL BD . 25.53 27.71 40.65
C14 BCL BD . 24.60 28.63 41.43
C15 BCL BD . 26.52 27.06 41.63
C16 BCL BD . 26.81 25.59 41.43
C17 BCL BD . 26.84 24.89 42.80
C18 BCL BD . 26.86 23.37 42.73
C19 BCL BD . 26.69 22.90 44.19
C20 BCL BD . 28.12 22.77 42.12
CAB KGD CD . 3.27 25.48 47.21
CAC KGD CD . 2.37 26.39 46.40
CAD KGD CD . 3.04 24.10 46.72
CAE KGD CD . 2.70 26.22 44.93
CAF KGD CD . 4.72 25.83 46.99
CAG KGD CD . 2.94 25.58 48.69
CAH KGD CD . 2.62 23.78 45.49
CAI KGD CD . 2.48 24.81 44.48
CAJ KGD CD . 3.46 23.06 47.63
CAK KGD CD . 1.84 22.55 45.23
CAL KGD CD . 4.34 22.15 47.18
CAM KGD CD . 4.79 21.11 48.07
CAN KGD CD . 4.38 21.22 49.48
CAO KGD CD . 5.56 20.15 47.56
CAP KGD CD . 6.07 19.11 48.41
CAQ KGD CD . 7.05 18.33 47.96
CAR KGD CD . 7.64 17.31 48.78
CAS KGD CD . 19.36 6.69 53.33
CAT KGD CD . 19.75 5.22 53.25
CAU KGD CD . 6.94 16.94 50.04
CAV KGD CD . 8.79 16.78 48.35
CAW KGD CD . 18.89 7.20 52.02
CAX KGD CD . 20.15 4.76 54.61
CAY KGD CD . 19.69 3.62 55.14
CAZ KGD CD . 19.48 6.70 50.76
CBA KGD CD . 17.92 8.12 52.02
CBB KGD CD . 9.50 15.79 49.12
CBC KGD CD . 20.12 3.21 56.50
CBD KGD CD . 18.76 2.75 54.38
CBE KGD CD . 17.37 8.72 50.84
CBF KGD CD . 16.42 9.64 50.98
CBG KGD CD . 10.61 15.25 48.60
CBH KGD CD . 15.82 10.34 49.86
CBI KGD CD . 11.37 14.30 49.35
CBJ KGD CD . 14.91 11.26 50.18
CBK KGD CD . 16.23 10.00 48.48
CBL KGD CD . 12.42 13.67 48.81
CBM KGD CD . 14.22 12.07 49.23
CBN KGD CD . 13.17 12.78 49.67
CBO KGD CD . 12.87 13.84 47.41
OAA KGD CD . 2.20 24.55 43.33
CAB KGD DD . 1.15 28.29 40.10
CAC KGD DD . -0.12 28.27 39.29
CAD KGD DD . 2.26 28.40 39.12
CAE KGD DD . -0.23 29.57 38.53
CAF KGD DD . 1.17 29.50 41.00
CAG KGD DD . 1.29 27.04 40.94
CAH KGD DD . 2.20 29.14 38.00
CAI KGD DD . 0.95 29.84 37.66
CAJ KGD DD . 3.55 27.91 39.58
CAK KGD DD . 3.40 29.58 37.25
CAL KGD DD . 4.14 26.94 38.90
CAM KGD DD . 5.41 26.39 39.32
CAN KGD DD . 5.63 26.27 40.78
CAO KGD DD . 6.29 26.02 38.37
CAP KGD DD . 7.56 25.42 38.68
CAQ KGD DD . 8.48 25.28 37.73
CAR KGD DD . 9.75 24.62 38.00
CAS KGD DD . 22.07 15.12 31.87
CAT KGD DD . 21.37 13.86 32.41
CAU KGD DD . 10.10 24.32 39.42
CAV KGD DD . 10.52 24.28 36.95
CAW KGD DD . 21.05 16.16 31.57
CAX KGD DD . 21.55 12.70 31.48
CAY KGD DD . 21.72 11.45 31.93
CAZ KGD DD . 20.71 16.43 30.16
CBA KGD DD . 20.47 16.83 32.57
CBB KGD DD . 11.76 23.56 37.08
CBC KGD DD . 21.72 11.15 33.36
CBD KGD DD . 21.89 10.34 30.97
CBE KGD DD . 19.46 17.84 32.35
CBF KGD DD . 19.11 18.70 33.31
CBG KGD DD . 12.44 23.22 35.96
CBH KGD DD . 18.06 19.68 33.07
CBI KGD DD . 13.65 22.44 36.01
CBJ KGD DD . 17.34 20.07 34.13
CBK KGD DD . 17.83 20.16 31.69
CBL KGD DD . 14.51 22.39 34.98
CBM KGD DD . 16.24 21.00 34.01
CBN KGD DD . 15.65 21.51 35.11
CBO KGD DD . 14.35 23.15 33.72
OAA KGD DD . 0.89 30.60 36.72
MG BCL ED . -2.33 2.61 47.39
CHA BCL ED . -2.11 5.96 48.21
CHB BCL ED . -5.55 3.16 46.42
CHC BCL ED . -2.85 -0.74 47.40
CHD BCL ED . 0.66 2.07 49.12
NA BCL ED . -3.63 4.34 47.36
C1A BCL ED . -3.33 5.65 47.68
C2A BCL ED . -4.37 6.59 47.16
C3A BCL ED . -5.56 5.66 46.90
C4A BCL ED . -4.92 4.31 46.85
CMA BCL ED . -6.60 5.74 48.03
CAA BCL ED . -3.90 7.32 45.89
CBA BCL ED . -4.94 8.32 45.43
CGA BCL ED . -4.69 8.94 44.09
O1A BCL ED . -4.91 8.43 43.05
O2A BCL ED . -4.19 10.15 44.17
NB BCL ED . -3.96 1.39 47.03
C1B BCL ED . -5.17 1.81 46.50
C2B BCL ED . -5.91 0.70 46.06
C3B BCL ED . -5.16 -0.44 46.32
C4B BCL ED . -3.95 0.03 46.95
CMB BCL ED . -7.30 0.82 45.44
CAB BCL ED . -5.46 -1.85 46.04
OBB BCL ED . -4.93 -2.77 46.69
CBB BCL ED . -6.42 -2.24 44.95
NC BCL ED . -1.24 0.92 48.14
C1C BCL ED . -1.68 -0.37 48.06
C2C BCL ED . -0.74 -1.34 48.69
C3C BCL ED . 0.26 -0.43 49.41
C4C BCL ED . -0.07 0.93 48.86
CMC BCL ED . -1.44 -2.32 49.62
CAC BCL ED . 1.74 -0.86 49.20
CBC BCL ED . 2.19 -0.83 47.76
ND BCL ED . -1.01 3.73 48.49
C1D BCL ED . 0.21 3.42 49.07
C2D BCL ED . 0.86 4.59 49.53
C3D BCL ED . 0.00 5.64 49.23
C4D BCL ED . -1.11 5.08 48.61
CMD BCL ED . 2.21 4.63 50.22
CAD BCL ED . -0.11 7.04 49.07
OBD BCL ED . 0.70 7.96 49.32
CBD BCL ED . -1.53 7.35 48.50
CGD BCL ED . -2.30 8.16 49.44
O1D BCL ED . -2.31 8.01 50.65
O2D BCL ED . -3.00 9.11 48.87
CED BCL ED . -3.81 9.95 49.74
C1 BCL ED . -3.95 10.83 42.91
C2 BCL ED . -5.31 11.36 42.53
C3 BCL ED . -5.63 12.60 42.24
C4 BCL ED . -4.65 13.77 42.23
C5 BCL ED . -7.07 12.96 41.88
C6 BCL ED . -8.11 12.26 42.76
C7 BCL ED . -9.57 12.59 42.37
C8 BCL ED . -10.14 13.98 42.65
C9 BCL ED . -10.17 14.27 44.16
C10 BCL ED . -11.56 14.07 42.06
C11 BCL ED . -12.18 15.45 42.00
C12 BCL ED . -13.44 15.49 41.11
C13 BCL ED . -13.76 16.92 40.64
C14 BCL ED . -14.92 16.97 39.66
C15 BCL ED . -12.50 17.40 39.92
C16 BCL ED . -12.48 18.85 39.46
C17 BCL ED . -11.48 19.05 38.31
C18 BCL ED . -11.99 18.30 37.10
C19 BCL ED . -10.83 18.32 36.07
C20 BCL ED . -13.27 18.90 36.49
CAB KGD FD . -14.30 20.40 43.57
CAC KGD FD . -15.34 21.32 42.92
CAD KGD FD . -12.92 20.77 43.09
CAE KGD FD . -14.97 21.69 41.51
CAF KGD FD . -14.33 20.57 45.08
CAG KGD FD . -14.60 18.95 43.24
CAH KGD FD . -12.63 21.77 42.26
CAI KGD FD . -13.67 22.35 41.43
CAJ KGD FD . -11.84 20.22 43.88
CAK KGD FD . -11.36 22.52 42.30
CAL KGD FD . -10.90 19.53 43.25
CAM KGD FD . -9.80 18.95 43.98
CAN KGD FD . -10.03 18.60 45.39
CAO KGD FD . -8.65 18.79 43.31
CAP KGD FD . -7.49 18.18 43.89
CAQ KGD FD . -6.34 18.23 43.22
CAR KGD FD . -5.15 17.58 43.71
CAS KGD FD . 9.28 10.13 40.41
CAT KGD FD . 9.08 8.97 39.45
CAU KGD FD . -5.13 17.12 45.12
CAV KGD FD . -4.15 17.40 42.84
CAW KGD FD . 8.40 11.24 39.99
CAX KGD FD . 9.20 7.66 40.15
CAY KGD FD . 9.30 6.51 39.47
CAZ KGD FD . 8.77 12.05 38.82
CBA KGD FD . 7.29 11.49 40.69
CBB KGD FD . -2.94 16.71 43.17
CBC KGD FD . 9.42 5.22 40.18
CBD KGD FD . 9.31 6.51 37.99
CBE KGD FD . 6.37 12.53 40.34
CBF KGD FD . 5.62 13.13 41.26
CBG KGD FD . -1.87 16.81 42.38
CBH KGD FD . 4.67 14.14 40.87
CBI KGD FD . -0.69 16.06 42.68
CBJ KGD FD . 3.53 14.16 41.57
CBK KGD FD . 4.98 15.05 39.76
CBL KGD FD . 0.40 16.15 41.90
CBM KGD FD . 2.45 15.05 41.29
CBN KGD FD . 1.51 15.30 42.22
CBO KGD FD . 0.49 17.04 40.71
OAA KGD FD . -13.48 23.32 40.73
P PGV GD . -9.87 26.99 25.87
C01 PGV GD . -9.06 22.70 24.55
C02 PGV GD . -9.51 23.04 25.95
C03 PGV GD . -9.27 24.48 26.34
C04 PGV GD . -12.38 26.54 26.34
C05 PGV GD . -13.50 27.47 26.79
C06 PGV GD . -13.25 27.88 28.23
O01 PGV GD . -8.85 22.13 26.83
O02 PGV GD . -8.69 20.00 26.15
O03 PGV GD . -7.68 22.38 24.56
O04 PGV GD . -7.20 22.56 22.40
O05 PGV GD . -14.78 26.92 26.59
O06 PGV GD . -11.93 28.34 28.37
O11 PGV GD . -10.00 25.39 25.54
O12 PGV GD . -11.46 27.26 25.57
O13 PGV GD . -9.03 27.64 24.82
O14 PGV GD . -9.55 27.22 27.32
C1 PGV GD . -9.21 20.84 26.84
C2 PGV GD . -10.33 20.59 27.81
C3 PGV GD . -10.71 19.13 27.95
C4 PGV GD . -9.61 18.33 28.65
C5 PGV GD . -10.01 16.89 28.95
C6 PGV GD . -9.00 16.17 29.82
C19 PGV GD . -7.12 21.96 23.44
C20 PGV GD . -6.41 20.66 23.64
C21 PGV GD . -6.47 19.74 22.43
C22 PGV GD . -5.79 18.42 22.73
C23 PGV GD . -5.61 17.50 21.52
C24 PGV GD . -4.61 16.39 21.80
C25 PGV GD . -4.99 15.50 22.97
C26 PGV GD . -4.23 14.18 23.00
C27 PGV GD . -4.60 13.29 24.17
C28 PGV GD . -4.70 11.82 23.78
C29 PGV GD . -4.66 10.86 24.96
C30 PGV GD . -5.84 11.04 25.92
MG BCL HD . 5.93 7.12 47.54
CHA BCL HD . 3.01 8.37 46.21
CHB BCL HD . 7.33 10.21 47.14
CHC BCL HD . 8.97 5.78 48.19
CHD BCL HD . 4.70 3.88 47.03
NA BCL HD . 5.24 9.01 46.73
C1A BCL HD . 3.94 9.36 46.38
C2A BCL HD . 3.71 10.82 46.59
C3A BCL HD . 5.15 11.37 46.50
C4A BCL HD . 5.98 10.18 46.81
CMA BCL HD . 5.45 11.92 45.11
CAA BCL HD . 3.05 11.10 47.95
CBA BCL HD . 2.90 12.57 48.27
CGA BCL HD . 1.95 13.32 47.40
O1A BCL HD . 2.19 13.80 46.36
O2A BCL HD . 0.75 13.40 47.94
NB BCL HD . 7.85 7.85 47.61
C1B BCL HD . 8.22 9.19 47.49
C2B BCL HD . 9.59 9.35 47.77
C3B BCL HD . 10.11 8.08 48.09
C4B BCL HD . 8.98 7.17 47.97
CMB BCL HD . 10.29 10.70 47.74
CAB BCL HD . 11.46 7.68 48.44
OBB BCL HD . 11.70 6.58 48.98
CBB BCL HD . 12.65 8.56 48.16
NC BCL HD . 6.71 5.13 47.58
C1C BCL HD . 7.98 4.82 47.96
C2C BCL HD . 8.23 3.35 47.97
C3C BCL HD . 6.82 2.78 47.95
C4C BCL HD . 6.02 3.95 47.43
CMC BCL HD . 9.10 2.87 46.83
CAC BCL HD . 6.34 2.25 49.32
CBC BCL HD . 5.05 1.47 49.25
ND BCL HD . 4.23 6.26 46.80
C1D BCL HD . 3.84 4.95 46.63
C2D BCL HD . 2.55 4.87 46.05
C3D BCL HD . 2.15 6.19 45.85
C4D BCL HD . 3.19 6.99 46.31
CMD BCL HD . 1.79 3.60 45.71
CAD BCL HD . 1.10 7.09 45.49
OBD BCL HD . 0.03 6.87 44.88
CBD BCL HD . 1.50 8.51 45.99
CGD BCL HD . 1.06 9.55 45.05
O1D BCL HD . 0.17 10.34 45.26
O2D BCL HD . 1.72 9.56 43.91
CED BCL HD . 1.34 10.58 42.94
C1 BCL HD . -0.21 14.14 47.14
C2 BCL HD . -1.42 13.24 47.00
C3 BCL HD . -2.62 13.74 47.05
C4 BCL HD . -2.92 15.22 47.23
C5 BCL HD . -3.86 12.86 46.92
C6 BCL HD . -5.09 13.31 47.69
C7 BCL HD . -6.26 12.36 47.44
C8 BCL HD . -7.58 12.68 48.11
C9 BCL HD . -7.50 12.48 49.64
C10 BCL HD . -8.66 11.76 47.50
C11 BCL HD . -8.15 10.36 47.31
C12 BCL HD . -9.08 9.52 46.42
C13 BCL HD . -10.43 9.21 47.08
C14 BCL HD . -10.29 8.19 48.21
C15 BCL HD . -11.34 8.62 46.00
C16 BCL HD . -12.77 8.36 46.43
C17 BCL HD . -13.70 9.52 46.87
C18 BCL HD . -14.21 10.46 45.78
C19 BCL HD . -13.03 11.33 45.37
C20 BCL HD . -15.36 11.37 46.25
MG BCL ID . -2.24 28.25 45.15
CHA BCL ID . -0.75 28.66 48.21
CHB BCL ID . -1.54 31.51 44.46
CHC BCL ID . -3.25 27.75 41.97
CHD BCL ID . -2.00 24.78 45.56
NA BCL ID . -1.22 29.84 46.21
C1A BCL ID . -0.82 29.85 47.54
C2A BCL ID . -0.83 31.23 48.11
C3A BCL ID . -1.20 32.11 46.91
C4A BCL ID . -1.22 31.16 45.76
CMA BCL ID . -2.56 32.79 47.08
CAA BCL ID . 0.50 31.61 48.76
CBA BCL ID . 1.71 31.48 47.84
CGA BCL ID . 3.00 31.88 48.46
O1A BCL ID . 3.16 32.82 49.16
O2A BCL ID . 4.00 31.07 48.18
NB BCL ID . -2.33 29.42 43.45
C1B BCL ID . -2.11 30.80 43.40
C2B BCL ID . -2.54 31.31 42.17
C3B BCL ID . -3.05 30.25 41.42
C4B BCL ID . -2.89 29.07 42.26
CMB BCL ID . -2.44 32.77 41.80
CAB BCL ID . -3.61 30.37 40.08
OBB BCL ID . -3.98 31.46 39.61
CBB BCL ID . -3.77 29.18 39.17
NC BCL ID . -2.54 26.51 43.94
C1C BCL ID . -3.06 26.54 42.67
C2C BCL ID . -3.30 25.20 42.10
C3C BCL ID . -2.83 24.26 43.21
C4C BCL ID . -2.48 25.19 44.33
CMC BCL ID . -4.75 24.99 41.70
CAC BCL ID . -1.63 23.36 42.81
CBC BCL ID . -2.08 22.05 42.21
ND BCL ID . -1.48 26.96 46.52
C1D BCL ID . -1.54 25.57 46.65
C2D BCL ID . -1.11 25.14 47.92
C3D BCL ID . -0.77 26.32 48.59
C4D BCL ID . -1.01 27.38 47.74
CMD BCL ID . -1.03 23.72 48.39
CAD BCL ID . -0.33 26.88 49.82
OBD BCL ID . 0.06 26.34 50.87
CBD BCL ID . -0.39 28.43 49.69
CGD BCL ID . -1.34 28.99 50.66
O1D BCL ID . -2.53 29.15 50.47
O2D BCL ID . -0.76 29.31 51.81
CED BCL ID . -1.61 29.87 52.84
C1 BCL ID . 5.29 31.40 48.76
C2 BCL ID . 5.81 30.12 49.40
C3 BCL ID . 6.46 29.19 48.74
C4 BCL ID . 6.80 29.23 47.26
C5 BCL ID . 6.94 27.93 49.46
C6 BCL ID . 7.88 27.03 48.66
C7 BCL ID . 8.36 25.85 49.51
C8 BCL ID . 9.16 24.77 48.79
C9 BCL ID . 8.29 24.00 47.78
C10 BCL ID . 9.73 23.80 49.84
C11 BCL ID . 8.66 23.25 50.77
C12 BCL ID . 9.25 22.31 51.82
C13 BCL ID . 8.49 20.98 51.93
C14 BCL ID . 7.04 21.17 52.40
C15 BCL ID . 9.26 20.10 52.92
C16 BCL ID . 8.86 18.64 53.08
C17 BCL ID . 9.99 17.87 53.78
C18 BCL ID . 9.90 16.37 53.69
C19 BCL ID . 8.63 15.98 54.46
C20 BCL ID . 11.11 15.63 54.26
CAB KGD JD . -14.43 15.93 51.06
CAC KGD JD . -15.25 17.13 50.65
CAD KGD JD . -14.24 15.10 49.86
CAE KGD JD . -14.52 17.84 49.54
CAF KGD JD . -13.08 16.35 51.57
CAG KGD JD . -15.15 15.12 52.14
CAH KGD JD . -14.07 15.56 48.62
CAI KGD JD . -14.34 16.96 48.34
CAJ KGD JD . -14.14 13.68 50.10
CAK KGD JD . -13.27 14.85 47.61
CAL KGD JD . -12.97 13.21 50.48
CAM KGD JD . -12.80 11.81 50.79
CAN KGD JD . -14.03 11.03 51.04
CAO KGD JD . -11.56 11.35 50.84
CAP KGD JD . -11.30 9.98 51.19
CAQ KGD JD . -10.08 9.48 51.05
CAR KGD JD . -9.80 8.13 51.45
CAS KGD JD . 0.24 -3.14 57.36
CAT KGD JD . 1.51 -3.46 58.12
CAU KGD JD . -10.92 7.18 51.63
CAV KGD JD . -8.52 7.84 51.69
CAW KGD JD . 0.47 -2.08 56.35
CAX KGD JD . 1.91 -4.89 57.85
CAY KGD JD . 1.23 -5.95 58.32
CAZ KGD JD . 1.80 -1.93 55.73
CBA KGD JD . -0.56 -1.31 56.03
CBB KGD JD . -8.08 6.57 52.16
CBC KGD JD . 1.68 -7.31 58.00
CBD KGD JD . 0.01 -5.79 59.16
CBE KGD JD . -0.54 -0.24 55.08
CBF KGD JD . -1.71 0.21 54.62
CBG KGD JD . -6.76 6.40 52.32
CBH KGD JD . -1.82 1.29 53.70
CBI KGD JD . -6.20 5.20 52.84
CBJ KGD JD . -2.98 1.95 53.77
CBK KGD JD . -0.72 1.61 52.76
CBL KGD JD . -5.00 4.76 52.47
CBM KGD JD . -3.31 3.10 52.98
CBN KGD JD . -4.54 3.59 53.14
CBO KGD JD . -4.14 5.40 51.45
OAA KGD JD . -14.41 17.40 47.21
MG BCL KD . -17.49 -6.10 44.41
CHA BCL KD . -17.73 -2.95 45.83
CHB BCL KD . -20.32 -5.43 42.68
CHC BCL KD . -17.87 -9.42 43.82
CHD BCL KD . -15.00 -6.88 46.73
NA BCL KD . -18.82 -4.39 44.30
C1A BCL KD . -18.75 -3.18 44.96
C2A BCL KD . -19.71 -2.20 44.40
C3A BCL KD . -20.68 -3.08 43.60
C4A BCL KD . -19.95 -4.37 43.48
CMA BCL KD . -22.01 -3.28 44.34
CAA BCL KD . -19.02 -1.15 43.51
CBA BCL KD . -20.02 -0.13 42.98
CGA BCL KD . -19.54 0.73 41.88
O1A BCL KD . -19.55 0.44 40.73
O2A BCL KD . -19.07 1.88 42.30
NB BCL KD . -18.92 -7.26 43.48
C1B BCL KD . -19.91 -6.76 42.64
C2B BCL KD . -20.40 -7.77 41.80
C3B BCL KD . -19.70 -8.94 42.10
C4B BCL KD . -18.79 -8.59 43.17
CMB BCL KD . -21.50 -7.55 40.77
CAB BCL KD . -19.79 -10.26 41.50
OBB BCL KD . -19.52 -11.30 42.12
CBB BCL KD . -20.21 -10.44 40.06
NC BCL KD . -16.56 -7.87 45.16
C1C BCL KD . -16.90 -9.15 44.79
C2C BCL KD . -16.04 -10.18 45.43
C3C BCL KD . -15.37 -9.40 46.55
C4C BCL KD . -15.58 -7.97 46.12
CMC BCL KD . -16.83 -11.38 45.93
CAC BCL KD . -13.87 -9.76 46.78
CBC BCL KD . -12.99 -9.43 45.59
ND BCL KD . -16.55 -5.16 45.95
C1D BCL KD . -15.54 -5.57 46.83
C2D BCL KD . -15.19 -4.53 47.74
C3D BCL KD . -16.02 -3.46 47.40
C4D BCL KD . -16.81 -3.88 46.34
CMD BCL KD . -14.15 -4.63 48.83
CAD BCL KD . -16.27 -2.08 47.58
OBD BCL KD . -15.72 -1.24 48.31
CBD BCL KD . -17.43 -1.67 46.63
CGD BCL KD . -18.57 -1.14 47.40
O1D BCL KD . -19.12 -1.72 48.31
O2D BCL KD . -18.95 0.05 47.01
CED BCL KD . -20.07 0.65 47.72
C1 BCL KD . -18.60 2.80 41.27
C2 BCL KD . -19.87 3.41 40.69
C3 BCL KD . -20.10 4.68 40.49
C4 BCL KD . -19.15 5.82 40.80
C5 BCL KD . -21.45 5.09 39.90
C6 BCL KD . -22.59 4.10 40.16
C7 BCL KD . -23.89 4.47 39.46
C8 BCL KD . -24.55 5.81 39.79
C9 BCL KD . -24.98 5.86 41.27
C10 BCL KD . -25.76 6.00 38.88
C11 BCL KD . -26.41 7.37 38.80
C12 BCL KD . -27.45 7.44 37.69
C13 BCL KD . -27.72 8.87 37.21
C14 BCL KD . -28.71 8.94 36.04
C15 BCL KD . -26.37 9.41 36.72
C16 BCL KD . -26.36 10.89 36.41
C17 BCL KD . -25.04 11.43 35.87
C18 BCL KD . -24.90 11.05 34.42
C19 BCL KD . -23.51 11.52 33.99
C20 BCL KD . -25.99 11.66 33.54
CAB KGD LD . -29.40 11.56 40.29
CAC KGD LD . -30.44 12.66 40.42
CAD KGD LD . -28.06 12.20 40.43
CAE KGD LD . -30.19 13.75 39.40
CAF KGD LD . -29.48 10.92 38.90
CAG KGD LD . -29.60 10.50 41.35
CAH KGD LD . -27.79 13.45 40.05
CAI KGD LD . -28.81 14.32 39.50
CAJ KGD LD . -27.16 11.55 41.37
CAK KGD LD . -26.48 14.10 40.31
CAL KGD LD . -26.04 11.01 40.90
CAM KGD LD . -25.13 10.33 41.78
CAN KGD LD . -25.71 9.62 42.93
CAO KGD LD . -23.82 10.38 41.49
CAP KGD LD . -22.83 9.69 42.28
CAQ KGD LD . -21.53 9.84 42.01
CAR KGD LD . -20.51 9.11 42.74
CAS KGD LD . -5.05 2.96 42.98
CAT KGD LD . -5.11 1.82 41.96
CAU KGD LD . -20.91 8.25 43.87
CAV KGD LD . -19.23 9.24 42.32
CAW KGD LD . -5.84 4.10 42.46
CAX KGD LD . -4.38 0.62 42.45
CAY KGD LD . -4.41 -0.52 41.77
CAZ KGD LD . -5.24 4.96 41.41
CBA KGD LD . -7.08 4.30 42.93
CBB KGD LD . -18.13 8.52 42.90
CBC KGD LD . -3.70 -1.73 42.27
CBD KGD LD . -5.18 -0.63 40.50
CBE KGD LD . -7.91 5.37 42.44
CBF KGD LD . -9.02 5.71 43.11
CBG KGD LD . -16.89 8.76 42.44
CBH KGD LD . -9.91 6.74 42.61
CBI KGD LD . -15.76 8.01 42.92
CBJ KGD LD . -11.19 6.65 42.98
CBK KGD LD . -9.35 7.80 41.72
CBL KGD LD . -14.50 8.35 42.61
CBM KGD LD . -12.21 7.56 42.54
CBN KGD LD . -13.44 7.51 43.08
CBO KGD LD . -14.14 9.53 41.78
OAA KGD LD . -28.57 15.46 39.14
MG BCL MD . -10.12 -1.61 47.88
CHA BCL MD . -12.56 -0.20 45.89
CHB BCL MD . -9.02 1.54 48.59
CHC BCL MD . -7.29 -2.93 49.21
CHD BCL MD . -10.81 -4.72 46.45
NA BCL MD . -10.71 0.38 47.27
C1A BCL MD . -11.84 0.76 46.54
C2A BCL MD . -12.25 2.14 46.90
C3A BCL MD . -10.92 2.74 47.37
C4A BCL MD . -10.16 1.53 47.80
CMA BCL MD . -10.19 3.47 46.25
CAA BCL MD . -13.31 2.14 48.00
CBA BCL MD . -13.59 3.52 48.59
CGA BCL MD . -14.38 4.45 47.74
O1A BCL MD . -13.98 5.13 46.88
O2A BCL MD . -15.65 4.43 48.06
NB BCL MD . -8.41 -0.83 48.73
C1B BCL MD . -8.16 0.51 49.00
C2B BCL MD . -6.96 0.66 49.70
C3B BCL MD . -6.42 -0.62 49.89
C4B BCL MD . -7.37 -1.53 49.28
CMB BCL MD . -6.42 2.01 50.15
CAB BCL MD . -5.19 -1.02 50.53
OBB BCL MD . -5.02 -2.16 51.01
CBB BCL MD . -4.01 -0.08 50.64
NC BCL MD . -9.18 -3.53 47.79
C1C BCL MD . -8.08 -3.87 48.51
C2C BCL MD . -7.78 -5.33 48.47
C3C BCL MD . -9.10 -5.89 47.94
C4C BCL MD . -9.69 -4.69 47.25
CMC BCL MD . -6.59 -5.67 47.59
CAC BCL MD . -10.00 -6.46 49.08
CBC BCL MD . -11.26 -7.13 48.58
ND BCL MD . -11.36 -2.34 46.46
C1D BCL MD . -11.61 -3.64 45.99
C2D BCL MD . -12.71 -3.66 45.08
C3D BCL MD . -13.13 -2.32 44.99
C4D BCL MD . -12.30 -1.57 45.83
CMD BCL MD . -13.24 -4.88 44.38
CAD BCL MD . -14.06 -1.41 44.44
OBD BCL MD . -14.85 -1.53 43.49
CBD BCL MD . -13.95 -0.10 45.26
CGD BCL MD . -14.21 1.09 44.43
O1D BCL MD . -15.16 1.83 44.53
O2D BCL MD . -13.28 1.29 43.49
CED BCL MD . -13.47 2.45 42.63
C1 BCL MD . -16.47 5.33 47.28
C2 BCL MD . -17.38 4.44 46.44
C3 BCL MD . -18.61 4.81 46.27
C4 BCL MD . -19.20 6.09 46.85
C5 BCL MD . -19.60 3.99 45.45
C6 BCL MD . -21.05 4.16 45.87
C7 BCL MD . -21.98 3.32 45.00
C8 BCL MD . -23.44 3.32 45.44
C9 BCL MD . -23.60 2.66 46.82
C10 BCL MD . -24.26 2.56 44.39
C11 BCL MD . -23.57 1.28 43.98
C12 BCL MD . -24.23 0.69 42.74
C13 BCL MD . -25.68 0.29 42.98
C14 BCL MD . -25.81 -1.03 43.74
C15 BCL MD . -26.32 0.10 41.60
C16 BCL MD . -27.80 -0.24 41.60
C17 BCL MD . -28.88 0.77 42.02
C18 BCL MD . -29.20 1.85 40.99
C19 BCL MD . -27.99 2.81 40.98
C20 BCL MD . -30.46 2.67 41.31
MG BCL ND . -19.17 19.41 47.14
CHA BCL ND . -18.59 19.14 50.53
CHB BCL ND . -18.59 22.76 47.40
CHC BCL ND . -19.11 19.63 43.77
CHD BCL ND . -18.78 15.95 46.85
NA BCL ND . -18.62 20.74 48.77
C1A BCL ND . -18.57 20.45 50.12
C2A BCL ND . -18.80 21.66 50.96
C3A BCL ND . -18.85 22.81 49.93
C4A BCL ND . -18.58 22.12 48.62
CMA BCL ND . -20.21 23.50 49.91
CAA BCL ND . -17.73 21.88 52.03
CBA BCL ND . -16.31 22.04 51.47
CGA BCL ND . -15.27 22.27 52.52
O1A BCL ND . -15.42 22.89 53.51
O2A BCL ND . -14.13 21.70 52.24
NB BCL ND . -18.84 20.94 45.79
C1B BCL ND . -18.74 22.29 46.09
C2B BCL ND . -18.81 23.06 44.93
C3B BCL ND . -18.96 22.20 43.84
C4B BCL ND . -18.98 20.86 44.43
CMB BCL ND . -18.72 24.58 44.91
CAB BCL ND . -19.09 22.60 42.45
OBB BCL ND . -19.42 23.75 42.12
CBB BCL ND . -18.83 21.64 41.31
NC BCL ND . -18.98 17.99 45.56
C1C BCL ND . -18.97 18.30 44.22
C2C BCL ND . -18.89 17.12 43.33
C3C BCL ND . -18.66 15.98 44.32
C4C BCL ND . -18.83 16.63 45.66
CMC BCL ND . -20.11 16.94 42.46
CAC BCL ND . -17.30 15.26 44.16
CBC BCL ND . -17.37 14.03 43.29
ND BCL ND . -18.72 17.86 48.37
C1D BCL ND . -18.69 16.47 48.17
C2D BCL ND . -18.58 15.78 49.39
C3D BCL ND . -18.54 16.77 50.37
C4D BCL ND . -18.62 18.00 49.72
CMD BCL ND . -18.53 14.28 49.55
CAD BCL ND . -18.62 17.05 51.76
OBD BCL ND . -18.62 16.28 52.74
CBD BCL ND . -18.71 18.59 51.94
CGD BCL ND . -19.94 18.94 52.66
O1D BCL ND . -20.97 19.31 52.14
O2D BCL ND . -19.84 18.85 53.98
CED BCL ND . -21.01 19.18 54.76
C1 BCL ND . -13.08 21.89 53.24
C2 BCL ND . -12.81 20.51 53.81
C3 BCL ND . -12.09 19.63 53.17
C4 BCL ND . -11.43 19.85 51.82
C5 BCL ND . -11.82 18.25 53.77
C6 BCL ND . -10.66 17.49 53.12
C7 BCL ND . -10.39 16.15 53.79
C8 BCL ND . -9.17 15.45 53.22
C9 BCL ND . -9.48 14.85 51.84
C10 BCL ND . -8.71 14.33 54.18
C11 BCL ND . -9.70 13.19 54.27
C12 BCL ND . -9.26 12.13 55.28
C13 BCL ND . -10.24 10.95 55.31
C14 BCL ND . -11.70 11.39 55.45
C15 BCL ND . -9.91 9.99 56.47
C16 BCL ND . -9.12 8.75 56.10
C17 BCL ND . -9.42 7.61 57.08
C18 BCL ND . -9.03 6.24 56.56
C19 BCL ND . -9.79 5.24 57.46
C20 BCL ND . -7.52 5.95 56.56
CAB KGD OD . -31.45 6.10 46.86
CAC KGD OD . -32.19 7.34 46.39
CAD KGD OD . -30.83 5.48 45.65
CAE KGD OD . -31.22 8.24 45.65
CAF KGD OD . -32.41 5.11 47.47
CAG KGD OD . -30.39 6.47 47.88
CAH KGD OD . -30.42 6.15 44.57
CAI KGD OD . -30.66 7.57 44.45
CAJ KGD OD . -30.76 4.04 45.67
CAK KGD OD . -29.56 5.54 43.53
CAL KGD OD . -29.60 3.49 46.02
CAM KGD OD . -29.48 2.05 46.11
CAN KGD OD . -30.66 1.24 45.72
CAO KGD OD . -28.32 1.58 46.57
CAP KGD OD . -28.07 0.19 46.77
CAQ KGD OD . -26.83 -0.30 46.70
CAR KGD OD . -26.57 -1.69 46.98
CAS KGD OD . -17.59 -13.47 53.50
CAT KGD OD . -16.47 -14.41 53.85
CAU KGD OD . -27.71 -2.64 47.00
CAV KGD OD . -25.31 -2.01 47.28
CAW KGD OD . -17.13 -12.33 52.66
CAX KGD OD . -17.05 -15.58 54.54
CAY KGD OD . -16.77 -16.83 54.18
CAZ KGD OD . -15.71 -12.15 52.35
CBA KGD OD . -18.08 -11.49 52.23
CBB KGD OD . -24.92 -3.33 47.65
CBC KGD OD . -17.40 -17.97 54.89
CBD KGD OD . -15.84 -17.11 53.06
CBE KGD OD . -17.86 -10.33 51.42
CBF KGD OD . -18.94 -9.68 51.00
CBG KGD OD . -23.74 -3.45 48.25
CBH KGD OD . -18.89 -8.47 50.22
CBI KGD OD . -23.24 -4.68 48.76
CBJ KGD OD . -20.06 -7.85 50.10
CBK KGD OD . -17.61 -8.01 49.62
CBL KGD OD . -21.92 -4.95 48.77
CBM KGD OD . -20.28 -6.62 49.42
CBN KGD OD . -21.54 -6.18 49.37
CBO KGD OD . -20.87 -4.05 48.23
OAA KGD OD . -30.42 8.18 43.43
MG BCL PD . -29.93 -14.16 34.69
CHA BCL PD . -31.13 -11.52 36.59
CHB BCL PD . -32.01 -13.16 32.18
CHC BCL PD . -29.52 -17.17 33.18
CHD BCL PD . -28.51 -15.51 37.58
NA BCL PD . -31.36 -12.54 34.45
C1A BCL PD . -31.72 -11.55 35.35
C2A BCL PD . -32.54 -10.50 34.70
C3A BCL PD . -33.06 -11.21 33.45
C4A BCL PD . -32.10 -12.35 33.30
CMA BCL PD . -34.49 -11.72 33.62
CAA BCL PD . -31.72 -9.25 34.38
CBA BCL PD . -32.59 -8.18 33.72
CGA BCL PD . -31.85 -6.97 33.26
O1A BCL PD . -31.25 -6.88 32.24
O2A BCL PD . -31.94 -5.97 34.09
NB BCL PD . -30.69 -15.06 32.99
C1B BCL PD . -31.42 -14.41 32.00
C2B BCL PD . -31.47 -15.20 30.84
C3B BCL PD . -30.76 -16.37 31.08
C4B BCL PD . -30.29 -16.24 32.45
CMB BCL PD . -32.20 -14.77 29.58
CAB BCL PD . -30.49 -17.48 30.21
OBB BCL PD . -30.40 -18.64 30.62
CBB BCL PD . -30.30 -17.28 28.73
NC BCL PD . -29.12 -16.05 35.30
C1C BCL PD . -29.09 -17.17 34.51
C2C BCL PD . -28.47 -18.34 35.17
C3C BCL PD . -28.30 -17.86 36.62
C4C BCL PD . -28.63 -16.39 36.54
CMC BCL PD . -29.30 -19.61 35.04
CAC BCL PD . -26.88 -18.13 37.19
CBC BCL PD . -25.78 -17.44 36.43
ND BCL PD . -29.85 -13.69 36.67
C1D BCL PD . -29.18 -14.26 37.76
C2D BCL PD . -29.27 -13.45 38.91
C3D BCL PD . -30.03 -12.34 38.52
C4D BCL PD . -30.36 -12.53 37.18
CMD BCL PD . -28.65 -13.76 40.26
CAD BCL PD . -30.40 -11.02 38.85
OBD BCL PD . -30.14 -10.31 39.85
CBD BCL PD . -31.26 -10.46 37.69
CGD BCL PD . -32.63 -10.18 38.13
O1D BCL PD . -33.38 -10.99 38.65
O2D BCL PD . -33.02 -8.93 37.92
CED BCL PD . -34.36 -8.56 38.32
C1 BCL PD . -31.27 -4.74 33.68
C2 BCL PD . -32.26 -4.08 32.74
C3 BCL PD . -32.56 -2.81 32.69
C4 BCL PD . -31.96 -1.73 33.59
C5 BCL PD . -33.61 -2.33 31.68
C6 BCL PD . -34.77 -3.29 31.45
C7 BCL PD . -35.77 -2.84 30.39
C8 BCL PD . -36.71 -1.66 30.67
C9 BCL PD . -37.68 -2.00 31.83
C10 BCL PD . -37.52 -1.35 29.40
C11 BCL PD . -38.30 -0.06 29.39
C12 BCL PD . -38.87 0.27 28.01
C13 BCL PD . -39.16 1.77 27.85
C14 BCL PD . -39.59 2.16 26.44
C15 BCL PD . -37.82 2.43 28.16
C16 BCL PD . -37.80 3.96 28.33
C17 BCL PD . -36.38 4.55 28.37
C18 BCL PD . -35.75 4.51 27.00
C19 BCL PD . -34.27 4.89 27.22
C20 BCL PD . -36.41 5.47 25.99
CAB KGD QD . -41.93 3.57 32.02
CAC KGD QD . -42.10 3.97 30.56
CAD KGD QD . -40.60 4.04 32.40
CAE KGD QD . -42.03 5.49 30.44
CAF KGD QD . -42.95 4.28 32.89
CAG KGD QD . -42.07 2.07 32.20
CAH KGD QD . -40.04 5.16 31.95
CAI KGD QD . -40.82 6.07 31.12
CAJ KGD QD . -39.92 3.27 33.43
CAK KGD QD . -38.79 5.73 32.50
CAL KGD QD . -38.84 2.58 33.07
CAM KGD QD . -38.12 1.78 34.03
CAN KGD QD . -38.94 0.93 34.91
CAO KGD QD . -36.79 1.89 34.05
CAP KGD QD . -35.97 1.10 34.93
CAQ KGD QD . -34.76 1.54 35.29
CAR KGD QD . -33.90 0.72 36.11
CAS KGD QD . -18.82 -4.75 39.75
CAT KGD QD . -18.33 -5.51 38.52
CAU KGD QD . -34.47 -0.49 36.75
CAV KGD QD . -32.62 1.09 36.21
CAW KGD QD . -19.51 -3.52 39.29
CAX KGD QD . -18.25 -6.96 38.79
CAY KGD QD . -17.56 -7.78 38.00
CAZ KGD QD . -18.70 -2.38 38.82
CBA KGD QD . -20.83 -3.49 39.30
CBB KGD QD . -31.67 0.30 36.94
CBC KGD QD . -17.49 -9.23 38.29
CBD KGD QD . -16.86 -7.27 36.81
CBE KGD QD . -21.59 -2.35 38.85
CBF KGD QD . -22.83 -2.15 39.29
CBG KGD QD . -30.39 0.71 36.95
CBH KGD QD . -23.61 -1.04 38.77
CBI KGD QD . -29.39 -0.09 37.59
CBJ KGD QD . -24.94 -1.26 38.71
CBK KGD QD . -22.94 0.21 38.37
CBL KGD QD . -28.14 0.36 37.71
CBM KGD QD . -25.86 -0.30 38.18
CBN KGD QD . -27.17 -0.54 38.29
CBO KGD QD . -27.69 1.70 37.26
OAA KGD QD . -40.51 7.23 30.99
MG BCL RD . -24.82 -10.49 41.64
CHA BCL RD . -26.63 -8.69 39.34
CHB BCL RD . -24.24 -7.57 43.32
CHC BCL RD . -22.54 -12.09 43.56
CHD BCL RD . -24.66 -13.15 39.36
NA BCL RD . -25.34 -8.41 41.31
C1A BCL RD . -26.24 -7.90 40.39
C2A BCL RD . -26.92 -6.68 40.93
C3A BCL RD . -25.90 -6.18 41.96
C4A BCL RD . -25.09 -7.42 42.25
CMA BCL RD . -25.02 -5.07 41.40
CAA BCL RD . -28.28 -7.04 41.55
CBA BCL RD . -28.97 -5.90 42.31
CGA BCL RD . -29.47 -4.77 41.49
O1A BCL RD . -28.91 -3.75 41.29
O2A BCL RD . -30.68 -4.97 41.02
NB BCL RD . -23.56 -9.93 43.18
C1B BCL RD . -23.47 -8.66 43.75
C2B BCL RD . -22.53 -8.67 44.80
C3B BCL RD . -22.01 -9.97 44.90
C4B BCL RD . -22.70 -10.73 43.87
CMB BCL RD . -22.20 -7.44 45.63
CAB BCL RD . -21.01 -10.52 45.79
OBB BCL RD . -20.92 -11.73 46.03
CBB BCL RD . -20.00 -9.64 46.48
NC BCL RD . -23.75 -12.33 41.46
C1C BCL RD . -22.91 -12.83 42.42
C2C BCL RD . -22.39 -14.18 42.09
C3C BCL RD . -23.31 -14.61 40.95
C4C BCL RD . -23.88 -13.30 40.49
CMC BCL RD . -20.92 -14.17 41.72
CAC BCL RD . -24.36 -15.66 41.38
CBC BCL RD . -25.10 -16.27 40.21
ND BCL RD . -25.47 -10.87 39.77
C1D BCL RD . -25.36 -11.98 38.92
C2D BCL RD . -26.01 -11.76 37.68
C3D BCL RD . -26.54 -10.45 37.78
C4D BCL RD . -26.19 -9.98 39.03
CMD BCL RD . -26.08 -12.73 36.53
CAD BCL RD . -27.41 -9.49 37.21
OBD BCL RD . -27.87 -9.38 36.05
CBD BCL RD . -27.75 -8.46 38.32
CGD BCL RD . -27.89 -7.10 37.79
O1D BCL RD . -28.93 -6.47 37.74
O2D BCL RD . -26.77 -6.58 37.34
CED BCL RD . -26.83 -5.22 36.80
C1 BCL RD . -31.19 -3.86 40.23
C2 BCL RD . -31.80 -4.48 38.99
C3 BCL RD . -33.02 -4.20 38.64
C4 BCL RD . -33.95 -3.27 39.40
C5 BCL RD . -33.65 -4.80 37.38
C6 BCL RD . -35.17 -4.76 37.31
C7 BCL RD . -35.67 -5.35 36.00
C8 BCL RD . -37.18 -5.42 35.79
C9 BCL RD . -37.84 -6.36 36.81
C10 BCL RD . -37.44 -5.93 34.36
C11 BCL RD . -36.58 -7.12 34.01
C12 BCL RD . -36.69 -7.46 32.53
C13 BCL RD . -38.09 -7.95 32.14
C14 BCL RD . -38.36 -9.38 32.60
C15 BCL RD . -38.17 -7.94 30.61
C16 BCL RD . -39.48 -8.45 30.00
C17 BCL RD . -40.82 -7.73 30.19
C18 BCL RD . -40.96 -6.36 29.53
C19 BCL RD . -40.12 -5.37 30.35
C20 BCL RD . -42.41 -5.85 29.47
MG BCL SD . -35.15 9.84 42.39
CHA BCL SD . -35.69 8.91 45.67
CHB BCL SD . -34.83 13.06 43.47
CHC BCL SD . -34.05 10.71 39.32
CHD BCL SD . -34.45 6.50 41.62
NA BCL SD . -35.20 10.82 44.34
C1A BCL SD . -35.59 10.27 45.56
C2A BCL SD . -36.20 11.30 46.46
C3A BCL SD . -35.97 12.62 45.69
C4A BCL SD . -35.19 12.19 44.48
CMA BCL SD . -37.29 13.28 45.29
CAA BCL SD . -35.56 11.31 47.86
CBA BCL SD . -34.06 11.60 47.88
CGA BCL SD . -33.47 11.62 49.25
O1A BCL SD . -33.96 12.10 50.21
O2A BCL SD . -32.30 11.02 49.31
NB BCL SD . -34.47 11.58 41.54
C1B BCL SD . -34.56 12.86 42.11
C2B BCL SD . -34.35 13.85 41.14
C3B BCL SD . -34.14 13.21 39.92
C4B BCL SD . -34.20 11.78 40.21
CMB BCL SD . -34.37 15.34 41.45
CAB BCL SD . -33.91 13.90 38.65
OBB BCL SD . -34.20 15.10 38.49
CBB BCL SD . -33.32 13.18 37.46
NC BCL SD . -34.38 8.76 40.73
C1C BCL SD . -33.98 9.33 39.55
C2C BCL SD . -33.43 8.36 38.56
C3C BCL SD . -33.55 7.02 39.30
C4C BCL SD . -34.17 7.40 40.62
CMC BCL SD . -34.18 8.38 37.23
CAC BCL SD . -32.20 6.27 39.47
CBC BCL SD . -31.85 5.43 38.27
ND BCL SD . -35.06 8.07 43.39
C1D BCL SD . -34.79 6.76 42.98
C2D BCL SD . -34.91 5.86 44.05
C3D BCL SD . -35.25 6.63 45.15
C4D BCL SD . -35.34 7.95 44.71
CMD BCL SD . -34.68 4.36 43.97
CAD BCL SD . -35.79 6.61 46.47
OBD BCL SD . -36.00 5.66 47.25
CBD BCL SD . -36.14 8.07 46.87
CGD BCL SD . -37.56 8.19 47.21
O1D BCL SD . -38.42 8.66 46.48
O2D BCL SD . -37.87 7.71 48.39
CED BCL SD . -39.26 7.77 48.80
C1 BCL SD . -31.63 10.98 50.61
C2 BCL SD . -31.32 9.51 50.86
C3 BCL SD . -30.24 8.92 50.42
C4 BCL SD . -29.14 9.59 49.60
C5 BCL SD . -29.98 7.44 50.71
C6 BCL SD . -28.57 6.94 50.40
C7 BCL SD . -28.39 5.47 50.80
C8 BCL SD . -26.97 4.92 50.60
C9 BCL SD . -26.66 4.77 49.09
C10 BCL SD . -26.82 3.58 51.30
C11 BCL SD . -27.70 2.46 50.77
C12 BCL SD . -27.55 1.14 51.54
C13 BCL SD . -28.53 0.07 51.03
C14 BCL SD . -29.97 0.58 50.97
C15 BCL SD . -28.50 -1.20 51.91
C16 BCL SD . -27.39 -2.21 51.68
C17 BCL SD . -28.01 -3.60 51.93
C18 BCL SD . -27.20 -4.77 51.41
C19 BCL SD . -28.13 -5.99 51.59
C20 BCL SD . -25.85 -5.00 52.11
CAB KGD TD . -45.37 -3.39 35.30
CAC KGD TD . -46.03 -2.07 34.96
CAD KGD TD . -44.54 -3.72 34.14
CAE KGD TD . -44.95 -1.02 34.77
CAF KGD TD . -44.47 -3.24 36.48
CAG KGD TD . -46.41 -4.48 35.57
CAH KGD TD . -43.80 -2.85 33.45
CAI KGD TD . -43.95 -1.41 33.72
CAJ KGD TD . -44.37 -5.15 33.89
CAK KGD TD . -42.64 -3.23 32.63
CAL KGD TD . -43.38 -5.76 34.50
CAM KGD TD . -43.18 -7.18 34.34
CAN KGD TD . -44.27 -7.95 33.69
CAO KGD TD . -42.03 -7.70 34.80
CAP KGD TD . -41.75 -9.09 34.75
CAQ KGD TD . -40.55 -9.49 35.18
CAR KGD TD . -40.18 -10.88 35.25
CAS KGD TD . -31.95 -23.15 41.44
CAT KGD TD . -30.84 -24.17 41.56
CAU KGD TD . -41.22 -11.91 35.00
CAV KGD TD . -38.92 -11.15 35.59
CAW KGD TD . -31.49 -22.00 40.65
CAX KGD TD . -31.23 -25.38 40.79
CAY KGD TD . -31.06 -26.60 41.29
CAZ KGD TD . -30.20 -22.06 39.93
CBA KGD TD . -32.27 -20.92 40.62
CBB KGD TD . -38.49 -12.51 35.77
CBC KGD TD . -31.47 -27.79 40.49
CBD KGD TD . -30.46 -26.82 42.63
CBE KGD TD . -31.95 -19.72 39.89
CBF KGD TD . -32.96 -18.92 39.57
CBG KGD TD . -37.52 -12.67 36.66
CBH KGD TD . -32.80 -17.67 38.89
CBI KGD TD . -36.99 -13.92 37.10
CBJ KGD TD . -33.93 -16.99 38.74
CBK KGD TD . -31.47 -17.23 38.44
CBL KGD TD . -35.70 -14.05 37.43
CBM KGD TD . -34.06 -15.71 38.14
CBN KGD TD . -35.31 -15.32 37.94
CBO KGD TD . -34.69 -12.97 37.34
OAA KGD TD . -43.29 -0.59 33.12
MG BCL UD . -37.02 -19.69 19.86
CHA BCL UD . -39.00 -17.68 21.87
CHB BCL UD . -38.50 -18.26 17.16
CHC BCL UD . -36.06 -22.35 17.97
CHD BCL UD . -36.03 -21.43 22.70
NA BCL UD . -38.55 -18.17 19.59
C1A BCL UD . -39.23 -17.45 20.55
C2A BCL UD . -39.94 -16.28 19.94
C3A BCL UD . -39.99 -16.65 18.46
C4A BCL UD . -38.97 -17.75 18.34
CMA BCL UD . -41.37 -17.15 18.03
CAA BCL UD . -39.20 -14.97 20.22
CBA BCL UD . -39.98 -13.77 19.68
CGA BCL UD . -39.24 -12.47 19.71
O1A BCL UD . -38.39 -12.16 18.94
O2A BCL UD . -39.63 -11.68 20.68
NB BCL UD . -37.30 -20.28 17.90
C1B BCL UD . -37.80 -19.45 16.89
C2B BCL UD . -37.50 -19.99 15.63
C3B BCL UD . -36.80 -21.17 15.83
C4B BCL UD . -36.69 -21.32 17.27
CMB BCL UD . -37.92 -19.34 14.32
CAB BCL UD . -36.25 -22.06 14.83
OBB BCL UD . -36.44 -23.28 14.84
CBB BCL UD . -35.40 -21.52 13.71
NC BCL UD . -36.18 -21.61 20.29
C1C BCL UD . -35.80 -22.53 19.34
C2C BCL UD . -35.20 -23.76 19.92
C3C BCL UD . -35.25 -23.50 21.43
C4C BCL UD . -35.78 -22.09 21.52
CMC BCL UD . -35.95 -25.02 19.51
CAC BCL UD . -33.89 -23.69 22.15
CBC BCL UD . -32.82 -22.72 21.67
ND BCL UD . -37.37 -19.59 21.87
C1D BCL UD . -36.97 -20.40 22.93
C2D BCL UD . -37.62 -20.03 24.13
C3D BCL UD . -38.44 -18.96 23.80
C4D BCL UD . -38.26 -18.73 22.43
CMD BCL UD . -37.41 -20.70 25.48
CAD BCL UD . -39.22 -17.88 24.29
OBD BCL UD . -39.56 -17.59 25.46
CBD BCL UD . -39.66 -17.01 23.08
CGD BCL UD . -41.12 -16.92 23.01
O1D BCL UD . -41.88 -17.86 23.10
O2D BCL UD . -41.56 -15.69 22.85
CED BCL UD . -43.00 -15.52 22.76
C1 BCL UD . -38.97 -10.38 20.76
C2 BCL UD . -39.66 -9.54 19.70
C3 BCL UD . -40.16 -8.35 19.87
C4 BCL UD . -40.13 -7.55 21.17
C5 BCL UD . -40.84 -7.63 18.70
C6 BCL UD . -41.96 -8.45 18.05
C7 BCL UD . -42.60 -7.77 16.83
C8 BCL UD . -43.71 -6.75 17.03
C9 BCL UD . -44.91 -7.39 17.76
C10 BCL UD . -44.15 -6.21 15.67
C11 BCL UD . -45.18 -5.10 15.65
C12 BCL UD . -45.37 -4.54 14.23
C13 BCL UD . -45.60 -3.03 14.23
C14 BCL UD . -45.52 -2.42 12.84
C15 BCL UD . -44.48 -2.44 15.09
C16 BCL UD . -44.57 -0.95 15.36
C17 BCL UD . -43.33 -0.35 16.04
C18 BCL UD . -42.14 -0.57 15.14
C19 BCL UD . -40.99 0.20 15.81
C20 BCL UD . -42.34 -0.06 13.71
MG BCL VD . -47.51 1.17 30.73
CHA BCL VD . -49.00 -0.70 33.21
CHB BCL VD . -48.14 3.96 32.59
CHC BCL VD . -45.58 2.95 28.62
CHD BCL VD . -46.08 -1.76 29.45
NA BCL VD . -48.42 1.54 32.67
C1A BCL VD . -49.11 0.63 33.47
C2A BCL VD . -50.12 1.33 34.33
C3A BCL VD . -49.84 2.83 34.09
C4A BCL VD . -48.68 2.82 33.14
CMA BCL VD . -51.04 3.55 33.48
CAA BCL VD . -50.02 0.94 35.80
CBA BCL VD . -48.66 1.32 36.43
CGA BCL VD . -48.54 1.01 37.88
O1A BCL VD . -49.33 1.31 38.71
O2A BCL VD . -47.43 0.39 38.18
NB BCL VD . -46.91 3.14 30.62
C1B BCL VD . -47.32 4.17 31.47
C2B BCL VD . -46.82 5.40 31.02
C3B BCL VD . -46.07 5.16 29.86
C4B BCL VD . -46.15 3.72 29.64
CMB BCL VD . -47.07 6.72 31.74
CAB BCL VD . -45.37 6.18 29.09
OBB BCL VD . -45.52 7.40 29.32
CBB BCL VD . -44.42 5.84 27.97
NC BCL VD . -46.04 0.66 29.27
C1C BCL VD . -45.39 1.57 28.48
C2C BCL VD . -44.38 0.96 27.58
C3C BCL VD . -44.55 -0.54 27.83
C4C BCL VD . -45.64 -0.59 28.88
CMC BCL VD . -44.59 1.35 26.12
CAC BCL VD . -43.25 -1.25 28.27
CBC BCL VD . -42.33 -1.57 27.12
ND BCL VD . -47.45 -0.81 31.23
C1D BCL VD . -46.95 -1.93 30.56
C2D BCL VD . -47.43 -3.12 31.15
C3D BCL VD . -48.25 -2.72 32.20
C4D BCL VD . -48.23 -1.33 32.21
CMD BCL VD . -47.10 -4.53 30.69
CAD BCL VD . -49.23 -3.12 33.13
OBD BCL VD . -49.66 -4.26 33.42
CBD BCL VD . -49.75 -1.86 33.86
CGD BCL VD . -51.21 -1.80 33.77
O1D BCL VD . -51.84 -1.02 33.08
O2D BCL VD . -51.83 -2.68 34.53
CED BCL VD . -53.28 -2.71 34.49
C1 BCL VD . -47.23 0.05 39.58
C2 BCL VD . -46.83 -1.42 39.59
C3 BCL VD . -45.60 -1.83 39.39
C4 BCL VD . -44.40 -0.93 39.11
C5 BCL VD . -45.28 -3.32 39.41
C6 BCL VD . -43.80 -3.68 39.54
C7 BCL VD . -43.60 -5.18 39.57
C8 BCL VD . -42.15 -5.66 39.59
C9 BCL VD . -41.49 -5.50 38.21
C10 BCL VD . -42.11 -7.13 40.02
C11 BCL VD . -42.89 -8.04 39.09
C12 BCL VD . -42.98 -9.45 39.67
C13 BCL VD . -42.91 -10.54 38.59
C14 BCL VD . -44.13 -10.55 37.66
C15 BCL VD . -42.84 -11.89 39.32
C16 BCL VD . -42.49 -13.02 38.37
C17 BCL VD . -42.28 -14.40 39.04
C18 BCL VD . -41.66 -15.39 38.08
C19 BCL VD . -42.78 -16.39 37.75
C20 BCL VD . -40.44 -16.12 38.65
CAB KGD WD . -50.02 -1.97 16.80
CAC KGD WD . -50.65 -0.65 16.36
CAD KGD WD . -48.97 -1.65 17.81
CAE KGD WD . -49.59 0.37 15.96
CAF KGD WD . -49.36 -2.64 15.61
CAG KGD WD . -51.06 -2.89 17.39
CAH KGD WD . -48.45 -0.44 18.04
CAI KGD WD . -48.60 0.62 17.06
CAJ KGD WD . -48.67 -2.72 18.74
CAK KGD WD . -48.00 0.00 19.38
CAL KGD WD . -47.39 -3.07 18.89
CAM KGD WD . -47.00 -4.12 19.79
CAN KGD WD . -47.91 -5.28 19.91
CAO KGD WD . -45.85 -3.95 20.44
CAP KGD WD . -45.32 -4.94 21.34
CAQ KGD WD . -44.20 -4.66 22.01
CAR KGD WD . -43.59 -5.65 22.88
CAS KGD WD . -30.00 -11.49 30.29
CAT KGD WD . -29.22 -11.97 29.07
CAU KGD WD . -44.29 -6.93 23.13
CAV KGD WD . -42.37 -5.35 23.35
CAW KGD WD . -30.67 -10.23 29.92
CAX KGD WD . -28.60 -13.30 29.30
CAY KGD WD . -27.66 -13.75 28.47
CAZ KGD WD . -29.92 -8.96 30.02
CBA KGD WD . -31.93 -10.27 29.50
CBB KGD WD . -41.61 -6.26 24.16
CBC KGD WD . -27.22 -12.96 27.32
CBD KGD WD . -27.04 -15.08 28.70
CBE KGD WD . -32.63 -9.08 29.09
CBF KGD WD . -33.95 -9.07 28.97
CBG KGD WD . -40.46 -5.85 24.69
CBH KGD WD . -34.63 -7.89 28.51
CBI KGD WD . -39.63 -6.76 25.44
CBJ KGD WD . -35.79 -8.09 27.87
CBK KGD WD . -34.03 -6.55 28.73
CBL KGD WD . -38.57 -6.32 26.13
CBM KGD WD . -36.57 -7.03 27.30
CBN KGD WD . -37.77 -7.32 26.78
CBO KGD WD . -38.16 -4.91 26.24
OAA KGD WD . -47.97 1.65 17.14
MG BCL XD . -35.09 -17.83 28.98
CHA BCL XD . -36.34 -15.38 26.90
CHB BCL XD . -35.61 -15.70 31.60
CHC BCL XD . -33.20 -19.84 30.95
CHD BCL XD . -33.82 -19.49 26.18
NA BCL XD . -35.80 -15.79 29.17
C1A BCL XD . -36.50 -15.05 28.22
C2A BCL XD . -37.67 -14.40 28.84
C3A BCL XD . -37.17 -14.18 30.27
C4A BCL XD . -36.10 -15.23 30.40
CMA BCL XD . -36.59 -12.78 30.47
CAA BCL XD . -38.89 -15.31 28.79
CBA BCL XD . -40.04 -14.79 29.65
CGA BCL XD . -40.38 -13.40 29.25
O1A BCL XD . -40.62 -12.51 29.99
O2A BCL XD . -40.34 -13.28 27.95
NB BCL XD . -34.48 -17.79 30.95
C1B BCL XD . -34.80 -16.81 31.90
C2B BCL XD . -34.24 -17.11 33.14
C3B BCL XD . -33.51 -18.31 32.99
C4B BCL XD . -33.71 -18.70 31.60
CMB BCL XD . -34.42 -16.23 34.37
CAB BCL XD . -32.72 -19.07 33.96
OBB BCL XD . -32.13 -20.12 33.66
CBB BCL XD . -32.57 -18.62 35.40
NC BCL XD . -33.69 -19.41 28.61
C1C BCL XD . -33.11 -20.16 29.58
C2C BCL XD . -32.42 -21.36 29.06
C3C BCL XD . -32.90 -21.40 27.61
C4C BCL XD . -33.40 -19.99 27.40
CMC BCL XD . -30.91 -21.29 29.19
CAC BCL XD . -33.96 -22.50 27.36
CBC BCL XD . -34.23 -22.75 25.89
ND BCL XD . -35.05 -17.54 26.97
C1D BCL XD . -34.51 -18.28 25.92
C2D BCL XD . -34.77 -17.65 24.67
C3D BCL XD . -35.49 -16.50 24.98
C4D BCL XD . -35.63 -16.46 26.36
CMD BCL XD . -34.33 -18.17 23.31
CAD BCL XD . -36.29 -15.44 24.46
OBD BCL XD . -36.52 -15.09 23.29
CBD BCL XD . -36.95 -14.70 25.66
CGD BCL XD . -36.75 -13.25 25.55
O1D BCL XD . -37.42 -12.50 24.87
O2D BCL XD . -35.73 -12.78 26.27
CED BCL XD . -35.48 -11.36 26.20
C1 BCL XD . -40.64 -11.98 27.39
C2 BCL XD . -40.72 -12.20 25.90
C3 BCL XD . -41.59 -11.55 25.17
C4 BCL XD . -42.57 -10.52 25.70
C5 BCL XD . -41.67 -11.77 23.66
C6 BCL XD . -43.02 -11.46 23.04
C7 BCL XD . -42.98 -11.62 21.53
C8 BCL XD . -44.26 -11.17 20.81
C9 BCL XD . -45.42 -12.15 21.12
C10 BCL XD . -44.00 -11.12 19.30
C11 BCL XD . -42.77 -11.93 18.91
C12 BCL XD . -42.59 -11.98 17.41
C13 BCL XD . -43.88 -12.46 16.73
C14 BCL XD . -44.34 -13.82 17.27
C15 BCL XD . -43.64 -12.60 15.23
C16 BCL XD . -44.93 -12.79 14.47
C17 BCL XD . -45.77 -11.52 14.65
C18 BCL XD . -45.00 -10.31 14.15
C19 BCL XD . -45.92 -9.10 14.41
C20 BCL XD . -44.61 -10.37 12.67
#